data_8E74
#
_entry.id   8E74
#
_cell.length_a   1.00
_cell.length_b   1.00
_cell.length_c   1.00
_cell.angle_alpha   90.00
_cell.angle_beta   90.00
_cell.angle_gamma   90.00
#
_symmetry.space_group_name_H-M   'P 1'
#
loop_
_entity.id
_entity.type
_entity.pdbx_description
1 polymer 'Transcription termination/antitermination protein NusG'
2 polymer 'DNA-directed RNA polymerase subunit alpha'
3 polymer 'DNA-directed RNA polymerase subunit beta'
4 polymer "DNA-directed RNA polymerase subunit beta'"
5 polymer 'DNA-directed RNA polymerase subunit omega'
6 polymer 'DNA (54-MER)'
7 polymer 'DNA (54-MER)'
8 polymer 'RNA (42-MER)'
9 non-polymer 'ZINC ION'
10 non-polymer 'MAGNESIUM ION'
#
loop_
_entity_poly.entity_id
_entity_poly.type
_entity_poly.pdbx_seq_one_letter_code
_entity_poly.pdbx_strand_id
1 'polypeptide(L)'
;VTTFDGDTSAGEAVDLTEANAFQDAAAPAEEVDPAAALKAELRSKPGDWYVVHSYAGYENKVKANLETRVQNLDVGDYIF
QVEVPTEEVTEIKNGQRKQVNRKVLPGYILVRMDLTDDSWAAVRNTPGVTGFVGATSRPSALALDDVVKFLLPRGSTRKA
AKGAASTAAAAEAGGLERPVVEVDYEVGESVTVMDGPFATLPATISEVNAEQQKLKVLVSIFGRETPVELTFGQVSKI
;
Z
2 'polypeptide(L)'
;MLISQRPTLSEDVLTDNRSQFVIEPLEPGFGYTLGNSLRRTLLSSIPGAAVTSIRIDGVLHEFTTVPGVKEDVTEIILNL
KSLVVSSEEDEPVTMYLRKQGPGEVTAGDIVPPAGVTVHNPGMHIATLNDKGKLEVELVVERGRGYVPAVQNRASGAEIG
RIPVDSIYSPVLKVTYKVDATRVEQRTDFDKLILDVETKNSISPRDALASAGKTLVELFGLARELNVEAEGIEIGPSPAE
ADHIASFALPIDDLDLTVRSYNCLKREGVHTVGELVARTESDLLDIRNFGQKSIDEVKIKLHQLGLSLKDSPPSFDPSEV
AGYDVATGTWSTEGAYDEQDYAETEQL
;
A,B
3 'polypeptide(L)'
;LADSRQSKTAASPSPSRPQSSSNNSVPGAPNRVSFAKLREPLEVPGLLDVQTDSFEWLIGSPRWRESAAERGDVNPVGGL
EEVLYELSPIEDFSGSMSLSFSDPRFDDVKAPVDECKDKDMTYAAPLFVTAEFINNNTGEIKSQTVFMGDFPMMTEKGTF
IINGTERVVVSQLVRSPGVYFDETIDKSTDKTLHSVKVIPSRGAWLEFDVDKRDTVGVRIDRKRRQPVTVLLKALGWTSE
QIVERFGFSEIMRSTLEKDNTVGTDEALLDIYRKLRPGEPPTKESAQTLLENLFFKEKRYDLARVGRYKVNKKLGLHVGE
PITSSTLTEEDVVATIEYLVRLHEGQTTMTVPGGVEVPVETDDIDHFGNRRLRTVGELIQNQIRVGMSRMERVVRERMTT
QDVEAITPQTLINIRPVVAAIKEFFGTSQLSQFMDQNNPLSGLTHKRRLSALGPGGLSRERAGLEVRDVHPSHYGRMCPI
ETPEGPNIGLIGSLSVYARVNPFGFIETPYRKVVDGVVSDEIVYLTADEEDRHVVAQANSPIDADGRFVEPRVLVRRKAG
EVEYVPSSEVDYMDVSPRQMVSVATAMIPFLEHDDANRALMGANMQRQAVPLVRSEAPLVGTGMELRAAIDAGDVVVAEE
SGVIEEVSADYITVMHDNGTRRTYRMRKFARSNHGTCANQCPIVDAGDRVEAGQVIADGPCTDDGEMALGKNLLVAIMPW
EGHNYEDAIILSNRLVEEDVLTSIHIEEHEIDARDTKLGAEEITRDIPNISDEVLADLDERGIVRIGAEVRDGDILVGKV
TPKGETELTPEERLLRAIFGEKAREVRDTSLKVPHGESGKVIGIRVFSREDEDELPAGVNELVRVYVAQKRKISDGDKLA
GRHGNKGVIGKILPVEDMPFLADGTPVDIILNTHGVPRRMNIGQILETHLGWCAHSGWKVDAAKGVPDWAARLPDELLEA
QPNAIVSTPVFDGAQEAELQGLLSCTLPNRDGDVLVDADGKAMLFDGRSGEPFPYPVTVGYMYIMKLHHLVDDKIHARST
GPYSMITQQPLGGKAQFGGQRFGEMECWAMQAYGAAYTLQELLTIKSDDTVGRVKVYEAIVKGENIPEPGIPESFKVLLK
ELQSLCLNVEVLSSDGAAIELREGEDEDLERAAANLGINLSRNESASVEDLA
;
C
4 'polypeptide(L)'
;GAMLDVNFFDELRIGLATAEDIRQWSYGEVKKPETINYRTLKPEKDGLFCEKIFGPTRDWECYCGKYKRVRFKGIICERC
GVEVTRAKVRRERMGHIELAAPVTHIWYFKGVPSRLGYLLDLAPKDLEKIIYFAAYVITSVDEEMRHNELSTLEAEMAVE
RKAVEDQRDGELEARAQKLEADLAELEAEGAKADARRKVRDGGEREMRQIRDRAQRELDRLEDIWSTFTKLAPKQLIVDE
NLYRELVDRYGEYFTGAMGAESIQKLIENFDIDAEAESLRDVIRNGKGQKKLRALKRLKVVAAFQQSGNSPMGMVLDAVP
VIPPELRPMVQLDGGRFATSDLNDLYRRVINRNNRLKRLIDLGAPEIIVNNEKRMLQESVDALFDNGRRGRPVTGPGNRP
LKSLSDLLKGKQGRFRQNLLGKRVDYSGRSVIVVGPQLKLHQCGLPKLMALELFKPFVMKRLVDLNHAQNIKSAKRMVER
QRPQVWDVLEEVIAEHPVLLNRAPTLHRLGIQAFEPMLVEGKAIQLHPLVCEAFNADFDGDQMAVHLPLSAEAQAEARIL
MLSSNNILSPASGRPLAMPRLDMVTGLYYLTTEVPGDTGEYQPASGDHPETGVYSSPAEAIMAADRGVLSVRAKIKVRLT
QLRPPVEIEAELFGHSGWQPGDAWMAETTLGRVMFNELLPLGYPFVNKQMHKKVQAAIINDLAERYPMIVVAQTVDKLKD
AGFYWATRSGVTVSMADVLVPPRKKEILDHYEERADKVEKQFQRGALNHDERNEALVEIWKEATDEVGQALREHYPDDNP
IITIVDSGATGNFTQTRTLAGMKGLVTNPKGEFIPRPVKSSFREGLTVLEYFINTHGARKGLADTALRTADSGYLTRRLV
DVSQDVIVREHDCQTERGIVVELAERAPDGTLIRDPYIETSAYARTLGTDAVDEAGNVIVERGQDLGDPEIDALLAAGIT
QVKVRSVLTCATSTGVCATCYGRSMATGKLVDIGEAVGIVAAQSIGEPGTQLTMRTFHQGGVGEDITGGLPRVQELFEAR
VPRGKAPIADVTGRVRLEDGERFYKITIVPDDGGEEVVYDKISKRQRLRVFKHEDGSERVLSDGDHVEVGQQLMEGSADP
HEVLRVQGPREVQIHLVREVQEVYRAQGVSIHDKHIEVIVRQMLRRVTIIDSGSTEFLPGSLIDRAEFEAENRRVVAEGG
EPAAGRPVLMGITKASLATDSWLSAASFQETTRVLTDAAINCRSDKLNGLKENVIIGKLIPAGTGINRYRNIAVQPTEEA
RAAAYTIPSYEDQYYSPDFGAATGAAVPLDDYGYSDYR
;
D
5 'polypeptide(L)'
;VSISQSDASLAAVPAVDQFDPSSGASGGYDTPLGITNPPIDELLDRVSSKYALVIYAAKRARQINDYYNQLGEGILEYVG
PLVEPGLQEKPLSIALREIHADLLEHTEGE
;
E
6 'polydeoxyribonucleotide'
;(DC)(DG)(DT)(DC)(DA)(DG)(DA)(DA)(DA)(DG)(DA)(DA)(DA)(DA)(DC)(DC)(DC)(DT)(DT)(DT)
(DA)(DT)(DT)(DT)(DG)(DT)(DT)(DA)(DT)(DA)(DT)(DA)(DG)(DT)(DA)(DT)(DT)(DT)(DT)(DA)
(DT)(DC)(DC)(DT)(DC)(DT)(DC)(DA)(DT)(DG)(DC)(DC)(DG)(DG)
;
O
7 'polydeoxyribonucleotide'
;(DC)(DC)(DG)(DG)(DC)(DA)(DT)(DG)(DA)(DG)(DA)(DG)(DG)(DA)(DT)(DA)(DA)(DA)(DA)(DT)
(DA)(DC)(DT)(DA)(DT)(DA)(DT)(DC)(DC)(DT)(DG)(DG)(DT)(DT)(DA)(DA)(DA)(DG)(DG)(DG)
(DT)(DT)(DT)(DT)(DC)(DT)(DT)(DT)(DC)(DT)(DG)(DA)(DC)(DG)
;
P
8 'polyribonucleotide' AUUCUACCCAAAAGAAGUCUUUCUUUUGGGUUUAACCAGGAU R
#
loop_
_chem_comp.id
_chem_comp.type
_chem_comp.name
_chem_comp.formula
A RNA linking ADENOSINE-5'-MONOPHOSPHATE 'C10 H14 N5 O7 P'
C RNA linking CYTIDINE-5'-MONOPHOSPHATE 'C9 H14 N3 O8 P'
DA DNA linking 2'-DEOXYADENOSINE-5'-MONOPHOSPHATE 'C10 H14 N5 O6 P'
DC DNA linking 2'-DEOXYCYTIDINE-5'-MONOPHOSPHATE 'C9 H14 N3 O7 P'
DG DNA linking 2'-DEOXYGUANOSINE-5'-MONOPHOSPHATE 'C10 H14 N5 O7 P'
DT DNA linking THYMIDINE-5'-MONOPHOSPHATE 'C10 H15 N2 O8 P'
G RNA linking GUANOSINE-5'-MONOPHOSPHATE 'C10 H14 N5 O8 P'
MG non-polymer 'MAGNESIUM ION' 'Mg 2'
U RNA linking URIDINE-5'-MONOPHOSPHATE 'C9 H13 N2 O9 P'
ZN non-polymer 'ZINC ION' 'Zn 2'
#
# COMPACT_ATOMS: atom_id res chain seq x y z
N ASP A 33 -57.35 -22.36 55.70
CA ASP A 33 -56.58 -21.52 54.80
C ASP A 33 -55.74 -22.40 53.86
N PRO A 34 -55.90 -22.23 52.55
CA PRO A 34 -55.05 -23.01 51.63
C PRO A 34 -53.57 -22.83 51.87
N ALA A 35 -53.14 -21.62 52.26
CA ALA A 35 -51.74 -21.39 52.55
C ALA A 35 -51.26 -22.28 53.68
N ALA A 36 -52.02 -22.31 54.79
CA ALA A 36 -51.65 -23.16 55.92
C ALA A 36 -51.69 -24.63 55.54
N ALA A 37 -52.70 -25.03 54.76
CA ALA A 37 -52.82 -26.44 54.36
C ALA A 37 -51.61 -26.87 53.55
N LEU A 38 -51.20 -26.05 52.57
CA LEU A 38 -50.06 -26.42 51.75
C LEU A 38 -48.76 -26.33 52.55
N LYS A 39 -48.67 -25.39 53.49
CA LYS A 39 -47.53 -25.37 54.39
C LYS A 39 -47.39 -26.70 55.12
N ALA A 40 -48.50 -27.18 55.71
CA ALA A 40 -48.47 -28.45 56.42
C ALA A 40 -48.09 -29.59 55.49
N GLU A 41 -48.68 -29.60 54.29
CA GLU A 41 -48.38 -30.68 53.34
C GLU A 41 -46.90 -30.70 52.98
N LEU A 42 -46.36 -29.56 52.55
CA LEU A 42 -44.97 -29.51 52.09
C LEU A 42 -43.97 -29.63 53.23
N ARG A 43 -44.41 -29.43 54.49
CA ARG A 43 -43.49 -29.59 55.60
C ARG A 43 -42.94 -31.01 55.68
N SER A 44 -43.79 -32.02 55.47
CA SER A 44 -43.36 -33.39 55.69
C SER A 44 -42.59 -33.95 54.50
N LYS A 45 -42.97 -33.59 53.29
CA LYS A 45 -42.39 -34.22 52.12
C LYS A 45 -40.89 -33.95 52.05
N PRO A 46 -40.07 -34.96 51.75
CA PRO A 46 -38.62 -34.78 51.84
C PRO A 46 -38.06 -33.91 50.73
N GLY A 47 -36.91 -33.31 51.02
CA GLY A 47 -36.19 -32.51 50.06
C GLY A 47 -36.27 -31.02 50.39
N ASP A 48 -35.46 -30.26 49.67
CA ASP A 48 -35.43 -28.81 49.77
C ASP A 48 -35.57 -28.21 48.38
N TRP A 49 -36.41 -27.20 48.25
CA TRP A 49 -36.73 -26.64 46.94
C TRP A 49 -35.61 -25.72 46.47
N TYR A 50 -35.11 -25.98 45.26
CA TYR A 50 -34.09 -25.16 44.62
C TYR A 50 -34.68 -24.52 43.36
N VAL A 51 -33.93 -23.58 42.80
CA VAL A 51 -34.34 -22.83 41.62
C VAL A 51 -33.34 -23.09 40.51
N VAL A 52 -33.86 -23.34 39.31
CA VAL A 52 -33.04 -23.62 38.14
C VAL A 52 -33.45 -22.66 37.02
N HIS A 53 -32.45 -22.12 36.33
CA HIS A 53 -32.67 -21.13 35.28
C HIS A 53 -32.51 -21.81 33.93
N SER A 54 -33.44 -21.54 33.01
CA SER A 54 -33.44 -22.16 31.70
C SER A 54 -33.54 -21.10 30.61
N TYR A 55 -33.51 -21.55 29.35
CA TYR A 55 -33.45 -20.65 28.19
C TYR A 55 -34.78 -20.02 27.85
N ALA A 56 -35.43 -19.34 28.80
CA ALA A 56 -36.64 -18.59 28.49
C ALA A 56 -37.79 -19.54 28.13
N GLY A 57 -37.84 -19.97 26.87
CA GLY A 57 -38.93 -20.81 26.43
C GLY A 57 -38.78 -22.28 26.79
N TYR A 58 -37.62 -22.67 27.31
CA TYR A 58 -37.36 -24.07 27.67
C TYR A 58 -37.71 -24.28 29.13
N GLU A 59 -39.01 -24.30 29.41
CA GLU A 59 -39.50 -24.60 30.75
C GLU A 59 -40.26 -25.92 30.85
N ASN A 60 -41.31 -26.11 30.06
CA ASN A 60 -41.97 -27.40 30.00
C ASN A 60 -41.06 -28.46 29.40
N LYS A 61 -40.28 -28.10 28.38
CA LYS A 61 -39.31 -29.03 27.83
C LYS A 61 -38.28 -29.45 28.88
N VAL A 62 -37.77 -28.49 29.64
CA VAL A 62 -36.80 -28.82 30.68
C VAL A 62 -37.43 -29.70 31.74
N LYS A 63 -38.68 -29.42 32.13
CA LYS A 63 -39.34 -30.27 33.10
C LYS A 63 -39.48 -31.70 32.59
N ALA A 64 -39.91 -31.87 31.34
CA ALA A 64 -40.08 -33.21 30.78
C ALA A 64 -38.75 -33.94 30.70
N ASN A 65 -37.71 -33.27 30.21
CA ASN A 65 -36.40 -33.89 30.09
C ASN A 65 -35.85 -34.27 31.45
N LEU A 66 -36.02 -33.40 32.46
CA LEU A 66 -35.53 -33.73 33.78
C LEU A 66 -36.29 -34.90 34.39
N GLU A 67 -37.61 -34.95 34.21
CA GLU A 67 -38.38 -36.06 34.74
C GLU A 67 -38.09 -37.37 34.03
N THR A 68 -37.63 -37.33 32.78
CA THR A 68 -37.20 -38.54 32.10
C THR A 68 -35.79 -38.96 32.51
N ARG A 69 -34.87 -38.00 32.61
CA ARG A 69 -33.51 -38.28 33.06
C ARG A 69 -33.46 -38.75 34.50
N VAL A 70 -34.40 -38.34 35.34
CA VAL A 70 -34.44 -38.85 36.70
C VAL A 70 -34.62 -40.36 36.74
N GLN A 71 -35.31 -40.94 35.76
CA GLN A 71 -35.47 -42.37 35.67
C GLN A 71 -34.33 -43.02 34.90
N ASN A 72 -33.91 -42.41 33.79
CA ASN A 72 -32.84 -43.00 32.99
C ASN A 72 -31.53 -43.05 33.75
N LEU A 73 -31.19 -42.02 34.52
CA LEU A 73 -29.93 -41.96 35.23
C LEU A 73 -29.96 -42.63 36.59
N ASP A 74 -31.13 -43.10 37.03
CA ASP A 74 -31.27 -43.74 38.35
C ASP A 74 -30.87 -42.81 39.48
N VAL A 75 -31.35 -41.57 39.44
CA VAL A 75 -31.17 -40.62 40.54
C VAL A 75 -32.53 -40.27 41.10
N GLY A 76 -33.47 -41.21 41.02
CA GLY A 76 -34.82 -41.00 41.47
C GLY A 76 -35.02 -41.00 42.96
N ASP A 77 -34.00 -41.39 43.72
CA ASP A 77 -34.04 -41.31 45.18
C ASP A 77 -33.46 -40.00 45.70
N TYR A 78 -33.07 -39.10 44.81
CA TYR A 78 -32.61 -37.77 45.19
C TYR A 78 -33.46 -36.64 44.65
N ILE A 79 -34.01 -36.78 43.45
CA ILE A 79 -34.86 -35.76 42.83
C ILE A 79 -36.30 -36.24 42.90
N PHE A 80 -37.16 -35.44 43.53
CA PHE A 80 -38.50 -35.87 43.86
C PHE A 80 -39.61 -35.13 43.12
N GLN A 81 -39.39 -33.91 42.67
CA GLN A 81 -40.48 -33.14 42.10
C GLN A 81 -39.93 -31.96 41.31
N VAL A 82 -40.55 -31.69 40.17
CA VAL A 82 -40.20 -30.55 39.32
C VAL A 82 -41.49 -29.77 39.05
N GLU A 83 -41.48 -28.48 39.36
CA GLU A 83 -42.66 -27.63 39.24
C GLU A 83 -42.33 -26.40 38.44
N VAL A 84 -43.23 -26.03 37.54
CA VAL A 84 -43.11 -24.80 36.76
C VAL A 84 -44.37 -23.98 36.98
N PRO A 85 -44.42 -23.10 37.99
CA PRO A 85 -45.69 -22.43 38.31
C PRO A 85 -46.21 -21.63 37.12
N THR A 86 -47.52 -21.68 36.94
CA THR A 86 -48.20 -20.94 35.88
C THR A 86 -49.53 -20.43 36.41
N GLU A 87 -50.05 -19.40 35.75
CA GLU A 87 -51.37 -18.87 36.09
C GLU A 87 -52.00 -18.27 34.85
N GLU A 88 -53.33 -18.29 34.81
CA GLU A 88 -54.10 -17.91 33.63
C GLU A 88 -54.66 -16.50 33.82
N VAL A 89 -54.38 -15.62 32.87
CA VAL A 89 -54.84 -14.23 32.90
C VAL A 89 -55.68 -13.98 31.65
N THR A 90 -56.85 -13.37 31.84
CA THR A 90 -57.73 -13.08 30.72
C THR A 90 -57.29 -11.79 30.03
N GLU A 91 -57.09 -11.86 28.71
CA GLU A 91 -56.64 -10.73 27.91
C GLU A 91 -57.61 -10.51 26.76
N ILE A 92 -57.81 -9.26 26.38
CA ILE A 92 -58.78 -8.88 25.36
C ILE A 92 -58.06 -8.60 24.05
N LYS A 93 -56.90 -9.24 23.87
CA LYS A 93 -56.12 -9.07 22.65
C LYS A 93 -57.01 -9.06 21.42
N ASN A 94 -56.83 -8.05 20.57
CA ASN A 94 -57.60 -7.92 19.34
C ASN A 94 -59.10 -7.94 19.62
N GLY A 95 -59.47 -7.41 20.79
CA GLY A 95 -60.86 -7.42 21.21
C GLY A 95 -61.39 -8.78 21.59
N GLN A 96 -60.53 -9.75 21.88
CA GLN A 96 -60.92 -11.14 22.13
C GLN A 96 -60.53 -11.50 23.56
N ARG A 97 -61.53 -11.66 24.42
CA ARG A 97 -61.27 -12.07 25.79
C ARG A 97 -60.83 -13.53 25.84
N LYS A 98 -59.55 -13.74 26.13
CA LYS A 98 -58.98 -15.09 26.15
C LYS A 98 -58.18 -15.26 27.43
N GLN A 99 -58.35 -16.39 28.10
CA GLN A 99 -57.61 -16.71 29.32
C GLN A 99 -56.35 -17.46 28.93
N VAL A 100 -55.28 -16.71 28.65
CA VAL A 100 -54.02 -17.31 28.26
C VAL A 100 -53.22 -17.70 29.50
N ASN A 101 -52.54 -18.84 29.41
CA ASN A 101 -51.81 -19.41 30.54
C ASN A 101 -50.39 -18.88 30.50
N ARG A 102 -50.09 -17.91 31.36
CA ARG A 102 -48.75 -17.35 31.47
C ARG A 102 -47.94 -18.13 32.50
N LYS A 103 -46.70 -17.72 32.69
CA LYS A 103 -45.82 -18.27 33.72
C LYS A 103 -45.55 -17.19 34.75
N VAL A 104 -45.78 -17.52 36.02
CA VAL A 104 -45.55 -16.57 37.11
C VAL A 104 -44.10 -16.13 37.08
N LEU A 105 -43.18 -17.09 37.23
CA LEU A 105 -41.76 -16.79 37.15
C LEU A 105 -41.23 -17.25 35.80
N PRO A 106 -41.01 -16.34 34.85
CA PRO A 106 -40.53 -16.76 33.53
C PRO A 106 -39.04 -17.06 33.53
N GLY A 107 -38.71 -18.28 33.13
CA GLY A 107 -37.34 -18.71 33.01
C GLY A 107 -36.79 -19.48 34.20
N TYR A 108 -37.63 -19.84 35.16
CA TYR A 108 -37.18 -20.53 36.37
C TYR A 108 -38.04 -21.75 36.64
N ILE A 109 -37.42 -22.79 37.16
CA ILE A 109 -38.10 -24.03 37.55
C ILE A 109 -37.82 -24.27 39.03
N LEU A 110 -38.74 -24.94 39.69
CA LEU A 110 -38.60 -25.29 41.10
C LEU A 110 -38.43 -26.79 41.22
N VAL A 111 -37.33 -27.22 41.85
CA VAL A 111 -36.97 -28.63 41.95
C VAL A 111 -36.79 -28.96 43.43
N ARG A 112 -37.47 -30.02 43.88
CA ARG A 112 -37.33 -30.49 45.25
C ARG A 112 -36.41 -31.71 45.26
N MET A 113 -35.35 -31.66 46.06
CA MET A 113 -34.35 -32.71 46.05
C MET A 113 -33.37 -32.48 47.19
N ASP A 114 -32.42 -33.40 47.30
CA ASP A 114 -31.29 -33.30 48.22
C ASP A 114 -30.05 -33.09 47.36
N LEU A 115 -29.43 -31.92 47.47
CA LEU A 115 -28.28 -31.62 46.62
C LEU A 115 -27.11 -32.51 46.97
N THR A 116 -26.53 -33.13 45.94
CA THR A 116 -25.33 -33.95 46.11
C THR A 116 -24.40 -33.75 44.93
N ASP A 117 -23.39 -34.61 44.80
CA ASP A 117 -22.51 -34.60 43.65
C ASP A 117 -23.15 -35.20 42.40
N ASP A 118 -24.09 -36.13 42.57
CA ASP A 118 -24.74 -36.75 41.41
C ASP A 118 -26.01 -36.00 41.02
N SER A 119 -26.83 -35.60 42.00
CA SER A 119 -28.04 -34.86 41.70
C SER A 119 -27.72 -33.52 41.04
N TRP A 120 -26.71 -32.83 41.56
CA TRP A 120 -26.32 -31.55 40.98
C TRP A 120 -25.97 -31.69 39.50
N ALA A 121 -25.15 -32.68 39.14
CA ALA A 121 -24.83 -32.92 37.74
C ALA A 121 -26.03 -33.36 36.91
N ALA A 122 -26.87 -34.24 37.46
CA ALA A 122 -28.03 -34.72 36.70
C ALA A 122 -28.97 -33.57 36.37
N VAL A 123 -29.05 -32.57 37.24
CA VAL A 123 -29.90 -31.41 36.96
C VAL A 123 -29.18 -30.43 36.04
N ARG A 124 -27.94 -30.09 36.37
CA ARG A 124 -27.21 -29.04 35.67
C ARG A 124 -26.88 -29.45 34.24
N ASN A 125 -26.94 -30.75 33.94
CA ASN A 125 -26.60 -31.24 32.60
C ASN A 125 -27.82 -31.50 31.74
N THR A 126 -29.02 -31.16 32.20
CA THR A 126 -30.20 -31.34 31.37
C THR A 126 -30.16 -30.38 30.20
N PRO A 127 -30.34 -30.85 28.97
CA PRO A 127 -30.33 -29.91 27.83
C PRO A 127 -31.40 -28.84 27.97
N GLY A 128 -30.96 -27.59 28.08
CA GLY A 128 -31.87 -26.46 28.29
C GLY A 128 -31.76 -25.80 29.64
N VAL A 129 -30.86 -26.24 30.51
CA VAL A 129 -30.69 -25.65 31.84
C VAL A 129 -29.44 -24.78 31.83
N THR A 130 -29.59 -23.54 32.32
CA THR A 130 -28.48 -22.59 32.38
C THR A 130 -27.69 -22.71 33.68
N GLY A 131 -28.20 -23.44 34.66
CA GLY A 131 -27.55 -23.60 35.94
C GLY A 131 -28.43 -23.18 37.10
N PHE A 132 -27.97 -23.53 38.30
CA PHE A 132 -28.69 -23.28 39.53
C PHE A 132 -28.60 -21.80 39.91
N VAL A 133 -29.65 -21.30 40.55
CA VAL A 133 -29.66 -19.95 41.09
C VAL A 133 -29.40 -20.04 42.58
N GLY A 134 -28.31 -19.42 43.03
CA GLY A 134 -27.92 -19.48 44.43
C GLY A 134 -27.79 -18.09 45.00
N ALA A 135 -27.52 -18.06 46.31
CA ALA A 135 -27.40 -16.78 47.00
C ALA A 135 -26.06 -16.12 46.69
N THR A 136 -24.94 -16.81 46.99
CA THR A 136 -23.63 -16.23 46.80
C THR A 136 -22.89 -16.98 45.72
N SER A 137 -22.58 -18.27 45.90
CA SER A 137 -21.95 -19.08 44.87
C SER A 137 -22.61 -20.43 44.71
N ARG A 138 -23.05 -21.04 45.80
CA ARG A 138 -23.57 -22.40 45.78
C ARG A 138 -25.10 -22.38 45.82
N PRO A 139 -25.74 -23.46 45.40
CA PRO A 139 -27.20 -23.47 45.33
C PRO A 139 -27.84 -23.13 46.67
N SER A 140 -28.91 -22.36 46.62
CA SER A 140 -29.63 -21.93 47.81
C SER A 140 -31.06 -22.40 47.72
N ALA A 141 -31.59 -22.85 48.85
CA ALA A 141 -32.93 -23.43 48.92
C ALA A 141 -33.93 -22.39 49.36
N LEU A 142 -35.07 -22.34 48.68
CA LEU A 142 -36.10 -21.38 49.02
C LEU A 142 -36.70 -21.71 50.39
N ALA A 143 -37.36 -20.71 50.98
CA ALA A 143 -38.11 -20.88 52.21
C ALA A 143 -39.50 -21.39 51.87
N LEU A 144 -40.09 -22.15 52.81
CA LEU A 144 -41.38 -22.75 52.55
C LEU A 144 -42.44 -21.69 52.24
N ASP A 145 -42.31 -20.51 52.84
CA ASP A 145 -43.28 -19.45 52.58
C ASP A 145 -43.28 -19.05 51.12
N ASP A 146 -42.10 -18.81 50.55
CA ASP A 146 -42.02 -18.38 49.16
C ASP A 146 -42.55 -19.46 48.22
N VAL A 147 -42.17 -20.71 48.43
CA VAL A 147 -42.60 -21.77 47.52
C VAL A 147 -44.12 -21.98 47.64
N VAL A 148 -44.65 -21.85 48.85
CA VAL A 148 -46.11 -21.92 49.01
C VAL A 148 -46.77 -20.78 48.26
N LYS A 149 -46.17 -19.59 48.28
CA LYS A 149 -46.77 -18.44 47.63
C LYS A 149 -46.88 -18.60 46.12
N PHE A 150 -46.15 -19.54 45.53
CA PHE A 150 -46.15 -19.72 44.07
C PHE A 150 -46.68 -21.07 43.61
N LEU A 151 -46.72 -22.07 44.49
CA LEU A 151 -47.31 -23.36 44.17
C LEU A 151 -48.80 -23.41 44.53
N LEU A 152 -49.40 -22.26 44.78
CA LEU A 152 -50.81 -22.17 45.16
C LEU A 152 -51.59 -21.64 43.96
N PRO A 153 -52.58 -22.38 43.43
CA PRO A 153 -53.28 -21.91 42.22
C PRO A 153 -53.72 -20.47 42.30
N ARG A 154 -53.17 -19.63 41.42
CA ARG A 154 -53.52 -18.22 41.36
C ARG A 154 -54.78 -18.02 40.54
N MET B 1 30.37 31.42 -56.47
CA MET B 1 30.12 30.02 -56.05
C MET B 1 28.63 29.71 -56.08
N LEU B 2 27.87 30.53 -56.78
CA LEU B 2 26.42 30.39 -56.81
C LEU B 2 26.07 29.31 -57.82
N ILE B 3 25.64 28.15 -57.33
CA ILE B 3 25.23 27.04 -58.18
C ILE B 3 23.79 27.27 -58.61
N SER B 4 23.57 27.37 -59.92
CA SER B 4 22.26 27.69 -60.47
C SER B 4 21.71 26.54 -61.33
N GLN B 5 21.86 25.32 -60.84
CA GLN B 5 21.29 24.13 -61.49
C GLN B 5 20.17 23.63 -60.59
N ARG B 6 18.92 23.79 -61.06
CA ARG B 6 17.78 23.46 -60.23
C ARG B 6 17.70 21.95 -60.02
N PRO B 7 17.07 21.50 -58.94
CA PRO B 7 16.86 20.07 -58.74
C PRO B 7 15.89 19.51 -59.77
N THR B 8 15.95 18.19 -59.94
CA THR B 8 15.08 17.51 -60.88
C THR B 8 14.71 16.15 -60.29
N LEU B 9 13.49 15.70 -60.56
CA LEU B 9 12.97 14.47 -59.99
C LEU B 9 12.76 13.42 -61.08
N SER B 10 13.20 12.20 -60.81
CA SER B 10 13.07 11.08 -61.73
C SER B 10 12.64 9.85 -60.96
N GLU B 11 11.87 8.99 -61.61
CA GLU B 11 11.30 7.80 -60.98
C GLU B 11 11.92 6.54 -61.56
N ASP B 12 12.25 5.59 -60.69
CA ASP B 12 12.67 4.25 -61.09
C ASP B 12 11.69 3.25 -60.51
N VAL B 13 11.12 2.41 -61.36
CA VAL B 13 10.03 1.52 -60.99
C VAL B 13 10.60 0.15 -60.66
N LEU B 14 10.67 -0.18 -59.37
CA LEU B 14 11.10 -1.51 -58.97
C LEU B 14 9.99 -2.54 -59.20
N THR B 15 8.76 -2.19 -58.86
CA THR B 15 7.61 -3.06 -59.09
C THR B 15 6.36 -2.21 -59.12
N ASP B 16 5.21 -2.87 -59.23
CA ASP B 16 3.94 -2.15 -59.32
C ASP B 16 3.67 -1.36 -58.05
N ASN B 17 3.92 -1.96 -56.89
CA ASN B 17 3.57 -1.30 -55.62
C ASN B 17 4.77 -0.58 -55.01
N ARG B 18 5.92 -0.59 -55.69
CA ARG B 18 7.12 0.06 -55.18
C ARG B 18 7.81 0.83 -56.29
N SER B 19 8.55 1.87 -55.88
CA SER B 19 9.33 2.66 -56.82
C SER B 19 10.23 3.61 -56.03
N GLN B 20 11.32 4.03 -56.67
CA GLN B 20 12.28 4.95 -56.07
C GLN B 20 12.33 6.24 -56.88
N PHE B 21 12.32 7.38 -56.18
CA PHE B 21 12.42 8.69 -56.79
C PHE B 21 13.73 9.32 -56.34
N VAL B 22 14.45 9.93 -57.28
CA VAL B 22 15.74 10.55 -56.98
C VAL B 22 15.63 12.04 -57.27
N ILE B 23 16.05 12.86 -56.30
CA ILE B 23 15.99 14.32 -56.39
C ILE B 23 17.41 14.83 -56.24
N GLU B 24 17.88 15.58 -57.23
CA GLU B 24 19.24 16.09 -57.20
C GLU B 24 19.40 17.19 -58.24
N PRO B 25 20.36 18.11 -58.09
CA PRO B 25 21.32 18.25 -56.99
C PRO B 25 20.83 19.16 -55.88
N LEU B 26 20.70 18.66 -54.66
CA LEU B 26 20.25 19.46 -53.54
C LEU B 26 21.44 20.15 -52.87
N GLU B 27 21.13 21.15 -52.05
CA GLU B 27 22.15 21.85 -51.28
C GLU B 27 22.70 20.93 -50.21
N PRO B 28 23.94 21.17 -49.76
CA PRO B 28 24.51 20.31 -48.71
C PRO B 28 23.78 20.47 -47.38
N GLY B 29 23.10 19.41 -46.96
CA GLY B 29 22.39 19.41 -45.69
C GLY B 29 20.89 19.29 -45.84
N PHE B 30 20.37 19.59 -47.04
CA PHE B 30 18.94 19.61 -47.29
C PHE B 30 18.42 18.32 -47.89
N GLY B 31 19.12 17.21 -47.69
CA GLY B 31 18.65 15.93 -48.19
C GLY B 31 17.80 15.20 -47.17
N TYR B 32 18.30 15.10 -45.94
CA TYR B 32 17.54 14.46 -44.87
C TYR B 32 16.26 15.24 -44.57
N THR B 33 16.33 16.57 -44.52
CA THR B 33 15.15 17.35 -44.19
C THR B 33 14.05 17.18 -45.24
N LEU B 34 14.41 17.27 -46.51
CA LEU B 34 13.42 17.09 -47.57
C LEU B 34 12.85 15.68 -47.56
N GLY B 35 13.72 14.68 -47.46
CA GLY B 35 13.24 13.30 -47.43
C GLY B 35 12.29 13.05 -46.28
N ASN B 36 12.60 13.60 -45.10
CA ASN B 36 11.76 13.36 -43.94
C ASN B 36 10.46 14.13 -44.02
N SER B 37 10.47 15.33 -44.59
CA SER B 37 9.21 16.05 -44.79
C SER B 37 8.29 15.26 -45.71
N LEU B 38 8.83 14.74 -46.81
CA LEU B 38 8.04 13.91 -47.70
C LEU B 38 7.55 12.65 -47.00
N ARG B 39 8.40 12.00 -46.21
CA ARG B 39 7.99 10.77 -45.54
C ARG B 39 6.88 11.03 -44.52
N ARG B 40 7.00 12.10 -43.74
CA ARG B 40 5.96 12.47 -42.80
C ARG B 40 4.65 12.79 -43.47
N THR B 41 4.66 13.52 -44.59
CA THR B 41 3.42 13.75 -45.30
C THR B 41 2.84 12.47 -45.88
N LEU B 42 3.68 11.59 -46.42
CA LEU B 42 3.19 10.36 -47.03
C LEU B 42 2.56 9.44 -46.00
N LEU B 43 3.15 9.33 -44.82
CA LEU B 43 2.70 8.34 -43.85
C LEU B 43 1.50 8.79 -43.03
N SER B 44 1.01 10.02 -43.20
CA SER B 44 -0.09 10.49 -42.38
C SER B 44 -1.25 11.09 -43.18
N SER B 45 -0.95 11.78 -44.29
CA SER B 45 -1.91 12.69 -44.92
C SER B 45 -2.18 12.36 -46.37
N ILE B 46 -2.45 11.11 -46.70
CA ILE B 46 -2.87 10.70 -48.04
C ILE B 46 -4.29 10.13 -47.93
N PRO B 47 -5.26 10.63 -48.70
CA PRO B 47 -6.62 10.12 -48.57
C PRO B 47 -6.87 8.83 -49.32
N GLY B 48 -7.79 8.03 -48.77
CA GLY B 48 -8.13 6.74 -49.36
C GLY B 48 -9.56 6.36 -49.03
N ALA B 49 -9.81 5.07 -48.89
CA ALA B 49 -11.15 4.59 -48.57
C ALA B 49 -11.03 3.32 -47.74
N ALA B 50 -12.03 3.11 -46.87
CA ALA B 50 -12.01 1.95 -45.98
C ALA B 50 -13.44 1.62 -45.56
N VAL B 51 -13.63 0.38 -45.13
CA VAL B 51 -14.94 -0.04 -44.63
C VAL B 51 -15.22 0.63 -43.30
N THR B 52 -16.41 1.22 -43.17
CA THR B 52 -16.80 1.98 -42.00
C THR B 52 -17.67 1.19 -41.04
N SER B 53 -18.46 0.24 -41.53
CA SER B 53 -19.28 -0.61 -40.69
C SER B 53 -19.76 -1.81 -41.50
N ILE B 54 -20.22 -2.84 -40.78
CA ILE B 54 -20.78 -4.03 -41.41
C ILE B 54 -22.12 -4.33 -40.73
N ARG B 55 -22.84 -5.29 -41.32
CA ARG B 55 -24.13 -5.72 -40.76
C ARG B 55 -24.34 -7.18 -41.18
N ILE B 56 -24.05 -8.10 -40.26
CA ILE B 56 -24.38 -9.51 -40.48
C ILE B 56 -25.80 -9.73 -40.02
N ASP B 57 -26.59 -10.45 -40.84
CA ASP B 57 -28.03 -10.51 -40.59
C ASP B 57 -28.37 -11.20 -39.29
N GLY B 58 -27.74 -12.35 -39.02
CA GLY B 58 -28.11 -13.14 -37.86
C GLY B 58 -27.53 -12.68 -36.54
N VAL B 59 -26.69 -11.65 -36.55
CA VAL B 59 -25.98 -11.22 -35.36
C VAL B 59 -26.51 -9.86 -34.93
N LEU B 60 -26.46 -9.60 -33.62
CA LEU B 60 -26.89 -8.32 -33.06
C LEU B 60 -25.75 -7.49 -32.53
N HIS B 61 -24.58 -8.08 -32.25
CA HIS B 61 -23.46 -7.34 -31.70
C HIS B 61 -22.18 -8.05 -32.15
N GLU B 62 -21.04 -7.53 -31.70
CA GLU B 62 -19.74 -8.02 -32.16
C GLU B 62 -19.28 -9.26 -31.41
N PHE B 63 -19.91 -9.58 -30.28
CA PHE B 63 -19.42 -10.61 -29.36
C PHE B 63 -20.23 -11.89 -29.46
N THR B 64 -20.62 -12.30 -30.66
CA THR B 64 -21.45 -13.48 -30.86
C THR B 64 -20.81 -14.40 -31.90
N THR B 65 -21.56 -15.41 -32.31
CA THR B 65 -21.10 -16.44 -33.23
C THR B 65 -22.15 -16.67 -34.31
N VAL B 66 -21.68 -17.03 -35.50
CA VAL B 66 -22.53 -17.30 -36.65
C VAL B 66 -22.62 -18.81 -36.81
N PRO B 67 -23.82 -19.40 -36.94
CA PRO B 67 -23.91 -20.86 -37.06
C PRO B 67 -23.27 -21.35 -38.34
N GLY B 68 -22.31 -22.25 -38.20
CA GLY B 68 -21.67 -22.88 -39.35
C GLY B 68 -20.30 -22.31 -39.68
N VAL B 69 -20.04 -21.07 -39.26
CA VAL B 69 -18.78 -20.42 -39.56
C VAL B 69 -17.76 -20.78 -38.48
N LYS B 70 -16.56 -21.15 -38.92
CA LYS B 70 -15.54 -21.59 -37.97
C LYS B 70 -15.06 -20.43 -37.10
N GLU B 71 -14.95 -19.24 -37.67
CA GLU B 71 -14.59 -18.06 -36.91
C GLU B 71 -15.82 -17.47 -36.22
N ASP B 72 -15.58 -16.61 -35.24
CA ASP B 72 -16.63 -15.82 -34.62
C ASP B 72 -16.56 -14.39 -35.15
N VAL B 73 -17.56 -13.59 -34.80
CA VAL B 73 -17.73 -12.30 -35.44
C VAL B 73 -16.52 -11.41 -35.21
N THR B 74 -15.90 -11.50 -34.03
CA THR B 74 -14.72 -10.68 -33.77
C THR B 74 -13.58 -11.03 -34.72
N GLU B 75 -13.36 -12.33 -34.95
CA GLU B 75 -12.31 -12.74 -35.88
C GLU B 75 -12.65 -12.35 -37.31
N ILE B 76 -13.94 -12.42 -37.67
CA ILE B 76 -14.35 -12.00 -39.01
C ILE B 76 -14.07 -10.52 -39.22
N ILE B 77 -14.38 -9.70 -38.21
CA ILE B 77 -14.07 -8.28 -38.31
C ILE B 77 -12.56 -8.02 -38.38
N LEU B 78 -11.77 -8.71 -37.57
CA LEU B 78 -10.32 -8.56 -37.66
C LEU B 78 -9.76 -9.01 -38.99
N ASN B 79 -10.39 -9.99 -39.65
CA ASN B 79 -9.98 -10.39 -40.99
C ASN B 79 -10.39 -9.38 -42.04
N LEU B 80 -11.59 -8.80 -41.92
CA LEU B 80 -12.01 -7.76 -42.85
C LEU B 80 -11.22 -6.47 -42.67
N LYS B 81 -10.61 -6.28 -41.50
CA LYS B 81 -9.80 -5.09 -41.27
C LYS B 81 -8.55 -5.07 -42.14
N SER B 82 -8.31 -6.11 -42.93
CA SER B 82 -7.18 -6.15 -43.86
C SER B 82 -7.60 -5.93 -45.31
N LEU B 83 -8.83 -5.50 -45.56
CA LEU B 83 -9.26 -5.20 -46.92
C LEU B 83 -8.54 -3.96 -47.45
N VAL B 84 -8.27 -3.96 -48.75
CA VAL B 84 -7.82 -2.78 -49.46
C VAL B 84 -8.82 -2.52 -50.59
N VAL B 85 -9.49 -1.37 -50.50
CA VAL B 85 -10.55 -1.02 -51.45
C VAL B 85 -10.35 0.43 -51.83
N SER B 86 -10.82 0.78 -53.03
CA SER B 86 -10.72 2.15 -53.55
C SER B 86 -12.07 2.56 -54.10
N SER B 87 -12.64 3.63 -53.54
CA SER B 87 -13.90 4.18 -54.02
C SER B 87 -13.65 5.48 -54.79
N GLU B 88 -14.67 5.95 -55.47
CA GLU B 88 -14.54 7.13 -56.32
C GLU B 88 -15.56 8.22 -56.00
N GLU B 89 -16.51 7.96 -55.11
CA GLU B 89 -17.56 8.93 -54.80
C GLU B 89 -17.59 9.23 -53.31
N ASP B 90 -17.90 10.50 -53.00
CA ASP B 90 -17.80 10.98 -51.63
C ASP B 90 -18.78 10.27 -50.70
N GLU B 91 -20.04 10.17 -51.10
CA GLU B 91 -21.06 9.63 -50.22
C GLU B 91 -20.78 8.15 -49.93
N PRO B 92 -21.20 7.66 -48.76
CA PRO B 92 -21.02 6.24 -48.45
C PRO B 92 -21.75 5.31 -49.43
N VAL B 93 -21.14 4.17 -49.72
CA VAL B 93 -21.76 3.16 -50.56
C VAL B 93 -21.65 1.82 -49.84
N THR B 94 -22.51 0.87 -50.22
CA THR B 94 -22.59 -0.42 -49.58
C THR B 94 -22.30 -1.52 -50.58
N MET B 95 -21.53 -2.51 -50.16
CA MET B 95 -21.22 -3.69 -50.95
C MET B 95 -21.70 -4.94 -50.22
N TYR B 96 -22.19 -5.90 -50.98
CA TYR B 96 -22.86 -7.07 -50.43
C TYR B 96 -21.98 -8.30 -50.57
N LEU B 97 -22.13 -9.22 -49.62
CA LEU B 97 -21.42 -10.49 -49.66
C LEU B 97 -22.41 -11.59 -49.30
N ARG B 98 -22.58 -12.56 -50.17
CA ARG B 98 -23.51 -13.66 -49.98
C ARG B 98 -22.82 -14.98 -50.27
N LYS B 99 -22.95 -15.94 -49.35
CA LYS B 99 -22.30 -17.23 -49.50
C LYS B 99 -23.19 -18.31 -48.91
N GLN B 100 -23.17 -19.47 -49.53
CA GLN B 100 -23.95 -20.63 -49.08
C GLN B 100 -23.10 -21.89 -49.21
N GLY B 101 -23.27 -22.80 -48.26
CA GLY B 101 -22.65 -24.10 -48.35
C GLY B 101 -21.20 -24.09 -47.90
N PRO B 102 -20.55 -25.24 -47.98
CA PRO B 102 -19.16 -25.34 -47.52
C PRO B 102 -18.21 -24.61 -48.46
N GLY B 103 -17.04 -24.28 -47.91
CA GLY B 103 -16.00 -23.65 -48.69
C GLY B 103 -15.47 -22.37 -48.07
N GLU B 104 -14.23 -22.02 -48.39
CA GLU B 104 -13.63 -20.81 -47.88
C GLU B 104 -14.29 -19.58 -48.51
N VAL B 105 -14.34 -18.50 -47.75
CA VAL B 105 -14.87 -17.22 -48.20
C VAL B 105 -13.71 -16.26 -48.36
N THR B 106 -13.50 -15.77 -49.58
CA THR B 106 -12.43 -14.83 -49.87
C THR B 106 -13.02 -13.45 -50.19
N ALA B 107 -12.13 -12.47 -50.34
CA ALA B 107 -12.56 -11.12 -50.63
C ALA B 107 -13.10 -11.00 -52.06
N GLY B 108 -12.93 -12.02 -52.89
CA GLY B 108 -13.50 -11.99 -54.22
C GLY B 108 -14.99 -12.27 -54.26
N ASP B 109 -15.57 -12.80 -53.18
CA ASP B 109 -17.00 -13.06 -53.13
C ASP B 109 -17.82 -11.80 -52.90
N ILE B 110 -17.18 -10.67 -52.59
CA ILE B 110 -17.90 -9.42 -52.41
C ILE B 110 -18.28 -8.86 -53.78
N VAL B 111 -19.52 -8.42 -53.92
CA VAL B 111 -20.00 -7.82 -55.16
C VAL B 111 -19.96 -6.30 -54.97
N PRO B 112 -19.00 -5.60 -55.56
CA PRO B 112 -18.92 -4.16 -55.36
C PRO B 112 -19.80 -3.41 -56.33
N PRO B 113 -20.40 -2.30 -55.91
CA PRO B 113 -21.16 -1.48 -56.85
C PRO B 113 -20.24 -0.73 -57.80
N ALA B 114 -20.79 0.11 -58.65
CA ALA B 114 -19.98 0.88 -59.59
C ALA B 114 -19.07 1.84 -58.83
N GLY B 115 -17.85 1.99 -59.31
CA GLY B 115 -16.89 2.90 -58.70
C GLY B 115 -15.94 2.25 -57.72
N VAL B 116 -16.44 1.43 -56.80
CA VAL B 116 -15.57 0.79 -55.81
C VAL B 116 -15.03 -0.51 -56.40
N THR B 117 -13.85 -0.92 -55.92
CA THR B 117 -13.21 -2.13 -56.41
C THR B 117 -12.32 -2.69 -55.31
N VAL B 118 -12.24 -4.02 -55.27
CA VAL B 118 -11.44 -4.74 -54.28
C VAL B 118 -10.16 -5.19 -54.97
N HIS B 119 -9.02 -4.86 -54.38
CA HIS B 119 -7.72 -5.07 -55.01
C HIS B 119 -7.01 -6.34 -54.55
N ASN B 120 -7.59 -7.10 -53.62
CA ASN B 120 -7.00 -8.36 -53.18
C ASN B 120 -8.10 -9.40 -53.05
N PRO B 121 -8.51 -9.99 -54.18
CA PRO B 121 -9.61 -10.99 -54.12
C PRO B 121 -9.23 -12.28 -53.42
N GLY B 122 -7.97 -12.50 -53.09
CA GLY B 122 -7.57 -13.75 -52.46
C GLY B 122 -7.50 -13.70 -50.95
N MET B 123 -7.93 -12.60 -50.34
CA MET B 123 -7.86 -12.42 -48.91
C MET B 123 -8.83 -13.38 -48.23
N HIS B 124 -8.39 -14.04 -47.17
CA HIS B 124 -9.24 -14.96 -46.42
C HIS B 124 -10.11 -14.19 -45.44
N ILE B 125 -11.38 -14.55 -45.37
CA ILE B 125 -12.34 -13.94 -44.45
C ILE B 125 -12.87 -14.95 -43.44
N ALA B 126 -13.47 -16.04 -43.91
CA ALA B 126 -13.99 -17.07 -43.02
C ALA B 126 -14.16 -18.36 -43.81
N THR B 127 -14.34 -19.46 -43.07
CA THR B 127 -14.58 -20.77 -43.66
C THR B 127 -15.90 -21.32 -43.14
N LEU B 128 -16.67 -21.89 -44.05
CA LEU B 128 -18.02 -22.38 -43.77
C LEU B 128 -18.05 -23.89 -43.89
N ASN B 129 -19.17 -24.48 -43.50
CA ASN B 129 -19.42 -25.90 -43.68
C ASN B 129 -20.86 -26.04 -44.15
N ASP B 130 -21.37 -27.28 -44.15
CA ASP B 130 -22.68 -27.53 -44.76
C ASP B 130 -23.78 -26.72 -44.09
N LYS B 131 -23.63 -26.40 -42.82
CA LYS B 131 -24.59 -25.55 -42.13
C LYS B 131 -24.29 -24.06 -42.31
N GLY B 132 -23.17 -23.72 -42.95
CA GLY B 132 -22.75 -22.32 -43.00
C GLY B 132 -23.56 -21.50 -43.98
N LYS B 133 -23.78 -20.25 -43.60
CA LYS B 133 -24.52 -19.31 -44.44
C LYS B 133 -24.17 -17.91 -43.96
N LEU B 134 -23.44 -17.15 -44.77
CA LEU B 134 -22.93 -15.85 -44.39
C LEU B 134 -23.51 -14.78 -45.30
N GLU B 135 -24.06 -13.73 -44.69
CA GLU B 135 -24.68 -12.62 -45.43
C GLU B 135 -24.34 -11.33 -44.70
N VAL B 136 -23.50 -10.49 -45.32
CA VAL B 136 -22.99 -9.29 -44.68
C VAL B 136 -22.85 -8.19 -45.73
N GLU B 137 -23.20 -6.98 -45.34
CA GLU B 137 -23.09 -5.79 -46.18
C GLU B 137 -22.13 -4.80 -45.56
N LEU B 138 -21.15 -4.36 -46.35
CA LEU B 138 -20.07 -3.51 -45.87
C LEU B 138 -20.27 -2.10 -46.39
N VAL B 139 -20.13 -1.11 -45.52
CA VAL B 139 -20.28 0.30 -45.90
C VAL B 139 -18.89 0.89 -46.14
N VAL B 140 -18.65 1.36 -47.36
CA VAL B 140 -17.36 1.91 -47.75
C VAL B 140 -17.47 3.41 -47.86
N GLU B 141 -16.40 4.11 -47.45
CA GLU B 141 -16.41 5.56 -47.34
C GLU B 141 -14.99 6.07 -47.51
N ARG B 142 -14.86 7.35 -47.83
CA ARG B 142 -13.58 7.98 -48.11
C ARG B 142 -13.16 8.91 -46.98
N GLY B 143 -11.85 9.09 -46.84
CA GLY B 143 -11.30 9.92 -45.79
C GLY B 143 -9.80 9.82 -45.78
N ARG B 144 -9.20 10.30 -44.69
CA ARG B 144 -7.77 10.20 -44.50
C ARG B 144 -7.47 9.90 -43.03
N GLY B 145 -6.28 9.34 -42.79
CA GLY B 145 -5.87 9.05 -41.44
C GLY B 145 -6.50 7.78 -40.89
N TYR B 146 -6.57 7.71 -39.57
CA TYR B 146 -7.21 6.61 -38.85
C TYR B 146 -8.32 7.18 -38.00
N VAL B 147 -9.49 6.55 -38.07
CA VAL B 147 -10.67 7.03 -37.34
C VAL B 147 -11.22 5.89 -36.51
N PRO B 148 -11.33 6.02 -35.18
CA PRO B 148 -11.88 4.94 -34.36
C PRO B 148 -13.37 4.76 -34.64
N ALA B 149 -13.89 3.60 -34.24
CA ALA B 149 -15.25 3.22 -34.58
C ALA B 149 -16.24 4.26 -34.07
N VAL B 150 -17.15 4.66 -34.94
CA VAL B 150 -18.19 5.63 -34.58
C VAL B 150 -19.25 4.93 -33.76
N GLN B 151 -19.59 5.50 -32.61
CA GLN B 151 -20.56 4.88 -31.72
C GLN B 151 -21.88 4.69 -32.44
N ASN B 152 -22.54 3.57 -32.13
CA ASN B 152 -23.82 3.28 -32.76
C ASN B 152 -24.87 4.32 -32.42
N ARG B 153 -24.77 4.95 -31.25
CA ARG B 153 -25.76 5.93 -30.85
C ARG B 153 -25.56 7.26 -31.58
N ALA B 154 -24.31 7.64 -31.85
CA ALA B 154 -24.06 8.91 -32.52
C ALA B 154 -24.83 9.00 -33.83
N SER B 155 -24.71 7.97 -34.67
CA SER B 155 -25.55 7.88 -35.84
C SER B 155 -26.88 7.21 -35.47
N GLY B 156 -27.87 7.39 -36.33
CA GLY B 156 -29.13 6.70 -36.12
C GLY B 156 -29.06 5.32 -36.74
N ALA B 157 -28.80 4.31 -35.91
CA ALA B 157 -28.57 2.96 -36.39
C ALA B 157 -29.26 1.95 -35.48
N GLU B 158 -29.61 0.80 -36.06
CA GLU B 158 -30.31 -0.23 -35.32
C GLU B 158 -29.33 -0.98 -34.41
N ILE B 159 -29.82 -2.08 -33.84
CA ILE B 159 -28.96 -2.93 -33.02
C ILE B 159 -28.02 -3.76 -33.88
N GLY B 160 -28.37 -4.01 -35.14
CA GLY B 160 -27.57 -4.87 -35.98
C GLY B 160 -26.34 -4.23 -36.59
N ARG B 161 -26.13 -2.95 -36.35
CA ARG B 161 -24.99 -2.24 -36.92
C ARG B 161 -23.74 -2.49 -36.08
N ILE B 162 -22.62 -2.74 -36.74
CA ILE B 162 -21.34 -2.98 -36.10
C ILE B 162 -20.34 -1.95 -36.62
N PRO B 163 -20.17 -0.83 -35.92
CA PRO B 163 -19.14 0.13 -36.33
C PRO B 163 -17.76 -0.48 -36.31
N VAL B 164 -16.93 -0.09 -37.27
CA VAL B 164 -15.62 -0.68 -37.51
C VAL B 164 -14.59 0.44 -37.62
N ASP B 165 -13.43 0.22 -37.02
CA ASP B 165 -12.34 1.19 -37.12
C ASP B 165 -11.90 1.33 -38.58
N SER B 166 -11.68 2.56 -39.01
CA SER B 166 -11.38 2.87 -40.41
C SER B 166 -9.94 3.38 -40.53
N ILE B 167 -9.22 2.85 -41.50
CA ILE B 167 -7.83 3.21 -41.75
C ILE B 167 -7.72 3.56 -43.23
N TYR B 168 -7.83 4.85 -43.55
CA TYR B 168 -7.80 5.32 -44.94
C TYR B 168 -6.38 5.68 -45.38
N SER B 169 -5.42 4.78 -45.24
CA SER B 169 -4.04 5.09 -45.61
C SER B 169 -3.57 4.13 -46.70
N PRO B 170 -3.28 4.61 -47.92
CA PRO B 170 -2.75 3.71 -48.94
C PRO B 170 -1.28 3.39 -48.80
N VAL B 171 -0.48 4.31 -48.29
CA VAL B 171 0.97 4.10 -48.24
C VAL B 171 1.31 3.06 -47.19
N LEU B 172 2.31 2.25 -47.50
CA LEU B 172 2.67 1.09 -46.69
C LEU B 172 4.01 1.25 -45.99
N LYS B 173 5.04 1.72 -46.70
CA LYS B 173 6.36 1.84 -46.12
C LYS B 173 7.16 2.83 -46.95
N VAL B 174 7.90 3.70 -46.26
CA VAL B 174 8.69 4.76 -46.91
C VAL B 174 10.05 4.82 -46.25
N THR B 175 11.09 5.06 -47.03
CA THR B 175 12.45 5.24 -46.53
C THR B 175 13.21 6.08 -47.52
N TYR B 176 14.41 6.50 -47.15
CA TYR B 176 15.24 7.34 -48.01
C TYR B 176 16.69 7.20 -47.59
N LYS B 177 17.58 7.60 -48.48
CA LYS B 177 19.00 7.68 -48.16
C LYS B 177 19.61 8.78 -49.01
N VAL B 178 20.64 9.42 -48.47
CA VAL B 178 21.25 10.58 -49.11
C VAL B 178 22.69 10.26 -49.42
N ASP B 179 23.12 10.66 -50.62
CA ASP B 179 24.49 10.44 -51.11
C ASP B 179 25.18 11.80 -51.17
N ALA B 180 25.84 12.17 -50.07
CA ALA B 180 26.47 13.48 -49.95
C ALA B 180 27.89 13.43 -50.54
N THR B 181 28.18 14.33 -51.47
CA THR B 181 29.49 14.42 -52.09
C THR B 181 30.21 15.64 -51.50
N ARG B 182 31.25 15.40 -50.70
CA ARG B 182 32.00 16.45 -50.03
C ARG B 182 33.43 16.45 -50.56
N VAL B 183 33.64 17.21 -51.64
CA VAL B 183 34.94 17.31 -52.28
C VAL B 183 35.82 18.31 -51.54
N GLU B 184 37.12 18.29 -51.84
CA GLU B 184 38.06 19.20 -51.18
C GLU B 184 37.92 20.63 -51.65
N GLN B 185 37.31 20.85 -52.82
CA GLN B 185 37.20 22.20 -53.38
C GLN B 185 35.91 22.90 -52.96
N ARG B 186 35.07 22.27 -52.14
CA ARG B 186 33.94 22.93 -51.50
C ARG B 186 32.80 23.24 -52.45
N THR B 187 32.68 22.46 -53.53
CA THR B 187 31.47 22.42 -54.33
C THR B 187 30.72 21.14 -54.01
N ASP B 188 29.71 21.26 -53.16
CA ASP B 188 29.05 20.12 -52.55
C ASP B 188 27.59 20.08 -52.97
N PHE B 189 26.95 18.95 -52.73
CA PHE B 189 25.53 18.78 -53.00
C PHE B 189 25.09 17.44 -52.46
N ASP B 190 23.77 17.29 -52.28
CA ASP B 190 23.20 16.03 -51.82
C ASP B 190 22.46 15.35 -52.96
N LYS B 191 21.93 14.17 -52.68
CA LYS B 191 21.19 13.39 -53.68
C LYS B 191 20.20 12.51 -52.91
N LEU B 192 18.95 12.93 -52.87
CA LEU B 192 17.92 12.22 -52.12
C LEU B 192 17.36 11.11 -53.00
N ILE B 193 17.38 9.89 -52.48
CA ILE B 193 16.78 8.73 -53.14
C ILE B 193 15.65 8.27 -52.23
N LEU B 194 14.42 8.60 -52.60
CA LEU B 194 13.25 8.32 -51.77
C LEU B 194 12.50 7.11 -52.31
N ASP B 195 12.18 6.19 -51.40
CA ASP B 195 11.55 4.93 -51.76
C ASP B 195 10.16 4.87 -51.14
N VAL B 196 9.15 4.60 -51.97
CA VAL B 196 7.74 4.62 -51.56
C VAL B 196 7.12 3.29 -51.93
N GLU B 197 6.36 2.71 -51.01
CA GLU B 197 5.68 1.44 -51.22
C GLU B 197 4.23 1.57 -50.75
N THR B 198 3.28 1.38 -51.66
CA THR B 198 1.86 1.49 -51.37
C THR B 198 1.22 0.10 -51.37
N LYS B 199 0.02 0.02 -50.81
CA LYS B 199 -0.68 -1.26 -50.71
C LYS B 199 -1.65 -1.47 -51.88
N ASN B 200 -1.15 -1.26 -53.10
CA ASN B 200 -1.86 -1.62 -54.32
C ASN B 200 -3.20 -0.90 -54.47
N SER B 201 -3.44 0.14 -53.67
CA SER B 201 -4.65 0.93 -53.83
C SER B 201 -4.40 2.09 -54.79
N ILE B 202 -3.24 2.74 -54.67
CA ILE B 202 -2.78 3.73 -55.63
C ILE B 202 -1.29 3.51 -55.88
N SER B 203 -0.81 4.04 -56.99
CA SER B 203 0.59 3.91 -57.34
C SER B 203 1.44 4.90 -56.54
N PRO B 204 2.73 4.61 -56.37
CA PRO B 204 3.58 5.55 -55.63
C PRO B 204 3.63 6.95 -56.23
N ARG B 205 3.51 7.08 -57.55
CA ARG B 205 3.44 8.40 -58.16
C ARG B 205 2.24 9.19 -57.67
N ASP B 206 1.08 8.55 -57.57
CA ASP B 206 -0.13 9.23 -57.15
C ASP B 206 -0.12 9.58 -55.67
N ALA B 207 0.68 8.88 -54.86
CA ALA B 207 0.83 9.27 -53.46
C ALA B 207 1.81 10.43 -53.32
N LEU B 208 2.92 10.38 -54.06
CA LEU B 208 3.88 11.46 -54.00
C LEU B 208 3.28 12.75 -54.53
N ALA B 209 2.42 12.66 -55.54
CA ALA B 209 1.74 13.85 -56.05
C ALA B 209 0.84 14.48 -54.98
N SER B 210 0.10 13.65 -54.25
CA SER B 210 -0.76 14.16 -53.19
C SER B 210 0.07 14.84 -52.10
N ALA B 211 1.17 14.22 -51.71
CA ALA B 211 2.04 14.83 -50.72
C ALA B 211 2.57 16.17 -51.22
N GLY B 212 2.95 16.22 -52.49
CA GLY B 212 3.42 17.46 -53.07
C GLY B 212 2.38 18.55 -53.03
N LYS B 213 1.12 18.21 -53.36
CA LYS B 213 0.05 19.21 -53.32
C LYS B 213 -0.13 19.75 -51.91
N THR B 214 -0.20 18.86 -50.93
CA THR B 214 -0.38 19.30 -49.55
C THR B 214 0.74 20.23 -49.12
N LEU B 215 1.99 19.83 -49.36
CA LEU B 215 3.11 20.64 -48.91
C LEU B 215 3.19 21.95 -49.67
N VAL B 216 2.84 21.95 -50.96
CA VAL B 216 2.84 23.19 -51.71
C VAL B 216 1.84 24.17 -51.12
N GLU B 217 0.64 23.70 -50.77
CA GLU B 217 -0.31 24.58 -50.10
C GLU B 217 0.26 25.12 -48.79
N LEU B 218 0.78 24.23 -47.94
CA LEU B 218 1.21 24.65 -46.60
C LEU B 218 2.44 25.54 -46.62
N PHE B 219 3.24 25.52 -47.68
CA PHE B 219 4.36 26.45 -47.79
C PHE B 219 4.03 27.70 -48.58
N GLY B 220 3.08 27.64 -49.51
CA GLY B 220 2.53 28.86 -50.06
C GLY B 220 1.90 29.71 -48.98
N LEU B 221 1.41 29.06 -47.92
CA LEU B 221 0.97 29.78 -46.75
C LEU B 221 2.02 30.80 -46.31
N ALA B 222 3.27 30.35 -46.20
CA ALA B 222 4.35 31.24 -45.76
C ALA B 222 4.89 32.11 -46.88
N ARG B 223 4.80 31.67 -48.14
CA ARG B 223 5.32 32.48 -49.23
C ARG B 223 4.62 33.83 -49.32
N GLU B 224 3.28 33.83 -49.28
CA GLU B 224 2.50 35.06 -49.40
C GLU B 224 2.57 35.82 -48.08
N LEU B 225 3.78 36.21 -47.73
CA LEU B 225 4.04 37.00 -46.53
C LEU B 225 3.95 38.50 -46.81
N ASN B 226 4.16 38.90 -48.07
CA ASN B 226 4.14 40.30 -48.46
C ASN B 226 2.93 40.60 -49.34
N MET C 1 -9.58 17.81 -50.56
CA MET C 1 -10.16 17.59 -49.19
C MET C 1 -9.85 18.78 -48.30
N LEU C 2 -10.88 19.52 -47.90
CA LEU C 2 -10.69 20.73 -47.12
C LEU C 2 -9.96 20.43 -45.82
N ILE C 3 -9.42 21.48 -45.22
CA ILE C 3 -8.59 21.35 -44.02
C ILE C 3 -9.40 21.56 -42.75
N SER C 4 -10.46 22.38 -42.83
CA SER C 4 -11.35 22.70 -41.72
C SER C 4 -10.99 24.07 -41.16
N GLN C 5 -9.89 24.14 -40.41
CA GLN C 5 -9.40 25.39 -39.84
C GLN C 5 -8.13 25.80 -40.57
N ARG C 6 -8.14 27.01 -41.13
CA ARG C 6 -7.00 27.49 -41.90
C ARG C 6 -5.95 28.10 -40.97
N PRO C 7 -4.67 27.75 -41.14
CA PRO C 7 -3.63 28.38 -40.32
C PRO C 7 -3.36 29.82 -40.74
N THR C 8 -2.81 30.58 -39.80
CA THR C 8 -2.47 31.97 -40.01
C THR C 8 -0.96 32.15 -39.84
N LEU C 9 -0.50 33.40 -39.90
CA LEU C 9 0.92 33.70 -39.78
C LEU C 9 1.04 35.14 -39.30
N SER C 10 1.63 35.31 -38.11
CA SER C 10 1.77 36.62 -37.49
C SER C 10 3.21 36.82 -37.05
N GLU C 11 3.65 38.08 -37.04
CA GLU C 11 5.01 38.44 -36.71
C GLU C 11 5.05 39.29 -35.44
N ASP C 12 6.12 39.12 -34.68
CA ASP C 12 6.32 39.86 -33.43
C ASP C 12 7.72 40.48 -33.48
N VAL C 13 7.81 41.69 -34.01
CA VAL C 13 9.10 42.34 -34.24
C VAL C 13 9.72 42.66 -32.88
N LEU C 14 10.90 42.10 -32.62
CA LEU C 14 11.60 42.31 -31.36
C LEU C 14 12.65 43.41 -31.49
N THR C 15 13.56 43.27 -32.45
CA THR C 15 14.59 44.24 -32.75
C THR C 15 14.43 44.67 -34.21
N ASP C 16 15.28 45.59 -34.67
CA ASP C 16 15.14 46.08 -36.03
C ASP C 16 15.34 44.96 -37.05
N ASN C 17 16.28 44.05 -36.78
CA ASN C 17 16.41 42.82 -37.56
C ASN C 17 16.46 41.65 -36.57
N ARG C 18 15.28 41.28 -36.08
CA ARG C 18 15.06 40.06 -35.31
C ARG C 18 13.55 39.93 -35.11
N SER C 19 12.98 38.78 -35.42
CA SER C 19 11.53 38.64 -35.40
C SER C 19 11.14 37.32 -34.74
N GLN C 20 9.84 37.09 -34.64
CA GLN C 20 9.31 35.86 -34.07
C GLN C 20 7.98 35.60 -34.76
N PHE C 21 7.95 34.59 -35.62
CA PHE C 21 6.77 34.26 -36.39
C PHE C 21 6.03 33.09 -35.74
N VAL C 22 4.71 33.20 -35.69
CA VAL C 22 3.86 32.16 -35.14
C VAL C 22 2.90 31.70 -36.23
N ILE C 23 2.86 30.39 -36.45
CA ILE C 23 1.92 29.78 -37.39
C ILE C 23 1.00 28.86 -36.58
N GLU C 24 -0.30 29.08 -36.69
CA GLU C 24 -1.25 28.31 -35.90
C GLU C 24 -2.63 28.44 -36.53
N PRO C 25 -3.47 27.41 -36.41
CA PRO C 25 -3.21 26.08 -35.87
C PRO C 25 -2.86 25.08 -36.97
N LEU C 26 -2.02 24.09 -36.68
CA LEU C 26 -1.60 23.10 -37.66
C LEU C 26 -2.12 21.73 -37.23
N GLU C 27 -2.37 20.87 -38.20
CA GLU C 27 -2.86 19.54 -37.84
C GLU C 27 -1.79 18.79 -37.04
N PRO C 28 -2.19 17.90 -36.14
CA PRO C 28 -1.20 17.14 -35.37
C PRO C 28 -0.58 16.04 -36.22
N GLY C 29 0.71 16.16 -36.52
CA GLY C 29 1.60 17.29 -36.32
C GLY C 29 2.29 17.73 -37.60
N PHE C 30 1.89 18.91 -38.09
CA PHE C 30 2.60 19.56 -39.18
C PHE C 30 3.61 20.59 -38.68
N GLY C 31 3.70 20.79 -37.37
CA GLY C 31 4.72 21.67 -36.83
C GLY C 31 6.12 21.14 -37.10
N TYR C 32 6.34 19.86 -36.84
CA TYR C 32 7.63 19.26 -37.12
C TYR C 32 7.84 19.01 -38.60
N THR C 33 6.77 18.81 -39.37
CA THR C 33 6.91 18.57 -40.79
C THR C 33 7.57 19.76 -41.49
N LEU C 34 7.16 20.97 -41.14
CA LEU C 34 7.62 22.16 -41.85
C LEU C 34 8.54 23.05 -41.04
N GLY C 35 8.61 22.89 -39.72
CA GLY C 35 9.53 23.71 -38.94
C GLY C 35 10.98 23.50 -39.33
N ASN C 36 11.41 22.24 -39.42
CA ASN C 36 12.81 21.97 -39.75
C ASN C 36 13.10 22.30 -41.21
N SER C 37 12.14 22.04 -42.10
CA SER C 37 12.32 22.41 -43.50
C SER C 37 12.49 23.92 -43.65
N LEU C 38 11.67 24.69 -42.95
CA LEU C 38 11.78 26.14 -43.02
C LEU C 38 13.08 26.63 -42.41
N ARG C 39 13.51 26.04 -41.29
CA ARG C 39 14.79 26.43 -40.71
C ARG C 39 15.94 26.16 -41.68
N ARG C 40 15.97 24.96 -42.29
CA ARG C 40 17.04 24.65 -43.21
C ARG C 40 17.02 25.56 -44.43
N THR C 41 15.83 25.85 -44.97
CA THR C 41 15.76 26.73 -46.12
C THR C 41 16.24 28.12 -45.78
N LEU C 42 15.85 28.65 -44.62
CA LEU C 42 16.31 29.97 -44.22
C LEU C 42 17.83 29.98 -44.08
N LEU C 43 18.41 28.92 -43.52
CA LEU C 43 19.83 28.95 -43.21
C LEU C 43 20.71 28.60 -44.41
N SER C 44 20.20 27.93 -45.43
CA SER C 44 21.07 27.38 -46.48
C SER C 44 20.47 27.52 -47.87
N SER C 45 19.58 28.49 -48.09
CA SER C 45 19.02 28.64 -49.43
C SER C 45 18.82 30.09 -49.87
N ILE C 46 19.35 31.09 -49.16
CA ILE C 46 19.20 32.49 -49.53
C ILE C 46 20.53 32.99 -50.04
N PRO C 47 20.64 33.46 -51.28
CA PRO C 47 21.93 33.93 -51.78
C PRO C 47 22.44 35.14 -51.00
N GLY C 48 23.75 35.28 -50.96
CA GLY C 48 24.39 36.41 -50.32
C GLY C 48 25.81 36.56 -50.79
N ALA C 49 26.53 37.47 -50.14
CA ALA C 49 27.93 37.74 -50.47
C ALA C 49 28.74 37.76 -49.19
N ALA C 50 30.01 37.42 -49.31
CA ALA C 50 30.91 37.37 -48.17
C ALA C 50 32.34 37.47 -48.67
N VAL C 51 33.28 37.67 -47.74
CA VAL C 51 34.69 37.75 -48.07
C VAL C 51 35.26 36.34 -48.16
N THR C 52 35.87 36.02 -49.30
CA THR C 52 36.37 34.66 -49.52
C THR C 52 37.81 34.49 -49.04
N SER C 53 38.68 35.43 -49.37
CA SER C 53 40.08 35.33 -48.98
C SER C 53 40.67 36.73 -48.95
N ILE C 54 41.83 36.84 -48.31
CA ILE C 54 42.54 38.12 -48.21
C ILE C 54 44.03 37.86 -48.26
N ARG C 55 44.77 38.87 -48.73
CA ARG C 55 46.22 38.90 -48.60
C ARG C 55 46.58 40.24 -47.99
N ILE C 56 47.48 40.21 -47.01
CA ILE C 56 47.86 41.40 -46.25
C ILE C 56 49.37 41.57 -46.38
N ASP C 57 49.79 42.76 -46.85
CA ASP C 57 51.20 42.99 -47.12
C ASP C 57 52.03 42.88 -45.85
N GLY C 58 53.20 42.27 -45.97
CA GLY C 58 54.09 42.05 -44.85
C GLY C 58 53.89 40.73 -44.12
N VAL C 59 52.87 39.96 -44.48
CA VAL C 59 52.58 38.68 -43.84
C VAL C 59 52.62 37.61 -44.92
N LEU C 60 53.77 36.94 -45.03
CA LEU C 60 53.93 35.85 -46.00
C LEU C 60 54.13 34.52 -45.28
N HIS C 61 55.13 34.47 -44.38
CA HIS C 61 55.45 33.22 -43.71
C HIS C 61 54.91 33.20 -42.28
N GLU C 62 55.20 34.25 -41.52
CA GLU C 62 54.79 34.34 -40.12
C GLU C 62 53.40 34.96 -40.06
N PHE C 63 52.47 34.25 -39.43
CA PHE C 63 51.08 34.69 -39.31
C PHE C 63 50.69 35.08 -37.90
N THR C 64 51.66 35.44 -37.05
CA THR C 64 51.33 35.78 -35.67
C THR C 64 50.88 37.25 -35.56
N THR C 65 51.68 38.17 -36.10
CA THR C 65 51.40 39.59 -35.96
C THR C 65 51.77 40.32 -37.25
N VAL C 66 51.19 41.50 -37.41
CA VAL C 66 51.45 42.35 -38.58
C VAL C 66 52.31 43.54 -38.15
N PRO C 67 53.41 43.84 -38.82
CA PRO C 67 54.21 45.00 -38.42
C PRO C 67 53.41 46.29 -38.50
N GLY C 68 53.56 47.11 -37.46
CA GLY C 68 52.94 48.42 -37.42
C GLY C 68 51.52 48.45 -36.93
N VAL C 69 50.91 47.30 -36.66
CA VAL C 69 49.50 47.25 -36.25
C VAL C 69 49.40 46.59 -34.88
N LYS C 70 48.38 46.99 -34.12
CA LYS C 70 48.22 46.54 -32.74
C LYS C 70 47.57 45.16 -32.65
N GLU C 71 46.59 44.89 -33.50
CA GLU C 71 45.89 43.61 -33.45
C GLU C 71 46.60 42.57 -34.30
N ASP C 72 46.58 41.33 -33.82
CA ASP C 72 47.28 40.23 -34.48
C ASP C 72 46.48 39.77 -35.70
N VAL C 73 47.04 38.82 -36.44
CA VAL C 73 46.47 38.43 -37.73
C VAL C 73 45.09 37.83 -37.55
N THR C 74 44.95 36.88 -36.61
CA THR C 74 43.67 36.20 -36.45
C THR C 74 42.55 37.16 -36.04
N GLU C 75 42.85 38.17 -35.22
CA GLU C 75 41.82 39.14 -34.88
C GLU C 75 41.38 39.92 -36.11
N ILE C 76 42.31 40.32 -36.98
CA ILE C 76 41.94 40.98 -38.22
C ILE C 76 41.09 40.06 -39.07
N ILE C 77 41.45 38.77 -39.13
CA ILE C 77 40.72 37.83 -39.96
C ILE C 77 39.28 37.70 -39.49
N LEU C 78 39.08 37.55 -38.18
CA LEU C 78 37.72 37.39 -37.68
C LEU C 78 37.00 38.71 -37.48
N ASN C 79 37.67 39.85 -37.68
CA ASN C 79 36.96 41.11 -37.84
C ASN C 79 36.43 41.26 -39.26
N LEU C 80 37.27 40.96 -40.26
CA LEU C 80 36.81 40.99 -41.64
C LEU C 80 35.80 39.89 -41.93
N LYS C 81 35.82 38.80 -41.17
CA LYS C 81 34.87 37.72 -41.39
C LYS C 81 33.44 38.15 -41.11
N SER C 82 33.23 39.00 -40.12
CA SER C 82 31.89 39.49 -39.77
C SER C 82 31.69 40.86 -40.42
N LEU C 83 31.65 40.86 -41.74
CA LEU C 83 31.50 42.08 -42.53
C LEU C 83 30.31 41.89 -43.46
N VAL C 84 29.33 42.79 -43.37
CA VAL C 84 28.13 42.70 -44.20
C VAL C 84 28.43 43.38 -45.53
N VAL C 85 28.30 42.63 -46.62
CA VAL C 85 28.54 43.13 -47.96
C VAL C 85 27.53 42.51 -48.91
N SER C 86 27.09 43.29 -49.88
CA SER C 86 26.16 42.84 -50.90
C SER C 86 26.75 43.10 -52.27
N SER C 87 26.75 42.08 -53.13
CA SER C 87 27.36 42.15 -54.44
C SER C 87 26.40 41.61 -55.49
N GLU C 88 26.58 42.07 -56.72
CA GLU C 88 25.79 41.62 -57.86
C GLU C 88 26.60 40.86 -58.89
N GLU C 89 27.85 41.22 -59.12
CA GLU C 89 28.69 40.50 -60.08
C GLU C 89 28.93 39.08 -59.58
N ASP C 90 28.73 38.11 -60.46
CA ASP C 90 28.92 36.71 -60.10
C ASP C 90 30.39 36.36 -59.87
N GLU C 91 31.29 36.93 -60.66
CA GLU C 91 32.69 36.58 -60.54
C GLU C 91 33.30 37.22 -59.28
N PRO C 92 34.38 36.64 -58.75
CA PRO C 92 34.99 37.23 -57.55
C PRO C 92 35.69 38.55 -57.84
N VAL C 93 35.19 39.63 -57.26
CA VAL C 93 35.78 40.94 -57.44
C VAL C 93 36.77 41.20 -56.30
N THR C 94 37.67 42.14 -56.54
CA THR C 94 38.73 42.47 -55.60
C THR C 94 38.55 43.89 -55.08
N MET C 95 38.63 44.02 -53.75
CA MET C 95 38.53 45.31 -53.08
C MET C 95 39.82 45.59 -52.34
N TYR C 96 40.15 46.86 -52.23
CA TYR C 96 41.36 47.30 -51.52
C TYR C 96 40.97 48.24 -50.38
N LEU C 97 41.47 47.95 -49.20
CA LEU C 97 41.40 48.88 -48.08
C LEU C 97 42.82 49.24 -47.68
N ARG C 98 43.08 50.55 -47.58
CA ARG C 98 44.44 51.03 -47.41
C ARG C 98 44.44 52.36 -46.67
N LYS C 99 45.30 52.50 -45.66
CA LYS C 99 45.30 53.69 -44.83
C LYS C 99 46.65 53.81 -44.13
N GLN C 100 47.25 54.99 -44.22
CA GLN C 100 48.54 55.26 -43.60
C GLN C 100 48.37 56.16 -42.39
N GLY C 101 49.39 56.19 -41.54
CA GLY C 101 49.40 57.03 -40.37
C GLY C 101 48.62 56.43 -39.22
N PRO C 102 48.93 56.84 -38.00
CA PRO C 102 48.23 56.28 -36.84
C PRO C 102 46.76 56.67 -36.84
N GLY C 103 45.94 55.77 -36.31
CA GLY C 103 44.51 55.99 -36.27
C GLY C 103 43.77 54.67 -36.15
N GLU C 104 42.45 54.76 -36.31
CA GLU C 104 41.58 53.59 -36.25
C GLU C 104 41.04 53.32 -37.65
N VAL C 105 41.30 52.11 -38.16
CA VAL C 105 40.76 51.71 -39.45
C VAL C 105 39.33 51.22 -39.25
N THR C 106 38.46 51.55 -40.20
CA THR C 106 37.04 51.26 -40.11
C THR C 106 36.55 50.70 -41.45
N ALA C 107 35.44 49.98 -41.40
CA ALA C 107 34.91 49.34 -42.60
C ALA C 107 34.60 50.34 -43.70
N GLY C 108 34.34 51.60 -43.35
CA GLY C 108 34.09 52.61 -44.36
C GLY C 108 35.32 53.07 -45.11
N ASP C 109 36.52 52.76 -44.62
CA ASP C 109 37.73 53.16 -45.32
C ASP C 109 37.96 52.32 -46.57
N ILE C 110 37.18 51.26 -46.76
CA ILE C 110 37.31 50.46 -47.96
C ILE C 110 36.70 51.20 -49.15
N VAL C 111 37.32 51.05 -50.31
CA VAL C 111 36.79 51.63 -51.55
C VAL C 111 36.21 50.49 -52.38
N PRO C 112 34.89 50.35 -52.46
CA PRO C 112 34.32 49.21 -53.17
C PRO C 112 34.21 49.49 -54.66
N PRO C 113 34.39 48.46 -55.50
CA PRO C 113 34.20 48.68 -56.94
C PRO C 113 32.73 48.81 -57.27
N ALA C 114 32.40 48.93 -58.56
CA ALA C 114 31.02 49.10 -58.97
C ALA C 114 30.24 47.82 -58.63
N GLY C 115 29.11 47.99 -57.94
CA GLY C 115 28.25 46.88 -57.61
C GLY C 115 28.30 46.46 -56.15
N VAL C 116 29.50 46.43 -55.57
CA VAL C 116 29.66 45.98 -54.19
C VAL C 116 29.34 47.13 -53.24
N THR C 117 28.70 46.81 -52.13
CA THR C 117 28.35 47.79 -51.12
C THR C 117 28.57 47.20 -49.75
N VAL C 118 28.84 48.07 -48.78
CA VAL C 118 29.08 47.69 -47.39
C VAL C 118 27.94 48.23 -46.55
N HIS C 119 27.28 47.34 -45.80
CA HIS C 119 26.09 47.71 -45.05
C HIS C 119 26.37 48.03 -43.59
N ASN C 120 27.62 48.00 -43.16
CA ASN C 120 28.00 48.48 -41.83
C ASN C 120 29.30 49.25 -41.96
N PRO C 121 29.24 50.45 -42.56
CA PRO C 121 30.49 51.21 -42.77
C PRO C 121 31.24 51.51 -41.49
N GLY C 122 30.55 51.68 -40.37
CA GLY C 122 31.22 52.00 -39.12
C GLY C 122 31.55 50.81 -38.27
N MET C 123 32.33 49.87 -38.80
CA MET C 123 32.76 48.68 -38.09
C MET C 123 34.25 48.77 -37.82
N HIS C 124 34.64 48.66 -36.56
CA HIS C 124 36.04 48.69 -36.21
C HIS C 124 36.76 47.46 -36.76
N ILE C 125 37.96 47.68 -37.31
CA ILE C 125 38.73 46.60 -37.90
C ILE C 125 40.12 46.54 -37.27
N ALA C 126 40.83 47.66 -37.27
CA ALA C 126 42.21 47.68 -36.81
C ALA C 126 42.58 49.08 -36.32
N THR C 127 43.66 49.15 -35.56
CA THR C 127 44.26 50.41 -35.12
C THR C 127 45.74 50.41 -35.49
N LEU C 128 46.23 51.58 -35.90
CA LEU C 128 47.62 51.74 -36.29
C LEU C 128 48.29 52.72 -35.35
N ASN C 129 49.62 52.62 -35.27
CA ASN C 129 50.42 53.48 -34.40
C ASN C 129 51.78 53.69 -35.03
N ASP C 130 52.45 54.78 -34.61
CA ASP C 130 53.82 55.06 -34.98
C ASP C 130 54.00 55.07 -36.51
N LYS C 131 53.19 55.87 -37.19
CA LYS C 131 53.30 56.04 -38.64
C LYS C 131 53.19 54.70 -39.36
N GLY C 132 52.35 53.81 -38.83
CA GLY C 132 52.14 52.52 -39.46
C GLY C 132 51.25 52.63 -40.68
N LYS C 133 51.32 51.59 -41.52
CA LYS C 133 50.51 51.49 -42.72
C LYS C 133 49.88 50.11 -42.81
N LEU C 134 48.65 50.06 -43.30
CA LEU C 134 47.92 48.81 -43.49
C LEU C 134 47.41 48.75 -44.92
N GLU C 135 47.66 47.62 -45.58
CA GLU C 135 47.24 47.43 -46.97
C GLU C 135 46.84 45.95 -47.11
N VAL C 136 45.53 45.69 -47.10
CA VAL C 136 44.99 44.35 -47.19
C VAL C 136 43.96 44.31 -48.32
N GLU C 137 44.07 43.28 -49.16
CA GLU C 137 43.17 43.09 -50.29
C GLU C 137 42.08 42.09 -49.92
N LEU C 138 40.86 42.39 -50.31
CA LEU C 138 39.72 41.51 -50.09
C LEU C 138 39.23 40.95 -51.41
N VAL C 139 38.82 39.68 -51.39
CA VAL C 139 38.18 39.02 -52.52
C VAL C 139 36.75 38.73 -52.08
N VAL C 140 35.77 39.24 -52.82
CA VAL C 140 34.36 39.14 -52.46
C VAL C 140 33.64 38.44 -53.60
N GLU C 141 32.92 37.36 -53.27
CA GLU C 141 32.08 36.66 -54.22
C GLU C 141 30.81 36.21 -53.51
N ARG C 142 29.79 35.90 -54.30
CA ARG C 142 28.48 35.59 -53.77
C ARG C 142 28.20 34.10 -53.87
N GLY C 143 27.65 33.56 -52.80
CA GLY C 143 27.38 32.13 -52.71
C GLY C 143 26.16 31.86 -51.87
N ARG C 144 26.14 30.72 -51.18
CA ARG C 144 24.97 30.26 -50.47
C ARG C 144 25.39 29.49 -49.23
N GLY C 145 24.64 29.69 -48.14
CA GLY C 145 24.92 28.95 -46.92
C GLY C 145 26.25 29.35 -46.30
N TYR C 146 26.91 28.37 -45.68
CA TYR C 146 28.18 28.57 -45.00
C TYR C 146 29.21 27.60 -45.56
N VAL C 147 30.30 28.13 -46.09
CA VAL C 147 31.35 27.32 -46.70
C VAL C 147 32.63 27.47 -45.88
N PRO C 148 33.21 26.39 -45.35
CA PRO C 148 34.46 26.52 -44.60
C PRO C 148 35.58 27.07 -45.49
N ALA C 149 36.72 27.34 -44.88
CA ALA C 149 37.86 27.86 -45.60
C ALA C 149 38.27 26.87 -46.69
N VAL C 150 38.43 27.36 -47.91
CA VAL C 150 38.78 26.52 -49.05
C VAL C 150 40.28 26.60 -49.26
N GLN C 151 40.97 25.46 -49.14
CA GLN C 151 42.42 25.45 -49.23
C GLN C 151 42.87 25.70 -50.67
N ASN C 152 44.11 26.14 -50.80
CA ASN C 152 44.60 26.62 -52.09
C ASN C 152 44.49 25.56 -53.16
N ARG C 153 43.80 25.90 -54.25
CA ARG C 153 43.75 25.00 -55.41
C ARG C 153 45.04 25.06 -56.20
N ALA C 154 45.68 26.23 -56.24
CA ALA C 154 46.97 26.41 -56.89
C ALA C 154 47.84 27.28 -56.00
N SER C 155 48.75 26.65 -55.25
CA SER C 155 49.58 27.39 -54.32
C SER C 155 50.47 28.39 -55.03
N GLY C 156 51.05 27.99 -56.17
CA GLY C 156 51.99 28.86 -56.85
C GLY C 156 51.35 30.16 -57.32
N ALA C 157 50.03 30.14 -57.56
CA ALA C 157 49.36 31.33 -58.05
C ALA C 157 49.49 32.49 -57.07
N GLU C 158 49.31 32.23 -55.78
CA GLU C 158 49.38 33.26 -54.76
C GLU C 158 50.07 32.68 -53.51
N ILE C 159 50.96 33.47 -52.93
CA ILE C 159 51.66 33.08 -51.70
C ILE C 159 51.09 33.86 -50.53
N GLY C 160 50.70 35.11 -50.78
CA GLY C 160 50.20 35.96 -49.71
C GLY C 160 48.73 35.72 -49.39
N ARG C 161 47.96 35.31 -50.40
CA ARG C 161 46.53 35.11 -50.22
C ARG C 161 46.29 33.98 -49.23
N ILE C 162 45.40 34.21 -48.26
CA ILE C 162 45.06 33.21 -47.26
C ILE C 162 43.53 33.09 -47.22
N PRO C 163 42.97 31.88 -47.32
CA PRO C 163 41.51 31.74 -47.33
C PRO C 163 40.91 31.90 -45.94
N VAL C 164 39.64 32.31 -45.92
CA VAL C 164 38.87 32.46 -44.70
C VAL C 164 37.50 31.81 -44.92
N ASP C 165 36.80 31.54 -43.83
CA ASP C 165 35.47 30.97 -43.91
C ASP C 165 34.50 32.03 -44.44
N SER C 166 33.50 31.57 -45.19
CA SER C 166 32.60 32.48 -45.90
C SER C 166 31.18 32.26 -45.37
N ILE C 167 30.63 33.28 -44.73
CA ILE C 167 29.24 33.25 -44.29
C ILE C 167 28.40 33.98 -45.33
N TYR C 168 27.92 33.25 -46.33
CA TYR C 168 27.10 33.83 -47.37
C TYR C 168 25.67 34.11 -46.94
N SER C 169 25.11 33.31 -46.05
CA SER C 169 23.71 33.43 -45.72
C SER C 169 23.45 34.76 -45.02
N PRO C 170 22.50 35.58 -45.49
CA PRO C 170 22.15 36.79 -44.75
C PRO C 170 21.47 36.51 -43.41
N VAL C 171 20.95 35.32 -43.21
CA VAL C 171 20.35 34.92 -41.94
C VAL C 171 21.43 34.30 -41.08
N LEU C 172 21.50 34.73 -39.82
CA LEU C 172 22.53 34.28 -38.90
C LEU C 172 22.10 33.13 -38.01
N LYS C 173 20.91 33.19 -37.43
CA LYS C 173 20.46 32.19 -36.48
C LYS C 173 18.97 31.99 -36.62
N VAL C 174 18.54 30.73 -36.54
CA VAL C 174 17.12 30.37 -36.56
C VAL C 174 16.89 29.28 -35.54
N THR C 175 15.78 29.39 -34.80
CA THR C 175 15.36 28.36 -33.86
C THR C 175 13.85 28.25 -33.94
N TYR C 176 13.32 27.09 -33.55
CA TYR C 176 11.89 26.88 -33.63
C TYR C 176 11.43 25.98 -32.49
N LYS C 177 10.15 26.11 -32.16
CA LYS C 177 9.50 25.29 -31.14
C LYS C 177 8.12 24.93 -31.63
N VAL C 178 7.58 23.86 -31.09
CA VAL C 178 6.21 23.45 -31.36
C VAL C 178 5.48 23.32 -30.03
N ASP C 179 4.21 23.74 -30.02
CA ASP C 179 3.40 23.75 -28.81
C ASP C 179 2.06 23.09 -29.13
N ALA C 180 1.09 23.26 -28.23
CA ALA C 180 -0.24 22.66 -28.36
C ALA C 180 -1.28 23.75 -28.17
N THR C 181 -2.42 23.63 -28.85
CA THR C 181 -3.47 24.63 -28.75
C THR C 181 -4.86 23.99 -28.85
N ARG C 182 -5.88 24.84 -28.68
CA ARG C 182 -7.26 24.58 -29.09
C ARG C 182 -8.18 24.19 -27.94
N VAL C 183 -9.32 24.88 -27.87
CA VAL C 183 -10.40 24.56 -26.93
C VAL C 183 -11.48 23.67 -27.53
N GLU C 184 -11.26 23.14 -28.73
CA GLU C 184 -12.33 22.59 -29.55
C GLU C 184 -12.55 21.10 -29.36
N GLN C 185 -12.30 20.59 -28.15
CA GLN C 185 -12.34 19.19 -27.79
C GLN C 185 -11.05 18.47 -28.17
N ARG C 186 -10.08 19.18 -28.74
CA ARG C 186 -8.86 18.54 -29.22
C ARG C 186 -7.64 18.81 -28.37
N THR C 187 -7.25 20.07 -28.17
CA THR C 187 -6.09 20.39 -27.36
C THR C 187 -4.86 19.65 -27.88
N ASP C 188 -4.81 19.38 -29.19
CA ASP C 188 -3.80 18.50 -29.75
C ASP C 188 -3.10 19.12 -30.94
N PHE C 189 -3.68 20.18 -31.51
CA PHE C 189 -3.11 20.83 -32.67
C PHE C 189 -1.76 21.45 -32.33
N ASP C 190 -1.05 21.98 -33.32
CA ASP C 190 0.32 22.45 -33.15
C ASP C 190 0.37 23.96 -33.31
N LYS C 191 1.45 24.55 -32.79
CA LYS C 191 1.74 25.97 -32.97
C LYS C 191 3.24 26.09 -33.18
N LEU C 192 3.65 26.48 -34.38
CA LEU C 192 5.06 26.63 -34.70
C LEU C 192 5.50 28.05 -34.43
N ILE C 193 6.63 28.20 -33.73
CA ILE C 193 7.16 29.50 -33.36
C ILE C 193 8.59 29.59 -33.87
N LEU C 194 8.81 30.42 -34.89
CA LEU C 194 10.15 30.65 -35.43
C LEU C 194 10.79 31.84 -34.74
N ASP C 195 12.11 31.90 -34.82
CA ASP C 195 12.89 32.98 -34.23
C ASP C 195 14.04 33.28 -35.19
N VAL C 196 13.82 34.21 -36.10
CA VAL C 196 14.76 34.51 -37.18
C VAL C 196 15.57 35.73 -36.82
N GLU C 197 16.90 35.60 -36.88
CA GLU C 197 17.81 36.72 -36.70
C GLU C 197 18.67 36.83 -37.94
N THR C 198 18.74 38.03 -38.52
CA THR C 198 19.42 38.27 -39.78
C THR C 198 20.54 39.29 -39.61
N LYS C 199 21.26 39.52 -40.70
CA LYS C 199 22.15 40.67 -40.79
C LYS C 199 21.30 41.90 -41.10
N ASN C 200 21.96 43.01 -41.46
CA ASN C 200 21.23 44.21 -41.85
C ASN C 200 21.16 44.38 -43.36
N SER C 201 21.58 43.36 -44.13
CA SER C 201 21.42 43.36 -45.57
C SER C 201 20.07 42.78 -46.00
N ILE C 202 19.29 42.27 -45.05
CA ILE C 202 17.96 41.75 -45.34
C ILE C 202 17.12 41.91 -44.07
N SER C 203 15.81 41.70 -44.19
CA SER C 203 14.91 41.74 -43.05
C SER C 203 14.37 40.34 -42.79
N PRO C 204 13.98 40.04 -41.54
CA PRO C 204 13.49 38.69 -41.23
C PRO C 204 12.21 38.32 -41.96
N ARG C 205 11.48 39.27 -42.53
CA ARG C 205 10.27 38.96 -43.29
C ARG C 205 10.60 38.62 -44.74
N ASP C 206 11.51 39.37 -45.37
CA ASP C 206 11.93 39.05 -46.72
C ASP C 206 12.63 37.69 -46.79
N ALA C 207 13.44 37.38 -45.79
CA ALA C 207 14.12 36.08 -45.76
C ALA C 207 13.12 34.95 -45.68
N LEU C 208 12.10 35.10 -44.84
CA LEU C 208 11.08 34.06 -44.72
C LEU C 208 10.28 33.93 -46.01
N ALA C 209 9.98 35.05 -46.67
CA ALA C 209 9.29 34.98 -47.95
C ALA C 209 10.12 34.23 -48.98
N SER C 210 11.43 34.52 -49.03
CA SER C 210 12.30 33.83 -49.98
C SER C 210 12.37 32.33 -49.69
N ALA C 211 12.46 31.97 -48.40
CA ALA C 211 12.48 30.56 -48.04
C ALA C 211 11.19 29.87 -48.45
N GLY C 212 10.05 30.54 -48.24
CA GLY C 212 8.79 29.96 -48.66
C GLY C 212 8.73 29.73 -50.15
N LYS C 213 9.22 30.71 -50.93
CA LYS C 213 9.23 30.55 -52.38
C LYS C 213 10.08 29.36 -52.81
N THR C 214 11.27 29.23 -52.20
CA THR C 214 12.15 28.13 -52.56
C THR C 214 11.51 26.78 -52.23
N LEU C 215 10.90 26.66 -51.06
CA LEU C 215 10.26 25.40 -50.70
C LEU C 215 9.08 25.11 -51.61
N VAL C 216 8.36 26.15 -52.04
CA VAL C 216 7.25 25.95 -52.97
C VAL C 216 7.75 25.35 -54.27
N GLU C 217 8.85 25.88 -54.80
CA GLU C 217 9.42 25.29 -56.02
C GLU C 217 9.84 23.84 -55.78
N LEU C 218 10.51 23.58 -54.65
CA LEU C 218 11.05 22.24 -54.41
C LEU C 218 9.93 21.21 -54.33
N PHE C 219 8.82 21.53 -53.66
CA PHE C 219 7.73 20.57 -53.57
C PHE C 219 6.81 20.62 -54.79
N GLY C 220 6.87 21.67 -55.60
CA GLY C 220 6.21 21.63 -56.88
C GLY C 220 6.90 20.67 -57.83
N LEU C 221 8.18 20.41 -57.61
CA LEU C 221 8.82 19.33 -58.35
C LEU C 221 8.08 18.00 -58.14
N ALA C 222 7.68 17.71 -56.91
CA ALA C 222 6.94 16.48 -56.63
C ALA C 222 5.48 16.60 -57.06
N ARG C 223 4.93 17.81 -57.06
CA ARG C 223 3.52 17.99 -57.41
C ARG C 223 3.25 17.65 -58.87
N GLU C 224 4.17 17.98 -59.77
CA GLU C 224 3.94 17.90 -61.21
C GLU C 224 3.91 16.49 -61.75
N LEU C 225 4.11 15.46 -60.92
CA LEU C 225 3.97 14.10 -61.38
C LEU C 225 2.55 13.85 -61.87
N ASN C 226 1.58 14.01 -60.98
CA ASN C 226 0.17 13.83 -61.29
C ASN C 226 -0.58 15.08 -60.83
N VAL C 227 -0.89 15.96 -61.79
CA VAL C 227 -1.43 17.27 -61.42
C VAL C 227 -2.83 17.16 -60.84
N GLU C 228 -3.66 16.26 -61.36
CA GLU C 228 -5.01 16.04 -60.85
C GLU C 228 -5.03 14.99 -59.75
N ALA C 229 -4.15 15.14 -58.76
CA ALA C 229 -4.07 14.23 -57.64
C ALA C 229 -4.71 14.89 -56.42
N GLU C 230 -5.48 14.10 -55.68
CA GLU C 230 -6.21 14.64 -54.54
C GLU C 230 -5.27 14.83 -53.35
N GLY C 231 -5.23 16.05 -52.82
CA GLY C 231 -4.48 16.34 -51.62
C GLY C 231 -5.29 17.15 -50.64
N ILE C 232 -4.64 17.79 -49.69
CA ILE C 232 -5.29 18.64 -48.71
C ILE C 232 -5.14 20.08 -49.19
N GLU C 233 -6.26 20.79 -49.29
CA GLU C 233 -6.27 22.18 -49.74
C GLU C 233 -6.81 23.06 -48.63
N ILE C 234 -6.10 24.16 -48.36
CA ILE C 234 -6.47 25.02 -47.24
C ILE C 234 -7.51 26.08 -47.63
N GLY C 235 -7.60 26.43 -48.91
CA GLY C 235 -8.57 27.40 -49.37
C GLY C 235 -7.96 28.78 -49.59
N PRO C 236 -8.72 29.68 -50.21
CA PRO C 236 -8.18 31.01 -50.51
C PRO C 236 -7.89 31.79 -49.23
N SER C 237 -6.89 32.67 -49.31
CA SER C 237 -6.48 33.48 -48.16
C SER C 237 -7.67 34.18 -47.52
N ASN D 24 7.05 -31.56 -26.97
CA ASN D 24 8.14 -32.51 -26.80
C ASN D 24 7.60 -33.91 -26.60
N SER D 25 6.65 -34.05 -25.67
CA SER D 25 5.97 -35.32 -25.44
C SER D 25 4.46 -35.16 -25.52
N VAL D 26 4.00 -34.16 -26.27
CA VAL D 26 2.57 -33.93 -26.50
C VAL D 26 2.33 -34.20 -27.98
N PRO D 27 1.27 -34.91 -28.36
CA PRO D 27 1.17 -35.43 -29.74
C PRO D 27 1.12 -34.36 -30.82
N GLY D 28 0.78 -33.11 -30.52
CA GLY D 28 0.68 -32.11 -31.56
C GLY D 28 1.34 -30.79 -31.21
N ALA D 29 2.32 -30.81 -30.31
CA ALA D 29 2.93 -29.57 -29.86
C ALA D 29 3.73 -28.93 -30.98
N PRO D 30 3.86 -27.60 -30.98
CA PRO D 30 4.71 -26.94 -31.98
C PRO D 30 6.18 -27.24 -31.75
N ASN D 31 6.95 -27.11 -32.83
CA ASN D 31 8.38 -27.43 -32.82
C ASN D 31 9.14 -26.21 -32.33
N ARG D 32 9.44 -26.20 -31.03
CA ARG D 32 10.20 -25.13 -30.39
C ARG D 32 11.58 -25.68 -30.03
N VAL D 33 12.60 -25.26 -30.77
CA VAL D 33 13.93 -25.82 -30.64
C VAL D 33 14.62 -25.22 -29.42
N SER D 34 15.26 -26.08 -28.64
CA SER D 34 15.82 -25.71 -27.34
C SER D 34 17.34 -25.64 -27.39
N PHE D 35 17.89 -24.76 -26.56
CA PHE D 35 19.34 -24.64 -26.39
C PHE D 35 19.88 -25.53 -25.29
N ALA D 36 19.03 -26.33 -24.65
CA ALA D 36 19.44 -27.10 -23.48
C ALA D 36 20.62 -28.00 -23.82
N LYS D 37 21.61 -28.04 -22.93
CA LYS D 37 22.73 -28.96 -23.09
C LYS D 37 22.51 -30.26 -22.33
N LEU D 38 21.82 -30.19 -21.19
CA LEU D 38 21.64 -31.36 -20.34
C LEU D 38 20.41 -32.14 -20.79
N ARG D 39 20.23 -33.34 -20.23
CA ARG D 39 19.05 -34.16 -20.48
C ARG D 39 18.42 -34.50 -19.14
N GLU D 40 17.11 -34.34 -19.04
CA GLU D 40 16.43 -34.57 -17.78
C GLU D 40 15.90 -36.00 -17.72
N PRO D 41 16.23 -36.79 -16.69
CA PRO D 41 15.69 -38.15 -16.60
C PRO D 41 14.19 -38.17 -16.30
N LEU D 42 13.74 -37.22 -15.50
CA LEU D 42 12.38 -37.23 -14.96
C LEU D 42 11.52 -36.18 -15.64
N GLU D 43 10.32 -36.58 -16.04
CA GLU D 43 9.34 -35.65 -16.59
C GLU D 43 8.66 -34.87 -15.46
N VAL D 44 8.25 -33.65 -15.79
CA VAL D 44 7.58 -32.79 -14.83
C VAL D 44 6.30 -33.49 -14.37
N PRO D 45 6.04 -33.62 -13.07
CA PRO D 45 4.83 -34.31 -12.64
C PRO D 45 3.57 -33.59 -13.09
N GLY D 46 2.41 -34.19 -12.85
CA GLY D 46 1.17 -33.45 -12.99
C GLY D 46 1.16 -32.29 -12.02
N LEU D 47 0.88 -31.10 -12.55
CA LEU D 47 1.01 -29.87 -11.80
C LEU D 47 -0.21 -29.57 -10.93
N LEU D 48 -1.24 -30.42 -10.97
CA LEU D 48 -2.41 -30.26 -10.12
C LEU D 48 -2.60 -31.53 -9.30
N ASP D 49 -1.51 -32.25 -9.06
CA ASP D 49 -1.56 -33.49 -8.31
C ASP D 49 -1.74 -33.28 -6.82
N VAL D 50 -1.26 -32.17 -6.28
CA VAL D 50 -1.42 -31.92 -4.85
C VAL D 50 -2.90 -31.94 -4.49
N GLN D 51 -3.70 -31.10 -5.15
CA GLN D 51 -5.10 -30.97 -4.83
C GLN D 51 -5.85 -32.29 -5.06
N THR D 52 -5.68 -32.86 -6.25
CA THR D 52 -6.47 -34.01 -6.64
C THR D 52 -6.10 -35.27 -5.88
N ASP D 53 -4.82 -35.46 -5.56
CA ASP D 53 -4.42 -36.60 -4.76
C ASP D 53 -4.64 -36.39 -3.27
N SER D 54 -4.88 -35.16 -2.83
CA SER D 54 -5.28 -34.94 -1.46
C SER D 54 -6.77 -35.13 -1.27
N PHE D 55 -7.60 -34.85 -2.27
CA PHE D 55 -9.03 -35.03 -2.13
C PHE D 55 -9.48 -36.48 -2.28
N GLU D 56 -8.91 -37.23 -3.21
CA GLU D 56 -9.31 -38.62 -3.39
C GLU D 56 -8.83 -39.51 -2.26
N TRP D 57 -7.89 -39.03 -1.43
CA TRP D 57 -7.64 -39.68 -0.15
C TRP D 57 -8.77 -39.41 0.82
N LEU D 58 -9.30 -38.18 0.84
CA LEU D 58 -10.39 -37.84 1.74
C LEU D 58 -11.62 -38.68 1.44
N ILE D 59 -12.02 -38.76 0.17
CA ILE D 59 -13.21 -39.55 -0.14
C ILE D 59 -12.91 -41.04 -0.25
N GLY D 60 -11.66 -41.42 -0.44
CA GLY D 60 -11.29 -42.82 -0.47
C GLY D 60 -11.49 -43.52 -1.80
N SER D 61 -11.14 -42.87 -2.90
CA SER D 61 -11.37 -43.42 -4.24
C SER D 61 -10.51 -44.66 -4.44
N PRO D 62 -10.90 -45.57 -5.34
CA PRO D 62 -10.03 -46.72 -5.64
C PRO D 62 -8.67 -46.31 -6.19
N ARG D 63 -8.59 -45.18 -6.90
CA ARG D 63 -7.32 -44.72 -7.43
C ARG D 63 -6.31 -44.49 -6.31
N TRP D 64 -6.74 -43.78 -5.26
CA TRP D 64 -5.87 -43.61 -4.11
C TRP D 64 -5.56 -44.95 -3.46
N ARG D 65 -6.53 -45.87 -3.46
CA ARG D 65 -6.29 -47.16 -2.84
C ARG D 65 -5.14 -47.89 -3.52
N GLU D 66 -5.12 -47.87 -4.85
CA GLU D 66 -4.02 -48.49 -5.61
C GLU D 66 -2.71 -47.76 -5.36
N SER D 67 -2.76 -46.42 -5.36
CA SER D 67 -1.54 -45.64 -5.15
C SER D 67 -0.94 -45.98 -3.79
N ALA D 68 -1.77 -46.09 -2.76
CA ALA D 68 -1.28 -46.44 -1.43
C ALA D 68 -0.85 -47.90 -1.37
N ALA D 69 -1.50 -48.76 -2.14
CA ALA D 69 -1.10 -50.16 -2.18
C ALA D 69 0.33 -50.31 -2.66
N GLU D 70 0.68 -49.57 -3.72
CA GLU D 70 2.06 -49.60 -4.20
C GLU D 70 2.88 -48.60 -3.38
N ARG D 71 2.81 -48.72 -2.06
CA ARG D 71 3.50 -47.80 -1.15
C ARG D 71 3.14 -48.10 0.30
N GLY D 72 1.93 -47.71 0.70
CA GLY D 72 1.51 -47.77 2.09
C GLY D 72 0.43 -48.78 2.36
N ASP D 73 0.53 -49.95 1.75
CA ASP D 73 -0.48 -51.01 1.87
C ASP D 73 -0.68 -51.49 3.30
N VAL D 74 0.17 -51.06 4.25
CA VAL D 74 0.05 -51.52 5.63
C VAL D 74 -1.27 -51.08 6.26
N ASN D 75 -1.74 -49.88 5.94
CA ASN D 75 -2.93 -49.35 6.58
C ASN D 75 -3.64 -48.34 5.70
N PRO D 76 -4.34 -48.79 4.65
CA PRO D 76 -5.09 -47.84 3.82
C PRO D 76 -6.43 -47.48 4.45
N VAL D 77 -6.59 -46.20 4.78
CA VAL D 77 -7.85 -45.67 5.28
C VAL D 77 -7.99 -44.21 4.85
N GLY D 78 -9.18 -43.83 4.41
CA GLY D 78 -9.42 -42.46 4.01
C GLY D 78 -9.68 -41.55 5.20
N GLY D 79 -9.87 -40.27 4.89
CA GLY D 79 -10.15 -39.31 5.94
C GLY D 79 -11.51 -39.53 6.59
N LEU D 80 -12.54 -39.78 5.79
CA LEU D 80 -13.86 -40.01 6.35
C LEU D 80 -13.87 -41.27 7.20
N GLU D 81 -13.23 -42.34 6.74
CA GLU D 81 -13.19 -43.56 7.52
C GLU D 81 -12.42 -43.36 8.81
N GLU D 82 -11.33 -42.59 8.79
CA GLU D 82 -10.62 -42.28 10.03
C GLU D 82 -11.52 -41.52 11.00
N VAL D 83 -12.26 -40.53 10.52
CA VAL D 83 -13.13 -39.77 11.41
C VAL D 83 -14.21 -40.67 12.00
N LEU D 84 -14.84 -41.49 11.17
CA LEU D 84 -15.90 -42.38 11.65
C LEU D 84 -15.38 -43.48 12.56
N TYR D 85 -14.11 -43.87 12.44
CA TYR D 85 -13.55 -44.87 13.35
C TYR D 85 -13.16 -44.25 14.68
N GLU D 86 -12.59 -43.04 14.67
CA GLU D 86 -12.27 -42.38 15.92
C GLU D 86 -13.53 -41.96 16.66
N LEU D 87 -14.62 -41.70 15.94
CA LEU D 87 -15.85 -41.28 16.58
C LEU D 87 -16.57 -42.45 17.24
N SER D 88 -16.79 -43.52 16.49
CA SER D 88 -17.55 -44.66 17.00
C SER D 88 -16.68 -45.49 17.94
N PRO D 89 -17.29 -46.17 18.92
CA PRO D 89 -18.72 -46.16 19.28
C PRO D 89 -19.05 -44.99 20.18
N ILE D 90 -20.33 -44.63 20.29
CA ILE D 90 -20.80 -43.60 21.19
C ILE D 90 -21.60 -44.28 22.28
N GLU D 91 -21.09 -44.23 23.50
CA GLU D 91 -21.67 -44.98 24.62
C GLU D 91 -22.05 -44.04 25.75
N ASP D 92 -23.04 -44.46 26.53
CA ASP D 92 -23.49 -43.73 27.70
C ASP D 92 -22.68 -44.19 28.91
N PHE D 93 -22.85 -43.47 30.02
CA PHE D 93 -22.05 -43.75 31.20
C PHE D 93 -22.28 -45.18 31.70
N SER D 94 -23.54 -45.62 31.74
CA SER D 94 -23.83 -46.97 32.20
C SER D 94 -23.25 -48.01 31.25
N GLY D 95 -23.14 -47.69 29.97
CA GLY D 95 -22.64 -48.62 28.99
C GLY D 95 -23.69 -49.62 28.55
N SER D 96 -24.96 -49.24 28.63
CA SER D 96 -26.06 -50.11 28.30
C SER D 96 -26.56 -49.95 26.86
N MET D 97 -25.90 -49.10 26.07
CA MET D 97 -26.27 -48.93 24.67
C MET D 97 -25.14 -48.20 23.96
N SER D 98 -25.03 -48.44 22.66
CA SER D 98 -23.96 -47.85 21.87
C SER D 98 -24.46 -47.55 20.47
N LEU D 99 -23.79 -46.61 19.81
CA LEU D 99 -24.08 -46.24 18.43
C LEU D 99 -22.76 -46.18 17.66
N SER D 100 -22.73 -46.77 16.48
CA SER D 100 -21.51 -46.88 15.68
C SER D 100 -21.79 -46.53 14.24
N PHE D 101 -20.76 -46.02 13.56
CA PHE D 101 -20.85 -45.63 12.16
C PHE D 101 -19.80 -46.39 11.35
N SER D 102 -20.09 -46.61 10.08
CA SER D 102 -19.17 -47.33 9.22
C SER D 102 -19.57 -47.16 7.76
N ASP D 103 -18.63 -47.48 6.87
CA ASP D 103 -18.88 -47.56 5.45
C ASP D 103 -19.46 -46.28 4.88
N PRO D 104 -18.68 -45.19 4.84
CA PRO D 104 -19.12 -44.02 4.08
C PRO D 104 -19.29 -44.36 2.60
N ARG D 105 -20.31 -43.79 1.99
CA ARG D 105 -20.66 -44.12 0.62
C ARG D 105 -21.21 -42.89 -0.07
N PHE D 106 -20.81 -42.68 -1.31
CA PHE D 106 -21.25 -41.54 -2.11
C PHE D 106 -22.12 -42.00 -3.27
N ASP D 107 -23.09 -41.16 -3.62
CA ASP D 107 -23.89 -41.36 -4.82
C ASP D 107 -23.28 -40.53 -5.95
N ASP D 108 -23.89 -40.59 -7.12
CA ASP D 108 -23.44 -39.78 -8.24
C ASP D 108 -23.81 -38.30 -8.00
N VAL D 109 -23.03 -37.42 -8.61
CA VAL D 109 -23.26 -35.99 -8.44
C VAL D 109 -24.65 -35.63 -8.93
N LYS D 110 -25.25 -34.63 -8.29
CA LYS D 110 -26.62 -34.25 -8.60
C LYS D 110 -26.78 -33.66 -9.99
N ALA D 111 -25.75 -33.01 -10.51
CA ALA D 111 -25.85 -32.40 -11.82
C ALA D 111 -24.44 -32.21 -12.36
N PRO D 112 -24.27 -32.05 -13.67
CA PRO D 112 -22.93 -31.82 -14.24
C PRO D 112 -22.30 -30.53 -13.74
N VAL D 113 -21.05 -30.33 -14.15
CA VAL D 113 -20.32 -29.13 -13.75
C VAL D 113 -20.94 -27.90 -14.40
N ASP D 114 -21.23 -27.98 -15.69
CA ASP D 114 -21.69 -26.80 -16.42
C ASP D 114 -23.06 -26.35 -15.93
N GLU D 115 -23.96 -27.29 -15.67
CA GLU D 115 -25.27 -26.92 -15.14
C GLU D 115 -25.13 -26.29 -13.76
N CYS D 116 -24.27 -26.85 -12.92
CA CYS D 116 -24.07 -26.29 -11.59
C CYS D 116 -23.53 -24.87 -11.65
N LYS D 117 -22.60 -24.61 -12.57
CA LYS D 117 -22.05 -23.27 -12.70
C LYS D 117 -23.07 -22.31 -13.29
N ASP D 118 -23.91 -22.78 -14.21
CA ASP D 118 -24.87 -21.90 -14.88
C ASP D 118 -26.02 -21.52 -13.94
N LYS D 119 -26.55 -22.49 -13.21
CA LYS D 119 -27.76 -22.30 -12.42
C LYS D 119 -27.50 -21.93 -10.96
N ASP D 120 -26.26 -21.56 -10.60
CA ASP D 120 -25.91 -21.23 -9.23
C ASP D 120 -26.15 -22.40 -8.27
N MET D 121 -25.82 -23.62 -8.68
CA MET D 121 -25.94 -24.78 -7.82
C MET D 121 -24.58 -25.26 -7.39
N THR D 122 -24.48 -25.71 -6.14
CA THR D 122 -23.24 -26.26 -5.63
C THR D 122 -23.00 -27.65 -6.22
N TYR D 123 -21.79 -27.89 -6.69
CA TYR D 123 -21.42 -29.19 -7.23
C TYR D 123 -21.08 -30.14 -6.07
N ALA D 124 -21.95 -31.11 -5.83
CA ALA D 124 -21.83 -31.95 -4.64
C ALA D 124 -22.47 -33.30 -4.90
N ALA D 125 -22.20 -34.24 -3.99
CA ALA D 125 -22.74 -35.58 -4.08
C ALA D 125 -23.30 -36.03 -2.73
N PRO D 126 -24.37 -36.82 -2.71
CA PRO D 126 -24.93 -37.29 -1.44
C PRO D 126 -23.97 -38.24 -0.71
N LEU D 127 -24.04 -38.22 0.62
CA LEU D 127 -23.22 -39.09 1.46
C LEU D 127 -24.10 -39.91 2.40
N PHE D 128 -23.84 -41.20 2.45
CA PHE D 128 -24.61 -42.14 3.27
C PHE D 128 -23.66 -42.92 4.14
N VAL D 129 -24.05 -43.14 5.40
CA VAL D 129 -23.29 -43.98 6.31
C VAL D 129 -24.24 -45.00 6.91
N THR D 130 -23.68 -46.09 7.42
CA THR D 130 -24.44 -47.18 8.02
C THR D 130 -24.28 -47.09 9.53
N ALA D 131 -25.30 -46.55 10.18
CA ALA D 131 -25.32 -46.43 11.64
C ALA D 131 -26.01 -47.63 12.25
N GLU D 132 -25.38 -48.22 13.26
CA GLU D 132 -25.89 -49.41 13.91
C GLU D 132 -26.03 -49.15 15.40
N PHE D 133 -27.22 -49.42 15.94
CA PHE D 133 -27.54 -49.18 17.34
C PHE D 133 -27.72 -50.51 18.05
N ILE D 134 -27.01 -50.68 19.16
CA ILE D 134 -27.00 -51.93 19.91
C ILE D 134 -27.41 -51.63 21.35
N ASN D 135 -28.33 -52.43 21.87
CA ASN D 135 -28.69 -52.35 23.29
C ASN D 135 -27.93 -53.46 24.03
N ASN D 136 -27.13 -53.07 25.01
CA ASN D 136 -26.21 -54.00 25.65
C ASN D 136 -26.87 -54.79 26.77
N ASN D 137 -28.20 -54.82 26.80
CA ASN D 137 -28.91 -55.66 27.77
C ASN D 137 -30.07 -56.42 27.12
N THR D 138 -30.26 -56.25 25.81
CA THR D 138 -31.28 -57.00 25.08
C THR D 138 -30.72 -57.55 23.78
N GLY D 139 -29.54 -57.06 23.37
CA GLY D 139 -28.92 -57.52 22.15
C GLY D 139 -29.68 -57.22 20.89
N GLU D 140 -30.66 -56.33 20.93
CA GLU D 140 -31.47 -56.00 19.76
C GLU D 140 -30.73 -54.96 18.93
N ILE D 141 -30.20 -55.38 17.79
CA ILE D 141 -29.41 -54.53 16.92
C ILE D 141 -30.32 -53.89 15.88
N LYS D 142 -30.11 -52.61 15.61
CA LYS D 142 -30.91 -51.86 14.64
C LYS D 142 -29.97 -51.07 13.74
N SER D 143 -29.86 -51.51 12.49
CA SER D 143 -29.02 -50.83 11.51
C SER D 143 -29.88 -49.98 10.57
N GLN D 144 -29.29 -48.89 10.09
CA GLN D 144 -29.97 -48.04 9.14
C GLN D 144 -28.94 -47.33 8.27
N THR D 145 -29.38 -46.93 7.08
CA THR D 145 -28.58 -46.08 6.21
C THR D 145 -28.98 -44.64 6.46
N VAL D 146 -28.04 -43.84 6.94
CA VAL D 146 -28.30 -42.49 7.41
C VAL D 146 -27.73 -41.51 6.40
N PHE D 147 -28.59 -40.64 5.89
CA PHE D 147 -28.13 -39.57 5.00
C PHE D 147 -27.37 -38.53 5.80
N MET D 148 -26.16 -38.21 5.37
CA MET D 148 -25.25 -37.34 6.10
C MET D 148 -25.05 -35.98 5.42
N GLY D 149 -25.89 -35.65 4.44
CA GLY D 149 -25.82 -34.37 3.75
C GLY D 149 -25.25 -34.52 2.36
N ASP D 150 -25.17 -33.38 1.67
CA ASP D 150 -24.54 -33.29 0.36
C ASP D 150 -23.11 -32.81 0.52
N PHE D 151 -22.18 -33.56 -0.04
CA PHE D 151 -20.77 -33.31 0.14
C PHE D 151 -20.18 -32.65 -1.10
N PRO D 152 -19.72 -31.40 -1.02
CA PRO D 152 -19.12 -30.78 -2.21
C PRO D 152 -17.96 -31.59 -2.73
N MET D 153 -17.92 -31.79 -4.05
CA MET D 153 -16.91 -32.61 -4.70
C MET D 153 -16.01 -31.75 -5.57
N MET D 154 -14.74 -32.14 -5.64
CA MET D 154 -13.75 -31.45 -6.44
C MET D 154 -13.88 -31.86 -7.90
N THR D 155 -13.76 -30.88 -8.79
CA THR D 155 -13.83 -31.15 -10.21
C THR D 155 -12.51 -31.73 -10.70
N GLU D 156 -12.41 -31.97 -11.99
CA GLU D 156 -11.18 -32.53 -12.56
C GLU D 156 -10.09 -31.49 -12.76
N LYS D 157 -10.31 -30.26 -12.30
CA LYS D 157 -9.31 -29.20 -12.42
C LYS D 157 -8.85 -28.67 -11.07
N GLY D 158 -9.19 -29.35 -9.98
CA GLY D 158 -8.74 -28.96 -8.66
C GLY D 158 -9.55 -27.87 -8.00
N THR D 159 -10.75 -27.58 -8.48
CA THR D 159 -11.58 -26.52 -7.94
C THR D 159 -12.88 -27.07 -7.37
N PHE D 160 -13.52 -26.26 -6.54
CA PHE D 160 -14.86 -26.51 -6.03
C PHE D 160 -15.80 -25.48 -6.62
N ILE D 161 -17.08 -25.85 -6.72
CA ILE D 161 -18.11 -24.98 -7.25
C ILE D 161 -19.15 -24.80 -6.15
N ILE D 162 -19.05 -23.70 -5.40
CA ILE D 162 -19.92 -23.42 -4.28
C ILE D 162 -20.80 -22.24 -4.68
N ASN D 163 -22.12 -22.47 -4.71
CA ASN D 163 -23.10 -21.43 -5.07
C ASN D 163 -22.77 -20.79 -6.42
N GLY D 164 -22.39 -21.60 -7.41
CA GLY D 164 -22.13 -21.14 -8.75
C GLY D 164 -20.72 -20.67 -9.01
N THR D 165 -20.09 -19.99 -8.06
CA THR D 165 -18.73 -19.52 -8.24
C THR D 165 -17.75 -20.67 -8.06
N GLU D 166 -16.55 -20.48 -8.59
CA GLU D 166 -15.49 -21.49 -8.56
C GLU D 166 -14.45 -21.07 -7.53
N ARG D 167 -14.15 -21.96 -6.59
CA ARG D 167 -13.29 -21.67 -5.45
C ARG D 167 -12.11 -22.62 -5.39
N VAL D 168 -11.09 -22.18 -4.65
CA VAL D 168 -9.85 -22.94 -4.47
C VAL D 168 -9.55 -22.99 -2.97
N VAL D 169 -9.25 -24.18 -2.47
CA VAL D 169 -8.76 -24.34 -1.10
C VAL D 169 -7.25 -24.37 -1.12
N VAL D 170 -6.63 -23.50 -0.33
CA VAL D 170 -5.18 -23.34 -0.32
C VAL D 170 -4.58 -24.22 0.77
N SER D 171 -3.40 -24.76 0.49
CA SER D 171 -2.68 -25.61 1.43
C SER D 171 -1.99 -24.74 2.47
N GLN D 172 -2.02 -25.16 3.72
CA GLN D 172 -1.55 -24.36 4.84
C GLN D 172 -0.25 -24.94 5.40
N LEU D 173 0.75 -24.09 5.60
CA LEU D 173 2.00 -24.46 6.24
C LEU D 173 1.85 -24.24 7.73
N VAL D 174 1.91 -25.31 8.51
CA VAL D 174 1.80 -25.23 9.97
C VAL D 174 3.03 -25.85 10.59
N ARG D 175 3.10 -25.84 11.91
CA ARG D 175 4.16 -26.51 12.65
C ARG D 175 3.68 -27.88 13.07
N SER D 176 4.48 -28.90 12.76
CA SER D 176 4.10 -30.26 13.07
C SER D 176 4.05 -30.46 14.58
N PRO D 177 3.19 -31.36 15.06
CA PRO D 177 3.18 -31.68 16.50
C PRO D 177 4.31 -32.62 16.88
N GLY D 178 4.88 -32.37 18.05
CA GLY D 178 6.01 -33.16 18.52
C GLY D 178 6.71 -32.56 19.72
N VAL D 179 7.97 -32.88 19.91
CA VAL D 179 8.78 -32.39 21.02
C VAL D 179 9.88 -31.50 20.45
N TYR D 180 9.99 -30.28 20.97
CA TYR D 180 10.94 -29.30 20.47
C TYR D 180 11.79 -28.78 21.61
N PHE D 181 13.11 -28.97 21.51
CA PHE D 181 14.06 -28.52 22.50
C PHE D 181 14.76 -27.27 21.98
N ASP D 182 14.90 -26.26 22.83
CA ASP D 182 15.59 -25.03 22.45
C ASP D 182 16.30 -24.45 23.65
N GLU D 183 17.38 -23.71 23.39
CA GLU D 183 18.17 -23.07 24.43
C GLU D 183 18.09 -21.56 24.28
N THR D 184 17.93 -20.86 25.40
CA THR D 184 17.91 -19.41 25.43
C THR D 184 18.84 -18.93 26.53
N ILE D 185 19.75 -18.03 26.17
CA ILE D 185 20.73 -17.52 27.13
C ILE D 185 20.00 -16.75 28.22
N ASP D 186 20.66 -16.53 29.35
CA ASP D 186 20.08 -15.82 30.49
C ASP D 186 20.85 -14.53 30.71
N LYS D 187 20.12 -13.43 30.88
CA LYS D 187 20.77 -12.13 31.00
C LYS D 187 21.46 -11.98 32.35
N SER D 188 20.78 -12.37 33.44
CA SER D 188 21.33 -12.14 34.77
C SER D 188 22.58 -12.96 35.00
N THR D 189 22.56 -14.23 34.60
CA THR D 189 23.65 -15.16 34.92
C THR D 189 24.49 -15.53 33.72
N ASP D 190 24.10 -15.17 32.50
CA ASP D 190 24.83 -15.54 31.29
C ASP D 190 25.02 -17.05 31.24
N LYS D 191 23.93 -17.77 31.54
CA LYS D 191 23.91 -19.22 31.53
C LYS D 191 22.97 -19.69 30.42
N THR D 192 23.28 -20.87 29.88
CA THR D 192 22.36 -21.49 28.93
C THR D 192 21.16 -22.07 29.66
N LEU D 193 19.96 -21.77 29.17
CA LEU D 193 18.71 -22.23 29.78
C LEU D 193 17.94 -23.00 28.71
N HIS D 194 17.96 -24.32 28.82
CA HIS D 194 17.26 -25.17 27.87
C HIS D 194 15.80 -25.34 28.27
N SER D 195 15.02 -25.86 27.34
CA SER D 195 13.58 -26.03 27.52
C SER D 195 13.07 -27.06 26.54
N VAL D 196 11.85 -27.53 26.77
CA VAL D 196 11.20 -28.46 25.85
C VAL D 196 9.71 -28.18 25.87
N LYS D 197 9.08 -28.23 24.69
CA LYS D 197 7.64 -28.03 24.55
C LYS D 197 7.07 -29.25 23.85
N VAL D 198 6.05 -29.87 24.46
CA VAL D 198 5.37 -31.02 23.87
C VAL D 198 4.04 -30.48 23.33
N ILE D 199 4.04 -30.08 22.07
CA ILE D 199 2.82 -29.54 21.46
C ILE D 199 2.06 -30.69 20.80
N PRO D 200 0.84 -30.99 21.26
CA PRO D 200 0.05 -32.02 20.60
C PRO D 200 -0.89 -31.42 19.57
N SER D 201 -1.55 -32.31 18.84
CA SER D 201 -2.74 -31.91 18.11
C SER D 201 -3.94 -31.95 19.05
N ARG D 202 -4.66 -30.82 19.14
CA ARG D 202 -5.85 -30.72 19.98
C ARG D 202 -5.68 -31.39 21.34
N GLY D 203 -4.72 -30.92 22.13
CA GLY D 203 -4.54 -31.44 23.47
C GLY D 203 -4.11 -30.35 24.44
N ALA D 204 -3.35 -30.73 25.46
CA ALA D 204 -2.84 -29.79 26.46
C ALA D 204 -1.33 -29.85 26.49
N TRP D 205 -0.70 -28.68 26.56
CA TRP D 205 0.75 -28.58 26.52
C TRP D 205 1.37 -28.91 27.88
N LEU D 206 2.64 -29.29 27.85
CA LEU D 206 3.42 -29.42 29.07
C LEU D 206 4.88 -29.18 28.73
N GLU D 207 5.51 -28.24 29.43
CA GLU D 207 6.87 -27.83 29.17
C GLU D 207 7.76 -28.15 30.36
N PHE D 208 8.94 -28.70 30.09
CA PHE D 208 9.97 -28.88 31.10
C PHE D 208 11.10 -27.91 30.79
N ASP D 209 11.63 -27.25 31.81
CA ASP D 209 12.67 -26.26 31.62
C ASP D 209 13.64 -26.27 32.79
N VAL D 210 14.84 -25.74 32.53
CA VAL D 210 15.85 -25.53 33.56
C VAL D 210 15.98 -24.03 33.77
N ASP D 211 15.70 -23.57 34.99
CA ASP D 211 15.69 -22.15 35.30
C ASP D 211 17.10 -21.70 35.70
N LYS D 212 17.25 -20.42 36.04
CA LYS D 212 18.56 -19.90 36.40
C LYS D 212 19.14 -20.67 37.59
N ARG D 213 18.33 -20.93 38.60
CA ARG D 213 18.68 -21.92 39.61
C ARG D 213 18.60 -23.31 39.01
N ASP D 214 19.54 -24.17 39.39
CA ASP D 214 19.66 -25.49 38.78
C ASP D 214 18.52 -26.38 39.29
N THR D 215 17.37 -26.26 38.65
CA THR D 215 16.21 -27.09 38.97
C THR D 215 15.43 -27.30 37.67
N VAL D 216 14.76 -28.45 37.59
CA VAL D 216 13.99 -28.82 36.41
C VAL D 216 12.51 -28.68 36.76
N GLY D 217 11.83 -27.75 36.11
CA GLY D 217 10.44 -27.46 36.40
C GLY D 217 9.48 -28.11 35.42
N VAL D 218 8.21 -27.79 35.59
CA VAL D 218 7.14 -28.32 34.75
C VAL D 218 6.01 -27.30 34.72
N ARG D 219 5.33 -27.17 33.59
CA ARG D 219 4.17 -26.31 33.45
C ARG D 219 3.05 -27.11 32.79
N ILE D 220 2.28 -27.84 33.60
CA ILE D 220 1.17 -28.61 33.06
C ILE D 220 0.06 -27.67 32.66
N ASP D 221 -0.44 -27.84 31.43
CA ASP D 221 -1.56 -27.06 30.93
C ASP D 221 -1.15 -25.61 30.69
N ARG D 222 -0.81 -24.88 31.76
CA ARG D 222 -0.42 -23.47 31.69
C ARG D 222 -0.44 -22.85 33.09
N LYS D 223 0.35 -23.41 34.01
CA LYS D 223 0.30 -23.01 35.41
C LYS D 223 1.71 -22.60 35.82
N ARG D 224 1.95 -22.36 37.10
CA ARG D 224 3.27 -21.98 37.60
C ARG D 224 4.19 -23.20 37.60
N ARG D 225 5.49 -22.94 37.55
CA ARG D 225 6.46 -24.04 37.53
C ARG D 225 6.32 -24.88 38.78
N GLN D 226 6.49 -26.18 38.62
CA GLN D 226 6.58 -27.12 39.72
C GLN D 226 7.77 -28.05 39.47
N PRO D 227 8.42 -28.54 40.52
CA PRO D 227 9.52 -29.49 40.30
C PRO D 227 9.08 -30.72 39.53
N VAL D 228 9.94 -31.22 38.64
CA VAL D 228 9.64 -32.44 37.90
C VAL D 228 9.41 -33.63 38.82
N THR D 229 10.02 -33.61 40.02
CA THR D 229 9.84 -34.72 40.94
C THR D 229 8.37 -34.88 41.34
N VAL D 230 7.64 -33.78 41.43
CA VAL D 230 6.22 -33.86 41.76
C VAL D 230 5.48 -34.66 40.69
N LEU D 231 5.71 -34.33 39.43
CA LEU D 231 5.06 -35.06 38.34
C LEU D 231 5.48 -36.53 38.35
N LEU D 232 6.78 -36.79 38.50
CA LEU D 232 7.25 -38.16 38.49
C LEU D 232 6.63 -38.98 39.61
N LYS D 233 6.52 -38.42 40.83
CA LYS D 233 5.87 -39.13 41.92
C LYS D 233 4.39 -39.33 41.64
N ALA D 234 3.72 -38.29 41.13
CA ALA D 234 2.31 -38.43 40.77
C ALA D 234 2.10 -39.52 39.73
N LEU D 235 3.11 -39.81 38.93
CA LEU D 235 3.04 -40.91 37.97
C LEU D 235 3.34 -42.26 38.60
N GLY D 236 3.69 -42.30 39.89
CA GLY D 236 3.95 -43.53 40.58
C GLY D 236 5.41 -43.92 40.59
N TRP D 237 6.28 -42.97 40.86
CA TRP D 237 7.73 -43.20 40.96
C TRP D 237 8.17 -42.91 42.38
N THR D 238 8.85 -43.87 42.99
CA THR D 238 9.42 -43.68 44.32
C THR D 238 10.67 -42.82 44.22
N SER D 239 11.03 -42.19 45.34
CA SER D 239 12.22 -41.34 45.37
C SER D 239 13.49 -42.17 45.15
N GLU D 240 13.36 -43.49 45.22
CA GLU D 240 14.48 -44.37 44.94
C GLU D 240 14.66 -44.61 43.45
N GLN D 241 13.56 -44.87 42.73
CA GLN D 241 13.65 -45.10 41.29
C GLN D 241 14.16 -43.85 40.56
N ILE D 242 13.69 -42.68 40.98
CA ILE D 242 14.11 -41.44 40.34
C ILE D 242 15.63 -41.29 40.43
N VAL D 243 16.19 -41.48 41.62
CA VAL D 243 17.62 -41.30 41.82
C VAL D 243 18.38 -42.49 41.28
N GLU D 244 17.66 -43.58 40.99
CA GLU D 244 18.25 -44.72 40.32
C GLU D 244 18.51 -44.46 38.84
N ARG D 245 17.50 -44.00 38.10
CA ARG D 245 17.67 -43.74 36.67
C ARG D 245 18.16 -42.32 36.40
N PHE D 246 17.61 -41.33 37.09
CA PHE D 246 18.07 -39.95 36.93
C PHE D 246 19.13 -39.62 37.96
N GLY D 247 20.16 -40.47 38.07
CA GLY D 247 21.24 -40.26 39.00
C GLY D 247 22.54 -39.77 38.38
N PHE D 248 22.53 -39.37 37.11
CA PHE D 248 23.73 -38.93 36.41
C PHE D 248 23.85 -37.41 36.35
N SER D 249 22.92 -36.68 36.95
CA SER D 249 22.88 -35.23 36.84
C SER D 249 22.78 -34.61 38.22
N GLU D 250 23.51 -33.52 38.43
CA GLU D 250 23.41 -32.79 39.69
C GLU D 250 22.08 -32.07 39.79
N ILE D 251 21.52 -31.65 38.65
CA ILE D 251 20.29 -30.85 38.66
C ILE D 251 19.13 -31.68 39.21
N MET D 252 19.00 -32.93 38.76
CA MET D 252 17.86 -33.74 39.19
C MET D 252 17.97 -34.09 40.67
N ARG D 253 19.18 -34.40 41.15
CA ARG D 253 19.35 -34.63 42.57
C ARG D 253 19.03 -33.39 43.38
N SER D 254 19.49 -32.22 42.92
CA SER D 254 19.16 -30.97 43.59
C SER D 254 17.67 -30.74 43.67
N THR D 255 16.94 -31.01 42.58
CA THR D 255 15.51 -30.85 42.56
C THR D 255 14.80 -31.84 43.49
N LEU D 256 15.25 -33.10 43.50
CA LEU D 256 14.65 -34.12 44.34
C LEU D 256 14.84 -33.79 45.82
N GLU D 257 16.05 -33.39 46.19
CA GLU D 257 16.36 -33.06 47.58
C GLU D 257 15.46 -31.93 48.09
N LYS D 258 15.35 -30.85 47.32
CA LYS D 258 14.54 -29.71 47.73
C LYS D 258 13.08 -29.89 47.33
N ASP D 259 12.70 -31.11 46.98
CA ASP D 259 11.33 -31.36 46.54
C ASP D 259 10.33 -30.99 47.62
N ASN D 260 10.58 -31.41 48.85
CA ASN D 260 9.71 -31.13 49.99
C ASN D 260 8.43 -31.96 49.93
N THR D 261 8.28 -32.76 48.87
CA THR D 261 7.10 -33.60 48.73
C THR D 261 7.47 -35.07 48.90
N VAL D 262 6.79 -35.75 49.82
CA VAL D 262 7.01 -37.16 50.07
C VAL D 262 5.67 -37.88 49.98
N GLY D 263 5.64 -39.00 49.27
CA GLY D 263 4.41 -39.74 49.07
C GLY D 263 3.73 -39.40 47.76
N THR D 264 3.25 -40.42 47.04
CA THR D 264 2.61 -40.19 45.74
C THR D 264 1.35 -39.36 45.89
N ASP D 265 0.52 -39.67 46.89
CA ASP D 265 -0.76 -38.98 47.05
C ASP D 265 -0.56 -37.49 47.27
N GLU D 266 0.47 -37.10 48.01
CA GLU D 266 0.74 -35.69 48.23
C GLU D 266 1.06 -34.99 46.91
N ALA D 267 1.83 -35.64 46.04
CA ALA D 267 2.13 -35.07 44.74
C ALA D 267 0.85 -34.91 43.92
N LEU D 268 -0.02 -35.93 43.94
CA LEU D 268 -1.29 -35.81 43.24
C LEU D 268 -2.09 -34.63 43.76
N LEU D 269 -2.12 -34.45 45.08
CA LEU D 269 -2.89 -33.35 45.67
C LEU D 269 -2.31 -32.00 45.26
N ASP D 270 -0.98 -31.88 45.24
CA ASP D 270 -0.36 -30.62 44.82
C ASP D 270 -0.69 -30.30 43.38
N ILE D 271 -0.62 -31.31 42.50
CA ILE D 271 -0.98 -31.08 41.10
C ILE D 271 -2.44 -30.67 40.99
N TYR D 272 -3.31 -31.30 41.78
CA TYR D 272 -4.72 -30.93 41.79
C TYR D 272 -4.91 -29.48 42.21
N ARG D 273 -4.18 -29.06 43.25
CA ARG D 273 -4.24 -27.66 43.67
C ARG D 273 -3.85 -26.75 42.53
N LYS D 274 -2.73 -27.04 41.86
CA LYS D 274 -2.27 -26.18 40.78
C LYS D 274 -3.28 -26.12 39.64
N LEU D 275 -3.87 -27.27 39.26
CA LEU D 275 -4.74 -27.35 38.10
C LEU D 275 -6.19 -27.01 38.38
N ARG D 276 -6.74 -27.47 39.50
CA ARG D 276 -8.15 -27.28 39.81
C ARG D 276 -8.29 -26.16 40.83
N PRO D 277 -8.79 -24.99 40.42
CA PRO D 277 -8.85 -23.86 41.36
C PRO D 277 -10.06 -23.96 42.27
N GLY D 278 -9.82 -23.79 43.57
CA GLY D 278 -10.89 -23.70 44.55
C GLY D 278 -11.80 -24.90 44.58
N GLU D 279 -11.23 -26.11 44.58
CA GLU D 279 -12.00 -27.33 44.72
C GLU D 279 -11.37 -28.22 45.78
N PRO D 280 -12.14 -29.01 46.52
CA PRO D 280 -11.57 -29.84 47.58
C PRO D 280 -10.77 -30.98 47.00
N PRO D 281 -9.46 -31.05 47.26
CA PRO D 281 -8.66 -32.14 46.71
C PRO D 281 -9.07 -33.49 47.30
N THR D 282 -8.98 -34.53 46.48
CA THR D 282 -9.28 -35.88 46.90
C THR D 282 -8.33 -36.83 46.19
N LYS D 283 -8.46 -38.12 46.46
CA LYS D 283 -7.57 -39.13 45.88
C LYS D 283 -8.06 -39.66 44.55
N GLU D 284 -9.35 -40.01 44.44
CA GLU D 284 -9.87 -40.54 43.19
C GLU D 284 -9.85 -39.48 42.09
N SER D 285 -10.28 -38.26 42.41
CA SER D 285 -10.35 -37.21 41.40
C SER D 285 -8.95 -36.87 40.89
N ALA D 286 -7.98 -36.73 41.79
CA ALA D 286 -6.61 -36.45 41.38
C ALA D 286 -6.01 -37.61 40.61
N GLN D 287 -6.30 -38.86 41.02
CA GLN D 287 -5.79 -40.01 40.29
C GLN D 287 -6.33 -40.04 38.87
N THR D 288 -7.60 -39.70 38.68
CA THR D 288 -8.24 -39.81 37.37
C THR D 288 -8.00 -38.62 36.46
N LEU D 289 -7.91 -37.39 37.00
CA LEU D 289 -7.79 -36.22 36.15
C LEU D 289 -6.44 -36.13 35.45
N LEU D 290 -5.36 -36.52 36.15
CA LEU D 290 -4.04 -36.50 35.52
C LEU D 290 -3.99 -37.46 34.34
N GLU D 291 -4.51 -38.68 34.51
CA GLU D 291 -4.57 -39.63 33.40
C GLU D 291 -5.56 -39.20 32.32
N ASN D 292 -6.59 -38.44 32.69
CA ASN D 292 -7.54 -37.95 31.70
C ASN D 292 -6.90 -36.90 30.80
N LEU D 293 -6.11 -36.00 31.39
CA LEU D 293 -5.55 -34.90 30.61
C LEU D 293 -4.63 -35.39 29.50
N PHE D 294 -3.78 -36.37 29.77
CA PHE D 294 -2.74 -36.77 28.83
C PHE D 294 -2.82 -38.21 28.36
N PHE D 295 -3.55 -39.08 29.05
CA PHE D 295 -3.52 -40.49 28.70
C PHE D 295 -4.86 -41.02 28.20
N LYS D 296 -5.97 -40.41 28.62
CA LYS D 296 -7.28 -40.76 28.06
C LYS D 296 -7.41 -40.01 26.73
N GLU D 297 -7.53 -40.77 25.64
CA GLU D 297 -7.35 -40.20 24.31
C GLU D 297 -8.53 -39.39 23.82
N LYS D 298 -9.57 -39.20 24.61
CA LYS D 298 -10.68 -38.35 24.19
C LYS D 298 -10.37 -36.86 24.34
N ARG D 299 -9.43 -36.50 25.22
CA ARG D 299 -9.07 -35.10 25.43
C ARG D 299 -7.63 -34.81 25.03
N TYR D 300 -6.98 -35.74 24.33
CA TYR D 300 -5.58 -35.55 23.96
C TYR D 300 -5.26 -36.46 22.79
N ASP D 301 -4.78 -35.88 21.69
CA ASP D 301 -4.38 -36.64 20.53
C ASP D 301 -3.06 -36.11 20.01
N LEU D 302 -2.25 -37.00 19.45
CA LEU D 302 -1.03 -36.63 18.75
C LEU D 302 -1.13 -36.80 17.25
N ALA D 303 -2.17 -37.47 16.75
CA ALA D 303 -2.29 -37.83 15.35
C ALA D 303 -1.29 -38.92 15.04
N ARG D 304 -1.08 -39.21 13.76
CA ARG D 304 -0.03 -40.14 13.36
C ARG D 304 1.30 -39.42 13.12
N VAL D 305 1.25 -38.20 12.60
CA VAL D 305 2.45 -37.40 12.42
C VAL D 305 3.11 -37.08 13.75
N GLY D 306 2.33 -36.72 14.78
CA GLY D 306 2.91 -36.40 16.07
C GLY D 306 3.54 -37.62 16.73
N ARG D 307 2.84 -38.75 16.71
CA ARG D 307 3.41 -39.98 17.25
C ARG D 307 4.69 -40.36 16.52
N TYR D 308 4.68 -40.26 15.19
CA TYR D 308 5.85 -40.58 14.40
C TYR D 308 7.02 -39.66 14.77
N LYS D 309 6.75 -38.37 14.92
CA LYS D 309 7.81 -37.43 15.24
C LYS D 309 8.37 -37.67 16.63
N VAL D 310 7.51 -37.96 17.61
CA VAL D 310 7.99 -38.23 18.95
C VAL D 310 8.84 -39.50 18.97
N ASN D 311 8.35 -40.57 18.33
CA ASN D 311 9.13 -41.80 18.27
C ASN D 311 10.47 -41.60 17.58
N LYS D 312 10.51 -40.84 16.49
CA LYS D 312 11.76 -40.59 15.80
C LYS D 312 12.72 -39.74 16.62
N LYS D 313 12.24 -38.68 17.26
CA LYS D 313 13.13 -37.83 18.04
C LYS D 313 13.70 -38.57 19.24
N LEU D 314 12.88 -39.38 19.92
CA LEU D 314 13.35 -40.12 21.08
C LEU D 314 13.76 -41.55 20.75
N GLY D 315 13.41 -42.06 19.58
CA GLY D 315 13.81 -43.40 19.18
C GLY D 315 13.20 -44.51 20.01
N LEU D 316 11.91 -44.41 20.32
CA LEU D 316 11.27 -45.39 21.19
C LEU D 316 10.82 -46.64 20.44
N HIS D 317 9.87 -46.49 19.51
CA HIS D 317 9.31 -47.62 18.79
C HIS D 317 9.64 -47.50 17.31
N VAL D 318 10.81 -48.02 16.94
CA VAL D 318 11.22 -47.98 15.54
C VAL D 318 10.47 -49.03 14.73
N GLY D 319 10.10 -50.14 15.38
CA GLY D 319 9.51 -51.26 14.64
C GLY D 319 7.99 -51.23 14.60
N GLU D 320 7.36 -51.03 15.76
CA GLU D 320 5.91 -51.19 15.83
C GLU D 320 5.21 -50.14 14.95
N PRO D 321 4.13 -50.52 14.27
CA PRO D 321 3.37 -49.52 13.50
C PRO D 321 2.66 -48.55 14.41
N ILE D 322 2.32 -47.39 13.85
CA ILE D 322 1.72 -46.31 14.63
C ILE D 322 0.23 -46.53 14.76
N THR D 323 -0.19 -47.14 15.87
CA THR D 323 -1.59 -47.23 16.25
C THR D 323 -1.70 -46.89 17.73
N SER D 324 -2.38 -45.78 18.02
CA SER D 324 -2.41 -45.11 19.32
C SER D 324 -1.87 -43.70 19.14
N SER D 325 -2.50 -42.72 19.79
CA SER D 325 -2.13 -41.32 19.60
C SER D 325 -2.09 -40.56 20.91
N THR D 326 -1.99 -41.29 22.03
CA THR D 326 -1.88 -40.66 23.34
C THR D 326 -0.44 -40.75 23.84
N LEU D 327 -0.13 -39.98 24.88
CA LEU D 327 1.18 -40.02 25.49
C LEU D 327 1.35 -41.30 26.31
N THR D 328 2.56 -41.50 26.84
CA THR D 328 2.84 -42.62 27.72
C THR D 328 3.95 -42.20 28.67
N GLU D 329 4.01 -42.89 29.82
CA GLU D 329 5.03 -42.56 30.82
C GLU D 329 6.43 -42.69 30.23
N GLU D 330 6.63 -43.66 29.34
CA GLU D 330 7.93 -43.80 28.70
C GLU D 330 8.32 -42.55 27.96
N ASP D 331 7.38 -41.95 27.22
CA ASP D 331 7.68 -40.73 26.47
C ASP D 331 8.04 -39.59 27.40
N VAL D 332 7.31 -39.42 28.50
CA VAL D 332 7.58 -38.31 29.41
C VAL D 332 8.93 -38.47 30.07
N VAL D 333 9.23 -39.67 30.58
CA VAL D 333 10.53 -39.87 31.22
C VAL D 333 11.65 -39.70 30.21
N ALA D 334 11.47 -40.18 28.98
CA ALA D 334 12.49 -40.01 27.95
C ALA D 334 12.68 -38.53 27.63
N THR D 335 11.60 -37.75 27.58
CA THR D 335 11.74 -36.32 27.32
C THR D 335 12.52 -35.63 28.43
N ILE D 336 12.22 -35.97 29.68
CA ILE D 336 12.94 -35.35 30.79
C ILE D 336 14.42 -35.73 30.75
N GLU D 337 14.71 -37.01 30.48
CA GLU D 337 16.10 -37.45 30.41
C GLU D 337 16.82 -36.76 29.26
N TYR D 338 16.17 -36.64 28.11
CA TYR D 338 16.76 -35.95 26.97
C TYR D 338 17.07 -34.50 27.32
N LEU D 339 16.14 -33.82 28.00
CA LEU D 339 16.36 -32.43 28.36
C LEU D 339 17.54 -32.29 29.32
N VAL D 340 17.59 -33.12 30.36
CA VAL D 340 18.68 -32.97 31.33
C VAL D 340 20.02 -33.33 30.70
N ARG D 341 20.05 -34.33 29.81
CA ARG D 341 21.32 -34.68 29.16
C ARG D 341 21.73 -33.62 28.15
N LEU D 342 20.78 -33.00 27.45
CA LEU D 342 21.11 -31.87 26.58
C LEU D 342 21.71 -30.73 27.38
N HIS D 343 21.14 -30.43 28.54
CA HIS D 343 21.73 -29.41 29.40
C HIS D 343 23.11 -29.84 29.89
N GLU D 344 23.30 -31.13 30.17
CA GLU D 344 24.58 -31.63 30.62
C GLU D 344 25.67 -31.46 29.57
N GLY D 345 25.30 -31.28 28.31
CA GLY D 345 26.27 -31.14 27.25
C GLY D 345 26.61 -32.43 26.54
N GLN D 346 25.71 -33.41 26.58
CA GLN D 346 25.94 -34.71 25.96
C GLN D 346 25.82 -34.61 24.45
N THR D 347 26.31 -35.65 23.78
CA THR D 347 26.26 -35.74 22.32
C THR D 347 25.13 -36.66 21.84
N THR D 348 25.06 -37.87 22.38
CA THR D 348 24.04 -38.83 22.01
C THR D 348 23.46 -39.46 23.28
N MET D 349 22.29 -40.07 23.13
CA MET D 349 21.58 -40.66 24.25
C MET D 349 20.89 -41.93 23.77
N THR D 350 20.97 -42.98 24.57
CA THR D 350 20.23 -44.21 24.32
C THR D 350 19.19 -44.40 25.42
N VAL D 351 17.98 -44.74 25.01
CA VAL D 351 16.88 -44.97 25.94
C VAL D 351 16.66 -46.47 26.05
N PRO D 352 16.42 -47.02 27.24
CA PRO D 352 16.24 -48.48 27.34
C PRO D 352 15.10 -48.96 26.47
N GLY D 353 15.38 -49.96 25.64
CA GLY D 353 14.41 -50.48 24.70
C GLY D 353 14.34 -49.75 23.38
N GLY D 354 15.22 -48.78 23.14
CA GLY D 354 15.18 -48.03 21.90
C GLY D 354 16.58 -47.65 21.45
N VAL D 355 16.74 -47.50 20.14
CA VAL D 355 18.02 -47.14 19.57
C VAL D 355 18.41 -45.75 20.02
N GLU D 356 19.72 -45.48 20.01
CA GLU D 356 20.20 -44.17 20.45
C GLU D 356 19.91 -43.11 19.39
N VAL D 357 19.86 -41.86 19.85
CA VAL D 357 19.58 -40.73 18.97
C VAL D 357 20.49 -39.58 19.36
N PRO D 358 20.79 -38.68 18.41
CA PRO D 358 21.60 -37.50 18.75
C PRO D 358 20.82 -36.54 19.64
N VAL D 359 21.53 -35.93 20.59
CA VAL D 359 20.94 -34.97 21.51
C VAL D 359 21.24 -33.56 20.99
N GLU D 360 20.23 -32.90 20.47
CA GLU D 360 20.40 -31.58 19.85
C GLU D 360 19.11 -30.80 19.97
N THR D 361 19.22 -29.49 19.81
CA THR D 361 18.05 -28.61 19.83
C THR D 361 17.43 -28.59 18.44
N ASP D 362 16.24 -28.01 18.33
CA ASP D 362 15.45 -28.05 17.12
C ASP D 362 15.36 -26.68 16.48
N ASP D 363 15.21 -26.67 15.16
CA ASP D 363 14.89 -25.49 14.39
C ASP D 363 13.45 -25.63 13.92
N ILE D 364 12.61 -24.67 14.28
CA ILE D 364 11.16 -24.80 14.08
C ILE D 364 10.76 -24.31 12.70
N ASP D 365 11.71 -23.72 11.95
CA ASP D 365 11.46 -23.28 10.59
C ASP D 365 12.02 -24.26 9.57
N HIS D 366 12.51 -25.41 10.04
CA HIS D 366 13.02 -26.45 9.17
C HIS D 366 11.86 -27.15 8.49
N PHE D 367 11.99 -27.38 7.19
CA PHE D 367 10.93 -28.06 6.46
C PHE D 367 10.79 -29.51 6.85
N GLY D 368 11.63 -30.01 7.75
CA GLY D 368 11.35 -31.27 8.42
C GLY D 368 10.43 -31.13 9.62
N ASN D 369 10.20 -29.90 10.08
CA ASN D 369 9.30 -29.62 11.19
C ASN D 369 8.03 -28.92 10.77
N ARG D 370 8.00 -28.30 9.60
CA ARG D 370 6.80 -27.70 9.05
C ARG D 370 6.16 -28.68 8.08
N ARG D 371 4.90 -29.03 8.32
CA ARG D 371 4.16 -29.91 7.44
C ARG D 371 3.07 -29.11 6.72
N LEU D 372 2.41 -29.78 5.78
CA LEU D 372 1.42 -29.15 4.93
C LEU D 372 0.05 -29.76 5.22
N ARG D 373 -0.90 -28.90 5.58
CA ARG D 373 -2.29 -29.29 5.70
C ARG D 373 -2.97 -29.05 4.35
N THR D 374 -3.14 -30.11 3.58
CA THR D 374 -3.63 -29.99 2.21
C THR D 374 -5.16 -29.87 2.23
N VAL D 375 -5.77 -29.81 1.05
CA VAL D 375 -7.21 -29.61 0.96
C VAL D 375 -8.02 -30.71 1.60
N GLY D 376 -7.45 -31.91 1.75
CA GLY D 376 -8.19 -33.00 2.37
C GLY D 376 -8.15 -32.93 3.89
N GLU D 377 -6.98 -32.55 4.42
CA GLU D 377 -6.82 -32.45 5.87
C GLU D 377 -7.74 -31.39 6.46
N LEU D 378 -7.88 -30.25 5.78
CA LEU D 378 -8.72 -29.17 6.30
C LEU D 378 -10.18 -29.59 6.35
N ILE D 379 -10.67 -30.19 5.27
CA ILE D 379 -12.05 -30.66 5.25
C ILE D 379 -12.25 -31.76 6.28
N GLN D 380 -11.24 -32.62 6.49
CA GLN D 380 -11.36 -33.64 7.53
C GLN D 380 -11.50 -33.00 8.90
N ASN D 381 -10.72 -31.95 9.18
CA ASN D 381 -10.84 -31.28 10.47
C ASN D 381 -12.23 -30.68 10.67
N GLN D 382 -12.78 -30.06 9.62
CA GLN D 382 -14.12 -29.50 9.75
C GLN D 382 -15.18 -30.58 9.96
N ILE D 383 -15.10 -31.68 9.22
CA ILE D 383 -16.01 -32.80 9.45
C ILE D 383 -15.85 -33.31 10.87
N ARG D 384 -14.63 -33.27 11.39
CA ARG D 384 -14.38 -33.77 12.75
C ARG D 384 -15.09 -32.92 13.79
N VAL D 385 -15.02 -31.59 13.68
CA VAL D 385 -15.72 -30.76 14.67
C VAL D 385 -17.22 -30.91 14.52
N GLY D 386 -17.71 -30.98 13.27
CA GLY D 386 -19.13 -31.24 13.08
C GLY D 386 -19.58 -32.53 13.73
N MET D 387 -18.79 -33.60 13.57
CA MET D 387 -19.15 -34.88 14.17
C MET D 387 -19.05 -34.83 15.69
N SER D 388 -18.11 -34.05 16.23
CA SER D 388 -18.05 -33.89 17.68
C SER D 388 -19.33 -33.27 18.22
N ARG D 389 -19.81 -32.20 17.55
CA ARG D 389 -21.07 -31.60 17.96
C ARG D 389 -22.22 -32.58 17.84
N MET D 390 -22.25 -33.33 16.74
CA MET D 390 -23.33 -34.31 16.53
C MET D 390 -23.32 -35.38 17.61
N GLU D 391 -22.14 -35.86 18.00
CA GLU D 391 -22.08 -36.90 19.03
C GLU D 391 -22.44 -36.34 20.40
N ARG D 392 -22.09 -35.09 20.67
CA ARG D 392 -22.58 -34.45 21.89
C ARG D 392 -24.11 -34.49 21.93
N VAL D 393 -24.75 -34.08 20.84
CA VAL D 393 -26.20 -34.12 20.78
C VAL D 393 -26.71 -35.54 20.94
N VAL D 394 -26.06 -36.50 20.27
CA VAL D 394 -26.52 -37.89 20.30
C VAL D 394 -26.49 -38.45 21.71
N ARG D 395 -25.40 -38.25 22.44
CA ARG D 395 -25.29 -38.83 23.76
C ARG D 395 -26.06 -38.04 24.81
N GLU D 396 -26.40 -36.78 24.54
CA GLU D 396 -27.35 -36.09 25.42
C GLU D 396 -28.78 -36.57 25.16
N ARG D 397 -29.10 -36.89 23.92
CA ARG D 397 -30.42 -37.34 23.51
C ARG D 397 -30.64 -38.82 23.82
N MET D 398 -29.58 -39.57 24.09
CA MET D 398 -29.70 -40.99 24.44
C MET D 398 -30.22 -41.20 25.85
N THR D 399 -30.24 -40.15 26.67
CA THR D 399 -30.66 -40.25 28.06
C THR D 399 -32.03 -39.61 28.31
N THR D 400 -32.57 -38.88 27.33
CA THR D 400 -33.86 -38.23 27.47
C THR D 400 -34.91 -38.85 26.56
N GLN D 401 -34.64 -40.04 26.03
CA GLN D 401 -35.62 -40.83 25.31
C GLN D 401 -35.72 -42.21 25.93
N ASP D 402 -36.95 -42.69 26.08
CA ASP D 402 -37.18 -44.01 26.63
C ASP D 402 -36.64 -45.10 25.70
N VAL D 403 -36.05 -46.12 26.29
CA VAL D 403 -35.49 -47.21 25.49
C VAL D 403 -36.61 -47.95 24.75
N GLU D 404 -36.22 -48.69 23.72
CA GLU D 404 -37.02 -49.50 22.80
C GLU D 404 -37.90 -48.63 21.90
N ALA D 405 -37.91 -47.31 22.08
CA ALA D 405 -38.40 -46.38 21.07
C ALA D 405 -37.26 -45.75 20.29
N ILE D 406 -36.02 -45.92 20.76
CA ILE D 406 -34.88 -45.33 20.09
C ILE D 406 -34.55 -46.13 18.84
N THR D 407 -34.37 -45.41 17.74
CA THR D 407 -33.88 -45.95 16.48
C THR D 407 -32.71 -45.07 16.04
N PRO D 408 -31.72 -45.62 15.34
CA PRO D 408 -30.55 -44.81 14.97
C PRO D 408 -30.90 -43.52 14.26
N GLN D 409 -32.09 -43.40 13.68
CA GLN D 409 -32.51 -42.18 12.99
C GLN D 409 -33.00 -41.09 13.94
N THR D 410 -33.37 -41.45 15.17
CA THR D 410 -33.88 -40.49 16.15
C THR D 410 -32.80 -39.95 17.07
N LEU D 411 -31.59 -40.49 16.99
CA LEU D 411 -30.45 -39.98 17.75
C LEU D 411 -29.60 -39.01 16.93
N ILE D 412 -29.50 -39.24 15.62
CA ILE D 412 -28.61 -38.47 14.76
C ILE D 412 -29.28 -37.14 14.44
N ASN D 413 -28.52 -36.05 14.57
CA ASN D 413 -28.93 -34.72 14.12
C ASN D 413 -27.87 -34.23 13.14
N ILE D 414 -28.18 -34.29 11.85
CA ILE D 414 -27.20 -34.01 10.81
C ILE D 414 -26.93 -32.52 10.60
N ARG D 415 -27.76 -31.64 11.16
CA ARG D 415 -27.62 -30.21 10.87
C ARG D 415 -26.27 -29.62 11.23
N PRO D 416 -25.68 -29.90 12.40
CA PRO D 416 -24.35 -29.32 12.68
C PRO D 416 -23.29 -29.74 11.67
N VAL D 417 -23.37 -30.97 11.16
CA VAL D 417 -22.37 -31.44 10.20
C VAL D 417 -22.44 -30.63 8.93
N VAL D 418 -23.65 -30.45 8.37
CA VAL D 418 -23.76 -29.69 7.13
C VAL D 418 -23.48 -28.22 7.38
N ALA D 419 -23.75 -27.73 8.59
CA ALA D 419 -23.41 -26.36 8.92
C ALA D 419 -21.90 -26.13 8.90
N ALA D 420 -21.13 -27.09 9.42
CA ALA D 420 -19.67 -26.93 9.44
C ALA D 420 -19.11 -26.83 8.03
N ILE D 421 -19.63 -27.64 7.11
CA ILE D 421 -19.14 -27.63 5.73
C ILE D 421 -19.44 -26.30 5.07
N LYS D 422 -20.66 -25.78 5.27
CA LYS D 422 -21.01 -24.48 4.71
C LYS D 422 -20.10 -23.39 5.27
N GLU D 423 -19.86 -23.42 6.59
CA GLU D 423 -18.99 -22.44 7.19
C GLU D 423 -17.59 -22.50 6.58
N PHE D 424 -17.09 -23.71 6.35
CA PHE D 424 -15.75 -23.85 5.78
C PHE D 424 -15.70 -23.30 4.36
N PHE D 425 -16.65 -23.71 3.52
CA PHE D 425 -16.57 -23.39 2.10
C PHE D 425 -17.06 -21.99 1.79
N GLY D 426 -17.62 -21.30 2.78
CA GLY D 426 -18.06 -19.94 2.55
C GLY D 426 -17.24 -18.91 3.30
N THR D 427 -16.82 -19.26 4.51
CA THR D 427 -16.13 -18.33 5.39
C THR D 427 -14.82 -18.95 5.86
N SER D 428 -13.71 -18.52 5.26
CA SER D 428 -12.39 -19.01 5.63
C SER D 428 -11.33 -18.22 4.89
N GLN D 429 -10.11 -18.19 5.41
CA GLN D 429 -8.99 -17.54 4.75
C GLN D 429 -8.25 -18.50 3.82
N LEU D 430 -8.61 -19.78 3.83
CA LEU D 430 -8.05 -20.77 2.91
C LEU D 430 -8.99 -21.14 1.77
N SER D 431 -10.29 -20.92 1.93
CA SER D 431 -11.26 -21.13 0.85
C SER D 431 -11.52 -19.78 0.19
N GLN D 432 -10.96 -19.59 -1.00
CA GLN D 432 -10.94 -18.31 -1.67
C GLN D 432 -11.55 -18.44 -3.07
N PHE D 433 -11.93 -17.32 -3.64
CA PHE D 433 -12.38 -17.28 -5.02
C PHE D 433 -11.21 -17.60 -5.94
N MET D 434 -11.43 -18.50 -6.89
CA MET D 434 -10.36 -18.86 -7.81
C MET D 434 -9.89 -17.62 -8.55
N ASP D 435 -8.57 -17.53 -8.72
CA ASP D 435 -7.96 -16.42 -9.44
C ASP D 435 -8.01 -16.73 -10.93
N GLN D 436 -8.74 -15.91 -11.68
CA GLN D 436 -9.02 -16.16 -13.09
C GLN D 436 -8.71 -14.93 -13.92
N ASN D 437 -7.64 -14.21 -13.55
CA ASN D 437 -7.17 -13.13 -14.40
C ASN D 437 -6.69 -13.67 -15.74
N ASN D 438 -5.92 -14.75 -15.73
CA ASN D 438 -5.53 -15.47 -16.93
C ASN D 438 -5.21 -16.90 -16.51
N PRO D 439 -4.98 -17.80 -17.46
CA PRO D 439 -4.81 -19.21 -17.08
C PRO D 439 -3.69 -19.47 -16.10
N LEU D 440 -2.61 -18.71 -16.17
CA LEU D 440 -1.49 -18.92 -15.25
C LEU D 440 -1.85 -18.56 -13.82
N SER D 441 -2.74 -17.59 -13.64
CA SER D 441 -3.15 -17.16 -12.30
C SER D 441 -3.79 -18.29 -11.52
N GLY D 442 -4.69 -19.05 -12.16
CA GLY D 442 -5.35 -20.14 -11.47
C GLY D 442 -4.42 -21.28 -11.12
N LEU D 443 -3.53 -21.65 -12.05
CA LEU D 443 -2.54 -22.67 -11.75
C LEU D 443 -1.63 -22.24 -10.60
N THR D 444 -1.23 -20.97 -10.58
CA THR D 444 -0.43 -20.49 -9.47
C THR D 444 -1.23 -20.50 -8.17
N HIS D 445 -2.53 -20.23 -8.24
CA HIS D 445 -3.37 -20.23 -7.05
C HIS D 445 -3.53 -21.62 -6.47
N LYS D 446 -3.59 -22.65 -7.31
CA LYS D 446 -3.79 -24.00 -6.83
C LYS D 446 -2.53 -24.64 -6.26
N ARG D 447 -1.36 -24.04 -6.48
CA ARG D 447 -0.09 -24.62 -6.01
C ARG D 447 0.53 -23.74 -4.93
N ARG D 448 -0.31 -23.08 -4.14
CA ARG D 448 0.13 -22.07 -3.19
C ARG D 448 0.16 -22.65 -1.78
N LEU D 449 1.16 -22.23 -1.02
CA LEU D 449 1.32 -22.64 0.39
C LEU D 449 1.31 -21.39 1.24
N SER D 450 0.23 -21.15 1.97
CA SER D 450 0.08 -19.95 2.78
C SER D 450 0.25 -20.31 4.26
N ALA D 451 1.12 -19.58 4.94
CA ALA D 451 1.38 -19.81 6.36
C ALA D 451 0.36 -19.13 7.26
N LEU D 452 -0.61 -18.42 6.71
CA LEU D 452 -1.60 -17.67 7.49
C LEU D 452 -2.97 -18.31 7.29
N GLY D 453 -3.67 -18.53 8.39
CA GLY D 453 -4.99 -19.12 8.37
C GLY D 453 -5.44 -19.39 9.79
N PRO D 454 -6.58 -20.07 9.95
CA PRO D 454 -6.99 -20.49 11.29
C PRO D 454 -6.13 -21.64 11.79
N GLY D 455 -5.27 -21.35 12.76
CA GLY D 455 -4.26 -22.30 13.20
C GLY D 455 -2.86 -21.96 12.74
N GLY D 456 -2.65 -20.82 12.08
CA GLY D 456 -1.34 -20.40 11.64
C GLY D 456 -1.09 -18.96 12.04
N LEU D 457 0.15 -18.52 11.82
CA LEU D 457 0.57 -17.20 12.28
C LEU D 457 -0.19 -16.10 11.56
N SER D 458 0.04 -14.85 11.96
CA SER D 458 -0.76 -13.71 11.50
C SER D 458 0.14 -12.70 10.81
N ARG D 459 -0.43 -11.99 9.83
CA ARG D 459 0.33 -11.04 9.04
C ARG D 459 0.88 -9.90 9.87
N GLU D 460 0.14 -9.45 10.89
CA GLU D 460 0.57 -8.34 11.72
C GLU D 460 1.45 -8.79 12.87
N ARG D 461 1.58 -10.10 13.09
CA ARG D 461 2.30 -10.66 14.22
C ARG D 461 3.37 -11.64 13.76
N ALA D 462 3.88 -11.47 12.56
CA ALA D 462 4.93 -12.31 12.02
C ALA D 462 6.23 -11.54 11.98
N GLY D 463 7.29 -12.15 12.51
CA GLY D 463 8.58 -11.49 12.58
C GLY D 463 9.29 -11.50 11.25
N LEU D 464 10.63 -11.50 11.30
CA LEU D 464 11.45 -11.58 10.10
C LEU D 464 12.17 -12.91 9.98
N GLU D 465 12.17 -13.74 11.03
CA GLU D 465 12.80 -15.05 10.98
C GLU D 465 11.93 -16.10 10.31
N VAL D 466 10.61 -15.88 10.23
CA VAL D 466 9.71 -16.80 9.54
C VAL D 466 9.51 -16.41 8.08
N ARG D 467 9.89 -15.19 7.71
CA ARG D 467 9.78 -14.72 6.33
C ARG D 467 11.02 -15.02 5.52
N ASP D 468 12.04 -15.63 6.11
CA ASP D 468 13.30 -15.89 5.43
C ASP D 468 13.20 -17.16 4.59
N VAL D 469 14.23 -17.39 3.79
CA VAL D 469 14.33 -18.57 2.93
C VAL D 469 15.37 -19.48 3.57
N HIS D 470 14.89 -20.44 4.36
CA HIS D 470 15.73 -21.43 4.98
C HIS D 470 16.38 -22.32 3.91
N PRO D 471 17.60 -22.79 4.13
CA PRO D 471 18.24 -23.68 3.15
C PRO D 471 17.55 -25.02 2.96
N SER D 472 16.53 -25.36 3.75
CA SER D 472 15.78 -26.59 3.55
C SER D 472 14.66 -26.43 2.53
N HIS D 473 14.46 -25.23 2.01
CA HIS D 473 13.46 -24.99 0.99
C HIS D 473 13.89 -25.45 -0.39
N TYR D 474 15.15 -25.84 -0.57
CA TYR D 474 15.68 -26.13 -1.90
C TYR D 474 14.92 -27.31 -2.49
N GLY D 475 14.22 -27.07 -3.59
CA GLY D 475 13.45 -28.09 -4.25
C GLY D 475 12.03 -28.24 -3.76
N ARG D 476 11.65 -27.53 -2.70
CA ARG D 476 10.37 -27.72 -2.05
C ARG D 476 9.49 -26.49 -2.04
N MET D 477 10.05 -25.29 -1.90
CA MET D 477 9.28 -24.07 -2.02
C MET D 477 10.14 -23.05 -2.75
N CYS D 478 9.57 -22.43 -3.77
CA CYS D 478 10.34 -21.55 -4.63
C CYS D 478 10.79 -20.30 -3.85
N PRO D 479 12.09 -19.95 -3.88
CA PRO D 479 12.52 -18.77 -3.13
C PRO D 479 12.21 -17.45 -3.81
N ILE D 480 11.80 -17.46 -5.07
CA ILE D 480 11.58 -16.22 -5.80
C ILE D 480 10.12 -15.78 -5.67
N GLU D 481 9.20 -16.61 -6.14
CA GLU D 481 7.80 -16.22 -6.28
C GLU D 481 7.16 -16.11 -4.90
N THR D 482 6.92 -14.87 -4.47
CA THR D 482 6.24 -14.57 -3.21
C THR D 482 5.69 -13.16 -3.31
N PRO D 483 4.66 -12.82 -2.53
CA PRO D 483 4.10 -11.47 -2.63
C PRO D 483 5.11 -10.40 -2.24
N GLU D 484 4.94 -9.22 -2.81
CA GLU D 484 5.86 -8.11 -2.60
C GLU D 484 5.44 -7.19 -1.46
N GLY D 485 4.23 -7.35 -0.93
CA GLY D 485 3.71 -6.43 0.05
C GLY D 485 4.02 -6.87 1.47
N PRO D 486 3.06 -6.71 2.38
CA PRO D 486 3.28 -7.17 3.76
C PRO D 486 3.07 -8.66 3.93
N ASN D 487 2.86 -9.38 2.82
CA ASN D 487 2.71 -10.83 2.84
C ASN D 487 3.99 -11.51 2.36
N ILE D 488 5.06 -10.75 2.15
CA ILE D 488 6.30 -11.30 1.63
C ILE D 488 6.85 -12.30 2.64
N GLY D 489 7.02 -13.54 2.21
CA GLY D 489 7.55 -14.60 3.05
C GLY D 489 6.49 -15.46 3.69
N LEU D 490 5.26 -14.97 3.80
CA LEU D 490 4.19 -15.74 4.43
C LEU D 490 3.39 -16.55 3.44
N ILE D 491 3.52 -16.29 2.14
CA ILE D 491 2.86 -17.06 1.10
C ILE D 491 3.92 -17.47 0.09
N GLY D 492 3.99 -18.77 -0.20
CA GLY D 492 4.94 -19.28 -1.15
C GLY D 492 4.27 -20.17 -2.18
N SER D 493 5.06 -20.82 -3.03
CA SER D 493 4.51 -21.70 -4.05
C SER D 493 5.35 -22.96 -4.13
N LEU D 494 4.70 -24.07 -4.48
CA LEU D 494 5.37 -25.36 -4.55
C LEU D 494 6.23 -25.44 -5.81
N SER D 495 7.41 -26.03 -5.67
CA SER D 495 8.29 -26.20 -6.82
C SER D 495 7.71 -27.21 -7.80
N VAL D 496 8.40 -27.38 -8.92
CA VAL D 496 7.85 -28.14 -10.03
C VAL D 496 7.81 -29.63 -9.70
N TYR D 497 8.88 -30.18 -9.14
CA TYR D 497 9.00 -31.62 -8.95
C TYR D 497 8.56 -32.10 -7.57
N ALA D 498 8.18 -31.18 -6.68
CA ALA D 498 7.90 -31.56 -5.31
C ALA D 498 6.57 -32.30 -5.20
N ARG D 499 6.50 -33.20 -4.21
CA ARG D 499 5.27 -33.90 -3.87
C ARG D 499 5.13 -33.93 -2.35
N VAL D 500 3.91 -34.10 -1.87
CA VAL D 500 3.64 -34.16 -0.44
C VAL D 500 3.41 -35.61 -0.04
N ASN D 501 4.15 -36.08 0.97
CA ASN D 501 4.09 -37.48 1.38
C ASN D 501 2.88 -37.70 2.29
N PRO D 502 2.63 -38.94 2.76
CA PRO D 502 1.41 -39.20 3.53
C PRO D 502 1.30 -38.43 4.83
N PHE D 503 2.41 -37.95 5.41
CA PHE D 503 2.37 -37.22 6.66
C PHE D 503 2.28 -35.72 6.49
N GLY D 504 2.37 -35.21 5.25
CA GLY D 504 2.26 -33.79 5.03
C GLY D 504 3.59 -33.10 4.81
N PHE D 505 4.65 -33.88 4.64
CA PHE D 505 5.98 -33.36 4.42
C PHE D 505 6.33 -33.40 2.93
N ILE D 506 6.99 -32.36 2.45
CA ILE D 506 7.27 -32.22 1.03
C ILE D 506 8.55 -32.98 0.69
N GLU D 507 8.57 -33.58 -0.50
CA GLU D 507 9.70 -34.38 -0.96
C GLU D 507 10.15 -33.90 -2.33
N THR D 508 11.39 -34.24 -2.69
CA THR D 508 11.94 -33.90 -3.98
C THR D 508 12.71 -35.09 -4.55
N PRO D 509 12.62 -35.37 -5.85
CA PRO D 509 13.36 -36.49 -6.41
C PRO D 509 14.86 -36.19 -6.47
N TYR D 510 15.65 -37.22 -6.19
CA TYR D 510 17.10 -37.13 -6.32
C TYR D 510 17.59 -38.35 -7.08
N ARG D 511 18.66 -38.15 -7.86
CA ARG D 511 19.24 -39.21 -8.68
C ARG D 511 20.45 -39.77 -7.97
N LYS D 512 20.32 -40.98 -7.43
CA LYS D 512 21.35 -41.54 -6.56
C LYS D 512 22.55 -42.01 -7.38
N VAL D 513 23.74 -41.70 -6.87
CA VAL D 513 24.99 -42.08 -7.52
C VAL D 513 25.65 -43.16 -6.67
N VAL D 514 25.87 -44.33 -7.26
CA VAL D 514 26.42 -45.49 -6.57
C VAL D 514 27.86 -45.66 -7.01
N ASP D 515 28.80 -45.47 -6.07
CA ASP D 515 30.22 -45.68 -6.32
C ASP D 515 30.72 -44.80 -7.47
N GLY D 516 30.25 -43.54 -7.50
CA GLY D 516 30.68 -42.61 -8.52
C GLY D 516 29.99 -42.75 -9.85
N VAL D 517 28.98 -43.61 -9.95
CA VAL D 517 28.23 -43.82 -11.18
C VAL D 517 26.86 -43.18 -11.00
N VAL D 518 26.59 -42.12 -11.76
CA VAL D 518 25.29 -41.45 -11.67
C VAL D 518 24.24 -42.37 -12.28
N SER D 519 23.36 -42.91 -11.44
CA SER D 519 22.37 -43.87 -11.88
C SER D 519 21.15 -43.14 -12.46
N ASP D 520 20.10 -43.89 -12.74
CA ASP D 520 18.79 -43.32 -13.07
C ASP D 520 17.73 -43.73 -12.07
N GLU D 521 18.11 -44.20 -10.89
CA GLU D 521 17.17 -44.50 -9.81
C GLU D 521 16.79 -43.21 -9.10
N ILE D 522 15.54 -42.80 -9.25
CA ILE D 522 15.04 -41.58 -8.61
C ILE D 522 14.46 -41.98 -7.26
N VAL D 523 14.89 -41.29 -6.20
CA VAL D 523 14.38 -41.50 -4.85
C VAL D 523 13.93 -40.15 -4.30
N TYR D 524 12.75 -40.12 -3.70
CA TYR D 524 12.23 -38.90 -3.09
C TYR D 524 12.65 -38.83 -1.64
N LEU D 525 13.32 -37.73 -1.27
CA LEU D 525 13.82 -37.53 0.08
C LEU D 525 13.18 -36.30 0.69
N THR D 526 12.75 -36.41 1.95
CA THR D 526 12.29 -35.26 2.69
C THR D 526 13.49 -34.57 3.34
N ALA D 527 13.26 -33.39 3.93
CA ALA D 527 14.36 -32.52 4.32
C ALA D 527 15.34 -33.17 5.29
N ASP D 528 14.90 -34.09 6.14
CA ASP D 528 15.80 -34.71 7.10
C ASP D 528 16.74 -35.70 6.42
N GLU D 529 16.19 -36.58 5.59
CA GLU D 529 17.03 -37.48 4.83
C GLU D 529 17.98 -36.72 3.91
N GLU D 530 17.48 -35.69 3.24
CA GLU D 530 18.37 -34.84 2.46
C GLU D 530 19.44 -34.22 3.34
N ASP D 531 19.15 -34.02 4.63
CA ASP D 531 20.13 -33.53 5.58
C ASP D 531 21.24 -34.54 5.84
N ARG D 532 20.88 -35.82 5.97
CA ARG D 532 21.89 -36.82 6.32
C ARG D 532 22.95 -36.97 5.24
N HIS D 533 22.53 -36.94 3.97
CA HIS D 533 23.38 -37.28 2.85
C HIS D 533 24.06 -36.04 2.27
N VAL D 534 24.79 -36.23 1.16
CA VAL D 534 25.49 -35.16 0.46
C VAL D 534 24.98 -35.13 -0.98
N VAL D 535 24.51 -33.96 -1.41
CA VAL D 535 23.80 -33.81 -2.68
C VAL D 535 24.64 -32.91 -3.58
N ALA D 536 24.84 -33.35 -4.82
CA ALA D 536 25.59 -32.60 -5.81
C ALA D 536 24.62 -31.71 -6.59
N GLN D 537 25.10 -31.13 -7.69
CA GLN D 537 24.32 -30.23 -8.52
C GLN D 537 23.94 -30.90 -9.83
N ALA D 538 22.85 -30.42 -10.43
CA ALA D 538 22.39 -30.96 -11.70
C ALA D 538 23.29 -30.61 -12.86
N ASN D 539 23.72 -29.36 -12.96
CA ASN D 539 24.60 -28.93 -14.05
C ASN D 539 26.06 -29.23 -13.72
N SER D 540 26.36 -30.51 -13.55
CA SER D 540 27.71 -30.99 -13.35
C SER D 540 28.18 -31.75 -14.60
N PRO D 541 29.49 -31.89 -14.79
CA PRO D 541 29.98 -32.50 -16.03
C PRO D 541 29.90 -34.02 -16.04
N ILE D 542 28.74 -34.56 -16.40
CA ILE D 542 28.63 -35.99 -16.63
C ILE D 542 29.31 -36.33 -17.95
N ASP D 543 30.01 -37.46 -17.97
CA ASP D 543 30.87 -37.83 -19.10
C ASP D 543 30.22 -38.89 -19.98
N ALA D 544 28.91 -38.84 -20.18
CA ALA D 544 28.23 -39.74 -21.10
C ALA D 544 28.17 -41.16 -20.58
N ASP D 545 28.73 -41.40 -19.39
CA ASP D 545 28.69 -42.72 -18.77
C ASP D 545 28.40 -42.58 -17.27
N GLY D 546 27.72 -41.51 -16.89
CA GLY D 546 27.41 -41.30 -15.49
C GLY D 546 28.65 -41.17 -14.62
N ARG D 547 29.61 -40.36 -15.04
CA ARG D 547 30.83 -40.14 -14.29
C ARG D 547 31.23 -38.67 -14.40
N PHE D 548 31.47 -38.04 -13.25
CA PHE D 548 31.88 -36.64 -13.24
C PHE D 548 33.25 -36.49 -13.89
N VAL D 549 33.42 -35.41 -14.65
CA VAL D 549 34.70 -35.17 -15.31
C VAL D 549 35.80 -34.97 -14.27
N GLU D 550 35.58 -34.11 -13.28
CA GLU D 550 36.59 -33.83 -12.27
C GLU D 550 36.17 -34.41 -10.93
N PRO D 551 37.07 -34.48 -9.94
CA PRO D 551 36.67 -34.99 -8.63
C PRO D 551 35.97 -33.96 -7.75
N ARG D 552 36.19 -32.67 -8.02
CA ARG D 552 35.69 -31.60 -7.15
C ARG D 552 34.44 -30.97 -7.77
N VAL D 553 33.34 -31.04 -7.02
CA VAL D 553 32.05 -30.49 -7.45
C VAL D 553 31.39 -29.81 -6.26
N LEU D 554 30.71 -28.71 -6.54
CA LEU D 554 29.90 -28.06 -5.51
C LEU D 554 28.81 -29.01 -5.02
N VAL D 555 28.60 -29.03 -3.70
CA VAL D 555 27.60 -29.89 -3.07
C VAL D 555 26.90 -29.09 -1.98
N ARG D 556 25.89 -29.72 -1.37
CA ARG D 556 25.21 -29.17 -0.22
C ARG D 556 25.40 -30.12 0.96
N ARG D 557 26.05 -29.62 2.01
CA ARG D 557 26.34 -30.41 3.20
C ARG D 557 25.25 -30.19 4.24
N LYS D 558 25.50 -30.61 5.49
CA LYS D 558 24.38 -30.86 6.40
C LYS D 558 23.49 -29.64 6.57
N ALA D 559 24.05 -28.53 7.06
CA ALA D 559 23.26 -27.35 7.35
C ALA D 559 23.15 -26.44 6.14
N GLY D 560 23.00 -27.00 4.95
CA GLY D 560 23.00 -26.22 3.74
C GLY D 560 24.35 -25.72 3.31
N GLU D 561 25.42 -26.16 3.96
CA GLU D 561 26.74 -25.64 3.65
C GLU D 561 27.17 -26.07 2.26
N VAL D 562 27.75 -25.14 1.51
CA VAL D 562 28.24 -25.37 0.16
C VAL D 562 29.76 -25.48 0.24
N GLU D 563 30.29 -26.54 -0.38
CA GLU D 563 31.72 -26.85 -0.29
C GLU D 563 32.16 -27.53 -1.58
N TYR D 564 33.35 -28.11 -1.55
CA TYR D 564 33.94 -28.81 -2.69
C TYR D 564 34.42 -30.18 -2.20
N VAL D 565 33.58 -31.20 -2.38
CA VAL D 565 33.93 -32.54 -1.94
C VAL D 565 34.51 -33.30 -3.14
N PRO D 566 35.55 -34.12 -2.94
CA PRO D 566 35.97 -35.03 -4.02
C PRO D 566 34.84 -35.94 -4.42
N SER D 567 34.74 -36.22 -5.71
CA SER D 567 33.57 -36.90 -6.27
C SER D 567 33.62 -38.41 -5.98
N SER D 568 33.73 -38.72 -4.69
CA SER D 568 33.54 -40.08 -4.20
C SER D 568 32.63 -40.14 -2.98
N GLU D 569 32.40 -39.02 -2.30
CA GLU D 569 31.48 -38.99 -1.18
C GLU D 569 30.06 -38.68 -1.65
N VAL D 570 29.93 -38.08 -2.83
CA VAL D 570 28.62 -37.67 -3.32
C VAL D 570 27.68 -38.87 -3.33
N ASP D 571 26.50 -38.68 -2.74
CA ASP D 571 25.48 -39.71 -2.68
C ASP D 571 24.36 -39.48 -3.67
N TYR D 572 23.95 -38.24 -3.89
CA TYR D 572 22.80 -37.91 -4.70
C TYR D 572 23.10 -36.71 -5.59
N MET D 573 22.31 -36.56 -6.65
CA MET D 573 22.37 -35.41 -7.53
C MET D 573 20.95 -34.97 -7.83
N ASP D 574 20.79 -33.70 -8.16
CA ASP D 574 19.47 -33.21 -8.55
C ASP D 574 19.06 -33.82 -9.88
N VAL D 575 17.76 -34.05 -10.05
CA VAL D 575 17.27 -34.60 -11.31
C VAL D 575 17.43 -33.59 -12.44
N SER D 576 17.43 -32.30 -12.14
CA SER D 576 17.68 -31.29 -13.15
C SER D 576 17.87 -29.93 -12.50
N PRO D 577 18.39 -28.93 -13.22
CA PRO D 577 18.18 -27.55 -12.76
C PRO D 577 16.72 -27.25 -12.88
N ARG D 578 16.26 -26.05 -12.52
CA ARG D 578 14.83 -25.75 -12.63
C ARG D 578 14.02 -26.63 -11.68
N GLN D 579 14.72 -27.27 -10.73
CA GLN D 579 14.06 -28.02 -9.68
C GLN D 579 13.73 -27.18 -8.46
N MET D 580 14.42 -26.06 -8.28
CA MET D 580 14.15 -25.16 -7.15
C MET D 580 13.16 -24.07 -7.50
N VAL D 581 12.67 -23.99 -8.73
CA VAL D 581 11.79 -22.92 -9.15
C VAL D 581 10.36 -23.46 -9.27
N SER D 582 9.40 -22.55 -9.27
CA SER D 582 8.00 -22.91 -9.43
C SER D 582 7.59 -22.73 -10.89
N VAL D 583 6.31 -22.90 -11.18
CA VAL D 583 5.84 -22.85 -12.57
C VAL D 583 6.00 -21.46 -13.15
N ALA D 584 5.61 -20.43 -12.40
CA ALA D 584 5.63 -19.08 -12.93
C ALA D 584 7.06 -18.58 -13.10
N THR D 585 7.97 -18.99 -12.22
CA THR D 585 9.35 -18.53 -12.31
C THR D 585 10.15 -19.32 -13.33
N ALA D 586 9.63 -20.46 -13.78
CA ALA D 586 10.29 -21.26 -14.79
C ALA D 586 9.98 -20.77 -16.20
N MET D 587 9.16 -19.74 -16.34
CA MET D 587 8.81 -19.17 -17.64
C MET D 587 9.54 -17.87 -17.92
N ILE D 588 10.52 -17.51 -17.10
CA ILE D 588 11.36 -16.34 -17.32
C ILE D 588 12.61 -16.81 -18.05
N PRO D 589 12.86 -16.40 -19.31
CA PRO D 589 14.10 -16.76 -19.98
C PRO D 589 15.27 -15.94 -19.46
N PHE D 590 16.44 -16.55 -19.37
CA PHE D 590 17.62 -15.88 -18.83
C PHE D 590 17.36 -15.42 -17.40
N LEU D 591 16.84 -16.31 -16.56
CA LEU D 591 16.56 -15.98 -15.17
C LEU D 591 17.82 -15.80 -14.34
N GLU D 592 18.90 -16.51 -14.65
CA GLU D 592 20.12 -16.42 -13.86
C GLU D 592 20.93 -15.16 -14.17
N HIS D 593 20.54 -14.39 -15.18
CA HIS D 593 21.15 -13.09 -15.46
C HIS D 593 20.41 -11.96 -14.76
N ASP D 594 19.30 -12.25 -14.10
CA ASP D 594 18.51 -11.25 -13.40
C ASP D 594 18.65 -11.45 -11.90
N ASP D 595 18.76 -10.35 -11.17
CA ASP D 595 18.83 -10.43 -9.72
C ASP D 595 17.48 -10.83 -9.15
N ALA D 596 17.50 -11.43 -7.96
CA ALA D 596 16.29 -11.99 -7.36
C ALA D 596 15.22 -10.95 -7.13
N ASN D 597 15.58 -9.71 -6.82
CA ASN D 597 14.58 -8.67 -6.56
C ASN D 597 13.68 -8.44 -7.76
N ARG D 598 14.26 -8.32 -8.96
CA ARG D 598 13.50 -8.08 -10.17
C ARG D 598 12.85 -9.35 -10.70
N ALA D 599 13.44 -10.51 -10.50
CA ALA D 599 12.81 -11.76 -10.87
C ALA D 599 11.56 -12.05 -10.06
N LEU D 600 11.54 -11.67 -8.78
CA LEU D 600 10.32 -11.79 -8.00
C LEU D 600 9.18 -10.99 -8.62
N MET D 601 9.46 -9.75 -9.01
CA MET D 601 8.46 -8.92 -9.68
C MET D 601 8.05 -9.49 -11.03
N GLY D 602 9.02 -9.97 -11.80
CA GLY D 602 8.70 -10.57 -13.09
C GLY D 602 7.83 -11.79 -13.01
N ALA D 603 8.03 -12.62 -11.98
CA ALA D 603 7.16 -13.76 -11.75
C ALA D 603 5.79 -13.36 -11.23
N ASN D 604 5.71 -12.37 -10.36
CA ASN D 604 4.43 -11.94 -9.79
C ASN D 604 3.57 -11.16 -10.77
N MET D 605 4.17 -10.51 -11.77
CA MET D 605 3.42 -9.69 -12.72
C MET D 605 2.99 -10.47 -13.95
N GLN D 606 3.40 -11.73 -14.09
CA GLN D 606 2.93 -12.57 -15.17
C GLN D 606 1.53 -13.09 -14.94
N ARG D 607 1.06 -13.11 -13.70
CA ARG D 607 -0.28 -13.56 -13.38
C ARG D 607 -1.26 -12.40 -13.28
N GLN D 608 -0.82 -11.19 -13.62
CA GLN D 608 -1.70 -10.04 -13.73
C GLN D 608 -1.97 -9.65 -15.19
N ALA D 609 -1.32 -10.30 -16.15
CA ALA D 609 -1.55 -10.00 -17.55
C ALA D 609 -2.98 -10.32 -17.94
N VAL D 610 -3.57 -9.50 -18.80
CA VAL D 610 -4.96 -9.64 -19.22
C VAL D 610 -5.00 -10.34 -20.58
N PRO D 611 -5.94 -11.25 -20.82
CA PRO D 611 -6.06 -11.85 -22.15
C PRO D 611 -6.40 -10.82 -23.21
N LEU D 612 -5.79 -10.96 -24.38
CA LEU D 612 -6.00 -10.06 -25.50
C LEU D 612 -6.90 -10.71 -26.55
N VAL D 613 -7.39 -9.88 -27.48
CA VAL D 613 -8.36 -10.38 -28.46
C VAL D 613 -7.74 -11.46 -29.32
N ARG D 614 -6.48 -11.29 -29.70
CA ARG D 614 -5.73 -12.31 -30.44
C ARG D 614 -4.42 -12.55 -29.71
N SER D 615 -4.01 -13.81 -29.62
CA SER D 615 -2.87 -14.22 -28.82
C SER D 615 -1.68 -14.60 -29.70
N GLU D 616 -0.48 -14.40 -29.16
CA GLU D 616 0.76 -14.64 -29.87
C GLU D 616 1.78 -15.27 -28.93
N ALA D 617 2.37 -16.38 -29.36
CA ALA D 617 3.35 -17.09 -28.55
C ALA D 617 4.71 -16.43 -28.64
N PRO D 618 5.48 -16.43 -27.56
CA PRO D 618 6.76 -15.73 -27.58
C PRO D 618 7.73 -16.36 -28.56
N LEU D 619 8.57 -15.52 -29.16
CA LEU D 619 9.65 -16.02 -30.01
C LEU D 619 10.74 -16.70 -29.22
N VAL D 620 11.03 -16.21 -28.03
CA VAL D 620 12.04 -16.79 -27.15
C VAL D 620 11.32 -17.16 -25.85
N GLY D 621 11.05 -18.46 -25.69
CA GLY D 621 10.42 -18.97 -24.49
C GLY D 621 11.38 -19.82 -23.70
N THR D 622 10.86 -20.70 -22.84
CA THR D 622 11.69 -21.61 -22.06
C THR D 622 11.26 -23.07 -22.15
N GLY D 623 10.16 -23.37 -22.83
CA GLY D 623 9.68 -24.73 -22.93
C GLY D 623 8.70 -25.14 -21.85
N MET D 624 8.46 -24.28 -20.87
CA MET D 624 7.49 -24.55 -19.82
C MET D 624 6.07 -24.14 -20.20
N GLU D 625 5.90 -23.36 -21.27
CA GLU D 625 4.60 -22.81 -21.61
C GLU D 625 3.60 -23.91 -21.99
N LEU D 626 4.03 -24.87 -22.80
CA LEU D 626 3.11 -25.91 -23.26
C LEU D 626 2.58 -26.72 -22.08
N ARG D 627 3.47 -27.14 -21.19
CA ARG D 627 3.06 -27.97 -20.05
C ARG D 627 2.15 -27.19 -19.12
N ALA D 628 2.48 -25.94 -18.83
CA ALA D 628 1.67 -25.10 -17.95
C ALA D 628 0.32 -24.77 -18.57
N ALA D 629 0.23 -24.66 -19.88
CA ALA D 629 -1.03 -24.44 -20.57
C ALA D 629 -1.92 -25.66 -20.59
N ILE D 630 -1.35 -26.84 -20.83
CA ILE D 630 -2.13 -28.08 -20.84
C ILE D 630 -2.53 -28.53 -19.45
N ASP D 631 -1.76 -28.18 -18.42
CA ASP D 631 -2.09 -28.59 -17.06
C ASP D 631 -3.03 -27.63 -16.35
N ALA D 632 -3.05 -26.35 -16.76
CA ALA D 632 -3.98 -25.40 -16.16
C ALA D 632 -5.42 -25.80 -16.43
N GLY D 633 -5.72 -26.26 -17.64
CA GLY D 633 -7.03 -26.78 -17.98
C GLY D 633 -7.93 -25.85 -18.76
N ASP D 634 -7.42 -24.72 -19.23
CA ASP D 634 -8.23 -23.79 -20.01
C ASP D 634 -8.30 -24.16 -21.47
N VAL D 635 -7.59 -25.19 -21.91
CA VAL D 635 -7.63 -25.66 -23.28
C VAL D 635 -8.54 -26.88 -23.35
N VAL D 636 -8.97 -27.21 -24.56
CA VAL D 636 -9.72 -28.44 -24.79
C VAL D 636 -8.77 -29.47 -25.38
N VAL D 637 -8.72 -30.65 -24.77
CA VAL D 637 -7.77 -31.70 -25.12
C VAL D 637 -8.56 -32.93 -25.53
N ALA D 638 -8.19 -33.52 -26.67
CA ALA D 638 -8.87 -34.71 -27.17
C ALA D 638 -8.80 -35.83 -26.14
N GLU D 639 -9.97 -36.32 -25.69
CA GLU D 639 -9.99 -37.39 -24.71
C GLU D 639 -9.59 -38.71 -25.33
N GLU D 640 -10.01 -38.97 -26.56
CA GLU D 640 -9.68 -40.17 -27.29
C GLU D 640 -9.29 -39.81 -28.72
N SER D 641 -8.40 -40.60 -29.30
CA SER D 641 -7.97 -40.34 -30.66
C SER D 641 -9.08 -40.68 -31.65
N GLY D 642 -9.05 -40.00 -32.78
CA GLY D 642 -10.06 -40.16 -33.79
C GLY D 642 -9.91 -39.10 -34.87
N VAL D 643 -10.95 -38.97 -35.69
CA VAL D 643 -10.96 -38.04 -36.81
C VAL D 643 -12.05 -37.00 -36.60
N ILE D 644 -11.70 -35.76 -36.88
CA ILE D 644 -12.64 -34.64 -36.72
C ILE D 644 -13.70 -34.75 -37.80
N GLU D 645 -14.97 -34.63 -37.40
CA GLU D 645 -16.09 -34.73 -38.32
C GLU D 645 -16.67 -33.35 -38.64
N GLU D 646 -16.95 -32.55 -37.61
CA GLU D 646 -17.52 -31.21 -37.79
C GLU D 646 -16.75 -30.23 -36.91
N VAL D 647 -16.45 -29.06 -37.45
CA VAL D 647 -15.88 -27.97 -36.68
C VAL D 647 -16.74 -26.73 -36.90
N SER D 648 -16.76 -25.89 -35.87
CA SER D 648 -17.51 -24.65 -35.89
C SER D 648 -16.99 -23.80 -34.73
N ALA D 649 -17.43 -22.57 -34.64
CA ALA D 649 -17.03 -21.71 -33.53
C ALA D 649 -17.64 -22.15 -32.21
N ASP D 650 -18.63 -23.04 -32.25
CA ASP D 650 -19.37 -23.45 -31.06
C ASP D 650 -19.03 -24.84 -30.57
N TYR D 651 -18.56 -25.75 -31.42
CA TYR D 651 -18.30 -27.12 -31.00
C TYR D 651 -17.34 -27.80 -31.96
N ILE D 652 -16.82 -28.93 -31.51
CA ILE D 652 -16.03 -29.85 -32.32
C ILE D 652 -16.58 -31.25 -32.10
N THR D 653 -16.81 -31.98 -33.19
CA THR D 653 -17.30 -33.35 -33.13
C THR D 653 -16.19 -34.28 -33.60
N VAL D 654 -15.77 -35.19 -32.72
CA VAL D 654 -14.72 -36.16 -33.02
C VAL D 654 -15.37 -37.53 -33.19
N MET D 655 -14.97 -38.24 -34.24
CA MET D 655 -15.44 -39.59 -34.52
C MET D 655 -14.35 -40.57 -34.11
N HIS D 656 -14.60 -41.32 -33.05
CA HIS D 656 -13.59 -42.22 -32.51
C HIS D 656 -13.41 -43.45 -33.39
N ASP D 657 -12.27 -44.13 -33.20
CA ASP D 657 -11.95 -45.29 -34.04
C ASP D 657 -12.98 -46.39 -33.93
N ASN D 658 -13.76 -46.44 -32.85
CA ASN D 658 -14.73 -47.50 -32.63
C ASN D 658 -16.12 -46.88 -32.44
N GLY D 659 -16.79 -46.61 -33.55
CA GLY D 659 -18.20 -46.28 -33.52
C GLY D 659 -18.54 -44.94 -32.89
N THR D 660 -18.15 -44.77 -31.63
CA THR D 660 -18.65 -43.68 -30.81
C THR D 660 -18.22 -42.33 -31.35
N ARG D 661 -18.98 -41.30 -30.99
CA ARG D 661 -18.67 -39.91 -31.34
C ARG D 661 -18.77 -39.07 -30.07
N ARG D 662 -18.01 -37.97 -30.06
CA ARG D 662 -18.03 -37.06 -28.92
C ARG D 662 -18.04 -35.63 -29.44
N THR D 663 -18.86 -34.80 -28.83
CA THR D 663 -18.97 -33.39 -29.19
C THR D 663 -18.45 -32.55 -28.04
N TYR D 664 -17.49 -31.68 -28.32
CA TYR D 664 -16.92 -30.78 -27.32
C TYR D 664 -17.56 -29.41 -27.52
N ARG D 665 -18.22 -28.91 -26.48
CA ARG D 665 -18.79 -27.56 -26.53
C ARG D 665 -17.77 -26.55 -26.03
N MET D 666 -17.88 -25.32 -26.56
CA MET D 666 -16.89 -24.29 -26.32
C MET D 666 -17.48 -23.19 -25.46
N ARG D 667 -16.62 -22.55 -24.67
CA ARG D 667 -17.00 -21.35 -23.91
C ARG D 667 -16.68 -20.13 -24.75
N LYS D 668 -17.72 -19.44 -25.20
CA LYS D 668 -17.56 -18.24 -26.02
C LYS D 668 -17.91 -17.01 -25.20
N PHE D 669 -16.98 -16.06 -25.16
CA PHE D 669 -17.18 -14.79 -24.48
C PHE D 669 -17.84 -14.98 -23.12
N ALA D 670 -17.21 -15.79 -22.28
CA ALA D 670 -17.67 -16.03 -20.92
C ALA D 670 -16.84 -15.22 -19.94
N ARG D 671 -17.49 -14.69 -18.92
CA ARG D 671 -16.83 -13.86 -17.93
C ARG D 671 -16.09 -14.72 -16.92
N SER D 672 -14.92 -14.26 -16.51
CA SER D 672 -14.15 -14.91 -15.45
C SER D 672 -14.39 -14.18 -14.13
N ASN D 673 -13.82 -14.73 -13.06
CA ASN D 673 -14.06 -14.19 -11.73
C ASN D 673 -13.57 -12.75 -11.62
N HIS D 674 -12.67 -12.33 -12.50
CA HIS D 674 -12.10 -11.00 -12.46
C HIS D 674 -12.53 -10.12 -13.63
N GLY D 675 -13.56 -10.53 -14.38
CA GLY D 675 -14.14 -9.69 -15.39
C GLY D 675 -13.43 -9.68 -16.72
N THR D 676 -12.70 -10.73 -17.06
CA THR D 676 -12.03 -10.84 -18.34
C THR D 676 -12.78 -11.81 -19.24
N CYS D 677 -12.38 -11.84 -20.51
CA CYS D 677 -13.01 -12.74 -21.46
C CYS D 677 -12.38 -14.12 -21.39
N ALA D 678 -13.17 -15.14 -21.71
CA ALA D 678 -12.78 -16.53 -21.56
C ALA D 678 -13.12 -17.32 -22.82
N ASN D 679 -12.70 -16.80 -23.97
CA ASN D 679 -13.02 -17.45 -25.24
C ASN D 679 -12.31 -18.79 -25.36
N GLN D 680 -12.82 -19.62 -26.29
CA GLN D 680 -12.18 -20.86 -26.68
C GLN D 680 -12.48 -21.07 -28.17
N CYS D 681 -11.43 -21.20 -28.96
CA CYS D 681 -11.62 -21.37 -30.39
C CYS D 681 -10.88 -22.61 -30.89
N PRO D 682 -11.44 -23.35 -31.84
CA PRO D 682 -10.80 -24.57 -32.32
C PRO D 682 -9.57 -24.28 -33.16
N ILE D 683 -8.65 -25.24 -33.18
CA ILE D 683 -7.40 -25.12 -33.93
C ILE D 683 -7.23 -26.34 -34.83
N VAL D 684 -8.34 -27.00 -35.15
CA VAL D 684 -8.33 -28.17 -36.03
C VAL D 684 -9.34 -27.95 -37.14
N ASP D 685 -9.15 -28.65 -38.25
CA ASP D 685 -10.05 -28.58 -39.39
C ASP D 685 -10.91 -29.83 -39.46
N ALA D 686 -11.81 -29.85 -40.44
CA ALA D 686 -12.83 -30.88 -40.51
C ALA D 686 -12.29 -32.25 -40.91
N GLY D 687 -11.07 -32.34 -41.42
CA GLY D 687 -10.56 -33.61 -41.88
C GLY D 687 -9.38 -34.14 -41.09
N ASP D 688 -8.81 -33.31 -40.22
CA ASP D 688 -7.60 -33.69 -39.50
C ASP D 688 -7.89 -34.87 -38.57
N ARG D 689 -6.84 -35.64 -38.30
CA ARG D 689 -6.90 -36.70 -37.31
C ARG D 689 -6.19 -36.24 -36.05
N VAL D 690 -6.82 -36.47 -34.90
CA VAL D 690 -6.28 -36.05 -33.62
C VAL D 690 -5.93 -37.29 -32.81
N GLU D 691 -5.03 -37.10 -31.85
CA GLU D 691 -4.59 -38.18 -30.97
C GLU D 691 -4.96 -37.85 -29.54
N ALA D 692 -5.00 -38.88 -28.71
CA ALA D 692 -5.34 -38.70 -27.31
C ALA D 692 -4.36 -37.74 -26.64
N GLY D 693 -4.91 -36.79 -25.88
CA GLY D 693 -4.08 -35.82 -25.21
C GLY D 693 -3.64 -34.65 -26.06
N GLN D 694 -4.14 -34.54 -27.29
CA GLN D 694 -3.77 -33.46 -28.18
C GLN D 694 -4.66 -32.26 -27.95
N VAL D 695 -4.06 -31.07 -27.94
CA VAL D 695 -4.84 -29.85 -27.78
C VAL D 695 -5.73 -29.67 -28.99
N ILE D 696 -7.02 -29.49 -28.74
CA ILE D 696 -8.02 -29.45 -29.80
C ILE D 696 -8.68 -28.09 -29.95
N ALA D 697 -8.44 -27.17 -29.02
CA ALA D 697 -9.03 -25.83 -29.07
C ALA D 697 -8.27 -24.94 -28.11
N ASP D 698 -7.94 -23.73 -28.56
CA ASP D 698 -7.17 -22.80 -27.74
C ASP D 698 -8.03 -22.29 -26.58
N GLY D 699 -7.41 -21.45 -25.77
CA GLY D 699 -8.08 -20.84 -24.63
C GLY D 699 -7.83 -19.35 -24.58
N PRO D 700 -8.10 -18.75 -23.42
CA PRO D 700 -7.91 -17.30 -23.27
C PRO D 700 -6.53 -16.81 -23.69
N CYS D 701 -5.48 -17.35 -23.09
CA CYS D 701 -4.12 -16.85 -23.32
C CYS D 701 -3.22 -17.96 -23.87
N THR D 702 -3.74 -18.72 -24.83
CA THR D 702 -2.96 -19.77 -25.46
C THR D 702 -2.91 -19.54 -26.96
N ASP D 703 -1.78 -19.92 -27.55
CA ASP D 703 -1.55 -19.82 -28.99
C ASP D 703 -1.10 -21.19 -29.48
N ASP D 704 -2.07 -22.03 -29.84
CA ASP D 704 -1.80 -23.37 -30.34
C ASP D 704 -1.34 -24.29 -29.22
N GLY D 705 -1.82 -24.05 -28.00
CA GLY D 705 -1.54 -24.90 -26.87
C GLY D 705 -0.49 -24.37 -25.92
N GLU D 706 0.24 -23.33 -26.29
CA GLU D 706 1.27 -22.74 -25.46
C GLU D 706 0.77 -21.44 -24.84
N MET D 707 1.21 -21.17 -23.62
CA MET D 707 0.85 -19.92 -22.94
C MET D 707 1.32 -18.75 -23.78
N ALA D 708 0.44 -17.77 -23.97
CA ALA D 708 0.74 -16.56 -24.74
C ALA D 708 0.12 -15.38 -24.01
N LEU D 709 0.88 -14.76 -23.13
CA LEU D 709 0.37 -13.69 -22.28
C LEU D 709 0.55 -12.30 -22.88
N GLY D 710 1.44 -12.14 -23.85
CA GLY D 710 1.74 -10.83 -24.40
C GLY D 710 1.98 -10.89 -25.89
N LYS D 711 2.74 -9.91 -26.39
CA LYS D 711 3.05 -9.79 -27.81
C LYS D 711 4.53 -9.47 -28.00
N ASN D 712 5.05 -9.79 -29.18
CA ASN D 712 6.44 -9.50 -29.54
C ASN D 712 6.49 -8.13 -30.20
N LEU D 713 7.16 -7.18 -29.57
CA LEU D 713 7.26 -5.81 -30.05
C LEU D 713 8.72 -5.47 -30.37
N LEU D 714 8.92 -4.71 -31.44
CA LEU D 714 10.25 -4.24 -31.81
C LEU D 714 10.63 -3.07 -30.89
N VAL D 715 11.77 -3.16 -30.24
CA VAL D 715 12.11 -2.26 -29.14
C VAL D 715 13.43 -1.55 -29.42
N ALA D 716 13.54 -0.34 -28.89
CA ALA D 716 14.78 0.42 -28.87
C ALA D 716 15.06 0.82 -27.43
N ILE D 717 16.33 0.92 -27.09
CA ILE D 717 16.76 1.01 -25.70
C ILE D 717 17.41 2.38 -25.46
N MET D 718 16.90 3.39 -26.13
CA MET D 718 17.43 4.75 -26.04
C MET D 718 16.54 5.63 -25.18
N PRO D 719 17.10 6.68 -24.58
CA PRO D 719 16.26 7.76 -24.03
C PRO D 719 15.74 8.67 -25.13
N TRP D 720 14.46 9.01 -25.10
CA TRP D 720 13.82 9.74 -26.19
C TRP D 720 13.07 10.93 -25.63
N GLU D 721 13.71 12.10 -25.65
CA GLU D 721 13.08 13.39 -25.41
C GLU D 721 12.42 13.50 -24.04
N GLY D 722 12.76 12.61 -23.11
CA GLY D 722 12.25 12.71 -21.77
C GLY D 722 10.85 12.16 -21.55
N HIS D 723 10.27 11.49 -22.54
CA HIS D 723 8.94 10.91 -22.36
C HIS D 723 9.00 9.55 -21.71
N ASN D 724 10.09 8.81 -21.90
CA ASN D 724 10.33 7.58 -21.16
C ASN D 724 11.27 7.88 -19.98
N TYR D 725 10.84 8.81 -19.16
CA TYR D 725 11.61 9.31 -18.04
C TYR D 725 11.09 8.69 -16.76
N GLU D 726 11.97 8.06 -15.99
CA GLU D 726 11.61 7.48 -14.70
C GLU D 726 10.58 6.37 -14.83
N ASP D 727 10.88 5.38 -15.67
CA ASP D 727 10.08 4.16 -15.81
C ASP D 727 8.86 4.33 -16.71
N ALA D 728 8.73 5.48 -17.35
CA ALA D 728 7.66 5.69 -18.31
C ALA D 728 8.01 5.05 -19.65
N ILE D 729 7.02 4.93 -20.51
CA ILE D 729 7.12 4.13 -21.74
C ILE D 729 6.55 4.93 -22.90
N ILE D 730 7.07 4.66 -24.10
CA ILE D 730 6.59 5.26 -25.35
C ILE D 730 6.13 4.16 -26.28
N LEU D 731 4.91 4.31 -26.81
CA LEU D 731 4.32 3.33 -27.71
C LEU D 731 4.10 3.94 -29.08
N SER D 732 4.14 3.08 -30.09
CA SER D 732 3.74 3.46 -31.43
C SER D 732 2.23 3.51 -31.53
N ASN D 733 1.72 4.31 -32.45
CA ASN D 733 0.29 4.35 -32.69
C ASN D 733 -0.19 3.17 -33.53
N ARG D 734 0.73 2.38 -34.08
CA ARG D 734 0.36 1.17 -34.79
C ARG D 734 -0.29 0.17 -33.85
N LEU D 735 0.15 0.11 -32.60
CA LEU D 735 -0.40 -0.83 -31.65
C LEU D 735 -1.84 -0.51 -31.28
N VAL D 736 -2.31 0.70 -31.61
CA VAL D 736 -3.70 1.05 -31.39
C VAL D 736 -4.50 0.85 -32.67
N GLU D 737 -3.93 1.22 -33.82
CA GLU D 737 -4.62 1.04 -35.09
C GLU D 737 -4.88 -0.43 -35.37
N GLU D 738 -3.90 -1.29 -35.12
CA GLU D 738 -3.98 -2.69 -35.49
C GLU D 738 -4.45 -3.59 -34.36
N ASP D 739 -4.87 -3.02 -33.24
CA ASP D 739 -5.48 -3.78 -32.14
C ASP D 739 -4.54 -4.88 -31.66
N VAL D 740 -3.32 -4.46 -31.31
CA VAL D 740 -2.31 -5.40 -30.85
C VAL D 740 -2.50 -5.64 -29.35
N LEU D 741 -2.79 -4.59 -28.59
CA LEU D 741 -2.92 -4.71 -27.15
C LEU D 741 -4.34 -4.39 -26.71
N THR D 742 -5.32 -4.88 -27.46
CA THR D 742 -6.73 -4.71 -27.12
C THR D 742 -7.22 -5.91 -26.32
N SER D 743 -8.16 -5.65 -25.41
CA SER D 743 -8.73 -6.68 -24.57
C SER D 743 -10.21 -6.42 -24.38
N ILE D 744 -10.95 -7.49 -24.05
CA ILE D 744 -12.39 -7.44 -23.82
C ILE D 744 -12.64 -7.64 -22.34
N HIS D 745 -13.49 -6.80 -21.75
CA HIS D 745 -13.83 -6.85 -20.34
C HIS D 745 -15.34 -6.94 -20.21
N ILE D 746 -15.82 -7.86 -19.37
CA ILE D 746 -17.24 -8.17 -19.26
C ILE D 746 -17.69 -7.92 -17.83
N GLU D 747 -18.89 -7.39 -17.67
CA GLU D 747 -19.46 -7.03 -16.38
C GLU D 747 -20.74 -7.80 -16.15
N GLU D 748 -21.07 -8.02 -14.87
CA GLU D 748 -22.22 -8.83 -14.47
C GLU D 748 -23.07 -8.02 -13.50
N HIS D 749 -24.37 -7.93 -13.79
CA HIS D 749 -25.33 -7.20 -12.95
C HIS D 749 -26.48 -8.13 -12.59
N GLU D 750 -26.92 -8.09 -11.33
CA GLU D 750 -27.93 -9.01 -10.82
C GLU D 750 -29.02 -8.26 -10.08
N ILE D 751 -30.25 -8.77 -10.20
CA ILE D 751 -31.39 -8.32 -9.42
C ILE D 751 -32.36 -9.49 -9.30
N ASP D 752 -33.14 -9.49 -8.21
CA ASP D 752 -34.10 -10.56 -7.98
C ASP D 752 -35.38 -9.99 -7.39
N ALA D 753 -36.49 -10.67 -7.65
CA ALA D 753 -37.81 -10.31 -7.13
C ALA D 753 -38.09 -11.19 -5.93
N ARG D 754 -38.44 -10.57 -4.80
CA ARG D 754 -38.62 -11.26 -3.53
C ARG D 754 -40.01 -10.98 -2.96
N ASP D 755 -40.58 -11.99 -2.31
CA ASP D 755 -41.93 -11.88 -1.78
C ASP D 755 -42.09 -10.70 -0.83
N THR D 756 -41.41 -10.75 0.32
CA THR D 756 -41.55 -9.73 1.36
C THR D 756 -42.84 -9.95 2.13
N LYS D 757 -42.94 -9.42 3.35
CA LYS D 757 -44.17 -9.55 4.12
C LYS D 757 -45.33 -8.85 3.43
N LEU D 758 -45.09 -7.65 2.90
CA LEU D 758 -46.13 -7.00 2.09
C LEU D 758 -46.43 -7.80 0.84
N GLY D 759 -45.41 -8.33 0.19
CA GLY D 759 -45.63 -9.29 -0.89
C GLY D 759 -45.49 -8.67 -2.27
N ALA D 760 -45.30 -9.55 -3.24
CA ALA D 760 -45.47 -9.19 -4.65
C ALA D 760 -44.51 -8.11 -5.15
N GLU D 761 -43.21 -8.39 -5.15
CA GLU D 761 -42.31 -7.64 -5.99
C GLU D 761 -42.46 -8.09 -7.44
N GLU D 762 -42.28 -7.13 -8.36
CA GLU D 762 -42.59 -7.38 -9.76
C GLU D 762 -41.52 -6.78 -10.66
N ILE D 763 -41.19 -7.49 -11.73
CA ILE D 763 -40.32 -6.97 -12.78
C ILE D 763 -41.21 -6.60 -13.96
N THR D 764 -41.28 -5.31 -14.29
CA THR D 764 -42.24 -4.83 -15.27
C THR D 764 -41.76 -3.52 -15.86
N ARG D 765 -42.36 -3.16 -17.00
CA ARG D 765 -42.11 -1.87 -17.63
C ARG D 765 -42.89 -0.72 -16.99
N ASP D 766 -44.03 -1.01 -16.36
CA ASP D 766 -44.86 0.02 -15.74
C ASP D 766 -44.20 0.47 -14.44
N ILE D 767 -43.36 1.50 -14.56
CA ILE D 767 -42.62 2.05 -13.44
C ILE D 767 -43.13 3.45 -13.15
N PRO D 768 -43.40 3.80 -11.89
CA PRO D 768 -43.94 5.14 -11.59
C PRO D 768 -42.94 6.27 -11.81
N ASN D 769 -43.42 7.39 -12.35
CA ASN D 769 -42.64 8.62 -12.46
C ASN D 769 -41.50 8.51 -13.48
N ILE D 770 -41.62 7.60 -14.43
CA ILE D 770 -40.62 7.42 -15.48
C ILE D 770 -41.29 7.67 -16.82
N SER D 771 -40.58 8.41 -17.69
CA SER D 771 -41.10 8.76 -19.01
C SER D 771 -40.92 7.59 -19.98
N ASP D 772 -41.17 7.83 -21.27
CA ASP D 772 -41.08 6.77 -22.27
C ASP D 772 -39.73 6.81 -22.98
N GLU D 773 -39.12 8.00 -23.08
CA GLU D 773 -37.80 8.09 -23.66
C GLU D 773 -36.78 7.29 -22.87
N VAL D 774 -37.01 7.14 -21.56
CA VAL D 774 -36.13 6.35 -20.70
C VAL D 774 -36.75 4.98 -20.49
N LEU D 775 -37.66 4.58 -21.36
CA LEU D 775 -38.22 3.23 -21.39
C LEU D 775 -38.25 2.70 -22.82
N ALA D 776 -37.32 3.14 -23.64
CA ALA D 776 -37.24 2.73 -25.03
C ALA D 776 -36.44 1.46 -25.25
N ASP D 777 -35.29 1.33 -24.58
CA ASP D 777 -34.47 0.14 -24.76
C ASP D 777 -35.07 -1.09 -24.11
N LEU D 778 -35.95 -0.92 -23.13
CA LEU D 778 -36.53 -2.07 -22.45
C LEU D 778 -37.49 -2.82 -23.37
N ASP D 779 -37.46 -4.15 -23.25
CA ASP D 779 -38.34 -5.01 -24.04
C ASP D 779 -39.70 -5.13 -23.36
N GLU D 780 -40.57 -5.98 -23.90
CA GLU D 780 -41.97 -5.98 -23.49
C GLU D 780 -42.19 -6.35 -22.03
N ARG D 781 -41.22 -6.96 -21.35
CA ARG D 781 -41.40 -7.38 -19.97
C ARG D 781 -40.23 -6.96 -19.11
N GLY D 782 -39.79 -5.71 -19.24
CA GLY D 782 -38.72 -5.21 -18.41
C GLY D 782 -37.36 -5.18 -19.08
N ILE D 783 -36.57 -6.23 -18.85
CA ILE D 783 -35.14 -6.27 -19.17
C ILE D 783 -34.82 -5.61 -20.50
N VAL D 784 -33.65 -4.96 -20.56
CA VAL D 784 -33.19 -4.33 -21.80
C VAL D 784 -32.99 -5.38 -22.89
N ARG D 785 -32.93 -4.92 -24.14
CA ARG D 785 -32.74 -5.80 -25.27
C ARG D 785 -31.25 -6.09 -25.50
N ILE D 786 -30.95 -7.29 -25.97
CA ILE D 786 -29.57 -7.69 -26.27
C ILE D 786 -29.08 -6.88 -27.46
N GLY D 787 -27.87 -6.34 -27.35
CA GLY D 787 -27.28 -5.53 -28.39
C GLY D 787 -27.36 -4.04 -28.14
N ALA D 788 -28.10 -3.61 -27.13
CA ALA D 788 -28.28 -2.20 -26.87
C ALA D 788 -27.11 -1.64 -26.07
N GLU D 789 -26.57 -0.52 -26.52
CA GLU D 789 -25.48 0.13 -25.80
C GLU D 789 -26.05 0.98 -24.66
N VAL D 790 -25.36 1.00 -23.53
CA VAL D 790 -25.84 1.65 -22.33
C VAL D 790 -24.80 2.64 -21.82
N ARG D 791 -25.28 3.62 -21.05
CA ARG D 791 -24.43 4.59 -20.37
C ARG D 791 -24.78 4.54 -18.89
N ASP D 792 -23.97 5.18 -18.06
CA ASP D 792 -24.21 5.21 -16.63
C ASP D 792 -25.57 5.83 -16.34
N GLY D 793 -26.35 5.17 -15.48
CA GLY D 793 -27.67 5.63 -15.13
C GLY D 793 -28.81 4.97 -15.88
N ASP D 794 -28.55 4.33 -17.02
CA ASP D 794 -29.61 3.66 -17.75
C ASP D 794 -30.16 2.48 -16.95
N ILE D 795 -31.43 2.17 -17.17
CA ILE D 795 -32.09 1.08 -16.49
C ILE D 795 -31.87 -0.20 -17.27
N LEU D 796 -31.45 -1.25 -16.57
CA LEU D 796 -31.23 -2.56 -17.15
C LEU D 796 -32.41 -3.50 -16.93
N VAL D 797 -32.94 -3.53 -15.70
CA VAL D 797 -34.10 -4.34 -15.36
C VAL D 797 -35.09 -3.43 -14.63
N GLY D 798 -36.27 -3.26 -15.19
CA GLY D 798 -37.33 -2.51 -14.52
C GLY D 798 -37.99 -3.32 -13.43
N LYS D 799 -38.17 -2.73 -12.25
CA LYS D 799 -38.67 -3.45 -11.09
C LYS D 799 -39.35 -2.46 -10.15
N VAL D 800 -40.45 -2.89 -9.52
CA VAL D 800 -41.19 -2.08 -8.56
C VAL D 800 -41.52 -2.95 -7.36
N THR D 801 -41.49 -2.36 -6.17
CA THR D 801 -41.81 -3.01 -4.92
C THR D 801 -42.92 -2.26 -4.18
N PRO D 802 -43.68 -2.93 -3.32
CA PRO D 802 -44.76 -2.25 -2.61
C PRO D 802 -44.24 -1.06 -1.83
N LYS D 803 -44.99 0.04 -1.87
CA LYS D 803 -44.55 1.26 -1.19
C LYS D 803 -44.69 1.16 0.32
N GLY D 804 -45.27 0.08 0.83
CA GLY D 804 -45.46 -0.03 2.25
C GLY D 804 -46.43 1.01 2.75
N GLU D 805 -46.20 1.44 3.99
CA GLU D 805 -47.05 2.45 4.62
C GLU D 805 -48.52 2.08 4.48
N THR D 806 -48.83 0.80 4.67
CA THR D 806 -50.21 0.36 4.59
C THR D 806 -50.99 1.14 5.64
N GLU D 807 -51.86 2.03 5.19
CA GLU D 807 -52.48 3.03 6.05
C GLU D 807 -53.99 2.97 5.90
N LEU D 808 -54.69 3.09 7.02
CA LEU D 808 -56.15 3.03 7.04
C LEU D 808 -56.67 4.45 7.14
N THR D 809 -56.64 5.18 6.02
CA THR D 809 -57.29 6.48 5.92
C THR D 809 -58.74 6.27 5.52
N PRO D 810 -59.70 6.85 6.25
CA PRO D 810 -61.10 6.38 6.11
C PRO D 810 -61.59 6.25 4.69
N GLU D 811 -61.57 7.33 3.90
CA GLU D 811 -62.12 7.26 2.54
C GLU D 811 -61.35 6.26 1.69
N GLU D 812 -60.01 6.31 1.74
CA GLU D 812 -59.21 5.41 0.92
C GLU D 812 -59.43 3.95 1.32
N ARG D 813 -59.47 3.67 2.62
CA ARG D 813 -59.62 2.29 3.07
C ARG D 813 -61.01 1.75 2.76
N LEU D 814 -62.04 2.58 2.93
CA LEU D 814 -63.39 2.12 2.62
C LEU D 814 -63.58 1.95 1.11
N LEU D 815 -62.83 2.73 0.32
CA LEU D 815 -62.86 2.50 -1.12
C LEU D 815 -62.13 1.23 -1.50
N ARG D 816 -61.00 0.95 -0.84
CA ARG D 816 -60.27 -0.28 -1.13
C ARG D 816 -61.09 -1.51 -0.78
N ALA D 817 -61.72 -1.52 0.40
CA ALA D 817 -62.35 -2.72 0.92
C ALA D 817 -63.55 -3.16 0.08
N ILE D 818 -64.58 -2.32 -0.01
CA ILE D 818 -65.83 -2.75 -0.65
C ILE D 818 -65.94 -2.17 -2.06
N PHE D 819 -65.62 -0.88 -2.22
CA PHE D 819 -65.70 -0.27 -3.55
C PHE D 819 -64.67 -0.89 -4.49
N GLY D 820 -63.51 -1.26 -3.97
CA GLY D 820 -62.52 -1.99 -4.75
C GLY D 820 -61.35 -1.18 -5.25
N GLU D 821 -61.10 0.00 -4.69
CA GLU D 821 -59.94 0.77 -5.11
C GLU D 821 -58.66 -0.01 -4.84
N LYS D 822 -57.78 -0.07 -5.84
CA LYS D 822 -56.57 -0.86 -5.72
C LYS D 822 -55.53 -0.13 -4.89
N ALA D 823 -54.59 -0.90 -4.34
CA ALA D 823 -53.49 -0.32 -3.58
C ALA D 823 -52.58 0.52 -4.47
N ARG D 824 -51.96 -0.11 -5.47
CA ARG D 824 -51.07 0.60 -6.38
C ARG D 824 -50.02 1.37 -5.58
N GLU D 825 -49.54 0.78 -4.49
CA GLU D 825 -48.39 1.34 -3.79
C GLU D 825 -47.12 0.75 -4.37
N VAL D 826 -46.32 1.61 -5.02
CA VAL D 826 -45.15 1.16 -5.76
C VAL D 826 -43.99 2.11 -5.49
N ARG D 827 -42.79 1.53 -5.44
CA ARG D 827 -41.55 2.27 -5.20
C ARG D 827 -40.49 1.59 -6.06
N ASP D 828 -40.15 2.23 -7.18
CA ASP D 828 -39.29 1.57 -8.17
C ASP D 828 -37.87 1.37 -7.66
N THR D 829 -37.51 0.14 -7.34
CA THR D 829 -36.14 -0.24 -7.02
C THR D 829 -35.53 -0.91 -8.26
N SER D 830 -35.37 -0.14 -9.33
CA SER D 830 -34.89 -0.67 -10.60
C SER D 830 -33.38 -0.87 -10.57
N LEU D 831 -32.90 -1.70 -11.50
CA LEU D 831 -31.47 -1.95 -11.66
C LEU D 831 -30.87 -1.00 -12.66
N LYS D 832 -30.05 -0.05 -12.19
CA LYS D 832 -29.39 0.90 -13.08
C LYS D 832 -27.90 0.59 -13.18
N VAL D 833 -27.35 0.79 -14.36
CA VAL D 833 -25.91 0.55 -14.56
C VAL D 833 -25.13 1.59 -13.76
N PRO D 834 -24.20 1.19 -12.89
CA PRO D 834 -23.59 2.16 -11.97
C PRO D 834 -22.69 3.18 -12.64
N HIS D 835 -22.09 4.06 -11.84
CA HIS D 835 -21.28 5.15 -12.37
C HIS D 835 -20.03 4.62 -13.07
N GLY D 836 -19.68 5.25 -14.19
CA GLY D 836 -18.47 4.88 -14.90
C GLY D 836 -18.50 3.51 -15.55
N GLU D 837 -19.62 3.14 -16.17
CA GLU D 837 -19.72 1.86 -16.86
C GLU D 837 -20.57 2.02 -18.11
N SER D 838 -20.30 1.18 -19.10
CA SER D 838 -21.03 1.21 -20.37
C SER D 838 -20.65 -0.02 -21.17
N GLY D 839 -21.10 -0.08 -22.41
CA GLY D 839 -20.80 -1.19 -23.31
C GLY D 839 -22.07 -1.87 -23.79
N LYS D 840 -21.87 -2.80 -24.72
CA LYS D 840 -22.97 -3.56 -25.29
C LYS D 840 -23.57 -4.48 -24.24
N VAL D 841 -24.81 -4.91 -24.50
CA VAL D 841 -25.47 -5.95 -23.71
C VAL D 841 -25.33 -7.22 -24.53
N ILE D 842 -24.55 -8.18 -24.01
CA ILE D 842 -24.22 -9.36 -24.80
C ILE D 842 -25.11 -10.54 -24.41
N GLY D 843 -25.56 -10.56 -23.17
CA GLY D 843 -26.34 -11.69 -22.69
C GLY D 843 -27.30 -11.30 -21.60
N ILE D 844 -28.37 -12.08 -21.48
CA ILE D 844 -29.40 -11.90 -20.45
C ILE D 844 -29.80 -13.28 -19.97
N ARG D 845 -29.67 -13.52 -18.67
CA ARG D 845 -30.03 -14.80 -18.07
C ARG D 845 -31.12 -14.56 -17.03
N VAL D 846 -32.31 -15.08 -17.29
CA VAL D 846 -33.48 -14.84 -16.46
C VAL D 846 -33.97 -16.16 -15.88
N PHE D 847 -34.04 -16.22 -14.56
CA PHE D 847 -34.61 -17.33 -13.83
C PHE D 847 -36.03 -16.98 -13.41
N SER D 848 -36.79 -18.00 -13.02
CA SER D 848 -38.19 -17.78 -12.66
C SER D 848 -38.69 -18.96 -11.83
N ARG D 849 -39.60 -18.66 -10.92
CA ARG D 849 -40.23 -19.71 -10.12
C ARG D 849 -41.26 -20.48 -10.94
N GLU D 850 -41.84 -19.86 -11.97
CA GLU D 850 -42.81 -20.55 -12.81
C GLU D 850 -42.22 -21.78 -13.46
N ASP D 851 -40.94 -21.76 -13.80
CA ASP D 851 -40.27 -22.89 -14.42
C ASP D 851 -39.61 -23.82 -13.41
N GLU D 852 -40.05 -23.77 -12.15
CA GLU D 852 -39.55 -24.65 -11.10
C GLU D 852 -38.03 -24.73 -11.10
N ASP D 853 -37.39 -23.57 -11.23
CA ASP D 853 -35.95 -23.46 -11.07
C ASP D 853 -35.62 -23.34 -9.58
N GLU D 854 -34.44 -23.83 -9.21
CA GLU D 854 -34.02 -23.78 -7.83
C GLU D 854 -33.44 -22.41 -7.52
N LEU D 855 -34.17 -21.63 -6.75
CA LEU D 855 -33.79 -20.27 -6.37
C LEU D 855 -33.68 -20.20 -4.86
N PRO D 856 -32.95 -19.21 -4.34
CA PRO D 856 -32.91 -19.03 -2.89
C PRO D 856 -34.31 -18.82 -2.33
N ALA D 857 -34.53 -19.34 -1.12
CA ALA D 857 -35.86 -19.32 -0.53
C ALA D 857 -36.40 -17.90 -0.45
N GLY D 858 -37.68 -17.74 -0.80
CA GLY D 858 -38.33 -16.46 -0.75
C GLY D 858 -38.14 -15.60 -1.97
N VAL D 859 -37.46 -16.10 -3.00
CA VAL D 859 -37.19 -15.35 -4.23
C VAL D 859 -38.08 -15.90 -5.33
N ASN D 860 -38.75 -15.01 -6.05
CA ASN D 860 -39.61 -15.44 -7.14
C ASN D 860 -38.88 -15.47 -8.47
N GLU D 861 -38.06 -14.45 -8.75
CA GLU D 861 -37.40 -14.30 -10.02
C GLU D 861 -35.99 -13.77 -9.81
N LEU D 862 -35.12 -14.01 -10.79
CA LEU D 862 -33.73 -13.58 -10.73
C LEU D 862 -33.24 -13.41 -12.15
N VAL D 863 -32.74 -12.22 -12.48
CA VAL D 863 -32.28 -11.90 -13.83
C VAL D 863 -30.88 -11.32 -13.76
N ARG D 864 -30.04 -11.73 -14.70
CA ARG D 864 -28.62 -11.38 -14.74
C ARG D 864 -28.27 -10.85 -16.13
N VAL D 865 -27.63 -9.68 -16.18
CA VAL D 865 -27.36 -8.98 -17.43
C VAL D 865 -25.86 -8.81 -17.56
N TYR D 866 -25.32 -9.12 -18.74
CA TYR D 866 -23.89 -9.04 -19.00
C TYR D 866 -23.61 -7.89 -19.97
N VAL D 867 -22.67 -7.03 -19.58
CA VAL D 867 -22.30 -5.85 -20.34
C VAL D 867 -20.82 -5.93 -20.65
N ALA D 868 -20.45 -5.75 -21.92
CA ALA D 868 -19.10 -5.98 -22.39
C ALA D 868 -18.51 -4.74 -23.02
N GLN D 869 -17.23 -4.50 -22.77
CA GLN D 869 -16.48 -3.39 -23.35
C GLN D 869 -15.26 -3.92 -24.06
N LYS D 870 -14.78 -3.17 -25.05
CA LYS D 870 -13.51 -3.46 -25.72
C LYS D 870 -12.58 -2.27 -25.50
N ARG D 871 -11.47 -2.52 -24.83
CA ARG D 871 -10.57 -1.46 -24.37
C ARG D 871 -9.26 -1.51 -25.16
N LYS D 872 -8.87 -0.37 -25.71
CA LYS D 872 -7.58 -0.26 -26.36
C LYS D 872 -6.53 0.26 -25.37
N ILE D 873 -5.28 0.19 -25.79
CA ILE D 873 -4.18 0.66 -24.95
C ILE D 873 -4.13 2.18 -25.02
N SER D 874 -3.85 2.81 -23.88
CA SER D 874 -3.88 4.26 -23.79
C SER D 874 -2.89 4.73 -22.72
N ASP D 875 -2.59 6.02 -22.74
CA ASP D 875 -1.66 6.59 -21.78
C ASP D 875 -2.09 6.31 -20.36
N GLY D 876 -1.15 5.88 -19.53
CA GLY D 876 -1.42 5.53 -18.15
C GLY D 876 -1.69 4.06 -17.93
N ASP D 877 -1.91 3.28 -18.98
CA ASP D 877 -2.04 1.84 -18.82
C ASP D 877 -0.67 1.23 -18.53
N LYS D 878 -0.68 0.14 -17.78
CA LYS D 878 0.53 -0.47 -17.24
C LYS D 878 0.96 -1.63 -18.14
N LEU D 879 2.21 -1.64 -18.55
CA LEU D 879 2.80 -2.69 -19.36
C LEU D 879 3.95 -3.32 -18.57
N ALA D 880 4.46 -4.45 -19.06
CA ALA D 880 5.50 -5.14 -18.33
C ALA D 880 6.16 -6.19 -19.21
N GLY D 881 7.42 -6.49 -18.90
CA GLY D 881 8.11 -7.63 -19.45
C GLY D 881 8.18 -8.76 -18.45
N ARG D 882 8.92 -9.80 -18.81
CA ARG D 882 9.05 -10.98 -17.98
C ARG D 882 10.20 -10.88 -16.99
N HIS D 883 10.88 -9.73 -16.94
CA HIS D 883 12.04 -9.55 -16.08
C HIS D 883 11.82 -8.44 -15.06
N GLY D 884 10.57 -8.09 -14.77
CA GLY D 884 10.27 -7.06 -13.81
C GLY D 884 10.49 -5.64 -14.29
N ASN D 885 10.44 -5.40 -15.60
CA ASN D 885 10.57 -4.05 -16.14
C ASN D 885 9.18 -3.48 -16.43
N LYS D 886 8.53 -3.03 -15.36
CA LYS D 886 7.21 -2.44 -15.47
C LYS D 886 7.31 -0.95 -15.79
N GLY D 887 6.14 -0.34 -15.97
CA GLY D 887 6.07 1.08 -16.28
C GLY D 887 4.77 1.43 -16.97
N VAL D 888 4.22 2.60 -16.68
CA VAL D 888 3.00 3.05 -17.33
C VAL D 888 3.36 3.70 -18.65
N ILE D 889 2.40 3.76 -19.57
CA ILE D 889 2.63 4.33 -20.89
C ILE D 889 2.59 5.84 -20.77
N GLY D 890 3.70 6.48 -21.12
CA GLY D 890 3.79 7.92 -21.03
C GLY D 890 3.17 8.60 -22.23
N LYS D 891 3.54 8.17 -23.44
CA LYS D 891 3.03 8.76 -24.65
C LYS D 891 2.77 7.68 -25.69
N ILE D 892 1.89 7.99 -26.64
CA ILE D 892 1.63 7.15 -27.80
C ILE D 892 1.85 8.03 -29.02
N LEU D 893 2.99 7.86 -29.68
CA LEU D 893 3.40 8.72 -30.78
C LEU D 893 2.75 8.27 -32.10
N PRO D 894 2.46 9.20 -33.02
CA PRO D 894 2.10 8.78 -34.37
C PRO D 894 3.22 7.99 -35.02
N VAL D 895 2.88 7.13 -35.98
CA VAL D 895 3.87 6.20 -36.53
C VAL D 895 4.95 6.89 -37.32
N GLU D 896 4.76 8.14 -37.71
CA GLU D 896 5.75 8.82 -38.53
C GLU D 896 6.90 9.44 -37.73
N ASP D 897 6.65 9.96 -36.53
CA ASP D 897 7.67 10.49 -35.64
C ASP D 897 8.13 9.42 -34.65
N MET D 898 8.71 8.35 -35.15
CA MET D 898 9.35 7.34 -34.33
C MET D 898 10.67 6.94 -34.95
N PRO D 899 11.68 6.57 -34.17
CA PRO D 899 12.93 6.08 -34.76
C PRO D 899 12.68 4.91 -35.69
N PHE D 900 13.16 4.99 -36.93
CA PHE D 900 12.93 3.93 -37.90
C PHE D 900 14.25 3.42 -38.48
N LEU D 901 14.25 2.14 -38.81
CA LEU D 901 15.43 1.47 -39.33
C LEU D 901 15.74 1.98 -40.73
N ALA D 902 16.84 1.53 -41.32
CA ALA D 902 17.26 2.04 -42.62
C ALA D 902 16.29 1.67 -43.73
N ASP D 903 15.46 0.66 -43.53
CA ASP D 903 14.49 0.22 -44.52
C ASP D 903 13.12 0.84 -44.33
N GLY D 904 12.96 1.73 -43.35
CA GLY D 904 11.71 2.39 -43.11
C GLY D 904 10.83 1.75 -42.05
N THR D 905 11.35 0.82 -41.27
CA THR D 905 10.54 0.13 -40.26
C THR D 905 10.56 0.91 -38.96
N PRO D 906 9.43 1.42 -38.48
CA PRO D 906 9.42 2.08 -37.17
C PRO D 906 9.51 1.08 -36.03
N VAL D 907 10.05 1.55 -34.91
CA VAL D 907 10.02 0.75 -33.70
C VAL D 907 8.65 0.87 -33.04
N ASP D 908 8.27 -0.17 -32.29
CA ASP D 908 6.98 -0.21 -31.62
C ASP D 908 7.04 0.37 -30.22
N ILE D 909 8.12 0.09 -29.48
CA ILE D 909 8.25 0.50 -28.11
C ILE D 909 9.65 1.09 -27.91
N ILE D 910 9.77 2.00 -26.96
CA ILE D 910 11.03 2.63 -26.61
C ILE D 910 11.20 2.53 -25.11
N LEU D 911 12.30 1.92 -24.66
CA LEU D 911 12.62 1.79 -23.25
C LEU D 911 13.83 2.64 -22.91
N ASN D 912 13.88 3.15 -21.68
CA ASN D 912 14.95 4.02 -21.23
C ASN D 912 16.18 3.22 -20.86
N THR D 913 17.35 3.82 -21.06
CA THR D 913 18.62 3.17 -20.76
C THR D 913 18.92 3.16 -19.26
N HIS D 914 18.52 4.21 -18.55
CA HIS D 914 18.95 4.39 -17.17
C HIS D 914 18.34 3.39 -16.21
N GLY D 915 17.30 2.65 -16.64
CA GLY D 915 16.69 1.69 -15.75
C GLY D 915 17.34 0.32 -15.75
N VAL D 916 18.09 -0.01 -16.80
CA VAL D 916 18.60 -1.37 -16.98
C VAL D 916 19.80 -1.64 -16.07
N PRO D 917 20.91 -0.90 -16.20
CA PRO D 917 22.13 -1.29 -15.48
C PRO D 917 22.03 -1.16 -13.96
N ARG D 918 21.16 -0.29 -13.46
CA ARG D 918 21.03 -0.05 -12.03
C ARG D 918 20.19 -1.09 -11.31
N ARG D 919 19.31 -1.79 -12.02
CA ARG D 919 18.41 -2.77 -11.41
C ARG D 919 18.91 -4.20 -11.51
N MET D 920 19.94 -4.44 -12.32
CA MET D 920 20.57 -5.76 -12.39
C MET D 920 19.61 -6.81 -12.96
N ASN D 921 18.98 -6.46 -14.08
CA ASN D 921 18.09 -7.36 -14.81
C ASN D 921 18.51 -7.44 -16.28
N ILE D 922 19.79 -7.70 -16.52
CA ILE D 922 20.36 -7.68 -17.86
C ILE D 922 19.77 -8.77 -18.73
N GLY D 923 18.89 -9.60 -18.17
CA GLY D 923 18.26 -10.64 -18.97
C GLY D 923 17.38 -10.09 -20.08
N GLN D 924 16.86 -8.88 -19.90
CA GLN D 924 16.01 -8.29 -20.93
C GLN D 924 16.82 -7.92 -22.16
N ILE D 925 18.07 -7.50 -22.00
CA ILE D 925 18.92 -7.19 -23.14
C ILE D 925 19.23 -8.46 -23.93
N LEU D 926 19.56 -9.54 -23.23
CA LEU D 926 19.83 -10.80 -23.92
C LEU D 926 18.58 -11.34 -24.60
N GLU D 927 17.43 -11.18 -23.97
CA GLU D 927 16.17 -11.55 -24.62
C GLU D 927 15.96 -10.73 -25.88
N THR D 928 16.28 -9.44 -25.84
CA THR D 928 16.15 -8.59 -27.01
C THR D 928 17.04 -9.07 -28.14
N HIS D 929 18.29 -9.39 -27.83
CA HIS D 929 19.22 -9.89 -28.86
C HIS D 929 18.73 -11.21 -29.45
N LEU D 930 18.35 -12.17 -28.61
CA LEU D 930 17.90 -13.44 -29.13
C LEU D 930 16.57 -13.31 -29.87
N GLY D 931 15.73 -12.36 -29.47
CA GLY D 931 14.51 -12.11 -30.20
C GLY D 931 14.76 -11.56 -31.59
N TRP D 932 15.74 -10.66 -31.72
CA TRP D 932 16.10 -10.24 -33.07
C TRP D 932 16.62 -11.41 -33.89
N CYS D 933 17.49 -12.23 -33.31
CA CYS D 933 18.02 -13.37 -34.05
C CYS D 933 16.92 -14.32 -34.49
N ALA D 934 15.95 -14.60 -33.61
CA ALA D 934 14.84 -15.47 -33.95
C ALA D 934 13.92 -14.86 -35.00
N HIS D 935 13.64 -13.56 -34.90
CA HIS D 935 12.80 -12.89 -35.90
C HIS D 935 13.43 -12.96 -37.27
N SER D 936 14.71 -12.58 -37.38
CA SER D 936 15.35 -12.52 -38.70
C SER D 936 15.72 -13.90 -39.23
N GLY D 937 16.02 -14.85 -38.35
CA GLY D 937 16.49 -16.16 -38.79
C GLY D 937 17.98 -16.11 -39.08
N TRP D 938 18.70 -17.20 -38.83
CA TRP D 938 20.15 -17.22 -38.98
C TRP D 938 20.59 -18.44 -39.78
N LYS D 939 21.89 -18.51 -40.03
CA LYS D 939 22.51 -19.69 -40.65
C LYS D 939 23.98 -19.68 -40.30
N VAL D 940 24.41 -20.60 -39.43
CA VAL D 940 25.83 -20.75 -39.11
C VAL D 940 26.52 -21.43 -40.27
N ASP D 941 27.55 -20.79 -40.81
CA ASP D 941 28.23 -21.27 -42.01
C ASP D 941 29.25 -22.34 -41.61
N ALA D 942 28.86 -23.60 -41.77
CA ALA D 942 29.77 -24.72 -41.59
C ALA D 942 30.41 -25.11 -42.92
N ALA D 943 30.91 -24.09 -43.62
CA ALA D 943 31.54 -24.32 -44.92
C ALA D 943 32.78 -25.20 -44.78
N LYS D 944 33.69 -24.84 -43.87
CA LYS D 944 34.85 -25.67 -43.54
C LYS D 944 34.94 -25.78 -42.01
N GLY D 945 34.24 -26.78 -41.47
CA GLY D 945 34.25 -27.01 -40.04
C GLY D 945 33.33 -26.08 -39.28
N VAL D 946 32.58 -26.62 -38.34
CA VAL D 946 31.70 -25.79 -37.51
C VAL D 946 32.54 -24.83 -36.69
N PRO D 947 32.11 -23.59 -36.47
CA PRO D 947 32.89 -22.68 -35.62
C PRO D 947 32.99 -23.20 -34.20
N ASP D 948 34.05 -22.78 -33.51
CA ASP D 948 34.27 -23.26 -32.15
C ASP D 948 33.13 -22.86 -31.23
N TRP D 949 32.64 -21.64 -31.34
CA TRP D 949 31.54 -21.20 -30.48
C TRP D 949 30.29 -22.05 -30.71
N ALA D 950 30.19 -22.67 -31.89
CA ALA D 950 29.07 -23.54 -32.22
C ALA D 950 29.41 -25.01 -32.09
N ALA D 951 30.39 -25.35 -31.25
CA ALA D 951 30.81 -26.75 -31.12
C ALA D 951 29.82 -27.57 -30.32
N ARG D 952 29.46 -27.09 -29.14
CA ARG D 952 28.50 -27.79 -28.28
C ARG D 952 27.07 -27.31 -28.51
N LEU D 953 26.85 -26.44 -29.47
CA LEU D 953 25.51 -26.04 -29.83
C LEU D 953 24.77 -27.24 -30.44
N PRO D 954 23.55 -27.53 -29.98
CA PRO D 954 22.82 -28.67 -30.53
C PRO D 954 22.68 -28.56 -32.03
N ASP D 955 22.57 -29.71 -32.67
CA ASP D 955 22.34 -29.72 -34.11
C ASP D 955 20.97 -29.09 -34.40
N GLU D 956 20.69 -28.89 -35.68
CA GLU D 956 19.47 -28.22 -36.14
C GLU D 956 19.20 -26.94 -35.37
N LEU D 957 20.25 -26.34 -34.78
CA LEU D 957 20.25 -24.95 -34.37
C LEU D 957 21.25 -24.16 -35.20
N LEU D 958 21.99 -24.83 -36.10
CA LEU D 958 22.94 -24.16 -36.96
C LEU D 958 22.25 -23.31 -38.01
N GLU D 959 20.93 -23.44 -38.17
CA GLU D 959 20.20 -22.60 -39.09
C GLU D 959 18.75 -22.55 -38.65
N ALA D 960 18.12 -21.39 -38.85
CA ALA D 960 16.72 -21.21 -38.52
C ALA D 960 16.08 -20.32 -39.56
N GLN D 961 14.78 -20.51 -39.75
CA GLN D 961 13.99 -19.70 -40.67
C GLN D 961 13.50 -18.44 -39.97
N PRO D 962 13.15 -17.41 -40.72
CA PRO D 962 12.63 -16.19 -40.08
C PRO D 962 11.38 -16.49 -39.26
N ASN D 963 11.23 -15.77 -38.16
CA ASN D 963 10.14 -15.99 -37.22
C ASN D 963 10.17 -17.39 -36.63
N ALA D 964 11.34 -17.84 -36.21
CA ALA D 964 11.52 -19.13 -35.57
C ALA D 964 11.27 -19.00 -34.08
N ILE D 965 10.62 -20.00 -33.49
CA ILE D 965 10.42 -20.03 -32.06
C ILE D 965 11.44 -20.96 -31.43
N VAL D 966 12.15 -20.44 -30.44
CA VAL D 966 13.22 -21.15 -29.74
C VAL D 966 12.90 -21.19 -28.26
N SER D 967 13.75 -21.85 -27.49
CA SER D 967 13.53 -21.93 -26.04
C SER D 967 14.88 -22.00 -25.35
N THR D 968 15.02 -21.22 -24.28
CA THR D 968 16.19 -21.26 -23.41
C THR D 968 15.73 -21.65 -22.01
N PRO D 969 15.86 -22.92 -21.61
CA PRO D 969 15.44 -23.30 -20.26
C PRO D 969 16.06 -22.39 -19.20
N VAL D 970 15.49 -22.46 -18.00
CA VAL D 970 15.70 -21.37 -17.05
C VAL D 970 17.15 -21.28 -16.61
N PHE D 971 17.79 -22.41 -16.29
CA PHE D 971 19.18 -22.41 -15.86
C PHE D 971 20.12 -23.13 -16.83
N ASP D 972 19.60 -23.60 -17.97
CA ASP D 972 20.44 -24.22 -19.00
C ASP D 972 19.91 -23.71 -20.34
N GLY D 973 20.48 -22.62 -20.84
CA GLY D 973 20.00 -22.01 -22.05
C GLY D 973 21.11 -21.60 -23.01
N ALA D 974 21.02 -20.38 -23.52
CA ALA D 974 21.97 -19.87 -24.50
C ALA D 974 23.09 -19.14 -23.78
N GLN D 975 24.33 -19.50 -24.08
CA GLN D 975 25.49 -18.83 -23.52
C GLN D 975 25.71 -17.49 -24.22
N GLU D 976 26.57 -16.66 -23.62
CA GLU D 976 26.89 -15.38 -24.23
C GLU D 976 27.67 -15.56 -25.53
N ALA D 977 28.58 -16.52 -25.57
CA ALA D 977 29.34 -16.78 -26.80
C ALA D 977 28.43 -17.22 -27.94
N GLU D 978 27.45 -18.07 -27.62
CA GLU D 978 26.51 -18.51 -28.65
C GLU D 978 25.62 -17.37 -29.13
N LEU D 979 25.17 -16.50 -28.22
CA LEU D 979 24.40 -15.34 -28.66
C LEU D 979 25.22 -14.44 -29.56
N GLN D 980 26.47 -14.19 -29.20
CA GLN D 980 27.34 -13.36 -30.03
C GLN D 980 27.54 -13.99 -31.40
N GLY D 981 27.80 -15.29 -31.44
CA GLY D 981 27.97 -15.96 -32.73
C GLY D 981 26.73 -15.91 -33.58
N LEU D 982 25.55 -16.11 -32.98
CA LEU D 982 24.31 -16.05 -33.74
C LEU D 982 24.06 -14.65 -34.27
N LEU D 983 24.38 -13.62 -33.47
CA LEU D 983 24.25 -12.25 -33.95
C LEU D 983 25.17 -11.97 -35.13
N SER D 984 26.35 -12.58 -35.16
CA SER D 984 27.28 -12.31 -36.26
C SER D 984 26.77 -12.88 -37.58
N CYS D 985 25.92 -13.91 -37.54
CA CYS D 985 25.38 -14.55 -38.73
C CYS D 985 23.86 -14.53 -38.66
N THR D 986 23.23 -13.60 -39.40
CA THR D 986 21.78 -13.40 -39.37
C THR D 986 21.35 -12.93 -40.77
N LEU D 987 20.21 -13.43 -41.23
CA LEU D 987 19.79 -13.29 -42.63
C LEU D 987 19.36 -11.87 -42.99
N PRO D 988 19.60 -11.43 -44.24
CA PRO D 988 19.07 -10.13 -44.68
C PRO D 988 17.55 -10.15 -44.83
N ASN D 989 16.96 -8.96 -44.94
CA ASN D 989 15.50 -8.87 -44.85
C ASN D 989 14.82 -9.15 -46.19
N ARG D 990 14.92 -8.21 -47.15
CA ARG D 990 14.39 -8.43 -48.49
C ARG D 990 15.50 -8.27 -49.51
N ASP D 991 16.19 -7.14 -49.44
CA ASP D 991 17.46 -6.97 -50.13
C ASP D 991 18.59 -7.33 -49.18
N GLY D 992 19.76 -7.58 -49.75
CA GLY D 992 20.86 -8.06 -48.94
C GLY D 992 21.39 -6.98 -48.03
N ASP D 993 20.55 -6.52 -47.09
CA ASP D 993 20.92 -5.50 -46.12
C ASP D 993 20.76 -6.07 -44.71
N VAL D 994 21.85 -6.06 -43.95
CA VAL D 994 21.83 -6.46 -42.55
C VAL D 994 21.69 -5.19 -41.72
N LEU D 995 20.56 -5.06 -41.03
CA LEU D 995 20.22 -3.85 -40.31
C LEU D 995 20.87 -3.77 -38.94
N VAL D 996 21.13 -4.90 -38.29
CA VAL D 996 21.70 -4.94 -36.95
C VAL D 996 23.06 -5.63 -37.05
N ASP D 997 24.09 -4.99 -36.52
CA ASP D 997 25.46 -5.46 -36.69
C ASP D 997 25.80 -6.49 -35.60
N ALA D 998 27.06 -6.89 -35.54
CA ALA D 998 27.48 -7.94 -34.63
C ALA D 998 27.31 -7.55 -33.17
N ASP D 999 27.44 -6.27 -32.84
CA ASP D 999 27.20 -5.81 -31.48
C ASP D 999 25.73 -5.86 -31.08
N GLY D 1000 24.83 -5.99 -32.05
CA GLY D 1000 23.41 -6.00 -31.78
C GLY D 1000 22.73 -4.66 -31.84
N LYS D 1001 23.36 -3.66 -32.45
CA LYS D 1001 22.86 -2.29 -32.49
C LYS D 1001 22.59 -1.88 -33.93
N ALA D 1002 21.67 -0.92 -34.09
CA ALA D 1002 21.28 -0.46 -35.41
C ALA D 1002 21.41 1.05 -35.48
N MET D 1003 21.55 1.56 -36.70
CA MET D 1003 21.58 3.00 -36.96
C MET D 1003 20.16 3.44 -37.23
N LEU D 1004 19.62 4.30 -36.36
CA LEU D 1004 18.25 4.76 -36.47
C LEU D 1004 18.20 6.17 -37.03
N PHE D 1005 17.08 6.50 -37.66
CA PHE D 1005 16.78 7.85 -38.13
C PHE D 1005 15.81 8.50 -37.17
N ASP D 1006 15.93 9.80 -36.99
CA ASP D 1006 14.99 10.54 -36.16
C ASP D 1006 13.76 10.90 -37.00
N GLY D 1007 12.66 10.19 -36.77
CA GLY D 1007 11.48 10.39 -37.59
C GLY D 1007 10.84 11.74 -37.40
N ARG D 1008 11.28 12.48 -36.38
CA ARG D 1008 10.68 13.77 -36.06
C ARG D 1008 11.48 14.92 -36.68
N SER D 1009 12.81 14.81 -36.68
CA SER D 1009 13.65 15.82 -37.32
C SER D 1009 14.12 15.36 -38.70
N GLY D 1010 14.52 14.10 -38.81
CA GLY D 1010 14.93 13.54 -40.08
C GLY D 1010 16.37 13.06 -40.09
N GLU D 1011 17.20 13.72 -39.29
CA GLU D 1011 18.61 13.37 -39.26
C GLU D 1011 18.82 12.02 -38.59
N PRO D 1012 19.87 11.30 -38.94
CA PRO D 1012 20.17 10.05 -38.24
C PRO D 1012 20.73 10.33 -36.84
N PHE D 1013 20.42 9.43 -35.92
CA PHE D 1013 21.03 9.52 -34.60
C PHE D 1013 22.53 9.27 -34.71
N PRO D 1014 23.36 10.02 -33.98
CA PRO D 1014 24.81 9.93 -34.20
C PRO D 1014 25.44 8.59 -33.88
N TYR D 1015 24.87 7.80 -32.96
CA TYR D 1015 25.46 6.55 -32.54
C TYR D 1015 24.45 5.42 -32.70
N PRO D 1016 24.90 4.19 -32.91
CA PRO D 1016 23.96 3.07 -33.05
C PRO D 1016 23.22 2.78 -31.75
N VAL D 1017 22.02 2.24 -31.89
CA VAL D 1017 21.13 1.96 -30.77
C VAL D 1017 20.80 0.47 -30.77
N THR D 1018 20.50 -0.07 -29.59
CA THR D 1018 20.16 -1.48 -29.47
C THR D 1018 18.71 -1.71 -29.87
N VAL D 1019 18.49 -2.62 -30.82
CA VAL D 1019 17.16 -2.97 -31.27
C VAL D 1019 17.00 -4.49 -31.24
N GLY D 1020 15.75 -4.92 -31.10
CA GLY D 1020 15.42 -6.32 -31.04
C GLY D 1020 13.95 -6.50 -30.74
N TYR D 1021 13.58 -7.72 -30.40
CA TYR D 1021 12.19 -8.06 -30.12
C TYR D 1021 12.06 -8.49 -28.67
N MET D 1022 11.20 -7.80 -27.92
CA MET D 1022 10.92 -8.12 -26.53
C MET D 1022 9.45 -8.51 -26.41
N TYR D 1023 9.18 -9.40 -25.45
CA TYR D 1023 7.85 -9.94 -25.22
C TYR D 1023 7.23 -9.21 -24.04
N ILE D 1024 6.28 -8.32 -24.31
CA ILE D 1024 5.74 -7.44 -23.28
C ILE D 1024 4.27 -7.78 -23.06
N MET D 1025 3.82 -7.56 -21.83
CA MET D 1025 2.50 -7.94 -21.36
C MET D 1025 1.70 -6.70 -20.95
N LYS D 1026 0.39 -6.80 -21.08
CA LYS D 1026 -0.54 -5.75 -20.67
C LYS D 1026 -1.14 -6.16 -19.32
N LEU D 1027 -0.89 -5.36 -18.30
CA LEU D 1027 -1.31 -5.69 -16.95
C LEU D 1027 -2.70 -5.12 -16.66
N HIS D 1028 -3.38 -5.73 -15.69
CA HIS D 1028 -4.77 -5.39 -15.38
C HIS D 1028 -4.83 -4.21 -14.41
N HIS D 1029 -4.19 -3.12 -14.79
CA HIS D 1029 -4.12 -1.88 -14.00
C HIS D 1029 -4.42 -0.69 -14.90
N LEU D 1030 -5.52 -0.77 -15.64
CA LEU D 1030 -5.83 0.22 -16.66
C LEU D 1030 -6.37 1.51 -16.05
N VAL D 1031 -6.18 2.62 -16.78
CA VAL D 1031 -6.56 3.93 -16.26
C VAL D 1031 -8.07 4.06 -16.15
N ASP D 1032 -8.81 3.48 -17.10
CA ASP D 1032 -10.24 3.67 -17.14
C ASP D 1032 -10.94 3.25 -15.87
N ASP D 1033 -10.32 2.39 -15.07
CA ASP D 1033 -10.83 2.02 -13.76
C ASP D 1033 -10.25 2.89 -12.64
N LYS D 1034 -9.33 3.78 -12.95
CA LYS D 1034 -8.58 4.51 -11.94
C LYS D 1034 -8.93 5.99 -11.86
N ILE D 1035 -9.59 6.54 -12.88
CA ILE D 1035 -9.87 7.96 -12.97
C ILE D 1035 -11.23 8.24 -12.35
N HIS D 1036 -11.31 9.29 -11.54
CA HIS D 1036 -12.56 9.64 -10.88
C HIS D 1036 -12.49 11.11 -10.45
N ALA D 1037 -13.62 11.79 -10.50
CA ALA D 1037 -13.74 13.17 -10.09
C ALA D 1037 -15.13 13.43 -9.53
N ARG D 1038 -15.28 14.50 -8.77
CA ARG D 1038 -16.53 14.82 -8.10
C ARG D 1038 -16.59 16.29 -7.75
N SER D 1039 -17.69 16.94 -8.11
CA SER D 1039 -17.99 18.27 -7.60
C SER D 1039 -18.83 18.18 -6.34
N THR D 1040 -20.02 17.59 -6.44
CA THR D 1040 -20.85 17.27 -5.29
C THR D 1040 -21.66 16.03 -5.62
N GLY D 1041 -22.12 15.33 -4.58
CA GLY D 1041 -22.84 14.10 -4.77
C GLY D 1041 -23.48 13.54 -3.52
N PRO D 1042 -23.59 12.21 -3.44
CA PRO D 1042 -24.20 11.58 -2.26
C PRO D 1042 -23.38 11.81 -1.00
N TYR D 1043 -24.06 11.88 0.14
CA TYR D 1043 -23.43 12.02 1.44
C TYR D 1043 -23.85 10.88 2.35
N SER D 1044 -23.08 10.68 3.42
CA SER D 1044 -23.35 9.61 4.37
C SER D 1044 -24.56 9.98 5.21
N MET D 1045 -24.94 9.12 6.17
CA MET D 1045 -26.16 9.31 6.92
C MET D 1045 -25.88 9.71 8.35
N ILE D 1046 -25.10 8.92 9.08
CA ILE D 1046 -24.79 9.22 10.47
C ILE D 1046 -23.99 10.51 10.51
N THR D 1047 -22.84 10.51 9.88
CA THR D 1047 -22.11 11.74 9.63
C THR D 1047 -22.34 12.18 8.20
N GLN D 1048 -22.47 13.48 8.00
CA GLN D 1048 -22.93 14.02 6.72
C GLN D 1048 -21.80 14.22 5.73
N GLN D 1049 -20.72 13.45 5.86
CA GLN D 1049 -19.60 13.58 4.96
C GLN D 1049 -19.86 12.84 3.64
N PRO D 1050 -19.13 13.19 2.57
CA PRO D 1050 -19.31 12.49 1.30
C PRO D 1050 -18.95 11.02 1.40
N LEU D 1051 -19.53 10.23 0.51
CA LEU D 1051 -19.28 8.80 0.46
C LEU D 1051 -17.88 8.55 -0.08
N GLY D 1052 -17.56 7.28 -0.28
CA GLY D 1052 -16.28 6.89 -0.85
C GLY D 1052 -16.46 5.83 -1.91
N GLY D 1053 -15.58 5.87 -2.90
CA GLY D 1053 -15.62 4.91 -3.99
C GLY D 1053 -16.14 5.54 -5.26
N LYS D 1054 -15.73 4.97 -6.40
CA LYS D 1054 -16.14 5.51 -7.69
C LYS D 1054 -17.57 5.13 -8.04
N ALA D 1055 -18.01 3.92 -7.67
CA ALA D 1055 -19.32 3.44 -8.07
C ALA D 1055 -20.45 4.22 -7.45
N GLN D 1056 -20.24 4.82 -6.28
CA GLN D 1056 -21.25 5.70 -5.71
C GLN D 1056 -21.01 7.12 -6.19
N PHE D 1057 -19.87 7.67 -5.81
CA PHE D 1057 -19.32 8.91 -6.32
C PHE D 1057 -18.17 9.27 -5.40
N GLY D 1058 -18.49 9.68 -4.18
CA GLY D 1058 -17.49 9.78 -3.14
C GLY D 1058 -16.42 10.80 -3.41
N GLY D 1059 -15.77 11.26 -2.35
CA GLY D 1059 -14.70 12.22 -2.47
C GLY D 1059 -13.38 11.59 -2.07
N GLN D 1060 -12.31 12.26 -2.47
CA GLN D 1060 -10.99 11.83 -2.04
C GLN D 1060 -10.78 12.20 -0.58
N ARG D 1061 -10.05 11.35 0.13
CA ARG D 1061 -9.87 11.54 1.56
C ARG D 1061 -8.72 12.50 1.83
N PHE D 1062 -8.97 13.46 2.72
CA PHE D 1062 -7.97 14.43 3.17
C PHE D 1062 -7.59 14.04 4.59
N GLY D 1063 -6.54 13.22 4.71
CA GLY D 1063 -6.23 12.57 5.96
C GLY D 1063 -5.44 13.43 6.92
N GLU D 1064 -4.90 12.77 7.94
CA GLU D 1064 -4.12 13.44 8.97
C GLU D 1064 -2.82 14.00 8.41
N MET D 1065 -2.13 13.22 7.58
CA MET D 1065 -0.84 13.65 7.06
C MET D 1065 -1.00 14.86 6.15
N GLU D 1066 -2.06 14.88 5.34
CA GLU D 1066 -2.32 16.05 4.50
C GLU D 1066 -2.68 17.28 5.32
N CYS D 1067 -3.26 17.11 6.50
CA CYS D 1067 -3.49 18.21 7.43
C CYS D 1067 -2.20 18.72 8.04
N TRP D 1068 -1.28 17.83 8.39
CA TRP D 1068 0.02 18.26 8.87
C TRP D 1068 0.74 19.06 7.79
N ALA D 1069 0.65 18.62 6.54
CA ALA D 1069 1.34 19.33 5.46
C ALA D 1069 0.81 20.75 5.32
N MET D 1070 -0.51 20.93 5.38
CA MET D 1070 -1.11 22.25 5.27
C MET D 1070 -0.85 23.12 6.49
N GLN D 1071 -0.78 22.53 7.68
CA GLN D 1071 -0.38 23.28 8.86
C GLN D 1071 1.07 23.74 8.74
N ALA D 1072 1.94 22.89 8.18
CA ALA D 1072 3.33 23.26 7.96
C ALA D 1072 3.46 24.39 6.96
N TYR D 1073 2.67 24.36 5.87
CA TYR D 1073 2.69 25.48 4.94
C TYR D 1073 2.23 26.77 5.61
N GLY D 1074 1.33 26.66 6.58
CA GLY D 1074 0.74 27.83 7.22
C GLY D 1074 -0.59 28.25 6.65
N ALA D 1075 -1.16 27.48 5.73
CA ALA D 1075 -2.40 27.84 5.05
C ALA D 1075 -3.58 27.45 5.94
N ALA D 1076 -4.08 28.41 6.71
CA ALA D 1076 -5.17 28.16 7.64
C ALA D 1076 -6.54 28.18 6.98
N TYR D 1077 -6.72 29.04 5.98
CA TYR D 1077 -8.03 29.18 5.34
C TYR D 1077 -8.33 27.98 4.43
N THR D 1078 -7.33 27.53 3.67
CA THR D 1078 -7.51 26.34 2.86
C THR D 1078 -7.91 25.15 3.72
N LEU D 1079 -7.19 24.94 4.83
CA LEU D 1079 -7.49 23.86 5.74
C LEU D 1079 -8.86 23.99 6.39
N GLN D 1080 -9.27 25.20 6.79
CA GLN D 1080 -10.59 25.39 7.36
C GLN D 1080 -11.70 25.13 6.38
N GLU D 1081 -11.58 25.56 5.13
CA GLU D 1081 -12.63 25.30 4.17
C GLU D 1081 -12.70 23.82 3.80
N LEU D 1082 -11.55 23.17 3.61
CA LEU D 1082 -11.53 21.76 3.25
C LEU D 1082 -12.25 20.89 4.27
N LEU D 1083 -12.23 21.25 5.55
CA LEU D 1083 -12.80 20.43 6.60
C LEU D 1083 -14.20 20.85 7.01
N THR D 1084 -14.67 22.00 6.54
CA THR D 1084 -16.00 22.46 6.91
C THR D 1084 -16.95 22.52 5.72
N ILE D 1085 -16.62 23.30 4.69
CA ILE D 1085 -17.63 23.60 3.67
C ILE D 1085 -17.43 22.71 2.46
N LYS D 1086 -16.55 21.72 2.58
CA LYS D 1086 -16.39 20.70 1.55
C LYS D 1086 -16.72 19.32 2.09
N SER D 1087 -16.85 19.17 3.41
CA SER D 1087 -17.11 17.84 3.95
C SER D 1087 -18.46 17.73 4.64
N ASP D 1088 -18.69 18.47 5.74
CA ASP D 1088 -19.85 18.22 6.58
C ASP D 1088 -20.45 19.47 7.22
N ASP D 1089 -20.26 20.64 6.63
CA ASP D 1089 -20.98 21.83 7.08
C ASP D 1089 -22.27 21.90 6.27
N THR D 1090 -23.37 21.40 6.86
CA THR D 1090 -24.57 21.09 6.09
C THR D 1090 -25.18 22.32 5.42
N VAL D 1091 -25.08 23.49 6.03
CA VAL D 1091 -25.61 24.70 5.39
C VAL D 1091 -24.54 25.37 4.55
N GLY D 1092 -23.28 25.24 4.95
CA GLY D 1092 -22.20 25.82 4.18
C GLY D 1092 -22.14 25.26 2.77
N ARG D 1093 -22.42 23.97 2.61
CA ARG D 1093 -22.36 23.37 1.27
C ARG D 1093 -23.32 24.06 0.32
N VAL D 1094 -24.59 24.15 0.71
CA VAL D 1094 -25.58 24.77 -0.17
C VAL D 1094 -25.27 26.24 -0.38
N LYS D 1095 -24.86 26.93 0.68
CA LYS D 1095 -24.60 28.36 0.55
C LYS D 1095 -23.44 28.63 -0.39
N VAL D 1096 -22.37 27.81 -0.31
CA VAL D 1096 -21.23 28.04 -1.19
C VAL D 1096 -21.58 27.68 -2.63
N TYR D 1097 -22.37 26.64 -2.84
CA TYR D 1097 -22.80 26.33 -4.20
C TYR D 1097 -23.60 27.49 -4.79
N GLU D 1098 -24.53 28.03 -4.01
CA GLU D 1098 -25.33 29.17 -4.48
C GLU D 1098 -24.45 30.38 -4.75
N ALA D 1099 -23.49 30.64 -3.87
CA ALA D 1099 -22.60 31.78 -4.06
C ALA D 1099 -21.78 31.63 -5.34
N ILE D 1100 -21.30 30.43 -5.62
CA ILE D 1100 -20.52 30.21 -6.83
C ILE D 1100 -21.39 30.43 -8.06
N VAL D 1101 -22.56 29.80 -8.11
CA VAL D 1101 -23.37 29.89 -9.32
C VAL D 1101 -23.89 31.31 -9.52
N LYS D 1102 -24.11 32.06 -8.46
CA LYS D 1102 -24.60 33.43 -8.55
C LYS D 1102 -23.48 34.46 -8.58
N GLY D 1103 -22.22 34.04 -8.48
CA GLY D 1103 -21.10 34.95 -8.58
C GLY D 1103 -20.79 35.75 -7.34
N GLU D 1104 -21.38 35.42 -6.19
CA GLU D 1104 -21.14 36.15 -4.96
C GLU D 1104 -19.83 35.70 -4.31
N ASN D 1105 -19.58 36.17 -3.09
CA ASN D 1105 -18.42 35.77 -2.32
C ASN D 1105 -18.73 34.52 -1.51
N ILE D 1106 -17.76 33.62 -1.41
CA ILE D 1106 -17.98 32.39 -0.64
C ILE D 1106 -18.20 32.75 0.83
N PRO D 1107 -19.24 32.23 1.48
CA PRO D 1107 -19.52 32.64 2.87
C PRO D 1107 -18.55 32.05 3.87
N GLU D 1108 -18.80 32.28 5.16
CA GLU D 1108 -17.93 31.80 6.22
C GLU D 1108 -18.39 30.44 6.73
N PRO D 1109 -17.48 29.53 7.05
CA PRO D 1109 -17.90 28.20 7.49
C PRO D 1109 -18.56 28.21 8.86
N GLY D 1110 -19.31 27.15 9.14
CA GLY D 1110 -19.96 26.97 10.42
C GLY D 1110 -19.28 25.91 11.26
N ILE D 1111 -20.07 25.00 11.84
CA ILE D 1111 -19.55 23.93 12.68
C ILE D 1111 -19.73 22.60 11.99
N PRO D 1112 -18.71 21.74 11.92
CA PRO D 1112 -18.90 20.43 11.30
C PRO D 1112 -19.90 19.58 12.08
N GLU D 1113 -20.58 18.69 11.36
CA GLU D 1113 -21.57 17.83 11.98
C GLU D 1113 -20.95 16.67 12.75
N SER D 1114 -19.75 16.25 12.37
CA SER D 1114 -19.10 15.15 13.07
C SER D 1114 -18.75 15.54 14.51
N PHE D 1115 -18.44 16.81 14.75
CA PHE D 1115 -18.19 17.26 16.12
C PHE D 1115 -19.43 17.12 17.00
N LYS D 1116 -20.60 17.47 16.48
CA LYS D 1116 -21.85 17.29 17.23
C LYS D 1116 -22.20 15.81 17.40
N VAL D 1117 -21.91 14.97 16.41
CA VAL D 1117 -22.08 13.54 16.60
C VAL D 1117 -21.19 13.04 17.73
N LEU D 1118 -19.94 13.53 17.78
CA LEU D 1118 -19.02 13.17 18.84
C LEU D 1118 -19.56 13.58 20.20
N LEU D 1119 -20.09 14.80 20.29
CA LEU D 1119 -20.67 15.25 21.56
C LEU D 1119 -21.82 14.35 22.00
N LYS D 1120 -22.69 13.97 21.06
CA LYS D 1120 -23.81 13.11 21.44
C LYS D 1120 -23.35 11.74 21.88
N GLU D 1121 -22.33 11.17 21.22
CA GLU D 1121 -21.79 9.89 21.67
C GLU D 1121 -21.17 10.00 23.06
N LEU D 1122 -20.42 11.07 23.31
CA LEU D 1122 -19.84 11.27 24.64
C LEU D 1122 -20.92 11.40 25.69
N GLN D 1123 -21.99 12.13 25.42
CA GLN D 1123 -23.11 12.18 26.35
C GLN D 1123 -23.78 10.83 26.51
N SER D 1124 -23.82 10.02 25.46
CA SER D 1124 -24.40 8.68 25.57
C SER D 1124 -23.55 7.77 26.45
N LEU D 1125 -22.26 8.06 26.57
CA LEU D 1125 -21.40 7.33 27.52
C LEU D 1125 -21.48 7.89 28.93
N CYS D 1126 -22.52 8.67 29.24
CA CYS D 1126 -22.74 9.23 30.57
C CYS D 1126 -21.61 10.18 30.98
N LEU D 1127 -21.26 11.10 30.08
CA LEU D 1127 -20.25 12.13 30.36
C LEU D 1127 -20.90 13.48 30.10
N ASN D 1128 -20.78 14.40 31.05
CA ASN D 1128 -21.43 15.70 30.96
C ASN D 1128 -20.53 16.66 30.20
N VAL D 1129 -20.54 16.56 28.88
CA VAL D 1129 -19.75 17.44 28.01
C VAL D 1129 -20.59 18.66 27.69
N GLU D 1130 -20.04 19.85 27.94
CA GLU D 1130 -20.75 21.10 27.73
C GLU D 1130 -19.78 22.14 27.19
N VAL D 1131 -20.26 22.98 26.28
CA VAL D 1131 -19.44 24.00 25.65
C VAL D 1131 -19.76 25.34 26.29
N LEU D 1132 -18.73 25.99 26.82
CA LEU D 1132 -18.90 27.20 27.61
C LEU D 1132 -18.64 28.44 26.75
N SER D 1133 -19.03 29.59 27.30
CA SER D 1133 -18.85 30.86 26.60
C SER D 1133 -18.45 31.96 27.58
N GLY E 1 -23.50 28.10 28.81
CA GLY E 1 -22.89 28.46 27.50
C GLY E 1 -23.82 28.19 26.33
N ALA E 2 -23.23 27.95 25.16
CA ALA E 2 -24.00 27.67 23.96
C ALA E 2 -24.73 26.33 24.08
N MET E 3 -25.85 26.19 23.38
CA MET E 3 -26.63 24.95 23.37
C MET E 3 -26.61 24.27 22.01
N LEU E 4 -27.02 24.96 20.95
CA LEU E 4 -26.90 24.45 19.59
C LEU E 4 -25.65 24.94 18.90
N ASP E 5 -24.83 25.75 19.55
CA ASP E 5 -23.50 26.11 19.07
C ASP E 5 -23.56 27.10 17.91
N VAL E 6 -22.89 28.23 18.03
CA VAL E 6 -22.76 29.20 16.96
C VAL E 6 -21.29 29.56 16.76
N ASN E 7 -20.41 28.75 17.34
CA ASN E 7 -18.96 28.96 17.27
C ASN E 7 -18.54 30.23 17.98
N PHE E 8 -19.12 30.48 19.15
CA PHE E 8 -18.61 31.46 20.10
C PHE E 8 -17.94 30.76 21.28
N PHE E 9 -17.34 29.60 21.02
CA PHE E 9 -16.78 28.78 22.08
C PHE E 9 -15.60 29.50 22.74
N ASP E 10 -15.52 29.39 24.06
CA ASP E 10 -14.32 29.73 24.79
C ASP E 10 -13.67 28.53 25.45
N GLU E 11 -14.45 27.51 25.81
CA GLU E 11 -13.94 26.36 26.53
C GLU E 11 -14.81 25.15 26.22
N LEU E 12 -14.27 23.96 26.48
CA LEU E 12 -15.01 22.72 26.40
C LEU E 12 -14.75 21.95 27.69
N ARG E 13 -15.80 21.71 28.47
CA ARG E 13 -15.68 21.14 29.80
C ARG E 13 -16.23 19.73 29.79
N ILE E 14 -15.50 18.80 30.40
CA ILE E 14 -15.98 17.44 30.56
C ILE E 14 -16.11 17.11 32.04
N GLY E 15 -17.06 16.23 32.37
CA GLY E 15 -17.27 15.82 33.73
C GLY E 15 -18.24 14.67 33.88
N LEU E 16 -18.34 14.13 35.08
CA LEU E 16 -19.29 13.05 35.34
C LEU E 16 -20.71 13.59 35.31
N ALA E 17 -21.63 12.79 34.79
CA ALA E 17 -23.04 13.14 34.77
C ALA E 17 -23.81 12.33 35.80
N THR E 18 -24.70 13.01 36.51
CA THR E 18 -25.57 12.38 37.49
C THR E 18 -26.89 12.00 36.82
N ALA E 19 -27.72 11.28 37.58
CA ALA E 19 -29.01 10.86 37.03
C ALA E 19 -29.90 12.06 36.73
N GLU E 20 -29.81 13.11 37.55
CA GLU E 20 -30.61 14.30 37.34
C GLU E 20 -30.26 15.03 36.05
N ASP E 21 -29.01 14.93 35.59
CA ASP E 21 -28.65 15.46 34.28
C ASP E 21 -29.13 14.55 33.17
N ILE E 22 -29.06 13.23 33.40
CA ILE E 22 -29.46 12.28 32.36
C ILE E 22 -30.94 12.39 32.06
N ARG E 23 -31.76 12.54 33.11
CA ARG E 23 -33.19 12.72 32.91
C ARG E 23 -33.57 14.18 32.72
N GLN E 24 -32.59 15.07 32.62
CA GLN E 24 -32.79 16.44 32.16
C GLN E 24 -32.51 16.60 30.68
N TRP E 25 -31.51 15.89 30.14
CA TRP E 25 -31.32 15.85 28.70
C TRP E 25 -32.52 15.21 28.00
N SER E 26 -33.13 14.22 28.66
CA SER E 26 -34.11 13.36 28.02
C SER E 26 -35.34 14.15 27.57
N TYR E 27 -35.89 13.72 26.44
CA TYR E 27 -37.20 14.17 25.99
C TYR E 27 -38.30 13.16 26.25
N GLY E 28 -37.97 12.00 26.82
CA GLY E 28 -38.95 10.98 27.10
C GLY E 28 -38.27 9.78 27.73
N GLU E 29 -39.06 8.73 27.95
CA GLU E 29 -38.58 7.50 28.56
C GLU E 29 -38.88 6.33 27.63
N VAL E 30 -37.84 5.62 27.21
CA VAL E 30 -38.02 4.42 26.40
C VAL E 30 -38.35 3.25 27.31
N LYS E 31 -39.50 2.63 27.08
CA LYS E 31 -39.93 1.54 27.95
C LYS E 31 -40.56 0.39 27.18
N LYS E 32 -40.17 0.17 25.92
CA LYS E 32 -40.61 -1.00 25.17
C LYS E 32 -39.54 -1.38 24.16
N PRO E 33 -39.24 -2.67 24.03
CA PRO E 33 -38.12 -3.08 23.17
C PRO E 33 -38.51 -3.23 21.71
N GLU E 34 -39.26 -2.27 21.18
CA GLU E 34 -39.73 -2.29 19.81
C GLU E 34 -39.01 -1.21 19.03
N THR E 35 -38.82 -1.46 17.73
CA THR E 35 -38.16 -0.50 16.87
C THR E 35 -39.12 0.07 15.84
N ILE E 36 -39.71 -0.79 15.02
CA ILE E 36 -40.54 -0.37 13.90
C ILE E 36 -41.56 -1.44 13.60
N ASN E 37 -42.75 -1.00 13.19
CA ASN E 37 -43.79 -1.91 12.73
C ASN E 37 -43.51 -2.25 11.27
N TYR E 38 -43.31 -3.53 10.98
CA TYR E 38 -42.80 -3.92 9.67
C TYR E 38 -43.83 -3.66 8.57
N ARG E 39 -45.11 -3.65 8.91
CA ARG E 39 -46.15 -3.56 7.89
C ARG E 39 -46.42 -2.11 7.52
N THR E 40 -46.77 -1.28 8.50
CA THR E 40 -47.00 0.13 8.21
C THR E 40 -45.69 0.88 8.06
N LEU E 41 -44.58 0.28 8.51
CA LEU E 41 -43.26 0.89 8.44
C LEU E 41 -43.18 2.20 9.20
N LYS E 42 -43.93 2.34 10.29
CA LYS E 42 -43.93 3.54 11.11
C LYS E 42 -43.45 3.22 12.52
N PRO E 43 -42.70 4.11 13.16
CA PRO E 43 -42.16 3.78 14.49
C PRO E 43 -43.26 3.48 15.49
N GLU E 44 -42.99 2.50 16.35
CA GLU E 44 -43.94 2.14 17.38
C GLU E 44 -43.88 3.16 18.52
N LYS E 45 -44.81 3.03 19.46
CA LYS E 45 -44.88 3.98 20.56
C LYS E 45 -44.08 3.48 21.75
N ASP E 46 -43.41 4.41 22.42
CA ASP E 46 -42.59 4.12 23.59
C ASP E 46 -41.48 3.13 23.26
N GLY E 47 -41.08 3.05 21.98
CA GLY E 47 -40.02 2.18 21.55
C GLY E 47 -38.71 2.92 21.42
N LEU E 48 -37.80 2.33 20.65
CA LEU E 48 -36.51 2.95 20.38
C LEU E 48 -36.57 3.99 19.28
N PHE E 49 -37.70 4.10 18.56
CA PHE E 49 -37.83 5.08 17.50
C PHE E 49 -39.10 5.92 17.65
N CYS E 50 -39.70 5.95 18.83
CA CYS E 50 -40.96 6.66 19.00
C CYS E 50 -40.85 8.10 18.56
N GLU E 51 -41.86 8.57 17.82
CA GLU E 51 -41.86 9.94 17.33
C GLU E 51 -42.18 10.94 18.43
N LYS E 52 -42.93 10.54 19.46
CA LYS E 52 -43.21 11.45 20.56
C LYS E 52 -41.94 11.78 21.34
N ILE E 53 -41.04 10.81 21.49
CA ILE E 53 -39.81 11.03 22.24
C ILE E 53 -38.77 11.73 21.37
N PHE E 54 -38.51 11.21 20.17
CA PHE E 54 -37.38 11.66 19.37
C PHE E 54 -37.73 12.63 18.27
N GLY E 55 -39.01 12.80 17.93
CA GLY E 55 -39.41 13.80 16.97
C GLY E 55 -39.93 13.22 15.68
N PRO E 56 -40.59 14.03 14.87
CA PRO E 56 -41.25 13.52 13.66
C PRO E 56 -40.27 12.92 12.67
N THR E 57 -40.72 11.87 12.00
CA THR E 57 -39.96 11.27 10.90
C THR E 57 -40.12 12.04 9.60
N ARG E 58 -41.16 12.87 9.49
CA ARG E 58 -41.44 13.64 8.29
C ARG E 58 -41.64 15.10 8.66
N ASP E 59 -41.21 16.00 7.79
CA ASP E 59 -41.22 17.42 8.11
C ASP E 59 -42.65 17.93 8.30
N TRP E 60 -42.93 18.44 9.49
CA TRP E 60 -44.24 19.02 9.81
C TRP E 60 -45.37 18.03 9.52
N GLU E 61 -45.24 16.82 10.06
CA GLU E 61 -46.28 15.81 9.93
C GLU E 61 -46.31 15.02 11.22
N CYS E 62 -47.43 15.06 11.93
CA CYS E 62 -47.56 14.36 13.20
C CYS E 62 -47.76 12.87 12.94
N TYR E 63 -47.92 12.09 14.01
CA TYR E 63 -48.09 10.65 13.89
C TYR E 63 -49.50 10.31 13.39
N CYS E 64 -50.52 10.98 13.91
CA CYS E 64 -51.90 10.67 13.59
C CYS E 64 -52.40 11.32 12.32
N GLY E 65 -51.65 12.25 11.74
CA GLY E 65 -52.03 12.89 10.49
C GLY E 65 -52.95 14.08 10.63
N LYS E 66 -53.25 14.52 11.85
CA LYS E 66 -54.12 15.68 12.01
C LYS E 66 -53.46 16.96 11.49
N TYR E 67 -52.14 17.07 11.65
CA TYR E 67 -51.38 18.23 11.20
C TYR E 67 -50.42 17.81 10.11
N LYS E 68 -50.37 18.58 9.02
CA LYS E 68 -49.46 18.31 7.91
C LYS E 68 -48.88 19.58 7.29
N ARG E 69 -49.18 20.75 7.85
CA ARG E 69 -48.87 22.01 7.20
C ARG E 69 -47.83 22.78 8.00
N VAL E 70 -47.00 23.54 7.26
CA VAL E 70 -45.92 24.29 7.89
C VAL E 70 -46.49 25.33 8.85
N ARG E 71 -47.67 25.88 8.53
CA ARG E 71 -48.25 26.91 9.38
C ARG E 71 -48.33 26.47 10.82
N PHE E 72 -48.68 25.21 11.06
CA PHE E 72 -48.58 24.66 12.40
C PHE E 72 -47.11 24.48 12.77
N LYS E 73 -46.73 25.00 13.93
CA LYS E 73 -45.35 24.92 14.37
C LYS E 73 -45.31 25.10 15.87
N GLY E 74 -44.40 24.36 16.51
CA GLY E 74 -44.15 24.54 17.92
C GLY E 74 -45.30 24.12 18.81
N ILE E 75 -46.25 23.37 18.26
CA ILE E 75 -47.39 22.87 19.02
C ILE E 75 -47.35 21.36 19.04
N ILE E 76 -47.81 20.78 20.15
CA ILE E 76 -47.82 19.34 20.33
C ILE E 76 -49.24 18.85 20.11
N CYS E 77 -49.42 17.99 19.13
CA CYS E 77 -50.76 17.46 18.85
C CYS E 77 -51.33 16.84 20.11
N GLU E 78 -52.59 17.16 20.40
CA GLU E 78 -53.23 16.70 21.63
C GLU E 78 -53.60 15.23 21.60
N ARG E 79 -53.55 14.58 20.43
CA ARG E 79 -53.91 13.19 20.29
C ARG E 79 -52.71 12.27 20.27
N CYS E 80 -51.78 12.47 19.32
CA CYS E 80 -50.61 11.61 19.23
C CYS E 80 -49.47 12.10 20.12
N GLY E 81 -49.47 13.38 20.47
CA GLY E 81 -48.43 13.93 21.31
C GLY E 81 -47.14 14.25 20.58
N VAL E 82 -47.07 14.02 19.27
CA VAL E 82 -45.88 14.30 18.49
C VAL E 82 -45.82 15.80 18.24
N GLU E 83 -44.66 16.39 18.50
CA GLU E 83 -44.49 17.82 18.32
C GLU E 83 -44.23 18.12 16.85
N VAL E 84 -45.02 19.02 16.27
CA VAL E 84 -44.93 19.33 14.85
C VAL E 84 -43.73 20.23 14.61
N THR E 85 -42.71 19.71 13.94
CA THR E 85 -41.48 20.44 13.67
C THR E 85 -40.74 19.76 12.53
N ARG E 86 -39.50 20.17 12.32
CA ARG E 86 -38.67 19.61 11.27
C ARG E 86 -38.07 18.28 11.72
N ALA E 87 -37.90 17.37 10.76
CA ALA E 87 -37.49 16.01 11.08
C ALA E 87 -36.02 15.94 11.50
N LYS E 88 -35.27 17.03 11.31
CA LYS E 88 -33.85 17.04 11.63
C LYS E 88 -33.61 16.86 13.13
N VAL E 89 -34.66 17.10 13.93
CA VAL E 89 -34.49 17.03 15.39
C VAL E 89 -34.19 15.62 15.87
N ARG E 90 -34.43 14.60 15.05
CA ARG E 90 -34.10 13.24 15.46
C ARG E 90 -32.62 13.01 15.59
N ARG E 91 -31.78 13.93 15.12
CA ARG E 91 -30.34 13.81 15.33
C ARG E 91 -29.91 14.39 16.66
N GLU E 92 -30.83 15.04 17.37
CA GLU E 92 -30.50 15.83 18.55
C GLU E 92 -31.16 15.37 19.84
N ARG E 93 -32.35 14.78 19.78
CA ARG E 93 -33.14 14.50 20.97
C ARG E 93 -32.75 13.14 21.54
N MET E 94 -32.55 13.09 22.85
CA MET E 94 -32.21 11.86 23.56
C MET E 94 -33.34 11.44 24.46
N GLY E 95 -33.41 10.13 24.70
CA GLY E 95 -34.29 9.57 25.70
C GLY E 95 -33.48 8.99 26.84
N HIS E 96 -34.16 8.29 27.74
CA HIS E 96 -33.47 7.62 28.83
C HIS E 96 -34.26 6.39 29.24
N ILE E 97 -33.55 5.49 29.93
CA ILE E 97 -34.13 4.24 30.44
C ILE E 97 -34.04 4.31 31.95
N GLU E 98 -35.18 4.12 32.62
CA GLU E 98 -35.23 4.22 34.08
C GLU E 98 -35.01 2.83 34.67
N LEU E 99 -33.81 2.57 35.17
CA LEU E 99 -33.45 1.24 35.64
C LEU E 99 -34.13 0.94 36.97
N ALA E 100 -34.49 -0.34 37.14
CA ALA E 100 -35.14 -0.79 38.36
C ALA E 100 -34.16 -1.05 39.50
N ALA E 101 -32.87 -1.11 39.21
CA ALA E 101 -31.85 -1.24 40.23
C ALA E 101 -30.64 -0.39 39.85
N PRO E 102 -29.85 0.05 40.82
CA PRO E 102 -28.62 0.78 40.49
C PRO E 102 -27.63 -0.11 39.77
N VAL E 103 -26.85 0.51 38.89
CA VAL E 103 -25.87 -0.19 38.06
C VAL E 103 -24.62 0.67 38.00
N THR E 104 -23.46 0.04 38.12
CA THR E 104 -22.20 0.77 38.08
C THR E 104 -21.74 1.00 36.66
N HIS E 105 -20.88 1.99 36.48
CA HIS E 105 -20.25 2.25 35.20
C HIS E 105 -18.95 1.46 35.10
N ILE E 106 -18.79 0.75 33.98
CA ILE E 106 -17.66 -0.18 33.87
C ILE E 106 -16.35 0.59 33.72
N TRP E 107 -16.39 1.83 33.26
CA TRP E 107 -15.17 2.60 33.09
C TRP E 107 -14.46 2.85 34.41
N TYR E 108 -15.20 3.08 35.49
CA TYR E 108 -14.63 3.39 36.79
C TYR E 108 -14.51 2.16 37.68
N PHE E 109 -14.85 0.98 37.16
CA PHE E 109 -14.71 -0.25 37.93
C PHE E 109 -13.63 -1.14 37.33
N LYS E 110 -13.63 -1.31 36.01
CA LYS E 110 -12.73 -2.30 35.41
C LYS E 110 -11.38 -1.67 35.05
N GLY E 111 -11.40 -0.59 34.27
CA GLY E 111 -10.18 0.01 33.77
C GLY E 111 -9.07 0.09 34.79
N VAL E 112 -7.90 -0.45 34.46
CA VAL E 112 -6.76 -0.46 35.36
C VAL E 112 -6.06 0.90 35.30
N PRO E 113 -5.82 1.56 36.44
CA PRO E 113 -6.14 1.15 37.82
C PRO E 113 -7.62 1.30 38.12
N SER E 114 -8.22 0.41 38.90
CA SER E 114 -9.61 0.56 39.27
C SER E 114 -9.76 1.81 40.12
N ARG E 115 -10.67 2.70 39.70
CA ARG E 115 -10.85 3.98 40.37
C ARG E 115 -11.86 3.92 41.50
N LEU E 116 -12.86 3.04 41.41
CA LEU E 116 -13.69 2.74 42.57
C LEU E 116 -12.92 2.02 43.66
N GLY E 117 -11.95 1.19 43.29
CA GLY E 117 -11.14 0.48 44.27
C GLY E 117 -10.05 1.33 44.86
N TYR E 118 -9.87 2.54 44.33
CA TYR E 118 -8.99 3.52 44.95
C TYR E 118 -9.81 4.48 45.79
N LEU E 119 -11.00 4.83 45.30
CA LEU E 119 -11.87 5.71 46.08
C LEU E 119 -12.31 5.03 47.36
N LEU E 120 -12.67 3.75 47.30
CA LEU E 120 -13.17 3.01 48.45
C LEU E 120 -12.12 2.15 49.13
N ASP E 121 -10.94 2.00 48.54
CA ASP E 121 -9.89 1.15 49.08
C ASP E 121 -10.33 -0.32 49.14
N LEU E 122 -10.71 -0.83 47.97
CA LEU E 122 -11.11 -2.23 47.81
C LEU E 122 -10.36 -2.83 46.63
N ALA E 123 -9.81 -4.02 46.85
CA ALA E 123 -9.11 -4.70 45.77
C ALA E 123 -10.10 -5.04 44.66
N PRO E 124 -9.71 -4.92 43.39
CA PRO E 124 -10.67 -5.23 42.32
C PRO E 124 -11.22 -6.64 42.40
N LYS E 125 -10.41 -7.60 42.86
CA LYS E 125 -10.84 -8.99 42.88
C LYS E 125 -12.09 -9.17 43.71
N ASP E 126 -12.18 -8.50 44.86
CA ASP E 126 -13.34 -8.62 45.72
C ASP E 126 -14.39 -7.55 45.45
N LEU E 127 -14.05 -6.47 44.76
CA LEU E 127 -15.06 -5.55 44.28
C LEU E 127 -15.94 -6.19 43.21
N GLU E 128 -15.32 -6.99 42.33
CA GLU E 128 -16.10 -7.76 41.37
C GLU E 128 -17.05 -8.71 42.06
N LYS E 129 -16.67 -9.24 43.23
CA LYS E 129 -17.60 -10.05 44.00
C LYS E 129 -18.81 -9.24 44.46
N ILE E 130 -18.58 -8.01 44.94
CA ILE E 130 -19.68 -7.22 45.49
C ILE E 130 -20.65 -6.84 44.39
N ILE E 131 -20.15 -6.31 43.27
CA ILE E 131 -21.06 -5.75 42.28
C ILE E 131 -21.72 -6.81 41.40
N TYR E 132 -21.25 -8.06 41.43
CA TYR E 132 -21.88 -9.13 40.67
C TYR E 132 -22.52 -10.18 41.58
N PHE E 133 -22.98 -9.76 42.76
CA PHE E 133 -23.79 -10.60 43.63
C PHE E 133 -23.11 -11.93 43.94
N ALA E 134 -21.84 -11.87 44.32
CA ALA E 134 -21.11 -13.04 44.75
C ALA E 134 -20.64 -12.98 46.19
N ALA E 135 -21.05 -11.97 46.95
CA ALA E 135 -20.71 -11.87 48.36
C ALA E 135 -21.41 -10.66 48.95
N TYR E 136 -21.63 -10.71 50.27
CA TYR E 136 -22.19 -9.57 50.98
C TYR E 136 -21.09 -8.62 51.39
N VAL E 137 -21.47 -7.39 51.72
CA VAL E 137 -20.56 -6.37 52.20
C VAL E 137 -21.22 -5.63 53.34
N ILE E 138 -20.45 -5.36 54.39
CA ILE E 138 -20.94 -4.62 55.54
C ILE E 138 -20.83 -3.14 55.24
N THR E 139 -21.97 -2.46 55.10
CA THR E 139 -21.98 -1.05 54.74
C THR E 139 -21.99 -0.13 55.95
N SER E 140 -22.41 -0.62 57.12
CA SER E 140 -22.49 0.22 58.30
C SER E 140 -22.47 -0.67 59.52
N VAL E 141 -21.97 -0.12 60.63
CA VAL E 141 -21.91 -0.83 61.90
C VAL E 141 -22.00 0.19 63.03
N ASP E 142 -22.69 -0.17 64.12
CA ASP E 142 -22.79 0.66 65.30
C ASP E 142 -21.73 0.17 66.29
N GLU E 143 -20.79 1.04 66.63
CA GLU E 143 -19.59 0.64 67.36
C GLU E 143 -19.61 1.02 68.84
N GLU E 144 -20.69 1.61 69.34
CA GLU E 144 -20.84 1.89 70.77
C GLU E 144 -22.02 1.14 71.35
N MET E 145 -23.18 1.25 70.71
CA MET E 145 -24.27 0.32 70.96
C MET E 145 -23.71 -1.08 70.97
N ARG E 146 -22.77 -1.35 70.06
CA ARG E 146 -22.06 -2.61 70.11
C ARG E 146 -21.44 -2.71 71.50
N HIS E 147 -20.45 -1.89 71.84
CA HIS E 147 -19.73 -2.05 73.10
C HIS E 147 -20.65 -2.52 74.23
N ASN E 148 -21.76 -1.79 74.43
CA ASN E 148 -22.65 -2.12 75.54
C ASN E 148 -23.32 -3.48 75.34
N GLU E 149 -24.10 -3.61 74.27
CA GLU E 149 -24.83 -4.84 74.06
C GLU E 149 -23.86 -5.98 73.76
N LEU E 150 -22.59 -5.65 73.57
CA LEU E 150 -21.53 -6.60 73.26
C LEU E 150 -21.06 -7.24 74.55
N SER E 151 -20.83 -6.45 75.60
CA SER E 151 -20.65 -7.06 76.91
C SER E 151 -21.85 -7.95 77.25
N THR E 152 -23.06 -7.39 77.06
CA THR E 152 -24.25 -8.16 77.41
C THR E 152 -24.35 -9.46 76.60
N LEU E 153 -24.07 -9.38 75.29
CA LEU E 153 -24.21 -10.53 74.42
C LEU E 153 -23.06 -11.51 74.57
N GLU E 154 -21.90 -11.05 75.05
CA GLU E 154 -20.86 -11.98 75.45
C GLU E 154 -21.35 -12.84 76.60
N ALA E 155 -21.99 -12.20 77.59
CA ALA E 155 -22.58 -12.98 78.67
C ALA E 155 -23.63 -13.95 78.13
N GLU E 156 -24.51 -13.48 77.26
CA GLU E 156 -25.56 -14.32 76.70
C GLU E 156 -24.98 -15.50 75.90
N MET E 157 -23.94 -15.24 75.10
CA MET E 157 -23.33 -16.29 74.30
C MET E 157 -22.64 -17.32 75.18
N ALA E 158 -21.99 -16.88 76.25
CA ALA E 158 -21.43 -17.84 77.19
C ALA E 158 -22.53 -18.72 77.77
N VAL E 159 -23.66 -18.11 78.13
CA VAL E 159 -24.79 -18.88 78.66
C VAL E 159 -25.22 -19.93 77.65
N GLU E 160 -25.39 -19.52 76.39
CA GLU E 160 -25.85 -20.43 75.35
C GLU E 160 -24.88 -21.59 75.16
N ARG E 161 -23.58 -21.28 75.07
CA ARG E 161 -22.58 -22.32 74.87
C ARG E 161 -22.58 -23.30 76.03
N LYS E 162 -22.63 -22.80 77.26
CA LYS E 162 -22.62 -23.68 78.42
C LYS E 162 -23.87 -24.57 78.44
N ALA E 163 -25.03 -24.01 78.08
CA ALA E 163 -26.24 -24.81 78.07
C ALA E 163 -26.15 -25.93 77.04
N VAL E 164 -25.69 -25.61 75.83
CA VAL E 164 -25.57 -26.65 74.80
C VAL E 164 -24.57 -27.71 75.23
N GLU E 165 -23.45 -27.28 75.80
CA GLU E 165 -22.43 -28.23 76.24
C GLU E 165 -22.97 -29.14 77.34
N ASP E 166 -23.76 -28.59 78.25
CA ASP E 166 -24.35 -29.40 79.32
C ASP E 166 -25.33 -30.42 78.76
N GLN E 167 -26.13 -30.02 77.78
CA GLN E 167 -27.05 -30.97 77.16
C GLN E 167 -26.27 -32.11 76.51
N ARG E 168 -25.20 -31.76 75.80
CA ARG E 168 -24.37 -32.78 75.16
C ARG E 168 -23.72 -33.69 76.20
N ASP E 169 -23.32 -33.12 77.34
CA ASP E 169 -22.73 -33.91 78.41
C ASP E 169 -23.75 -34.90 78.98
N GLY E 170 -24.99 -34.46 79.14
CA GLY E 170 -26.04 -35.38 79.56
C GLY E 170 -26.24 -36.51 78.57
N GLU E 171 -26.19 -36.18 77.27
CA GLU E 171 -26.27 -37.22 76.25
C GLU E 171 -25.11 -38.21 76.38
N LEU E 172 -23.91 -37.69 76.62
CA LEU E 172 -22.75 -38.58 76.79
C LEU E 172 -22.92 -39.46 78.02
N GLU E 173 -23.50 -38.92 79.09
CA GLU E 173 -23.77 -39.73 80.27
C GLU E 173 -24.76 -40.85 79.97
N ALA E 174 -25.79 -40.55 79.18
CA ALA E 174 -26.73 -41.60 78.76
C ALA E 174 -25.99 -42.66 77.95
N ARG E 175 -25.10 -42.23 77.06
CA ARG E 175 -24.29 -43.20 76.30
C ARG E 175 -23.44 -44.05 77.23
N ALA E 176 -22.89 -43.45 78.28
CA ALA E 176 -22.10 -44.21 79.25
C ALA E 176 -22.95 -45.23 79.98
N GLN E 177 -24.20 -44.86 80.31
CA GLN E 177 -25.11 -45.83 80.92
C GLN E 177 -25.40 -46.98 79.96
N LYS E 178 -25.57 -46.67 78.68
CA LYS E 178 -25.73 -47.73 77.68
C LYS E 178 -24.52 -48.64 77.65
N LEU E 179 -23.32 -48.05 77.75
CA LEU E 179 -22.09 -48.85 77.79
C LEU E 179 -22.05 -49.75 79.02
N GLU E 180 -22.48 -49.22 80.17
CA GLU E 180 -22.54 -50.05 81.37
C GLU E 180 -23.51 -51.21 81.20
N ALA E 181 -24.66 -50.95 80.59
CA ALA E 181 -25.60 -52.03 80.31
C ALA E 181 -24.98 -53.06 79.37
N ASP E 182 -24.23 -52.60 78.36
CA ASP E 182 -23.54 -53.52 77.48
C ASP E 182 -22.56 -54.40 78.26
N LEU E 183 -21.79 -53.79 79.16
CA LEU E 183 -20.86 -54.56 79.99
C LEU E 183 -21.62 -55.58 80.84
N ALA E 184 -22.78 -55.19 81.35
CA ALA E 184 -23.60 -56.10 82.13
C ALA E 184 -23.97 -57.32 81.27
N GLU E 185 -24.42 -57.06 80.05
CA GLU E 185 -24.74 -58.14 79.13
C GLU E 185 -23.52 -59.04 78.93
N LEU E 186 -22.37 -58.44 78.67
CA LEU E 186 -21.13 -59.17 78.44
C LEU E 186 -20.83 -60.12 79.59
N GLU E 187 -20.66 -59.56 80.79
CA GLU E 187 -20.13 -60.35 81.90
C GLU E 187 -21.19 -61.30 82.45
N ALA E 188 -22.47 -60.94 82.34
CA ALA E 188 -23.55 -61.75 82.89
C ALA E 188 -23.55 -63.16 82.31
N GLU E 189 -23.78 -63.29 81.01
CA GLU E 189 -23.85 -64.60 80.37
C GLU E 189 -22.50 -64.94 79.74
N GLY E 190 -22.46 -66.03 78.98
CA GLY E 190 -21.23 -66.47 78.35
C GLY E 190 -21.12 -65.99 76.92
N ALA E 191 -20.23 -65.03 76.68
CA ALA E 191 -19.99 -64.52 75.34
C ALA E 191 -18.55 -63.99 75.30
N LYS E 192 -17.72 -64.60 74.47
CA LYS E 192 -16.29 -64.36 74.46
C LYS E 192 -15.96 -63.15 73.59
N ALA E 193 -14.67 -63.00 73.27
CA ALA E 193 -14.10 -61.80 72.66
C ALA E 193 -15.02 -61.12 71.63
N ASP E 194 -15.66 -61.90 70.76
CA ASP E 194 -16.46 -61.32 69.68
C ASP E 194 -17.41 -60.25 70.21
N ALA E 195 -18.32 -60.64 71.11
CA ALA E 195 -19.35 -59.73 71.59
C ALA E 195 -18.74 -58.55 72.35
N ARG E 196 -17.73 -58.83 73.20
CA ARG E 196 -17.10 -57.78 73.97
C ARG E 196 -16.55 -56.71 73.05
N ARG E 197 -15.73 -57.12 72.08
CA ARG E 197 -15.11 -56.19 71.16
C ARG E 197 -16.14 -55.43 70.35
N LYS E 198 -17.18 -56.14 69.87
CA LYS E 198 -18.20 -55.48 69.09
C LYS E 198 -18.87 -54.36 69.89
N VAL E 199 -19.32 -54.68 71.11
CA VAL E 199 -20.06 -53.68 71.89
C VAL E 199 -19.15 -52.52 72.28
N ARG E 200 -17.88 -52.81 72.60
CA ARG E 200 -16.98 -51.74 73.00
C ARG E 200 -16.65 -50.83 71.82
N ASP E 201 -16.47 -51.40 70.63
CA ASP E 201 -16.26 -50.58 69.45
C ASP E 201 -17.46 -49.71 69.17
N GLY E 202 -18.67 -50.27 69.27
CA GLY E 202 -19.86 -49.45 69.08
C GLY E 202 -19.93 -48.31 70.08
N GLY E 203 -19.67 -48.61 71.36
CA GLY E 203 -19.75 -47.59 72.38
C GLY E 203 -18.74 -46.48 72.17
N GLU E 204 -17.49 -46.84 71.90
CA GLU E 204 -16.47 -45.82 71.70
C GLU E 204 -16.76 -45.00 70.44
N ARG E 205 -17.27 -45.63 69.39
CA ARG E 205 -17.64 -44.89 68.19
C ARG E 205 -18.73 -43.86 68.50
N GLU E 206 -19.75 -44.27 69.27
CA GLU E 206 -20.81 -43.33 69.61
C GLU E 206 -20.30 -42.21 70.49
N MET E 207 -19.45 -42.53 71.47
CA MET E 207 -18.90 -41.49 72.33
C MET E 207 -18.11 -40.47 71.51
N ARG E 208 -17.27 -40.96 70.60
CA ARG E 208 -16.47 -40.05 69.79
C ARG E 208 -17.35 -39.22 68.87
N GLN E 209 -18.42 -39.81 68.33
CA GLN E 209 -19.33 -39.03 67.47
C GLN E 209 -20.00 -37.92 68.26
N ILE E 210 -20.40 -38.20 69.50
CA ILE E 210 -21.02 -37.16 70.32
C ILE E 210 -20.01 -36.06 70.62
N ARG E 211 -18.77 -36.43 70.96
CA ARG E 211 -17.73 -35.44 71.19
C ARG E 211 -17.53 -34.57 69.95
N ASP E 212 -17.51 -35.19 68.78
CA ASP E 212 -17.31 -34.44 67.54
C ASP E 212 -18.46 -33.46 67.30
N ARG E 213 -19.69 -33.92 67.53
CA ARG E 213 -20.84 -33.02 67.37
C ARG E 213 -20.72 -31.83 68.30
N ALA E 214 -20.36 -32.08 69.56
CA ALA E 214 -20.18 -30.97 70.51
C ALA E 214 -19.14 -30.00 70.00
N GLN E 215 -17.98 -30.52 69.57
CA GLN E 215 -16.90 -29.65 69.13
C GLN E 215 -17.31 -28.83 67.91
N ARG E 216 -18.00 -29.45 66.97
CA ARG E 216 -18.40 -28.75 65.75
C ARG E 216 -19.39 -27.64 66.04
N GLU E 217 -20.40 -27.93 66.87
CA GLU E 217 -21.37 -26.89 67.19
C GLU E 217 -20.71 -25.74 67.97
N LEU E 218 -19.83 -26.07 68.90
CA LEU E 218 -19.11 -25.03 69.62
C LEU E 218 -18.28 -24.19 68.67
N ASP E 219 -17.65 -24.83 67.68
CA ASP E 219 -16.85 -24.09 66.69
C ASP E 219 -17.72 -23.16 65.87
N ARG E 220 -18.90 -23.62 65.46
CA ARG E 220 -19.80 -22.74 64.71
C ARG E 220 -20.18 -21.52 65.53
N LEU E 221 -20.56 -21.73 66.79
CA LEU E 221 -20.94 -20.59 67.62
C LEU E 221 -19.74 -19.67 67.87
N GLU E 222 -18.56 -20.24 68.02
CA GLU E 222 -17.35 -19.42 68.19
C GLU E 222 -17.09 -18.57 66.96
N ASP E 223 -17.28 -19.14 65.77
CA ASP E 223 -17.13 -18.36 64.55
C ASP E 223 -18.14 -17.23 64.51
N ILE E 224 -19.38 -17.50 64.89
CA ILE E 224 -20.40 -16.44 64.92
C ILE E 224 -19.92 -15.30 65.81
N TRP E 225 -19.51 -15.63 67.04
CA TRP E 225 -19.10 -14.60 67.98
C TRP E 225 -17.89 -13.83 67.47
N SER E 226 -16.88 -14.55 66.97
CA SER E 226 -15.67 -13.90 66.51
C SER E 226 -15.95 -12.95 65.36
N THR E 227 -16.78 -13.38 64.41
CA THR E 227 -17.11 -12.51 63.30
C THR E 227 -17.87 -11.27 63.78
N PHE E 228 -18.83 -11.45 64.70
CA PHE E 228 -19.57 -10.29 65.17
C PHE E 228 -18.68 -9.29 65.89
N THR E 229 -17.77 -9.76 66.76
CA THR E 229 -17.04 -8.82 67.60
C THR E 229 -16.13 -7.90 66.77
N LYS E 230 -15.55 -8.42 65.69
CA LYS E 230 -14.62 -7.67 64.86
C LYS E 230 -15.25 -7.11 63.60
N LEU E 231 -16.58 -7.06 63.54
CA LEU E 231 -17.26 -6.59 62.34
C LEU E 231 -16.89 -5.14 62.06
N ALA E 232 -16.57 -4.85 60.80
CA ALA E 232 -16.17 -3.53 60.35
C ALA E 232 -16.78 -3.23 59.00
N PRO E 233 -16.90 -1.95 58.64
CA PRO E 233 -17.43 -1.61 57.30
C PRO E 233 -16.49 -2.08 56.20
N LYS E 234 -17.07 -2.31 55.02
CA LYS E 234 -16.32 -2.75 53.85
C LYS E 234 -15.76 -4.16 54.04
N GLN E 235 -16.39 -4.95 54.91
CA GLN E 235 -15.97 -6.31 55.18
C GLN E 235 -16.83 -7.28 54.38
N LEU E 236 -16.20 -8.16 53.60
CA LEU E 236 -16.90 -9.08 52.72
C LEU E 236 -17.29 -10.34 53.50
N ILE E 237 -18.60 -10.56 53.66
CA ILE E 237 -19.09 -11.77 54.31
C ILE E 237 -19.47 -12.81 53.25
N VAL E 238 -18.49 -13.60 52.82
CA VAL E 238 -18.74 -14.79 52.02
C VAL E 238 -19.33 -15.84 52.96
N ASP E 239 -19.73 -17.00 52.43
CA ASP E 239 -20.38 -18.02 53.24
C ASP E 239 -21.75 -17.55 53.74
N GLU E 240 -22.69 -17.46 52.79
CA GLU E 240 -24.02 -16.92 53.04
C GLU E 240 -24.55 -17.30 54.43
N ASN E 241 -24.42 -18.57 54.80
CA ASN E 241 -25.00 -19.03 56.06
C ASN E 241 -24.46 -18.24 57.24
N LEU E 242 -23.19 -17.86 57.19
CA LEU E 242 -22.63 -17.03 58.25
C LEU E 242 -23.39 -15.71 58.36
N TYR E 243 -23.63 -15.05 57.22
CA TYR E 243 -24.36 -13.79 57.23
C TYR E 243 -25.80 -13.99 57.69
N ARG E 244 -26.44 -15.08 57.27
CA ARG E 244 -27.81 -15.33 57.68
C ARG E 244 -27.90 -15.51 59.19
N GLU E 245 -26.98 -16.28 59.76
CA GLU E 245 -26.94 -16.44 61.21
C GLU E 245 -26.69 -15.11 61.91
N LEU E 246 -25.75 -14.32 61.39
CA LEU E 246 -25.43 -13.05 62.04
C LEU E 246 -26.63 -12.11 62.02
N VAL E 247 -27.28 -11.98 60.87
CA VAL E 247 -28.40 -11.05 60.74
C VAL E 247 -29.58 -11.54 61.57
N ASP E 248 -29.74 -12.86 61.70
CA ASP E 248 -30.82 -13.38 62.52
C ASP E 248 -30.55 -13.14 64.00
N ARG E 249 -29.34 -13.45 64.46
CA ARG E 249 -29.02 -13.35 65.88
C ARG E 249 -28.87 -11.90 66.31
N TYR E 250 -27.94 -11.17 65.68
CA TYR E 250 -27.79 -9.73 65.92
C TYR E 250 -28.13 -9.06 64.59
N GLY E 251 -29.43 -8.83 64.36
CA GLY E 251 -29.83 -8.07 63.20
C GLY E 251 -29.56 -6.60 63.32
N GLU E 252 -29.49 -6.09 64.54
CA GLU E 252 -29.10 -4.70 64.75
C GLU E 252 -27.58 -4.60 64.83
N TYR E 253 -27.11 -3.39 65.11
CA TYR E 253 -25.70 -3.05 65.27
C TYR E 253 -24.97 -2.99 63.92
N PHE E 254 -25.63 -3.33 62.82
CA PHE E 254 -24.95 -3.30 61.52
C PHE E 254 -25.95 -3.48 60.39
N THR E 255 -25.65 -2.88 59.24
CA THR E 255 -26.43 -3.07 58.02
C THR E 255 -25.51 -3.57 56.92
N GLY E 256 -25.95 -4.61 56.22
CA GLY E 256 -25.18 -5.17 55.13
C GLY E 256 -26.02 -5.35 53.89
N ALA E 257 -25.45 -5.07 52.73
CA ALA E 257 -26.17 -5.14 51.46
C ALA E 257 -25.34 -5.93 50.46
N MET E 258 -25.80 -5.93 49.20
CA MET E 258 -25.16 -6.69 48.14
C MET E 258 -25.48 -6.02 46.81
N GLY E 259 -24.54 -6.07 45.88
CA GLY E 259 -24.72 -5.49 44.57
C GLY E 259 -24.24 -4.06 44.50
N ALA E 260 -24.73 -3.34 43.49
CA ALA E 260 -24.31 -1.96 43.29
C ALA E 260 -24.95 -1.02 44.29
N GLU E 261 -26.11 -1.37 44.84
CA GLU E 261 -26.70 -0.52 45.87
C GLU E 261 -25.83 -0.49 47.13
N SER E 262 -25.13 -1.57 47.42
CA SER E 262 -24.20 -1.56 48.54
C SER E 262 -23.08 -0.57 48.30
N ILE E 263 -22.54 -0.51 47.08
CA ILE E 263 -21.50 0.47 46.77
C ILE E 263 -22.07 1.88 46.81
N GLN E 264 -23.32 2.06 46.40
CA GLN E 264 -23.93 3.37 46.50
C GLN E 264 -24.02 3.81 47.96
N LYS E 265 -24.42 2.89 48.84
CA LYS E 265 -24.50 3.23 50.25
C LYS E 265 -23.12 3.46 50.86
N LEU E 266 -22.11 2.74 50.35
CA LEU E 266 -20.74 2.99 50.81
C LEU E 266 -20.28 4.39 50.43
N ILE E 267 -20.58 4.82 49.20
CA ILE E 267 -20.19 6.16 48.79
C ILE E 267 -20.96 7.22 49.56
N GLU E 268 -22.24 6.99 49.84
CA GLU E 268 -23.00 7.96 50.62
C GLU E 268 -22.37 8.19 51.99
N ASN E 269 -21.97 7.10 52.65
CA ASN E 269 -21.35 7.19 53.97
C ASN E 269 -19.83 7.20 53.81
N PHE E 270 -19.34 8.27 53.19
CA PHE E 270 -17.92 8.38 52.87
C PHE E 270 -17.56 9.87 52.82
N ASP E 271 -16.86 10.34 53.84
CA ASP E 271 -16.39 11.72 53.86
C ASP E 271 -15.03 11.79 53.18
N ILE E 272 -14.87 12.75 52.27
CA ILE E 272 -13.68 12.80 51.41
C ILE E 272 -12.53 13.56 52.04
N ASP E 273 -12.73 14.22 53.18
CA ASP E 273 -11.67 15.02 53.77
C ASP E 273 -10.81 14.21 54.73
N ALA E 274 -11.43 13.38 55.57
CA ALA E 274 -10.65 12.53 56.47
C ALA E 274 -9.78 11.57 55.69
N GLU E 275 -10.31 11.00 54.61
CA GLU E 275 -9.52 10.10 53.79
C GLU E 275 -8.30 10.83 53.22
N ALA E 276 -8.50 12.04 52.70
CA ALA E 276 -7.40 12.78 52.11
C ALA E 276 -6.34 13.11 53.16
N GLU E 277 -6.77 13.55 54.34
CA GLU E 277 -5.82 13.89 55.39
C GLU E 277 -5.03 12.67 55.82
N SER E 278 -5.70 11.53 55.97
CA SER E 278 -5.01 10.30 56.35
C SER E 278 -3.98 9.91 55.29
N LEU E 279 -4.36 10.00 54.01
CA LEU E 279 -3.42 9.66 52.94
C LEU E 279 -2.22 10.60 52.93
N ARG E 280 -2.45 11.89 53.18
CA ARG E 280 -1.35 12.83 53.24
C ARG E 280 -0.41 12.52 54.39
N ASP E 281 -0.95 12.19 55.56
CA ASP E 281 -0.09 11.81 56.68
C ASP E 281 0.73 10.57 56.35
N VAL E 282 0.10 9.56 55.75
CA VAL E 282 0.83 8.34 55.39
C VAL E 282 1.92 8.66 54.38
N ILE E 283 1.65 9.57 53.46
CA ILE E 283 2.68 9.99 52.51
C ILE E 283 3.84 10.63 53.26
N ARG E 284 3.55 11.50 54.21
CA ARG E 284 4.62 12.21 54.90
C ARG E 284 5.47 11.29 55.76
N ASN E 285 4.86 10.22 56.29
CA ASN E 285 5.56 9.36 57.26
C ASN E 285 5.84 7.96 56.71
N GLY E 286 4.81 7.26 56.22
CA GLY E 286 4.89 5.82 55.98
C GLY E 286 6.17 5.31 55.34
N LYS E 287 6.43 5.72 54.10
CA LYS E 287 7.54 5.20 53.30
C LYS E 287 7.26 3.76 52.87
N GLY E 288 7.99 3.27 51.87
CA GLY E 288 7.78 1.91 51.41
C GLY E 288 6.52 1.78 50.58
N GLN E 289 6.02 0.54 50.48
CA GLN E 289 4.82 0.28 49.70
C GLN E 289 3.62 1.04 50.22
N LYS E 290 3.56 1.30 51.53
CA LYS E 290 2.47 2.09 52.07
C LYS E 290 2.45 3.48 51.46
N LYS E 291 3.61 4.12 51.35
CA LYS E 291 3.68 5.44 50.74
C LYS E 291 3.42 5.37 49.24
N LEU E 292 3.99 4.37 48.57
CA LEU E 292 3.78 4.27 47.13
C LEU E 292 2.34 3.90 46.78
N ARG E 293 1.57 3.39 47.74
CA ARG E 293 0.15 3.15 47.54
C ARG E 293 -0.70 4.35 47.91
N ALA E 294 -0.36 5.05 48.99
CA ALA E 294 -1.04 6.29 49.33
C ALA E 294 -0.87 7.35 48.25
N LEU E 295 0.29 7.42 47.60
CA LEU E 295 0.47 8.37 46.52
C LEU E 295 -0.47 8.07 45.36
N LYS E 296 -0.65 6.80 45.01
CA LYS E 296 -1.59 6.44 43.96
C LYS E 296 -3.03 6.73 44.37
N ARG E 297 -3.40 6.36 45.60
CA ARG E 297 -4.76 6.57 46.05
C ARG E 297 -5.12 8.04 46.12
N LEU E 298 -4.18 8.87 46.59
CA LEU E 298 -4.48 10.28 46.80
C LEU E 298 -4.83 11.01 45.52
N LYS E 299 -4.41 10.52 44.35
CA LYS E 299 -4.73 11.19 43.11
C LYS E 299 -6.24 11.31 42.93
N VAL E 300 -6.94 10.18 42.95
CA VAL E 300 -8.39 10.20 42.78
C VAL E 300 -9.11 10.84 43.95
N VAL E 301 -8.63 10.64 45.18
CA VAL E 301 -9.30 11.23 46.33
C VAL E 301 -9.22 12.76 46.28
N ALA E 302 -8.05 13.29 45.93
CA ALA E 302 -7.92 14.72 45.73
C ALA E 302 -8.75 15.21 44.55
N ALA E 303 -8.83 14.43 43.46
CA ALA E 303 -9.66 14.82 42.33
C ALA E 303 -11.11 14.98 42.75
N PHE E 304 -11.62 14.04 43.55
CA PHE E 304 -13.01 14.13 44.00
C PHE E 304 -13.17 15.14 45.12
N GLN E 305 -12.09 15.53 45.78
CA GLN E 305 -12.19 16.50 46.86
C GLN E 305 -12.22 17.93 46.34
N GLN E 306 -11.34 18.25 45.40
CA GLN E 306 -11.21 19.65 44.98
C GLN E 306 -12.51 20.15 44.34
N SER E 307 -13.12 19.35 43.47
CA SER E 307 -14.23 19.83 42.67
C SER E 307 -15.54 19.75 43.45
N GLY E 308 -16.53 20.50 42.98
CA GLY E 308 -17.86 20.41 43.58
C GLY E 308 -18.59 19.15 43.17
N ASN E 309 -18.08 18.45 42.14
CA ASN E 309 -18.71 17.23 41.68
C ASN E 309 -18.59 16.13 42.73
N SER E 310 -19.60 15.28 42.80
CA SER E 310 -19.66 14.17 43.74
C SER E 310 -19.23 12.88 43.07
N PRO E 311 -18.73 11.91 43.84
CA PRO E 311 -18.39 10.60 43.28
C PRO E 311 -19.58 9.68 43.01
N MET E 312 -20.80 10.10 43.38
CA MET E 312 -21.96 9.25 43.20
C MET E 312 -22.28 9.00 41.74
N GLY E 313 -21.69 9.77 40.82
CA GLY E 313 -21.92 9.55 39.40
C GLY E 313 -21.35 8.27 38.86
N MET E 314 -20.59 7.52 39.68
CA MET E 314 -20.08 6.23 39.24
C MET E 314 -21.16 5.17 39.18
N VAL E 315 -22.16 5.25 40.06
CA VAL E 315 -23.25 4.30 40.08
C VAL E 315 -24.47 4.94 39.42
N LEU E 316 -25.04 4.23 38.46
CA LEU E 316 -26.05 4.79 37.56
C LEU E 316 -27.45 4.35 37.97
N ASP E 317 -28.40 5.27 37.89
CA ASP E 317 -29.80 4.96 38.09
C ASP E 317 -30.65 5.19 36.86
N ALA E 318 -30.13 5.90 35.85
CA ALA E 318 -30.78 6.04 34.55
C ALA E 318 -29.72 5.90 33.48
N VAL E 319 -30.12 5.45 32.29
CA VAL E 319 -29.21 5.28 31.16
C VAL E 319 -29.70 6.16 30.02
N PRO E 320 -28.85 6.94 29.38
CA PRO E 320 -29.28 7.73 28.22
C PRO E 320 -29.31 6.90 26.95
N VAL E 321 -30.19 7.32 26.03
CA VAL E 321 -30.39 6.64 24.75
C VAL E 321 -30.03 7.61 23.63
N ILE E 322 -29.18 7.17 22.72
CA ILE E 322 -28.63 8.02 21.66
C ILE E 322 -29.71 8.31 20.63
N PRO E 323 -29.69 9.47 19.97
CA PRO E 323 -30.78 9.79 19.03
C PRO E 323 -30.85 8.80 17.88
N PRO E 324 -32.05 8.55 17.35
CA PRO E 324 -32.20 7.46 16.37
C PRO E 324 -31.38 7.65 15.11
N GLU E 325 -31.22 8.89 14.65
CA GLU E 325 -30.50 9.13 13.40
C GLU E 325 -29.03 8.76 13.50
N LEU E 326 -28.48 8.63 14.71
CA LEU E 326 -27.11 8.18 14.88
C LEU E 326 -27.01 6.66 15.03
N ARG E 327 -28.15 5.97 15.15
CA ARG E 327 -28.19 4.51 15.12
C ARG E 327 -29.31 4.05 14.19
N PRO E 328 -29.21 4.33 12.90
CA PRO E 328 -30.35 4.15 12.01
C PRO E 328 -30.52 2.72 11.55
N MET E 329 -31.77 2.36 11.26
CA MET E 329 -32.09 1.16 10.52
C MET E 329 -32.74 1.59 9.21
N VAL E 330 -32.20 1.12 8.10
CA VAL E 330 -32.58 1.59 6.77
C VAL E 330 -33.18 0.43 5.99
N GLN E 331 -34.16 0.75 5.14
CA GLN E 331 -34.87 -0.27 4.35
C GLN E 331 -33.99 -0.72 3.20
N LEU E 332 -33.45 -1.93 3.30
CA LEU E 332 -32.89 -2.59 2.14
C LEU E 332 -34.03 -3.25 1.35
N ASP E 333 -33.89 -3.23 0.03
CA ASP E 333 -34.95 -3.76 -0.82
C ASP E 333 -35.23 -5.21 -0.49
N GLY E 334 -36.52 -5.57 -0.48
CA GLY E 334 -36.95 -6.90 -0.12
C GLY E 334 -37.43 -7.06 1.29
N GLY E 335 -37.88 -5.98 1.94
CA GLY E 335 -38.37 -6.09 3.31
C GLY E 335 -37.30 -6.47 4.31
N ARG E 336 -36.04 -6.11 4.02
CA ARG E 336 -34.91 -6.40 4.88
C ARG E 336 -34.36 -5.09 5.42
N PHE E 337 -33.98 -5.07 6.69
CA PHE E 337 -33.46 -3.89 7.35
C PHE E 337 -32.03 -4.12 7.81
N ALA E 338 -31.30 -3.03 7.97
CA ALA E 338 -29.91 -3.04 8.42
C ALA E 338 -29.82 -2.24 9.72
N THR E 339 -29.89 -2.94 10.85
CA THR E 339 -29.79 -2.27 12.14
C THR E 339 -28.39 -1.74 12.36
N SER E 340 -28.25 -0.87 13.37
CA SER E 340 -27.00 -0.17 13.64
C SER E 340 -26.19 -0.87 14.72
N ASP E 341 -26.69 -2.00 15.23
CA ASP E 341 -25.94 -2.83 16.15
C ASP E 341 -25.87 -2.21 17.55
N LEU E 342 -26.39 -0.99 17.70
CA LEU E 342 -26.65 -0.46 19.03
C LEU E 342 -28.07 -0.75 19.46
N ASN E 343 -28.96 -0.97 18.49
CA ASN E 343 -30.35 -1.29 18.81
C ASN E 343 -30.45 -2.64 19.52
N ASP E 344 -29.62 -3.60 19.14
CA ASP E 344 -29.62 -4.88 19.84
C ASP E 344 -29.20 -4.72 21.29
N LEU E 345 -28.14 -3.95 21.53
CA LEU E 345 -27.66 -3.77 22.90
C LEU E 345 -28.65 -2.99 23.74
N TYR E 346 -29.32 -2.00 23.15
CA TYR E 346 -30.36 -1.29 23.89
C TYR E 346 -31.56 -2.19 24.17
N ARG E 347 -31.93 -3.03 23.21
CA ARG E 347 -33.05 -3.94 23.39
C ARG E 347 -32.79 -4.94 24.49
N ARG E 348 -31.57 -5.46 24.59
CA ARG E 348 -31.26 -6.36 25.69
C ARG E 348 -31.44 -5.67 27.04
N VAL E 349 -30.96 -4.44 27.15
CA VAL E 349 -31.10 -3.69 28.40
C VAL E 349 -32.57 -3.48 28.74
N ILE E 350 -33.36 -3.10 27.74
CA ILE E 350 -34.77 -2.84 27.99
C ILE E 350 -35.49 -4.11 28.41
N ASN E 351 -35.20 -5.23 27.73
CA ASN E 351 -35.85 -6.49 28.08
C ASN E 351 -35.51 -6.91 29.51
N ARG E 352 -34.22 -6.87 29.86
CA ARG E 352 -33.83 -7.25 31.21
C ARG E 352 -34.43 -6.33 32.26
N ASN E 353 -34.44 -5.02 31.99
CA ASN E 353 -35.02 -4.09 32.94
C ASN E 353 -36.51 -4.32 33.12
N ASN E 354 -37.25 -4.55 32.03
CA ASN E 354 -38.68 -4.82 32.15
C ASN E 354 -38.94 -6.10 32.92
N ARG E 355 -38.15 -7.15 32.67
CA ARG E 355 -38.34 -8.39 33.42
C ARG E 355 -38.09 -8.20 34.90
N LEU E 356 -36.99 -7.52 35.26
CA LEU E 356 -36.71 -7.26 36.66
C LEU E 356 -37.80 -6.40 37.30
N LYS E 357 -38.28 -5.40 36.57
CA LYS E 357 -39.31 -4.52 37.10
C LYS E 357 -40.61 -5.28 37.36
N ARG E 358 -40.96 -6.21 36.48
CA ARG E 358 -42.14 -7.04 36.66
C ARG E 358 -41.96 -8.09 37.75
N LEU E 359 -40.74 -8.57 37.98
CA LEU E 359 -40.49 -9.56 39.01
C LEU E 359 -40.43 -8.97 40.41
N ILE E 360 -40.32 -7.65 40.53
CA ILE E 360 -40.32 -7.02 41.85
C ILE E 360 -41.74 -6.77 42.33
N ASP E 361 -42.59 -6.18 41.48
CA ASP E 361 -43.96 -5.90 41.90
C ASP E 361 -44.72 -7.18 42.16
N LEU E 362 -44.42 -8.24 41.39
CA LEU E 362 -45.13 -9.50 41.54
C LEU E 362 -44.76 -10.20 42.83
N GLY E 363 -43.65 -9.84 43.44
CA GLY E 363 -43.17 -10.53 44.61
C GLY E 363 -42.43 -11.79 44.20
N ALA E 364 -41.23 -11.99 44.72
CA ALA E 364 -40.42 -13.15 44.40
C ALA E 364 -39.37 -13.32 45.48
N PRO E 365 -38.77 -14.49 45.61
CA PRO E 365 -37.69 -14.66 46.59
C PRO E 365 -36.52 -13.75 46.27
N GLU E 366 -35.54 -13.68 47.17
CA GLU E 366 -34.42 -12.78 46.97
C GLU E 366 -33.44 -13.35 45.94
N ILE E 367 -33.38 -14.68 45.86
CA ILE E 367 -32.48 -15.33 44.92
C ILE E 367 -32.79 -14.90 43.48
N ILE E 368 -34.05 -14.99 43.09
CA ILE E 368 -34.44 -14.71 41.72
C ILE E 368 -34.25 -13.23 41.40
N VAL E 369 -34.63 -12.35 42.32
CA VAL E 369 -34.47 -10.93 42.09
C VAL E 369 -32.99 -10.57 41.94
N ASN E 370 -32.13 -11.15 42.78
CA ASN E 370 -30.71 -10.88 42.65
C ASN E 370 -30.16 -11.42 41.34
N ASN E 371 -30.64 -12.57 40.88
CA ASN E 371 -30.20 -13.08 39.59
C ASN E 371 -30.57 -12.13 38.46
N GLU E 372 -31.80 -11.63 38.47
CA GLU E 372 -32.21 -10.66 37.47
C GLU E 372 -31.38 -9.39 37.54
N LYS E 373 -31.09 -8.91 38.75
CA LYS E 373 -30.26 -7.73 38.91
C LYS E 373 -28.86 -7.94 38.37
N ARG E 374 -28.28 -9.12 38.61
CA ARG E 374 -26.95 -9.42 38.09
C ARG E 374 -26.95 -9.40 36.56
N MET E 375 -27.97 -10.00 35.94
CA MET E 375 -28.01 -10.01 34.49
C MET E 375 -28.24 -8.60 33.94
N LEU E 376 -29.05 -7.79 34.62
CA LEU E 376 -29.21 -6.40 34.22
C LEU E 376 -27.88 -5.65 34.32
N GLN E 377 -27.12 -5.91 35.39
CA GLN E 377 -25.82 -5.29 35.53
C GLN E 377 -24.90 -5.68 34.38
N GLU E 378 -24.92 -6.94 33.98
CA GLU E 378 -24.10 -7.40 32.86
C GLU E 378 -24.54 -6.83 31.52
N SER E 379 -25.82 -6.52 31.35
CA SER E 379 -26.29 -5.95 30.08
C SER E 379 -25.76 -4.55 29.86
N VAL E 380 -25.76 -3.71 30.89
CA VAL E 380 -25.27 -2.34 30.75
C VAL E 380 -23.77 -2.33 30.50
N ASP E 381 -23.05 -3.27 31.12
CA ASP E 381 -21.62 -3.40 30.85
C ASP E 381 -21.36 -3.70 29.39
N ALA E 382 -22.16 -4.59 28.80
CA ALA E 382 -22.02 -4.87 27.37
C ALA E 382 -22.39 -3.68 26.52
N LEU E 383 -23.41 -2.92 26.93
CA LEU E 383 -23.78 -1.72 26.17
C LEU E 383 -22.65 -0.70 26.16
N PHE E 384 -22.01 -0.46 27.29
CA PHE E 384 -20.96 0.56 27.35
C PHE E 384 -19.62 0.08 26.81
N ASP E 385 -19.22 -1.15 27.12
CA ASP E 385 -17.95 -1.68 26.63
C ASP E 385 -18.10 -3.19 26.52
N ASN E 386 -18.33 -3.67 25.31
CA ASN E 386 -18.63 -5.08 25.08
C ASN E 386 -17.32 -5.87 25.03
N GLY E 387 -17.16 -6.80 25.95
CA GLY E 387 -15.99 -7.67 25.97
C GLY E 387 -14.91 -7.30 26.96
N ARG E 388 -15.05 -6.20 27.69
CA ARG E 388 -14.07 -5.85 28.72
C ARG E 388 -14.13 -6.76 29.92
N ARG E 389 -15.28 -7.40 30.17
CA ARG E 389 -15.41 -8.36 31.26
C ARG E 389 -16.22 -9.54 30.74
N GLY E 390 -15.54 -10.67 30.56
CA GLY E 390 -16.21 -11.90 30.19
C GLY E 390 -16.22 -12.12 28.69
N ARG E 391 -17.24 -12.85 28.24
CA ARG E 391 -17.38 -13.22 26.84
C ARG E 391 -18.17 -12.13 26.12
N PRO E 392 -17.67 -11.58 25.01
CA PRO E 392 -18.44 -10.56 24.29
C PRO E 392 -19.80 -11.07 23.85
N VAL E 393 -20.81 -10.21 23.89
CA VAL E 393 -22.12 -10.55 23.35
C VAL E 393 -22.03 -10.55 21.84
N THR E 394 -22.44 -11.65 21.22
CA THR E 394 -22.23 -11.89 19.80
C THR E 394 -23.56 -11.87 19.06
N GLY E 395 -23.54 -11.31 17.85
CA GLY E 395 -24.69 -11.27 17.00
C GLY E 395 -24.68 -12.41 16.00
N PRO E 396 -25.20 -12.16 14.79
CA PRO E 396 -25.22 -13.23 13.78
C PRO E 396 -23.84 -13.60 13.31
N GLY E 397 -23.57 -14.90 13.17
CA GLY E 397 -22.26 -15.34 12.72
C GLY E 397 -21.21 -15.34 13.79
N ASN E 398 -21.60 -15.19 15.06
CA ASN E 398 -20.66 -15.22 16.17
C ASN E 398 -19.61 -14.11 16.03
N ARG E 399 -20.09 -12.89 15.80
CA ARG E 399 -19.24 -11.72 15.69
C ARG E 399 -19.64 -10.71 16.78
N PRO E 400 -18.71 -10.26 17.62
CA PRO E 400 -19.10 -9.38 18.72
C PRO E 400 -19.71 -8.08 18.23
N LEU E 401 -20.66 -7.55 19.00
CA LEU E 401 -21.34 -6.31 18.66
C LEU E 401 -20.45 -5.11 18.98
N LYS E 402 -20.76 -3.99 18.35
CA LYS E 402 -20.00 -2.74 18.50
C LYS E 402 -20.67 -1.89 19.56
N SER E 403 -20.04 -1.79 20.73
CA SER E 403 -20.59 -1.06 21.85
C SER E 403 -20.31 0.43 21.69
N LEU E 404 -20.66 1.23 22.69
CA LEU E 404 -20.45 2.66 22.61
C LEU E 404 -18.98 3.03 22.66
N SER E 405 -18.18 2.30 23.45
CA SER E 405 -16.76 2.60 23.53
C SER E 405 -16.04 2.32 22.22
N ASP E 406 -16.51 1.34 21.44
CA ASP E 406 -15.90 1.01 20.17
C ASP E 406 -16.06 2.12 19.13
N LEU E 407 -17.00 3.04 19.32
CA LEU E 407 -17.19 4.14 18.39
C LEU E 407 -16.12 5.21 18.53
N LEU E 408 -15.27 5.13 19.54
CA LEU E 408 -14.31 6.19 19.85
C LEU E 408 -12.86 5.76 19.78
N LYS E 409 -12.57 4.46 19.79
CA LYS E 409 -11.21 3.95 19.95
C LYS E 409 -10.63 3.53 18.62
N GLY E 410 -9.32 3.68 18.47
CA GLY E 410 -8.55 3.07 17.40
C GLY E 410 -8.55 3.92 16.14
N LYS E 411 -7.96 3.35 15.10
CA LYS E 411 -7.92 4.00 13.79
C LYS E 411 -9.28 4.14 13.16
N GLN E 412 -10.27 3.34 13.57
CA GLN E 412 -11.61 3.38 13.02
C GLN E 412 -12.60 4.03 13.97
N GLY E 413 -12.11 4.76 14.98
CA GLY E 413 -12.95 5.47 15.90
C GLY E 413 -13.37 6.81 15.32
N ARG E 414 -14.24 7.49 16.06
CA ARG E 414 -14.74 8.79 15.59
C ARG E 414 -13.58 9.76 15.38
N PHE E 415 -12.67 9.84 16.35
CA PHE E 415 -11.65 10.89 16.30
C PHE E 415 -10.81 10.77 15.03
N ARG E 416 -10.01 9.73 14.93
CA ARG E 416 -9.04 9.64 13.84
C ARG E 416 -9.74 9.49 12.50
N GLN E 417 -10.87 8.78 12.47
CA GLN E 417 -11.51 8.46 11.19
C GLN E 417 -12.26 9.66 10.63
N ASN E 418 -12.87 10.47 11.49
CA ASN E 418 -13.84 11.47 11.03
C ASN E 418 -13.51 12.91 11.43
N LEU E 419 -12.88 13.14 12.58
CA LEU E 419 -12.63 14.52 12.98
C LEU E 419 -11.33 15.05 12.39
N LEU E 420 -10.25 14.27 12.49
CA LEU E 420 -8.94 14.68 12.01
C LEU E 420 -8.76 14.47 10.51
N GLY E 421 -9.49 13.54 9.91
CA GLY E 421 -9.42 13.30 8.48
C GLY E 421 -10.80 13.04 7.92
N LYS E 422 -11.11 13.69 6.80
CA LYS E 422 -12.43 13.64 6.20
C LYS E 422 -12.32 13.43 4.71
N ARG E 423 -13.41 12.95 4.11
CA ARG E 423 -13.56 12.99 2.66
C ARG E 423 -14.18 14.32 2.26
N VAL E 424 -13.81 14.82 1.09
CA VAL E 424 -14.09 16.20 0.70
C VAL E 424 -14.63 16.23 -0.73
N ASP E 425 -15.38 17.28 -1.05
CA ASP E 425 -15.91 17.53 -2.39
C ASP E 425 -14.86 18.15 -3.30
N TYR E 426 -15.18 18.32 -4.58
CA TYR E 426 -14.31 18.97 -5.55
C TYR E 426 -12.94 18.30 -5.58
N SER E 427 -12.95 16.97 -5.70
CA SER E 427 -11.74 16.18 -5.68
C SER E 427 -11.75 15.18 -6.82
N GLY E 428 -10.58 14.62 -7.09
CA GLY E 428 -10.45 13.58 -8.09
C GLY E 428 -9.10 12.92 -7.96
N ARG E 429 -8.92 11.83 -8.71
CA ARG E 429 -7.66 11.13 -8.71
C ARG E 429 -7.48 10.44 -10.05
N SER E 430 -6.24 10.11 -10.37
CA SER E 430 -5.92 9.38 -11.59
C SER E 430 -4.47 8.93 -11.50
N VAL E 431 -3.97 8.35 -12.59
CA VAL E 431 -2.61 7.89 -12.70
C VAL E 431 -1.77 9.01 -13.32
N ILE E 432 -0.59 9.25 -12.76
CA ILE E 432 0.26 10.33 -13.26
C ILE E 432 1.21 9.80 -14.31
N VAL E 433 1.50 10.64 -15.31
CA VAL E 433 2.52 10.37 -16.33
C VAL E 433 3.45 11.57 -16.37
N VAL E 434 4.41 11.52 -17.28
CA VAL E 434 5.45 12.53 -17.35
C VAL E 434 5.03 13.64 -18.31
N GLY E 435 5.32 14.88 -17.92
CA GLY E 435 4.85 16.07 -18.61
C GLY E 435 5.98 16.95 -19.13
N PRO E 436 6.96 16.36 -19.81
CA PRO E 436 8.20 17.11 -20.10
C PRO E 436 7.98 18.44 -20.80
N GLN E 437 6.82 18.65 -21.42
CA GLN E 437 6.54 19.90 -22.10
C GLN E 437 6.04 21.01 -21.17
N LEU E 438 5.69 20.68 -19.93
CA LEU E 438 5.09 21.66 -19.03
C LEU E 438 6.16 22.57 -18.44
N LYS E 439 5.72 23.72 -17.95
CA LYS E 439 6.56 24.60 -17.15
C LYS E 439 6.49 24.14 -15.69
N LEU E 440 7.25 24.78 -14.82
CA LEU E 440 7.39 24.26 -13.47
C LEU E 440 6.13 24.49 -12.64
N HIS E 441 5.31 25.47 -13.02
CA HIS E 441 4.09 25.79 -12.30
C HIS E 441 2.83 25.24 -12.94
N GLN E 442 2.96 24.38 -13.95
CA GLN E 442 1.82 23.86 -14.69
C GLN E 442 1.69 22.36 -14.52
N CYS E 443 0.46 21.87 -14.67
CA CYS E 443 0.17 20.45 -14.65
C CYS E 443 -0.86 20.14 -15.72
N GLY E 444 -0.88 18.89 -16.16
CA GLY E 444 -1.83 18.46 -17.15
C GLY E 444 -3.01 17.74 -16.54
N LEU E 445 -4.21 18.25 -16.77
CA LEU E 445 -5.43 17.73 -16.16
C LEU E 445 -6.36 17.22 -17.26
N PRO E 446 -6.75 15.95 -17.27
CA PRO E 446 -7.64 15.49 -18.34
C PRO E 446 -8.94 16.30 -18.35
N LYS E 447 -9.43 16.61 -19.55
CA LYS E 447 -10.50 17.58 -19.66
C LYS E 447 -11.83 17.08 -19.11
N LEU E 448 -12.05 15.77 -19.04
CA LEU E 448 -13.26 15.27 -18.41
C LEU E 448 -13.21 15.39 -16.89
N MET E 449 -12.00 15.34 -16.32
CA MET E 449 -11.86 15.61 -14.89
C MET E 449 -12.02 17.09 -14.60
N ALA E 450 -11.42 17.94 -15.44
CA ALA E 450 -11.54 19.38 -15.25
C ALA E 450 -12.98 19.84 -15.39
N LEU E 451 -13.71 19.30 -16.37
CA LEU E 451 -15.11 19.71 -16.53
C LEU E 451 -15.95 19.32 -15.33
N GLU E 452 -15.56 18.28 -14.61
CA GLU E 452 -16.31 17.86 -13.43
C GLU E 452 -15.93 18.66 -12.19
N LEU E 453 -14.63 18.93 -11.98
CA LEU E 453 -14.25 19.72 -10.82
C LEU E 453 -14.80 21.14 -10.92
N PHE E 454 -14.74 21.75 -12.10
CA PHE E 454 -15.13 23.14 -12.31
C PHE E 454 -16.57 23.28 -12.79
N LYS E 455 -17.44 22.35 -12.42
CA LYS E 455 -18.81 22.40 -12.91
C LYS E 455 -19.53 23.68 -12.50
N PRO E 456 -19.54 24.09 -11.22
CA PRO E 456 -20.25 25.32 -10.86
C PRO E 456 -19.71 26.56 -11.54
N PHE E 457 -18.40 26.64 -11.77
CA PHE E 457 -17.77 27.79 -12.39
C PHE E 457 -18.05 27.88 -13.88
N VAL E 458 -18.26 26.74 -14.55
CA VAL E 458 -18.62 26.76 -15.96
C VAL E 458 -20.10 27.04 -16.13
N MET E 459 -20.93 26.54 -15.21
CA MET E 459 -22.35 26.80 -15.28
C MET E 459 -22.69 28.27 -15.14
N LYS E 460 -21.94 29.01 -14.32
CA LYS E 460 -22.13 30.45 -14.20
C LYS E 460 -21.75 31.20 -15.48
N ARG E 461 -20.59 30.87 -16.07
CA ARG E 461 -20.17 31.55 -17.29
C ARG E 461 -21.04 31.21 -18.49
N LEU E 462 -21.59 30.00 -18.56
CA LEU E 462 -22.50 29.67 -19.65
C LEU E 462 -23.73 30.58 -19.63
N VAL E 463 -24.30 30.82 -18.45
CA VAL E 463 -25.41 31.75 -18.35
C VAL E 463 -24.94 33.18 -18.58
N ASP E 464 -23.77 33.55 -18.05
CA ASP E 464 -23.31 34.92 -18.17
C ASP E 464 -23.07 35.32 -19.62
N LEU E 465 -22.67 34.37 -20.46
CA LEU E 465 -22.41 34.62 -21.87
C LEU E 465 -23.64 34.42 -22.75
N ASN E 466 -24.80 34.16 -22.14
CA ASN E 466 -26.05 33.96 -22.88
C ASN E 466 -25.99 32.71 -23.75
N HIS E 467 -25.20 31.72 -23.34
CA HIS E 467 -25.28 30.40 -23.94
C HIS E 467 -26.36 29.54 -23.31
N ALA E 468 -26.93 29.97 -22.19
CA ALA E 468 -28.01 29.27 -21.52
C ALA E 468 -28.95 30.29 -20.89
N GLN E 469 -30.23 29.95 -20.88
CA GLN E 469 -31.22 30.87 -20.30
C GLN E 469 -31.07 30.97 -18.79
N ASN E 470 -30.91 29.84 -18.11
CA ASN E 470 -30.88 29.80 -16.65
C ASN E 470 -29.85 28.76 -16.24
N ILE E 471 -29.86 28.40 -14.96
CA ILE E 471 -28.84 27.47 -14.46
C ILE E 471 -29.18 26.02 -14.82
N LYS E 472 -30.46 25.68 -14.94
CA LYS E 472 -30.81 24.32 -15.33
C LYS E 472 -30.41 24.03 -16.77
N SER E 473 -30.56 25.02 -17.66
CA SER E 473 -30.12 24.84 -19.04
C SER E 473 -28.61 24.68 -19.11
N ALA E 474 -27.87 25.50 -18.36
CA ALA E 474 -26.42 25.39 -18.34
C ALA E 474 -25.98 24.05 -17.77
N LYS E 475 -26.68 23.57 -16.73
CA LYS E 475 -26.37 22.26 -16.18
C LYS E 475 -26.63 21.14 -17.18
N ARG E 476 -27.73 21.21 -17.94
CA ARG E 476 -27.95 20.22 -18.99
C ARG E 476 -26.85 20.29 -20.04
N MET E 477 -26.43 21.50 -20.41
CA MET E 477 -25.35 21.63 -21.39
C MET E 477 -24.07 20.97 -20.89
N VAL E 478 -23.67 21.28 -19.65
CA VAL E 478 -22.44 20.71 -19.11
C VAL E 478 -22.54 19.20 -19.02
N GLU E 479 -23.68 18.67 -18.58
CA GLU E 479 -23.84 17.22 -18.48
C GLU E 479 -23.76 16.56 -19.85
N ARG E 480 -24.33 17.18 -20.89
CA ARG E 480 -24.29 16.58 -22.22
C ARG E 480 -23.04 16.96 -23.01
N GLN E 481 -22.23 17.88 -22.48
CA GLN E 481 -20.97 18.27 -23.10
C GLN E 481 -21.14 18.85 -24.50
N ARG E 482 -21.90 19.92 -24.61
CA ARG E 482 -22.02 20.60 -25.90
C ARG E 482 -20.72 21.33 -26.24
N PRO E 483 -20.46 21.62 -27.52
CA PRO E 483 -19.11 22.06 -27.92
C PRO E 483 -18.64 23.36 -27.29
N GLN E 484 -19.52 24.20 -26.76
CA GLN E 484 -19.07 25.48 -26.21
C GLN E 484 -18.63 25.38 -24.75
N VAL E 485 -18.95 24.28 -24.07
CA VAL E 485 -18.48 24.14 -22.70
C VAL E 485 -16.96 24.11 -22.65
N TRP E 486 -16.31 23.65 -23.72
CA TRP E 486 -14.85 23.62 -23.74
C TRP E 486 -14.25 25.01 -23.89
N ASP E 487 -14.84 25.82 -24.76
CA ASP E 487 -14.38 27.20 -24.90
C ASP E 487 -14.60 27.97 -23.61
N VAL E 488 -15.69 27.71 -22.89
CA VAL E 488 -15.89 28.34 -21.59
C VAL E 488 -14.91 27.79 -20.56
N LEU E 489 -14.63 26.49 -20.60
CA LEU E 489 -13.80 25.87 -19.58
C LEU E 489 -12.36 26.35 -19.64
N GLU E 490 -11.78 26.42 -20.84
CA GLU E 490 -10.39 26.84 -20.92
C GLU E 490 -10.22 28.26 -20.41
N GLU E 491 -11.26 29.07 -20.53
CA GLU E 491 -11.24 30.42 -19.96
C GLU E 491 -11.43 30.38 -18.45
N VAL E 492 -12.28 29.48 -17.96
CA VAL E 492 -12.57 29.41 -16.53
C VAL E 492 -11.35 28.97 -15.74
N ILE E 493 -10.64 27.95 -16.24
CA ILE E 493 -9.53 27.37 -15.48
C ILE E 493 -8.26 28.21 -15.53
N ALA E 494 -8.28 29.37 -16.17
CA ALA E 494 -7.08 30.17 -16.33
C ALA E 494 -6.69 30.81 -14.99
N GLU E 495 -5.45 30.57 -14.57
CA GLU E 495 -4.90 31.16 -13.35
C GLU E 495 -5.73 30.80 -12.12
N HIS E 496 -6.27 29.58 -12.09
CA HIS E 496 -6.95 29.06 -10.91
C HIS E 496 -6.12 27.90 -10.38
N PRO E 497 -5.42 28.05 -9.25
CA PRO E 497 -4.51 26.99 -8.81
C PRO E 497 -5.28 25.73 -8.42
N VAL E 498 -4.56 24.61 -8.51
CA VAL E 498 -5.11 23.29 -8.17
C VAL E 498 -4.07 22.58 -7.31
N LEU E 499 -4.53 21.89 -6.27
CA LEU E 499 -3.64 21.24 -5.33
C LEU E 499 -3.46 19.77 -5.70
N LEU E 500 -2.22 19.34 -5.87
CA LEU E 500 -1.89 17.96 -6.19
C LEU E 500 -1.20 17.32 -4.99
N ASN E 501 -1.56 16.07 -4.70
CA ASN E 501 -1.13 15.38 -3.49
C ASN E 501 -0.87 13.91 -3.78
N ARG E 502 0.23 13.38 -3.27
CA ARG E 502 0.55 11.96 -3.35
C ARG E 502 0.69 11.39 -1.94
N ALA E 503 0.16 10.19 -1.74
CA ALA E 503 0.18 9.54 -0.43
C ALA E 503 1.25 8.47 -0.40
N PRO E 504 1.99 8.33 0.71
CA PRO E 504 1.91 9.08 1.97
C PRO E 504 2.52 10.47 1.88
N THR E 505 1.92 11.48 2.53
CA THR E 505 2.46 12.83 2.57
C THR E 505 3.44 12.91 3.75
N LEU E 506 4.68 12.54 3.46
CA LEU E 506 5.69 12.43 4.52
C LEU E 506 6.14 13.81 5.00
N HIS E 507 6.26 14.76 4.09
CA HIS E 507 6.71 16.09 4.42
C HIS E 507 5.84 17.15 3.73
N ARG E 508 6.22 18.41 3.89
CA ARG E 508 5.40 19.52 3.44
C ARG E 508 5.19 19.50 1.94
N LEU E 509 6.23 19.18 1.17
CA LEU E 509 6.20 19.26 -0.28
C LEU E 509 5.47 18.08 -0.91
N GLY E 510 4.72 17.32 -0.12
CA GLY E 510 3.86 16.29 -0.66
C GLY E 510 2.58 16.86 -1.20
N ILE E 511 2.29 18.12 -0.87
CA ILE E 511 1.21 18.89 -1.47
C ILE E 511 1.83 20.12 -2.11
N GLN E 512 1.50 20.38 -3.37
CA GLN E 512 1.93 21.59 -4.05
C GLN E 512 0.82 22.02 -5.00
N ALA E 513 0.82 23.31 -5.33
CA ALA E 513 -0.21 23.91 -6.15
C ALA E 513 0.33 24.22 -7.53
N PHE E 514 -0.43 23.84 -8.57
CA PHE E 514 -0.06 24.05 -9.95
C PHE E 514 -1.17 24.81 -10.66
N GLU E 515 -0.90 25.20 -11.90
CA GLU E 515 -1.88 25.85 -12.74
C GLU E 515 -2.39 24.87 -13.79
N PRO E 516 -3.64 24.43 -13.74
CA PRO E 516 -4.07 23.35 -14.63
C PRO E 516 -4.15 23.79 -16.09
N MET E 517 -3.95 22.81 -16.97
CA MET E 517 -4.20 22.99 -18.40
C MET E 517 -4.73 21.68 -18.95
N LEU E 518 -5.59 21.79 -19.95
CA LEU E 518 -6.28 20.62 -20.50
C LEU E 518 -5.34 19.79 -21.35
N VAL E 519 -5.46 18.47 -21.24
CA VAL E 519 -4.67 17.53 -22.03
C VAL E 519 -5.57 16.43 -22.54
N GLU E 520 -5.17 15.79 -23.64
CA GLU E 520 -5.87 14.61 -24.12
C GLU E 520 -5.45 13.38 -23.33
N GLY E 521 -6.42 12.62 -22.86
CA GLY E 521 -6.16 11.39 -22.14
C GLY E 521 -6.89 11.35 -20.82
N LYS E 522 -6.51 10.34 -20.02
CA LYS E 522 -7.10 10.12 -18.71
C LYS E 522 -6.08 10.15 -17.59
N ALA E 523 -4.82 10.50 -17.88
CA ALA E 523 -3.76 10.50 -16.90
C ALA E 523 -3.33 11.94 -16.62
N ILE E 524 -3.01 12.22 -15.37
CA ILE E 524 -2.49 13.53 -14.99
C ILE E 524 -1.03 13.61 -15.40
N GLN E 525 -0.66 14.70 -16.08
CA GLN E 525 0.72 14.91 -16.50
C GLN E 525 1.44 15.75 -15.45
N LEU E 526 2.57 15.24 -14.98
CA LEU E 526 3.34 15.86 -13.92
C LEU E 526 4.71 16.28 -14.43
N HIS E 527 5.18 17.42 -13.97
CA HIS E 527 6.48 17.94 -14.38
C HIS E 527 7.59 17.02 -13.88
N PRO E 528 8.62 16.76 -14.70
CA PRO E 528 9.69 15.85 -14.25
C PRO E 528 10.47 16.34 -13.05
N LEU E 529 10.48 17.63 -12.76
CA LEU E 529 11.36 18.20 -11.74
C LEU E 529 10.68 18.31 -10.37
N VAL E 530 9.50 17.70 -10.21
CA VAL E 530 8.82 17.67 -8.92
C VAL E 530 8.72 16.27 -8.35
N CYS E 531 9.21 15.25 -9.06
CA CYS E 531 9.14 13.88 -8.59
C CYS E 531 10.00 13.61 -7.37
N GLU E 532 11.12 14.33 -7.21
CA GLU E 532 11.90 14.15 -6.00
C GLU E 532 11.15 14.68 -4.77
N ALA E 533 10.46 15.81 -4.92
CA ALA E 533 9.64 16.31 -3.82
C ALA E 533 8.48 15.38 -3.53
N PHE E 534 7.72 15.00 -4.55
CA PHE E 534 6.61 14.06 -4.38
C PHE E 534 7.09 12.64 -4.12
N ASN E 535 8.31 12.29 -4.53
CA ASN E 535 8.79 10.92 -4.48
C ASN E 535 7.92 10.02 -5.36
N ALA E 536 7.74 10.45 -6.60
CA ALA E 536 6.76 9.87 -7.52
C ALA E 536 7.46 9.35 -8.77
N ASP E 537 7.64 8.03 -8.84
CA ASP E 537 8.03 7.41 -10.09
C ASP E 537 6.78 7.07 -10.91
N PHE E 538 7.00 6.67 -12.15
CA PHE E 538 5.92 6.46 -13.11
C PHE E 538 5.73 4.98 -13.42
N ASP E 539 5.78 4.15 -12.39
CA ASP E 539 5.47 2.73 -12.50
C ASP E 539 4.07 2.40 -12.04
N GLY E 540 3.17 3.39 -11.94
CA GLY E 540 1.79 3.14 -11.58
C GLY E 540 1.27 3.98 -10.43
N ASP E 541 1.96 5.07 -10.11
CA ASP E 541 1.55 5.92 -9.01
C ASP E 541 0.29 6.70 -9.38
N GLN E 542 -0.41 7.18 -8.34
CA GLN E 542 -1.61 7.99 -8.51
C GLN E 542 -1.54 9.18 -7.57
N MET E 543 -2.19 10.27 -7.96
CA MET E 543 -2.24 11.48 -7.15
C MET E 543 -3.66 12.03 -7.13
N ALA E 544 -4.00 12.73 -6.05
CA ALA E 544 -5.33 13.28 -5.86
C ALA E 544 -5.31 14.79 -6.10
N VAL E 545 -6.40 15.31 -6.66
CA VAL E 545 -6.51 16.70 -7.05
C VAL E 545 -7.61 17.35 -6.22
N HIS E 546 -7.29 18.47 -5.58
CA HIS E 546 -8.25 19.25 -4.82
C HIS E 546 -8.35 20.64 -5.45
N LEU E 547 -9.43 21.36 -5.15
CA LEU E 547 -9.72 22.62 -5.80
C LEU E 547 -10.12 23.68 -4.78
N PRO E 548 -9.27 24.69 -4.53
CA PRO E 548 -9.66 25.76 -3.61
C PRO E 548 -10.80 26.60 -4.18
N LEU E 549 -11.65 27.12 -3.29
CA LEU E 549 -12.86 27.81 -3.70
C LEU E 549 -12.88 29.29 -3.34
N SER E 550 -12.58 29.64 -2.09
CA SER E 550 -12.70 31.02 -1.64
C SER E 550 -11.52 31.84 -2.14
N ALA E 551 -11.48 33.12 -1.77
CA ALA E 551 -10.38 34.01 -2.14
C ALA E 551 -9.13 33.76 -1.33
N GLU E 552 -9.25 33.52 -0.03
CA GLU E 552 -8.11 33.16 0.80
C GLU E 552 -7.53 31.80 0.44
N ALA E 553 -8.38 30.81 0.18
CA ALA E 553 -7.91 29.50 -0.24
C ALA E 553 -7.19 29.54 -1.58
N GLN E 554 -7.53 30.51 -2.42
CA GLN E 554 -6.87 30.67 -3.70
C GLN E 554 -5.59 31.49 -3.62
N ALA E 555 -5.54 32.47 -2.72
CA ALA E 555 -4.32 33.23 -2.51
C ALA E 555 -3.25 32.42 -1.79
N GLU E 556 -3.65 31.52 -0.89
CA GLU E 556 -2.72 30.64 -0.19
C GLU E 556 -2.16 29.55 -1.09
N ALA E 557 -2.82 29.27 -2.21
CA ALA E 557 -2.28 28.29 -3.14
C ALA E 557 -1.44 28.94 -4.22
N ARG E 558 -1.38 30.26 -4.29
CA ARG E 558 -0.50 30.98 -5.20
C ARG E 558 0.69 31.63 -4.53
N ILE E 559 0.57 32.03 -3.26
CA ILE E 559 1.63 32.78 -2.61
C ILE E 559 2.40 31.89 -1.64
N LEU E 560 1.77 30.79 -1.22
CA LEU E 560 2.37 29.88 -0.25
C LEU E 560 2.79 28.55 -0.86
N MET E 561 1.87 27.88 -1.57
CA MET E 561 2.04 26.49 -1.94
C MET E 561 2.43 26.29 -3.41
N LEU E 562 2.60 27.36 -4.19
CA LEU E 562 2.92 27.18 -5.59
C LEU E 562 4.23 26.42 -5.75
N SER E 563 4.29 25.58 -6.78
CA SER E 563 5.42 24.67 -6.93
C SER E 563 6.72 25.43 -7.16
N SER E 564 6.69 26.50 -7.95
CA SER E 564 7.90 27.23 -8.28
C SER E 564 8.40 28.11 -7.13
N ASN E 565 7.57 28.35 -6.11
CA ASN E 565 8.01 29.07 -4.92
C ASN E 565 8.70 28.18 -3.91
N ASN E 566 8.69 26.87 -4.11
CA ASN E 566 9.29 25.90 -3.18
C ASN E 566 10.32 25.09 -3.96
N ILE E 567 11.55 25.61 -4.02
CA ILE E 567 12.63 24.93 -4.72
C ILE E 567 13.58 24.27 -3.74
N LEU E 568 13.67 24.81 -2.52
CA LEU E 568 14.62 24.35 -1.52
C LEU E 568 13.95 23.43 -0.52
N SER E 569 14.70 22.43 -0.06
CA SER E 569 14.19 21.53 0.96
C SER E 569 14.12 22.26 2.31
N PRO E 570 13.01 22.13 3.03
CA PRO E 570 12.95 22.78 4.36
C PRO E 570 13.77 22.05 5.41
N ALA E 571 14.19 20.82 5.14
CA ALA E 571 14.95 20.05 6.13
C ALA E 571 16.39 20.51 6.19
N SER E 572 17.00 20.82 5.05
CA SER E 572 18.41 21.15 4.98
C SER E 572 18.71 22.39 4.14
N GLY E 573 17.78 22.84 3.31
CA GLY E 573 18.01 23.98 2.45
C GLY E 573 18.62 23.66 1.11
N ARG E 574 18.78 22.40 0.76
CA ARG E 574 19.31 22.04 -0.54
C ARG E 574 18.20 22.10 -1.60
N PRO E 575 18.52 22.50 -2.82
CA PRO E 575 17.48 22.54 -3.86
C PRO E 575 16.94 21.16 -4.19
N LEU E 576 15.64 21.09 -4.47
CA LEU E 576 14.97 19.85 -4.81
C LEU E 576 14.52 19.79 -6.26
N ALA E 577 14.64 20.88 -7.01
CA ALA E 577 14.22 20.95 -8.40
C ALA E 577 15.42 20.89 -9.34
N MET E 578 16.42 20.10 -8.98
CA MET E 578 17.61 19.97 -9.80
C MET E 578 17.39 18.96 -10.93
N PRO E 579 18.16 19.06 -12.01
CA PRO E 579 18.15 17.99 -13.01
C PRO E 579 18.72 16.70 -12.43
N ARG E 580 18.22 15.58 -12.93
CA ARG E 580 18.63 14.26 -12.45
C ARG E 580 18.37 13.23 -13.53
N LEU E 581 19.14 12.14 -13.47
CA LEU E 581 19.00 11.02 -14.41
C LEU E 581 19.29 11.44 -15.84
N ASP E 582 18.29 11.41 -16.71
CA ASP E 582 18.50 11.71 -18.12
C ASP E 582 19.02 13.13 -18.34
N MET E 583 18.51 14.10 -17.58
CA MET E 583 18.99 15.47 -17.69
C MET E 583 20.45 15.61 -17.27
N VAL E 584 20.86 14.95 -16.20
CA VAL E 584 22.27 14.97 -15.82
C VAL E 584 23.16 14.31 -16.88
N THR E 585 22.72 13.19 -17.46
CA THR E 585 23.50 12.58 -18.52
C THR E 585 23.62 13.50 -19.72
N GLY E 586 22.53 14.16 -20.10
CA GLY E 586 22.57 15.04 -21.25
C GLY E 586 23.45 16.26 -21.02
N LEU E 587 23.41 16.81 -19.81
CA LEU E 587 24.23 17.98 -19.51
C LEU E 587 25.69 17.61 -19.33
N TYR E 588 25.96 16.38 -18.90
CA TYR E 588 27.33 15.92 -18.77
C TYR E 588 27.96 15.63 -20.13
N TYR E 589 27.17 15.07 -21.04
CA TYR E 589 27.64 14.82 -22.40
C TYR E 589 27.98 16.13 -23.11
N LEU E 590 27.11 17.13 -22.97
CA LEU E 590 27.25 18.37 -23.72
C LEU E 590 28.53 19.10 -23.34
N THR E 591 28.79 19.25 -22.04
CA THR E 591 29.93 20.03 -21.55
C THR E 591 31.14 19.14 -21.29
N THR E 592 31.52 18.37 -22.31
CA THR E 592 32.67 17.49 -22.23
C THR E 592 33.62 17.81 -23.37
N GLU E 593 34.92 17.80 -23.09
CA GLU E 593 35.94 18.20 -24.05
C GLU E 593 36.66 16.94 -24.53
N VAL E 594 36.38 16.51 -25.75
CA VAL E 594 37.01 15.33 -26.33
C VAL E 594 38.29 15.73 -27.02
N PRO E 595 39.46 15.22 -26.60
CA PRO E 595 40.71 15.57 -27.30
C PRO E 595 40.72 15.01 -28.71
N GLY E 596 41.23 15.81 -29.65
CA GLY E 596 41.37 15.39 -31.03
C GLY E 596 40.04 15.09 -31.70
N ASP E 597 39.06 15.98 -31.53
CA ASP E 597 37.75 15.82 -32.13
C ASP E 597 37.68 16.62 -33.42
N THR E 598 36.53 16.61 -34.07
CA THR E 598 36.36 17.25 -35.36
C THR E 598 36.35 18.76 -35.20
N GLY E 599 37.10 19.45 -36.04
CA GLY E 599 37.11 20.91 -36.06
C GLY E 599 37.90 21.55 -34.95
N GLU E 600 38.72 20.79 -34.24
CA GLU E 600 39.48 21.32 -33.10
C GLU E 600 40.33 22.51 -33.48
N TYR E 601 40.77 23.26 -32.48
CA TYR E 601 41.70 24.36 -32.71
C TYR E 601 43.08 23.82 -33.06
N GLN E 602 43.69 24.42 -34.08
CA GLN E 602 45.00 23.99 -34.57
C GLN E 602 45.92 25.19 -34.63
N PRO E 603 47.06 25.18 -33.95
CA PRO E 603 47.99 26.31 -34.05
C PRO E 603 48.52 26.48 -35.46
N ALA E 604 49.05 27.67 -35.74
CA ALA E 604 49.59 27.96 -37.05
C ALA E 604 50.79 27.08 -37.34
N SER E 605 50.84 26.55 -38.57
CA SER E 605 51.93 25.68 -38.99
C SER E 605 53.01 26.41 -39.78
N GLY E 606 52.82 27.70 -40.07
CA GLY E 606 53.75 28.46 -40.86
C GLY E 606 53.36 28.58 -42.32
N ASP E 607 52.50 27.69 -42.81
CA ASP E 607 51.96 27.76 -44.16
C ASP E 607 50.53 28.25 -44.20
N HIS E 608 49.75 27.98 -43.16
CA HIS E 608 48.39 28.47 -43.01
C HIS E 608 48.19 29.04 -41.62
N PRO E 609 47.23 29.96 -41.45
CA PRO E 609 47.04 30.58 -40.13
C PRO E 609 46.35 29.64 -39.16
N GLU E 610 46.01 30.15 -37.98
CA GLU E 610 45.30 29.35 -36.99
C GLU E 610 43.99 28.85 -37.58
N THR E 611 43.58 27.66 -37.14
CA THR E 611 42.34 27.05 -37.56
C THR E 611 41.51 26.69 -36.33
N GLY E 612 40.20 26.80 -36.44
CA GLY E 612 39.32 26.55 -35.33
C GLY E 612 38.90 27.77 -34.54
N VAL E 613 39.13 28.97 -35.07
CA VAL E 613 38.72 30.22 -34.44
C VAL E 613 37.45 30.69 -35.12
N TYR E 614 36.47 31.12 -34.32
CA TYR E 614 35.17 31.52 -34.83
C TYR E 614 34.85 32.94 -34.37
N SER E 615 34.12 33.67 -35.20
CA SER E 615 33.81 35.07 -34.96
C SER E 615 32.59 35.27 -34.08
N SER E 616 31.84 34.21 -33.77
CA SER E 616 30.67 34.31 -32.91
C SER E 616 30.15 32.90 -32.67
N PRO E 617 29.34 32.71 -31.63
CA PRO E 617 28.70 31.41 -31.41
C PRO E 617 27.62 31.06 -32.42
N ALA E 618 27.22 31.99 -33.28
CA ALA E 618 26.29 31.70 -34.37
C ALA E 618 26.99 31.14 -35.59
N GLU E 619 28.27 31.45 -35.78
CA GLU E 619 29.08 30.82 -36.82
C GLU E 619 29.52 29.41 -36.44
N ALA E 620 29.67 29.12 -35.16
CA ALA E 620 29.98 27.77 -34.71
C ALA E 620 28.78 26.85 -34.78
N ILE E 621 27.58 27.34 -34.47
CA ILE E 621 26.38 26.54 -34.64
C ILE E 621 26.07 26.23 -36.09
N MET E 622 26.51 27.09 -37.02
CA MET E 622 26.37 26.83 -38.44
C MET E 622 27.42 25.86 -38.97
N ALA E 623 28.61 25.83 -38.36
CA ALA E 623 29.61 24.83 -38.71
C ALA E 623 29.29 23.47 -38.13
N ALA E 624 28.65 23.42 -36.96
CA ALA E 624 28.23 22.13 -36.42
C ALA E 624 27.13 21.48 -37.25
N ASP E 625 26.37 22.28 -38.00
CA ASP E 625 25.30 21.77 -38.86
C ASP E 625 25.82 21.25 -40.19
N ARG E 626 27.09 21.47 -40.50
CA ARG E 626 27.68 20.98 -41.73
C ARG E 626 28.55 19.75 -41.51
N GLY E 627 28.68 19.26 -40.29
CA GLY E 627 29.59 18.18 -40.00
C GLY E 627 31.04 18.60 -39.89
N VAL E 628 31.33 19.90 -40.02
CA VAL E 628 32.70 20.39 -39.97
C VAL E 628 33.19 20.60 -38.55
N LEU E 629 32.29 20.71 -37.58
CA LEU E 629 32.67 20.96 -36.20
C LEU E 629 31.88 20.04 -35.29
N SER E 630 32.49 19.68 -34.17
CA SER E 630 31.84 18.86 -33.15
C SER E 630 31.51 19.73 -31.95
N VAL E 631 30.41 19.40 -31.28
CA VAL E 631 29.91 20.21 -30.18
C VAL E 631 30.82 20.03 -28.97
N ARG E 632 31.77 19.09 -29.05
CA ARG E 632 32.66 18.78 -27.93
C ARG E 632 34.12 18.94 -28.32
N ALA E 633 34.40 19.72 -29.36
CA ALA E 633 35.76 20.02 -29.79
C ALA E 633 36.20 21.37 -29.24
N LYS E 634 37.45 21.46 -28.80
CA LYS E 634 37.97 22.72 -28.29
C LYS E 634 38.11 23.73 -29.42
N ILE E 635 37.60 24.94 -29.20
CA ILE E 635 37.64 26.00 -30.20
C ILE E 635 37.94 27.31 -29.49
N LYS E 636 38.14 28.35 -30.29
CA LYS E 636 38.23 29.72 -29.80
C LYS E 636 37.11 30.54 -30.41
N VAL E 637 36.33 31.20 -29.55
CA VAL E 637 35.17 31.95 -29.99
C VAL E 637 35.29 33.39 -29.48
N ARG E 638 34.61 34.30 -30.16
CA ARG E 638 34.57 35.71 -29.76
C ARG E 638 33.21 35.97 -29.14
N LEU E 639 33.14 35.96 -27.81
CA LEU E 639 31.88 36.11 -27.09
C LEU E 639 31.63 37.56 -26.75
N THR E 640 30.37 37.99 -26.85
CA THR E 640 30.02 39.36 -26.53
C THR E 640 28.84 39.43 -25.58
N GLN E 641 28.05 38.36 -25.49
CA GLN E 641 26.85 38.35 -24.66
C GLN E 641 26.99 37.45 -23.43
N LEU E 642 28.19 36.95 -23.16
CA LEU E 642 28.45 36.12 -22.00
C LEU E 642 29.52 36.77 -21.14
N ARG E 643 29.24 36.88 -19.85
CA ARG E 643 30.14 37.56 -18.92
C ARG E 643 31.40 36.73 -18.69
N PRO E 644 32.58 37.30 -18.83
CA PRO E 644 33.81 36.52 -18.68
C PRO E 644 34.02 36.10 -17.24
N PRO E 645 34.86 35.11 -16.98
CA PRO E 645 35.12 34.73 -15.59
C PRO E 645 35.79 35.85 -14.82
N VAL E 646 36.03 35.66 -13.53
CA VAL E 646 36.53 36.75 -12.70
C VAL E 646 37.90 37.21 -13.16
N GLU E 647 38.83 36.28 -13.37
CA GLU E 647 40.20 36.67 -13.73
C GLU E 647 40.24 37.35 -15.09
N ILE E 648 39.52 36.81 -16.08
CA ILE E 648 39.54 37.40 -17.41
C ILE E 648 38.84 38.76 -17.42
N GLU E 649 37.78 38.93 -16.65
CA GLU E 649 37.14 40.23 -16.52
C GLU E 649 38.03 41.24 -15.83
N ALA E 650 38.85 40.81 -14.87
CA ALA E 650 39.75 41.71 -14.16
C ALA E 650 40.93 42.14 -15.01
N GLU E 651 41.48 41.22 -15.81
CA GLU E 651 42.72 41.47 -16.55
C GLU E 651 42.48 42.01 -17.96
N LEU E 652 41.24 42.20 -18.37
CA LEU E 652 40.96 42.74 -19.70
C LEU E 652 40.09 43.98 -19.67
N PHE E 653 39.07 44.00 -18.82
CA PHE E 653 38.11 45.10 -18.79
C PHE E 653 38.30 46.03 -17.61
N GLY E 654 38.80 45.54 -16.47
CA GLY E 654 38.98 46.37 -15.30
C GLY E 654 37.77 47.23 -15.03
N HIS E 655 37.93 48.55 -15.15
CA HIS E 655 36.83 49.51 -15.07
C HIS E 655 35.74 49.03 -14.13
N SER E 656 34.62 48.54 -14.68
CA SER E 656 33.53 47.99 -13.91
C SER E 656 33.19 46.56 -14.29
N GLY E 657 33.32 46.20 -15.56
CA GLY E 657 33.01 44.87 -16.00
C GLY E 657 32.76 44.85 -17.50
N TRP E 658 32.17 43.74 -17.95
CA TRP E 658 32.02 43.51 -19.38
C TRP E 658 30.92 44.37 -19.98
N GLN E 659 29.88 44.69 -19.19
CA GLN E 659 28.86 45.61 -19.70
C GLN E 659 28.30 45.10 -21.03
N PRO E 660 27.31 44.20 -21.00
CA PRO E 660 26.98 43.39 -22.18
C PRO E 660 27.17 44.14 -23.50
N GLY E 661 27.84 43.46 -24.44
CA GLY E 661 28.22 44.03 -25.72
C GLY E 661 29.71 44.01 -25.96
N ASP E 662 30.51 44.11 -24.91
CA ASP E 662 31.96 44.10 -25.04
C ASP E 662 32.45 42.67 -25.33
N ALA E 663 33.30 42.54 -26.33
CA ALA E 663 33.70 41.23 -26.84
C ALA E 663 35.01 40.78 -26.21
N TRP E 664 35.07 39.50 -25.86
CA TRP E 664 36.28 38.86 -25.37
C TRP E 664 36.44 37.54 -26.09
N MET E 665 37.66 37.00 -26.04
CA MET E 665 37.99 35.75 -26.72
C MET E 665 38.04 34.63 -25.70
N ALA E 666 37.25 33.59 -25.94
CA ALA E 666 37.17 32.43 -25.06
C ALA E 666 37.74 31.21 -25.78
N GLU E 667 38.42 30.36 -25.02
CA GLU E 667 38.91 29.08 -25.52
C GLU E 667 38.10 28.00 -24.81
N THR E 668 37.12 27.44 -25.52
CA THR E 668 36.19 26.49 -24.94
C THR E 668 35.64 25.60 -26.04
N THR E 669 34.67 24.76 -25.68
CA THR E 669 33.91 23.98 -26.63
C THR E 669 32.56 24.63 -26.87
N LEU E 670 31.92 24.24 -27.98
CA LEU E 670 30.60 24.78 -28.30
C LEU E 670 29.57 24.39 -27.27
N GLY E 671 29.63 23.16 -26.77
CA GLY E 671 28.65 22.72 -25.79
C GLY E 671 28.65 23.57 -24.54
N ARG E 672 29.82 24.05 -24.12
CA ARG E 672 29.89 24.88 -22.93
C ARG E 672 29.31 26.27 -23.17
N VAL E 673 29.51 26.82 -24.38
CA VAL E 673 28.85 28.07 -24.71
C VAL E 673 27.34 27.89 -24.70
N MET E 674 26.86 26.79 -25.27
CA MET E 674 25.43 26.51 -25.24
C MET E 674 24.91 26.35 -23.82
N PHE E 675 25.67 25.69 -22.95
CA PHE E 675 25.24 25.52 -21.56
C PHE E 675 25.19 26.87 -20.84
N ASN E 676 26.18 27.72 -21.06
CA ASN E 676 26.21 29.00 -20.38
C ASN E 676 25.18 29.97 -20.93
N GLU E 677 24.70 29.77 -22.14
CA GLU E 677 23.58 30.58 -22.62
C GLU E 677 22.29 30.29 -21.87
N LEU E 678 22.22 29.16 -21.15
CA LEU E 678 21.00 28.84 -20.40
C LEU E 678 20.98 29.50 -19.03
N LEU E 679 22.13 29.94 -18.54
CA LEU E 679 22.24 30.59 -17.24
C LEU E 679 21.89 32.08 -17.36
N PRO E 680 21.67 32.78 -16.25
CA PRO E 680 21.31 34.20 -16.34
C PRO E 680 22.35 35.01 -17.09
N LEU E 681 22.03 36.27 -17.40
CA LEU E 681 22.91 37.11 -18.20
C LEU E 681 24.11 37.62 -17.42
N GLY E 682 23.95 37.92 -16.14
CA GLY E 682 25.02 38.48 -15.35
C GLY E 682 25.85 37.43 -14.63
N TYR E 683 25.57 36.17 -14.89
CA TYR E 683 26.32 35.09 -14.25
C TYR E 683 27.64 34.87 -14.99
N PRO E 684 28.77 34.75 -14.30
CA PRO E 684 30.04 34.52 -15.01
C PRO E 684 30.02 33.27 -15.85
N PHE E 685 31.07 33.05 -16.64
CA PHE E 685 31.14 31.94 -17.59
C PHE E 685 31.76 30.75 -16.87
N VAL E 686 31.01 29.64 -16.81
CA VAL E 686 31.46 28.42 -16.14
C VAL E 686 32.08 27.51 -17.19
N ASN E 687 33.40 27.38 -17.18
CA ASN E 687 34.12 26.53 -18.12
C ASN E 687 34.54 25.25 -17.40
N LYS E 688 33.60 24.32 -17.31
CA LYS E 688 33.82 23.07 -16.58
C LYS E 688 32.88 22.00 -17.13
N GLN E 689 33.21 20.75 -16.83
CA GLN E 689 32.34 19.63 -17.15
C GLN E 689 31.33 19.44 -16.04
N MET E 690 30.07 19.22 -16.42
CA MET E 690 28.94 19.33 -15.51
C MET E 690 28.66 17.97 -14.88
N HIS E 691 29.54 17.56 -13.98
CA HIS E 691 29.22 16.51 -13.02
C HIS E 691 28.07 17.00 -12.14
N LYS E 692 27.33 16.05 -11.58
CA LYS E 692 26.15 16.44 -10.79
C LYS E 692 26.53 17.38 -9.66
N LYS E 693 27.73 17.22 -9.10
CA LYS E 693 28.17 18.11 -8.03
C LYS E 693 28.31 19.54 -8.53
N VAL E 694 28.85 19.72 -9.74
CA VAL E 694 28.99 21.06 -10.29
C VAL E 694 27.63 21.71 -10.51
N GLN E 695 26.67 20.94 -11.01
CA GLN E 695 25.33 21.46 -11.20
C GLN E 695 24.70 21.86 -9.86
N ALA E 696 24.90 21.04 -8.83
CA ALA E 696 24.38 21.39 -7.51
C ALA E 696 25.00 22.68 -7.01
N ALA E 697 26.31 22.85 -7.19
CA ALA E 697 26.97 24.07 -6.76
C ALA E 697 26.41 25.28 -7.50
N ILE E 698 26.22 25.16 -8.82
CA ILE E 698 25.71 26.29 -9.61
C ILE E 698 24.31 26.66 -9.14
N ILE E 699 23.46 25.67 -8.92
CA ILE E 699 22.07 25.96 -8.55
C ILE E 699 21.98 26.49 -7.12
N ASN E 700 22.91 26.12 -6.24
CA ASN E 700 22.97 26.74 -4.93
C ASN E 700 23.40 28.20 -5.03
N ASP E 701 24.41 28.48 -5.85
CA ASP E 701 24.88 29.84 -6.04
C ASP E 701 23.75 30.72 -6.57
N LEU E 702 23.05 30.26 -7.60
CA LEU E 702 21.93 31.02 -8.15
C LEU E 702 20.81 31.22 -7.15
N ALA E 703 20.45 30.19 -6.38
CA ALA E 703 19.41 30.34 -5.37
C ALA E 703 19.79 31.33 -4.29
N GLU E 704 21.08 31.40 -3.93
CA GLU E 704 21.51 32.36 -2.93
C GLU E 704 21.49 33.79 -3.45
N ARG E 705 21.95 34.01 -4.69
CA ARG E 705 22.21 35.36 -5.17
C ARG E 705 21.11 35.92 -6.07
N TYR E 706 20.07 35.16 -6.35
CA TYR E 706 19.06 35.61 -7.31
C TYR E 706 17.68 35.32 -6.77
N PRO E 707 16.64 36.02 -7.25
CA PRO E 707 15.28 35.72 -6.81
C PRO E 707 14.81 34.33 -7.26
N MET E 708 13.60 33.94 -6.87
CA MET E 708 13.06 32.62 -7.15
C MET E 708 12.66 32.42 -8.60
N ILE E 709 12.09 33.45 -9.22
CA ILE E 709 11.62 33.31 -10.60
C ILE E 709 12.79 33.01 -11.53
N VAL E 710 13.94 33.64 -11.28
CA VAL E 710 15.11 33.39 -12.11
C VAL E 710 15.56 31.94 -11.99
N VAL E 711 15.58 31.40 -10.77
CA VAL E 711 16.00 30.03 -10.57
C VAL E 711 15.02 29.07 -11.24
N ALA E 712 13.71 29.33 -11.11
CA ALA E 712 12.74 28.45 -11.74
C ALA E 712 12.90 28.42 -13.26
N GLN E 713 13.06 29.60 -13.88
CA GLN E 713 13.25 29.64 -15.32
C GLN E 713 14.56 28.95 -15.72
N THR E 714 15.62 29.14 -14.95
CA THR E 714 16.89 28.51 -15.27
C THR E 714 16.76 26.99 -15.23
N VAL E 715 16.11 26.45 -14.20
CA VAL E 715 15.99 25.00 -14.11
C VAL E 715 15.12 24.46 -15.23
N ASP E 716 14.12 25.21 -15.66
CA ASP E 716 13.34 24.77 -16.81
C ASP E 716 14.20 24.69 -18.08
N LYS E 717 15.01 25.72 -18.33
CA LYS E 717 15.87 25.69 -19.51
C LYS E 717 16.88 24.56 -19.44
N LEU E 718 17.45 24.31 -18.26
CA LEU E 718 18.35 23.18 -18.07
C LEU E 718 17.66 21.85 -18.31
N LYS E 719 16.42 21.69 -17.87
CA LYS E 719 15.66 20.48 -18.17
C LYS E 719 15.55 20.27 -19.68
N ASP E 720 15.16 21.31 -20.40
CA ASP E 720 14.99 21.18 -21.85
C ASP E 720 16.29 20.75 -22.51
N ALA E 721 17.39 21.44 -22.21
CA ALA E 721 18.67 21.10 -22.81
C ALA E 721 19.12 19.70 -22.42
N GLY E 722 18.93 19.32 -21.16
CA GLY E 722 19.35 18.01 -20.71
C GLY E 722 18.64 16.89 -21.45
N PHE E 723 17.32 16.99 -21.59
CA PHE E 723 16.60 15.97 -22.36
C PHE E 723 17.05 15.94 -23.81
N TYR E 724 17.16 17.12 -24.43
CA TYR E 724 17.56 17.17 -25.83
C TYR E 724 18.88 16.47 -26.07
N TRP E 725 19.88 16.72 -25.22
CA TRP E 725 21.21 16.16 -25.44
C TRP E 725 21.40 14.78 -24.83
N ALA E 726 20.51 14.35 -23.94
CA ALA E 726 20.52 12.96 -23.52
C ALA E 726 19.99 12.06 -24.61
N THR E 727 19.06 12.56 -25.43
CA THR E 727 18.62 11.77 -26.58
C THR E 727 19.77 11.52 -27.55
N ARG E 728 20.72 12.45 -27.64
CA ARG E 728 21.84 12.36 -28.58
C ARG E 728 23.12 11.82 -27.97
N SER E 729 23.14 11.51 -26.67
CA SER E 729 24.38 11.14 -26.02
C SER E 729 24.86 9.74 -26.40
N GLY E 730 24.00 8.92 -26.98
CA GLY E 730 24.40 7.57 -27.37
C GLY E 730 24.55 6.60 -26.23
N VAL E 731 23.73 6.74 -25.19
CA VAL E 731 23.79 5.84 -24.04
C VAL E 731 22.78 4.72 -24.28
N THR E 732 23.28 3.52 -24.58
CA THR E 732 22.47 2.32 -24.69
C THR E 732 23.17 1.19 -23.96
N VAL E 733 22.45 0.08 -23.78
CA VAL E 733 22.97 -1.09 -23.10
C VAL E 733 22.87 -2.26 -24.06
N SER E 734 24.01 -2.82 -24.45
CA SER E 734 24.08 -4.09 -25.13
C SER E 734 25.18 -4.90 -24.45
N MET E 735 25.08 -6.23 -24.56
CA MET E 735 26.05 -7.06 -23.85
C MET E 735 27.46 -6.89 -24.39
N ALA E 736 27.62 -6.26 -25.55
CA ALA E 736 28.94 -5.91 -26.02
C ALA E 736 29.51 -4.71 -25.28
N ASP E 737 28.67 -3.91 -24.63
CA ASP E 737 29.12 -2.81 -23.80
C ASP E 737 29.44 -3.23 -22.38
N VAL E 738 29.07 -4.44 -21.99
CA VAL E 738 29.38 -4.97 -20.66
C VAL E 738 30.66 -5.78 -20.81
N LEU E 739 31.79 -5.10 -20.67
CA LEU E 739 33.09 -5.75 -20.79
C LEU E 739 33.40 -6.56 -19.54
N VAL E 740 34.24 -7.57 -19.70
CA VAL E 740 34.67 -8.41 -18.57
C VAL E 740 36.15 -8.16 -18.30
N PRO E 741 36.60 -8.24 -17.05
CA PRO E 741 38.02 -8.03 -16.77
C PRO E 741 38.87 -9.05 -17.50
N PRO E 742 40.01 -8.63 -18.06
CA PRO E 742 40.74 -9.53 -18.96
C PRO E 742 41.39 -10.71 -18.24
N ARG E 743 41.76 -10.56 -16.97
CA ARG E 743 42.47 -11.59 -16.23
C ARG E 743 41.74 -12.02 -14.95
N LYS E 744 40.43 -12.22 -15.01
CA LYS E 744 39.70 -12.62 -13.82
C LYS E 744 40.14 -14.01 -13.36
N LYS E 745 40.41 -14.91 -14.31
CA LYS E 745 40.74 -16.28 -13.95
C LYS E 745 42.05 -16.35 -13.17
N GLU E 746 43.05 -15.56 -13.58
CA GLU E 746 44.32 -15.58 -12.85
C GLU E 746 44.12 -15.13 -11.40
N ILE E 747 43.38 -14.04 -11.20
CA ILE E 747 43.15 -13.55 -9.85
C ILE E 747 42.39 -14.58 -9.03
N LEU E 748 41.34 -15.16 -9.59
CA LEU E 748 40.53 -16.11 -8.84
C LEU E 748 41.32 -17.36 -8.51
N ASP E 749 42.20 -17.83 -9.41
CA ASP E 749 43.04 -18.97 -9.08
C ASP E 749 44.06 -18.62 -8.00
N HIS E 750 44.68 -17.43 -8.11
CA HIS E 750 45.64 -17.01 -7.11
C HIS E 750 45.03 -17.01 -5.72
N TYR E 751 43.82 -16.50 -5.58
CA TYR E 751 43.18 -16.49 -4.26
C TYR E 751 42.55 -17.83 -3.90
N GLU E 752 42.26 -18.67 -4.89
CA GLU E 752 41.82 -20.03 -4.61
C GLU E 752 42.91 -20.84 -3.93
N GLU E 753 44.17 -20.63 -4.32
CA GLU E 753 45.27 -21.30 -3.62
C GLU E 753 45.33 -20.89 -2.15
N ARG E 754 45.17 -19.59 -1.88
CA ARG E 754 45.14 -19.14 -0.49
C ARG E 754 44.02 -19.81 0.28
N ALA E 755 42.82 -19.83 -0.30
CA ALA E 755 41.70 -20.45 0.39
C ALA E 755 41.97 -21.93 0.62
N ASP E 756 42.59 -22.60 -0.34
CA ASP E 756 42.92 -24.01 -0.18
C ASP E 756 43.89 -24.22 0.97
N LYS E 757 44.92 -23.37 1.07
CA LYS E 757 45.85 -23.50 2.19
C LYS E 757 45.16 -23.28 3.53
N VAL E 758 44.28 -22.29 3.62
CA VAL E 758 43.53 -22.08 4.86
C VAL E 758 42.70 -23.30 5.19
N GLU E 759 42.00 -23.85 4.20
CA GLU E 759 41.17 -25.02 4.45
C GLU E 759 42.01 -26.21 4.92
N LYS E 760 43.19 -26.39 4.33
CA LYS E 760 44.07 -27.47 4.76
C LYS E 760 44.54 -27.26 6.19
N GLN E 761 44.89 -26.03 6.55
CA GLN E 761 45.26 -25.74 7.93
C GLN E 761 44.12 -26.09 8.89
N PHE E 762 42.89 -25.73 8.54
CA PHE E 762 41.76 -26.12 9.38
C PHE E 762 41.65 -27.64 9.47
N GLN E 763 41.79 -28.32 8.34
CA GLN E 763 41.67 -29.77 8.31
C GLN E 763 42.76 -30.44 9.15
N ARG E 764 43.88 -29.76 9.38
CA ARG E 764 44.94 -30.28 10.22
C ARG E 764 44.80 -29.86 11.68
N GLY E 765 43.71 -29.17 12.04
CA GLY E 765 43.48 -28.79 13.42
C GLY E 765 44.24 -27.57 13.89
N ALA E 766 44.84 -26.80 12.99
CA ALA E 766 45.57 -25.61 13.39
C ALA E 766 44.66 -24.51 13.93
N LEU E 767 43.38 -24.53 13.58
CA LEU E 767 42.47 -23.48 14.01
C LEU E 767 41.05 -24.02 14.06
N ASN E 768 40.22 -23.40 14.90
CA ASN E 768 38.85 -23.84 15.11
C ASN E 768 38.00 -23.42 13.91
N HIS E 769 36.68 -23.62 14.03
CA HIS E 769 35.79 -23.33 12.91
C HIS E 769 35.75 -21.85 12.56
N ASP E 770 35.61 -20.98 13.56
CA ASP E 770 35.42 -19.56 13.28
C ASP E 770 36.68 -18.93 12.68
N GLU E 771 37.86 -19.35 13.13
CA GLU E 771 39.08 -18.79 12.58
C GLU E 771 39.23 -19.08 11.08
N ARG E 772 38.89 -20.30 10.67
CA ARG E 772 38.91 -20.61 9.24
C ARG E 772 37.95 -19.74 8.46
N ASN E 773 36.73 -19.55 8.97
CA ASN E 773 35.77 -18.70 8.27
C ASN E 773 36.29 -17.28 8.14
N GLU E 774 36.88 -16.75 9.22
CA GLU E 774 37.41 -15.39 9.16
C GLU E 774 38.53 -15.29 8.13
N ALA E 775 39.43 -16.27 8.10
CA ALA E 775 40.52 -16.26 7.14
C ALA E 775 40.02 -16.29 5.71
N LEU E 776 39.07 -17.19 5.43
CA LEU E 776 38.49 -17.30 4.09
C LEU E 776 37.80 -16.01 3.69
N VAL E 777 37.08 -15.40 4.64
CA VAL E 777 36.38 -14.16 4.35
C VAL E 777 37.37 -13.06 3.98
N GLU E 778 38.47 -12.95 4.72
CA GLU E 778 39.47 -11.94 4.39
C GLU E 778 40.06 -12.19 3.02
N ILE E 779 40.38 -13.45 2.71
CA ILE E 779 40.94 -13.77 1.40
C ILE E 779 39.99 -13.37 0.29
N TRP E 780 38.71 -13.68 0.45
CA TRP E 780 37.77 -13.43 -0.64
C TRP E 780 37.40 -11.97 -0.76
N LYS E 781 37.44 -11.22 0.36
CA LYS E 781 37.30 -9.77 0.25
C LYS E 781 38.46 -9.18 -0.55
N GLU E 782 39.69 -9.65 -0.28
CA GLU E 782 40.82 -9.18 -1.08
C GLU E 782 40.63 -9.52 -2.56
N ALA E 783 40.16 -10.74 -2.84
CA ALA E 783 39.95 -11.14 -4.23
C ALA E 783 38.92 -10.25 -4.92
N THR E 784 37.82 -9.96 -4.22
CA THR E 784 36.80 -9.09 -4.81
C THR E 784 37.36 -7.71 -5.10
N ASP E 785 38.14 -7.15 -4.18
CA ASP E 785 38.73 -5.84 -4.42
C ASP E 785 39.67 -5.88 -5.62
N GLU E 786 40.47 -6.94 -5.73
CA GLU E 786 41.43 -7.03 -6.82
C GLU E 786 40.77 -7.25 -8.17
N VAL E 787 39.61 -7.89 -8.23
CA VAL E 787 38.82 -7.97 -9.44
C VAL E 787 38.19 -6.63 -9.78
N GLY E 788 37.64 -5.94 -8.78
CA GLY E 788 37.04 -4.64 -9.03
C GLY E 788 38.02 -3.63 -9.57
N GLN E 789 39.26 -3.64 -9.07
CA GLN E 789 40.25 -2.68 -9.56
C GLN E 789 40.59 -2.94 -11.02
N ALA E 790 40.77 -4.21 -11.40
CA ALA E 790 41.05 -4.51 -12.80
C ALA E 790 39.88 -4.11 -13.68
N LEU E 791 38.64 -4.36 -13.22
CA LEU E 791 37.48 -3.93 -13.98
C LEU E 791 37.47 -2.42 -14.16
N ARG E 792 37.76 -1.68 -13.09
CA ARG E 792 37.78 -0.22 -13.18
C ARG E 792 38.82 0.25 -14.19
N GLU E 793 39.99 -0.40 -14.20
CA GLU E 793 41.07 0.02 -15.07
C GLU E 793 40.89 -0.46 -16.51
N HIS E 794 39.98 -1.40 -16.76
CA HIS E 794 39.83 -1.91 -18.13
C HIS E 794 38.85 -1.08 -18.95
N TYR E 795 37.82 -0.52 -18.32
CA TYR E 795 36.78 0.18 -19.07
C TYR E 795 37.31 1.50 -19.63
N PRO E 796 36.84 1.90 -20.82
CA PRO E 796 37.16 3.26 -21.30
C PRO E 796 36.36 4.32 -20.56
N ASP E 797 36.53 5.58 -20.96
CA ASP E 797 35.79 6.67 -20.34
C ASP E 797 34.48 6.98 -21.05
N ASP E 798 34.29 6.46 -22.26
CA ASP E 798 33.08 6.72 -23.03
C ASP E 798 32.15 5.51 -23.11
N ASN E 799 32.34 4.51 -22.26
CA ASN E 799 31.41 3.40 -22.18
C ASN E 799 30.10 3.90 -21.56
N PRO E 800 28.94 3.49 -22.08
CA PRO E 800 27.69 4.02 -21.51
C PRO E 800 27.50 3.72 -20.03
N ILE E 801 27.92 2.55 -19.56
CA ILE E 801 27.68 2.18 -18.17
C ILE E 801 28.51 3.04 -17.23
N ILE E 802 29.83 3.11 -17.47
CA ILE E 802 30.65 3.95 -16.63
C ILE E 802 30.35 5.42 -16.86
N THR E 803 29.86 5.80 -18.04
CA THR E 803 29.43 7.18 -18.24
C THR E 803 28.26 7.53 -17.34
N ILE E 804 27.25 6.65 -17.27
CA ILE E 804 26.11 6.91 -16.40
C ILE E 804 26.53 6.93 -14.95
N VAL E 805 27.48 6.08 -14.58
CA VAL E 805 27.93 6.04 -13.19
C VAL E 805 28.74 7.30 -12.84
N ASP E 806 29.65 7.70 -13.74
CA ASP E 806 30.60 8.77 -13.43
C ASP E 806 30.01 10.16 -13.66
N SER E 807 28.89 10.27 -14.36
CA SER E 807 28.26 11.59 -14.49
C SER E 807 27.42 11.91 -13.26
N GLY E 808 27.29 10.97 -12.33
CA GLY E 808 26.46 11.16 -11.17
C GLY E 808 24.99 10.94 -11.43
N ALA E 809 24.59 10.52 -12.62
CA ALA E 809 23.19 10.39 -12.95
C ALA E 809 22.49 9.41 -12.03
N THR E 810 23.04 8.20 -11.91
CA THR E 810 22.44 7.19 -11.05
C THR E 810 23.35 5.97 -10.98
N GLY E 811 23.35 5.33 -9.82
CA GLY E 811 24.08 4.09 -9.64
C GLY E 811 25.47 4.26 -9.10
N ASN E 812 25.99 3.23 -8.44
CA ASN E 812 27.37 3.22 -7.94
C ASN E 812 28.16 2.13 -8.65
N PHE E 813 29.46 2.05 -8.34
CA PHE E 813 30.34 1.12 -9.05
C PHE E 813 30.29 -0.30 -8.48
N THR E 814 29.79 -0.48 -7.27
CA THR E 814 29.58 -1.84 -6.77
C THR E 814 28.60 -2.59 -7.64
N GLN E 815 27.56 -1.91 -8.12
CA GLN E 815 26.62 -2.51 -9.04
C GLN E 815 27.24 -2.84 -10.40
N THR E 816 28.25 -2.07 -10.83
CA THR E 816 28.95 -2.39 -12.06
C THR E 816 29.88 -3.58 -11.89
N ARG E 817 30.55 -3.67 -10.74
CA ARG E 817 31.35 -4.85 -10.46
C ARG E 817 30.49 -6.11 -10.38
N THR E 818 29.34 -6.02 -9.70
CA THR E 818 28.45 -7.17 -9.58
C THR E 818 27.92 -7.63 -10.94
N LEU E 819 27.77 -6.73 -11.89
CA LEU E 819 27.24 -7.06 -13.21
C LEU E 819 28.30 -7.51 -14.19
N ALA E 820 29.52 -6.97 -14.11
CA ALA E 820 30.56 -7.29 -15.07
C ALA E 820 31.62 -8.23 -14.54
N GLY E 821 32.17 -7.98 -13.35
CA GLY E 821 33.27 -8.80 -12.88
C GLY E 821 32.92 -9.96 -11.99
N MET E 822 32.26 -9.70 -10.85
CA MET E 822 32.10 -10.74 -9.85
C MET E 822 31.19 -10.26 -8.72
N LYS E 823 30.28 -11.12 -8.25
CA LYS E 823 29.41 -10.71 -7.15
C LYS E 823 30.17 -10.72 -5.83
N GLY E 824 30.67 -11.87 -5.41
CA GLY E 824 31.47 -11.96 -4.20
C GLY E 824 30.76 -12.62 -3.04
N LEU E 825 31.15 -12.25 -1.83
CA LEU E 825 30.61 -12.85 -0.61
C LEU E 825 29.16 -12.46 -0.41
N VAL E 826 28.36 -13.41 0.06
CA VAL E 826 26.94 -13.20 0.34
C VAL E 826 26.68 -13.66 1.76
N THR E 827 25.57 -13.21 2.33
CA THR E 827 25.30 -13.43 3.74
C THR E 827 24.39 -14.63 3.97
N ASN E 828 24.31 -15.03 5.23
CA ASN E 828 23.42 -16.09 5.68
C ASN E 828 22.06 -15.50 6.02
N PRO E 829 21.08 -16.35 6.32
CA PRO E 829 19.87 -15.83 6.99
C PRO E 829 20.19 -15.21 8.34
N LYS E 830 21.23 -15.71 9.02
CA LYS E 830 21.68 -15.10 10.27
C LYS E 830 22.37 -13.77 10.01
N GLY E 831 23.02 -13.63 8.86
CA GLY E 831 23.77 -12.43 8.53
C GLY E 831 25.26 -12.64 8.35
N GLU E 832 25.79 -13.78 8.78
CA GLU E 832 27.21 -14.05 8.61
C GLU E 832 27.51 -14.42 7.16
N PHE E 833 28.67 -13.99 6.67
CA PHE E 833 29.03 -14.24 5.29
C PHE E 833 29.10 -15.73 4.99
N ILE E 834 28.58 -16.12 3.84
CA ILE E 834 28.86 -17.46 3.30
C ILE E 834 30.30 -17.48 2.79
N PRO E 835 31.17 -18.40 3.24
CA PRO E 835 32.58 -18.31 2.84
C PRO E 835 32.88 -18.88 1.46
N ARG E 836 31.89 -19.03 0.60
CA ARG E 836 32.11 -19.83 -0.62
C ARG E 836 33.14 -19.18 -1.54
N PRO E 837 32.89 -18.00 -2.16
CA PRO E 837 31.70 -17.16 -2.29
C PRO E 837 31.07 -17.28 -3.68
N VAL E 838 30.09 -16.45 -4.02
CA VAL E 838 29.61 -16.38 -5.40
C VAL E 838 30.71 -15.80 -6.27
N LYS E 839 30.99 -16.46 -7.39
CA LYS E 839 32.17 -16.17 -8.20
C LYS E 839 31.83 -15.77 -9.62
N SER E 840 30.55 -15.74 -9.98
CA SER E 840 30.11 -15.38 -11.32
C SER E 840 29.46 -14.00 -11.28
N SER E 841 29.53 -13.30 -12.41
CA SER E 841 28.77 -12.08 -12.58
C SER E 841 27.40 -12.39 -13.18
N PHE E 842 26.53 -11.38 -13.21
CA PHE E 842 25.24 -11.56 -13.84
C PHE E 842 25.35 -11.52 -15.36
N ARG E 843 26.48 -11.11 -15.92
CA ARG E 843 26.68 -11.25 -17.36
C ARG E 843 26.97 -12.70 -17.73
N GLU E 844 27.82 -13.38 -16.96
CA GLU E 844 28.06 -14.80 -17.17
C GLU E 844 26.88 -15.66 -16.76
N GLY E 845 26.14 -15.25 -15.73
CA GLY E 845 25.03 -16.03 -15.24
C GLY E 845 25.42 -16.87 -14.05
N LEU E 846 24.69 -16.74 -12.95
CA LEU E 846 24.94 -17.53 -11.77
C LEU E 846 24.42 -18.95 -11.96
N THR E 847 25.04 -19.90 -11.27
CA THR E 847 24.56 -21.26 -11.23
C THR E 847 23.41 -21.38 -10.23
N VAL E 848 22.94 -22.59 -10.01
CA VAL E 848 21.75 -22.79 -9.19
C VAL E 848 22.05 -22.50 -7.73
N LEU E 849 23.17 -23.02 -7.21
CA LEU E 849 23.52 -22.80 -5.82
C LEU E 849 23.85 -21.34 -5.53
N GLU E 850 24.58 -20.70 -6.45
CA GLU E 850 24.90 -19.29 -6.26
C GLU E 850 23.64 -18.46 -6.22
N TYR E 851 22.69 -18.75 -7.12
CA TYR E 851 21.42 -18.04 -7.12
C TYR E 851 20.67 -18.26 -5.81
N PHE E 852 20.68 -19.49 -5.30
CA PHE E 852 19.99 -19.76 -4.03
C PHE E 852 20.59 -18.95 -2.88
N ILE E 853 21.92 -19.01 -2.73
CA ILE E 853 22.55 -18.34 -1.60
C ILE E 853 22.47 -16.83 -1.76
N ASN E 854 22.25 -16.35 -2.98
CA ASN E 854 22.00 -14.92 -3.18
C ASN E 854 20.58 -14.53 -2.78
N THR E 855 19.60 -15.38 -3.10
CA THR E 855 18.23 -15.11 -2.67
C THR E 855 18.15 -15.02 -1.15
N HIS E 856 18.97 -15.81 -0.45
CA HIS E 856 19.02 -15.72 1.02
C HIS E 856 19.00 -14.28 1.50
N GLY E 857 19.90 -13.44 0.97
CA GLY E 857 19.99 -12.07 1.44
C GLY E 857 19.04 -11.13 0.70
N ALA E 858 18.72 -11.46 -0.55
CA ALA E 858 17.76 -10.62 -1.28
C ALA E 858 16.43 -10.52 -0.53
N ARG E 859 15.89 -11.65 -0.07
CA ARG E 859 14.60 -11.59 0.60
C ARG E 859 14.68 -10.88 1.95
N LYS E 860 15.79 -11.04 2.67
CA LYS E 860 15.97 -10.29 3.91
C LYS E 860 15.88 -8.80 3.64
N GLY E 861 16.57 -8.34 2.60
CA GLY E 861 16.47 -6.95 2.23
C GLY E 861 15.07 -6.48 1.91
N LEU E 862 14.32 -7.28 1.15
CA LEU E 862 12.94 -6.89 0.83
C LEU E 862 12.05 -6.81 2.07
N ALA E 863 12.14 -7.81 2.95
CA ALA E 863 11.32 -7.82 4.16
C ALA E 863 11.65 -6.63 5.05
N ASP E 864 12.92 -6.24 5.12
CA ASP E 864 13.30 -5.09 5.93
C ASP E 864 12.50 -3.86 5.54
N THR E 865 12.50 -3.52 4.25
CA THR E 865 11.73 -2.38 3.78
C THR E 865 10.25 -2.54 4.07
N ALA E 866 9.71 -3.72 3.76
CA ALA E 866 8.28 -3.94 3.94
C ALA E 866 7.86 -3.66 5.38
N LEU E 867 8.74 -3.96 6.34
CA LEU E 867 8.37 -3.77 7.74
C LEU E 867 8.76 -2.41 8.31
N ARG E 868 9.73 -1.70 7.72
CA ARG E 868 10.06 -0.37 8.21
C ARG E 868 9.11 0.70 7.69
N THR E 869 8.39 0.43 6.60
CA THR E 869 7.49 1.42 6.04
C THR E 869 6.44 1.89 7.04
N ALA E 870 6.12 1.06 8.04
CA ALA E 870 5.08 1.41 9.01
C ALA E 870 5.67 2.06 10.26
N ASP E 871 6.85 1.59 10.68
CA ASP E 871 7.52 2.19 11.82
C ASP E 871 7.87 3.64 11.55
N SER E 872 8.32 3.96 10.33
CA SER E 872 8.58 5.36 10.02
C SER E 872 7.35 6.22 10.26
N GLY E 873 6.19 5.78 9.77
CA GLY E 873 4.97 6.57 9.92
C GLY E 873 4.50 6.69 11.35
N TYR E 874 4.62 5.61 12.13
CA TYR E 874 4.26 5.69 13.54
C TYR E 874 5.15 6.70 14.28
N LEU E 875 6.45 6.66 14.00
CA LEU E 875 7.36 7.61 14.64
C LEU E 875 7.01 9.04 14.25
N THR E 876 6.72 9.28 12.96
CA THR E 876 6.37 10.63 12.54
C THR E 876 5.09 11.09 13.22
N ARG E 877 4.12 10.20 13.38
CA ARG E 877 2.88 10.56 14.05
C ARG E 877 3.12 10.96 15.50
N ARG E 878 3.97 10.23 16.21
CA ARG E 878 4.28 10.62 17.59
C ARG E 878 5.06 11.93 17.67
N LEU E 879 6.04 12.13 16.79
CA LEU E 879 6.80 13.38 16.78
C LEU E 879 5.95 14.59 16.44
N VAL E 880 4.96 14.43 15.56
CA VAL E 880 4.09 15.56 15.25
C VAL E 880 3.25 15.94 16.46
N ASP E 881 2.83 14.95 17.25
CA ASP E 881 2.00 15.26 18.40
C ASP E 881 2.79 15.90 19.52
N VAL E 882 4.00 15.41 19.79
CA VAL E 882 4.76 15.96 20.92
C VAL E 882 5.03 17.45 20.70
N SER E 883 5.32 17.83 19.46
CA SER E 883 5.80 19.17 19.13
C SER E 883 4.83 19.92 18.23
N GLN E 884 3.53 19.88 18.51
CA GLN E 884 2.56 20.61 17.73
C GLN E 884 2.26 21.99 18.30
N ASP E 885 2.88 22.35 19.42
CA ASP E 885 2.61 23.61 20.10
C ASP E 885 3.83 24.52 20.13
N VAL E 886 4.79 24.29 19.22
CA VAL E 886 5.95 25.16 19.09
C VAL E 886 5.77 26.03 17.87
N ILE E 887 5.46 27.31 18.07
CA ILE E 887 5.19 28.26 17.01
C ILE E 887 5.96 29.53 17.31
N VAL E 888 6.47 30.17 16.26
CA VAL E 888 7.20 31.43 16.41
C VAL E 888 6.20 32.51 16.78
N ARG E 889 6.37 33.10 17.97
CA ARG E 889 5.39 34.02 18.54
C ARG E 889 5.92 35.45 18.64
N GLU E 890 7.16 35.63 19.05
CA GLU E 890 7.78 36.94 19.14
C GLU E 890 8.85 37.09 18.08
N HIS E 891 9.47 38.26 18.05
CA HIS E 891 10.61 38.48 17.15
C HIS E 891 11.93 38.31 17.89
N ASP E 892 11.97 38.66 19.17
CA ASP E 892 13.22 38.61 19.93
C ASP E 892 12.90 38.58 21.42
N CYS E 893 13.27 37.49 22.09
CA CYS E 893 13.12 37.43 23.54
C CYS E 893 14.21 38.23 24.23
N GLN E 894 15.27 38.59 23.51
CA GLN E 894 16.36 39.38 24.05
C GLN E 894 16.97 38.72 25.28
N THR E 895 17.24 37.42 25.16
CA THR E 895 17.97 36.71 26.19
C THR E 895 19.46 36.72 25.83
N GLU E 896 20.28 36.25 26.76
CA GLU E 896 21.72 36.18 26.57
C GLU E 896 22.24 34.75 26.63
N ARG E 897 21.39 33.78 26.95
CA ARG E 897 21.79 32.39 26.99
C ARG E 897 21.97 31.84 25.58
N GLY E 898 22.72 30.76 25.49
CA GLY E 898 23.01 30.17 24.20
C GLY E 898 23.88 28.94 24.34
N ILE E 899 24.05 28.23 23.23
CA ILE E 899 24.91 27.05 23.17
C ILE E 899 26.19 27.39 22.44
N VAL E 900 27.20 26.53 22.58
CA VAL E 900 28.47 26.70 21.88
C VAL E 900 28.55 25.65 20.78
N VAL E 901 29.34 25.96 19.76
CA VAL E 901 29.49 25.10 18.58
C VAL E 901 30.97 24.84 18.34
N GLU E 902 31.28 23.60 17.94
CA GLU E 902 32.68 23.17 17.85
C GLU E 902 33.46 24.04 16.86
N LEU E 903 32.95 24.17 15.64
CA LEU E 903 33.46 25.15 14.67
C LEU E 903 34.98 25.04 14.48
N ALA E 904 35.37 23.91 13.88
CA ALA E 904 36.75 23.74 13.41
C ALA E 904 37.80 23.78 14.51
N GLU E 905 37.80 22.77 15.38
CA GLU E 905 38.82 22.66 16.42
C GLU E 905 40.23 22.77 15.83
N ARG E 906 41.17 23.20 16.66
CA ARG E 906 42.53 23.48 16.21
C ARG E 906 43.31 22.20 15.96
N ALA E 907 44.21 22.25 14.97
CA ALA E 907 45.02 21.09 14.63
C ALA E 907 46.18 20.94 15.60
N PRO E 908 46.76 19.73 15.70
CA PRO E 908 47.85 19.54 16.67
C PRO E 908 49.10 20.34 16.37
N ASP E 909 49.65 20.23 15.15
CA ASP E 909 50.85 20.98 14.80
C ASP E 909 50.54 22.47 14.65
N GLY E 910 49.26 22.82 14.58
CA GLY E 910 48.83 24.20 14.49
C GLY E 910 48.24 24.51 13.13
N THR E 911 46.91 24.43 13.06
CA THR E 911 46.18 24.74 11.84
C THR E 911 44.69 24.55 12.15
N LEU E 912 43.86 25.25 11.38
CA LEU E 912 42.41 25.19 11.55
C LEU E 912 41.84 24.27 10.47
N ILE E 913 41.67 23.01 10.82
CA ILE E 913 40.97 22.06 9.95
C ILE E 913 39.47 22.16 10.23
N ARG E 914 38.69 22.49 9.20
CA ARG E 914 37.28 22.75 9.40
C ARG E 914 36.56 21.49 9.86
N ASP E 915 35.56 21.66 10.72
CA ASP E 915 34.79 20.53 11.19
C ASP E 915 33.89 20.02 10.06
N PRO E 916 33.94 18.74 9.74
CA PRO E 916 33.20 18.27 8.54
C PRO E 916 31.71 18.57 8.59
N TYR E 917 31.08 18.42 9.74
CA TYR E 917 29.63 18.64 9.87
C TYR E 917 29.36 20.02 10.47
N ILE E 918 29.74 21.04 9.70
CA ILE E 918 29.54 22.43 10.12
C ILE E 918 28.29 23.02 9.50
N GLU E 919 27.82 22.46 8.39
CA GLU E 919 26.63 22.99 7.73
C GLU E 919 25.36 22.67 8.51
N THR E 920 25.37 21.65 9.36
CA THR E 920 24.18 21.26 10.09
C THR E 920 24.21 21.66 11.56
N SER E 921 25.22 22.41 11.99
CA SER E 921 25.33 22.79 13.39
C SER E 921 25.68 24.25 13.62
N ALA E 922 26.27 24.92 12.66
CA ALA E 922 26.69 26.30 12.84
C ALA E 922 26.05 27.26 11.86
N TYR E 923 25.72 26.80 10.66
CA TYR E 923 25.07 27.65 9.68
C TYR E 923 23.63 27.92 10.09
N ALA E 924 23.08 29.01 9.56
CA ALA E 924 21.69 29.38 9.80
C ALA E 924 21.42 29.59 11.29
N ARG E 925 22.38 30.19 11.98
CA ARG E 925 22.26 30.49 13.40
C ARG E 925 22.59 31.96 13.62
N THR E 926 22.10 32.50 14.74
CA THR E 926 22.39 33.88 15.12
C THR E 926 23.30 33.86 16.34
N LEU E 927 24.29 34.73 16.35
CA LEU E 927 25.24 34.77 17.45
C LEU E 927 24.61 35.36 18.71
N GLY E 928 25.05 34.87 19.86
CA GLY E 928 24.59 35.38 21.13
C GLY E 928 25.60 36.31 21.77
N THR E 929 26.88 36.03 21.56
CA THR E 929 27.95 36.88 22.02
C THR E 929 28.77 37.37 20.83
N ASP E 930 29.75 38.20 21.10
CA ASP E 930 30.60 38.78 20.06
C ASP E 930 31.85 37.93 19.89
N ALA E 931 32.38 37.94 18.67
CA ALA E 931 33.55 37.16 18.30
C ALA E 931 34.76 38.10 18.30
N VAL E 932 35.68 37.87 19.24
CA VAL E 932 36.89 38.67 19.37
C VAL E 932 38.07 37.70 19.43
N ASP E 933 39.13 38.02 18.70
CA ASP E 933 40.30 37.15 18.59
C ASP E 933 41.58 37.96 18.80
N GLU E 934 42.47 37.42 19.63
CA GLU E 934 43.83 37.94 19.79
C GLU E 934 43.83 39.44 20.01
N ALA E 935 42.92 39.91 20.87
CA ALA E 935 42.72 41.32 21.20
C ALA E 935 42.17 42.11 20.01
N GLY E 936 41.92 41.46 18.88
CA GLY E 936 41.39 42.16 17.73
C GLY E 936 39.94 42.57 17.95
N ASN E 937 39.51 43.59 17.22
CA ASN E 937 38.14 44.07 17.33
C ASN E 937 37.16 42.95 17.02
N VAL E 938 35.89 43.18 17.34
CA VAL E 938 34.86 42.17 17.16
C VAL E 938 34.80 41.79 15.69
N ILE E 939 35.11 40.52 15.39
CA ILE E 939 35.10 40.06 14.01
C ILE E 939 33.67 39.99 13.49
N VAL E 940 32.76 39.46 14.29
CA VAL E 940 31.35 39.31 13.93
C VAL E 940 30.50 39.82 15.08
N GLU E 941 29.56 40.70 14.77
CA GLU E 941 28.72 41.30 15.78
C GLU E 941 27.65 40.33 16.28
N ARG E 942 27.08 40.67 17.42
CA ARG E 942 25.99 39.90 17.98
C ARG E 942 24.78 39.95 17.05
N GLY E 943 24.06 38.83 16.98
CA GLY E 943 22.85 38.75 16.17
C GLY E 943 23.11 38.88 14.68
N GLN E 944 23.82 37.91 14.10
CA GLN E 944 24.10 37.91 12.67
C GLN E 944 23.80 36.53 12.10
N ASP E 945 23.34 36.50 10.85
CA ASP E 945 22.83 35.27 10.27
C ASP E 945 23.87 34.16 10.26
N LEU E 946 25.15 34.51 10.22
CA LEU E 946 26.24 33.53 10.33
C LEU E 946 26.18 32.54 9.17
N GLY E 947 26.32 33.09 7.97
CA GLY E 947 26.36 32.31 6.74
C GLY E 947 27.77 31.93 6.35
N ASP E 948 27.92 31.59 5.06
CA ASP E 948 29.22 31.16 4.57
C ASP E 948 30.29 32.23 4.70
N PRO E 949 30.07 33.48 4.26
CA PRO E 949 31.13 34.48 4.39
C PRO E 949 31.55 34.73 5.83
N GLU E 950 30.60 34.75 6.76
CA GLU E 950 30.93 34.99 8.16
C GLU E 950 31.74 33.84 8.75
N ILE E 951 31.40 32.60 8.42
CA ILE E 951 32.18 31.46 8.89
C ILE E 951 33.58 31.51 8.31
N ASP E 952 33.70 31.84 7.02
CA ASP E 952 35.03 31.96 6.43
C ASP E 952 35.85 33.04 7.13
N ALA E 953 35.22 34.18 7.42
CA ALA E 953 35.92 35.25 8.12
C ALA E 953 36.35 34.83 9.51
N LEU E 954 35.47 34.13 10.23
CA LEU E 954 35.83 33.67 11.58
C LEU E 954 36.99 32.68 11.54
N LEU E 955 36.97 31.76 10.58
CA LEU E 955 38.09 30.82 10.45
C LEU E 955 39.38 31.51 10.07
N ALA E 956 39.32 32.51 9.19
CA ALA E 956 40.52 33.26 8.84
C ALA E 956 41.06 34.03 10.04
N ALA E 957 40.16 34.60 10.85
CA ALA E 957 40.58 35.36 12.02
C ALA E 957 41.18 34.46 13.09
N GLY E 958 40.80 33.18 13.13
CA GLY E 958 41.45 32.24 14.01
C GLY E 958 40.74 32.02 15.34
N ILE E 959 39.43 31.81 15.31
CA ILE E 959 38.69 31.39 16.49
C ILE E 959 38.05 30.04 16.19
N THR E 960 37.75 29.31 17.26
CA THR E 960 37.26 27.95 17.14
C THR E 960 35.88 27.73 17.75
N GLN E 961 35.43 28.57 18.68
CA GLN E 961 34.15 28.39 19.35
C GLN E 961 33.38 29.70 19.39
N VAL E 962 32.09 29.64 19.06
CA VAL E 962 31.19 30.78 19.12
C VAL E 962 29.94 30.37 19.87
N LYS E 963 29.39 31.28 20.67
CA LYS E 963 28.15 31.05 21.39
C LYS E 963 27.00 31.57 20.54
N VAL E 964 26.12 30.67 20.12
CA VAL E 964 25.03 31.00 19.21
C VAL E 964 23.70 30.81 19.94
N ARG E 965 22.66 31.39 19.35
CA ARG E 965 21.31 31.29 19.90
C ARG E 965 20.66 29.98 19.47
N SER E 966 19.83 29.43 20.35
CA SER E 966 19.16 28.17 20.07
C SER E 966 17.79 28.16 20.72
N VAL E 967 16.91 27.31 20.21
CA VAL E 967 15.58 27.14 20.79
C VAL E 967 15.63 26.48 22.16
N LEU E 968 16.70 25.77 22.48
CA LEU E 968 16.82 25.12 23.78
C LEU E 968 16.86 26.16 24.90
N THR E 969 17.26 27.39 24.57
CA THR E 969 17.46 28.44 25.56
C THR E 969 16.55 29.66 25.33
N CYS E 970 15.52 29.51 24.50
CA CYS E 970 14.61 30.62 24.26
C CYS E 970 13.85 30.95 25.54
N ALA E 971 13.66 32.24 25.80
CA ALA E 971 13.06 32.71 27.05
C ALA E 971 11.58 33.07 26.91
N THR E 972 10.99 32.84 25.74
CA THR E 972 9.57 33.16 25.57
C THR E 972 8.72 32.16 26.33
N SER E 973 7.55 32.62 26.77
CA SER E 973 6.68 31.79 27.60
C SER E 973 6.04 30.67 26.79
N THR E 974 5.39 31.01 25.68
CA THR E 974 4.72 30.05 24.82
C THR E 974 5.30 30.20 23.41
N GLY E 975 5.96 29.14 22.94
CA GLY E 975 6.57 29.15 21.63
C GLY E 975 7.93 29.80 21.63
N VAL E 976 8.64 29.61 20.52
CA VAL E 976 9.97 30.17 20.33
C VAL E 976 9.86 31.56 19.71
N CYS E 977 10.96 32.29 19.68
CA CYS E 977 11.05 33.57 18.98
C CYS E 977 11.73 33.34 17.63
N ALA E 978 11.88 34.41 16.85
CA ALA E 978 12.43 34.29 15.50
C ALA E 978 13.95 34.29 15.49
N THR E 979 14.57 35.14 16.32
CA THR E 979 16.03 35.20 16.34
C THR E 979 16.66 33.97 16.97
N CYS E 980 16.05 33.41 18.01
CA CYS E 980 16.57 32.17 18.58
C CYS E 980 16.47 31.01 17.60
N TYR E 981 15.38 30.92 16.85
CA TYR E 981 15.28 29.90 15.81
C TYR E 981 16.26 30.14 14.67
N GLY E 982 16.34 31.36 14.14
CA GLY E 982 17.30 31.67 13.12
C GLY E 982 16.72 31.65 11.72
N ARG E 983 17.59 31.42 10.75
CA ARG E 983 17.19 31.39 9.35
C ARG E 983 16.19 30.28 9.11
N SER E 984 15.27 30.51 8.19
CA SER E 984 14.38 29.44 7.74
C SER E 984 15.04 28.68 6.61
N MET E 985 15.19 27.37 6.78
CA MET E 985 15.95 26.56 5.83
C MET E 985 15.32 26.55 4.44
N ALA E 986 14.02 26.79 4.32
CA ALA E 986 13.36 26.81 3.01
C ALA E 986 13.37 28.19 2.38
N THR E 987 13.00 29.22 3.14
CA THR E 987 12.95 30.57 2.60
C THR E 987 14.34 31.16 2.41
N GLY E 988 15.25 30.91 3.34
CA GLY E 988 16.57 31.49 3.32
C GLY E 988 16.71 32.76 4.14
N LYS E 989 15.61 33.32 4.62
CA LYS E 989 15.62 34.52 5.44
C LYS E 989 15.22 34.16 6.87
N LEU E 990 15.12 35.17 7.73
CA LEU E 990 14.70 34.94 9.10
C LEU E 990 13.27 34.42 9.13
N VAL E 991 13.02 33.47 10.04
CA VAL E 991 11.71 32.84 10.12
C VAL E 991 10.64 33.88 10.45
N ASP E 992 9.41 33.59 10.06
CA ASP E 992 8.31 34.51 10.24
C ASP E 992 7.74 34.43 11.65
N ILE E 993 6.74 35.25 11.94
CA ILE E 993 6.16 35.34 13.28
C ILE E 993 4.84 34.59 13.29
N GLY E 994 4.72 33.57 12.45
CA GLY E 994 3.59 32.67 12.53
C GLY E 994 3.93 31.25 12.18
N GLU E 995 5.18 30.98 11.82
CA GLU E 995 5.55 29.68 11.30
C GLU E 995 5.47 28.62 12.38
N ALA E 996 4.91 27.47 12.00
CA ALA E 996 4.82 26.32 12.90
C ALA E 996 6.07 25.45 12.72
N VAL E 997 7.11 25.81 13.47
CA VAL E 997 8.39 25.13 13.37
C VAL E 997 8.35 23.71 13.92
N GLY E 998 7.44 23.41 14.84
CA GLY E 998 7.38 22.08 15.41
C GLY E 998 6.98 21.02 14.40
N ILE E 999 5.97 21.31 13.58
CA ILE E 999 5.53 20.35 12.58
C ILE E 999 6.59 20.18 11.50
N VAL E 1000 7.25 21.27 11.13
CA VAL E 1000 8.33 21.18 10.15
C VAL E 1000 9.46 20.32 10.69
N ALA E 1001 9.82 20.50 11.97
CA ALA E 1001 10.86 19.68 12.56
C ALA E 1001 10.47 18.21 12.57
N ALA E 1002 9.22 17.90 12.96
CA ALA E 1002 8.78 16.52 13.00
C ALA E 1002 8.79 15.88 11.62
N GLN E 1003 8.33 16.62 10.60
CA GLN E 1003 8.31 16.07 9.24
C GLN E 1003 9.72 15.92 8.67
N SER E 1004 10.63 16.81 9.06
CA SER E 1004 12.01 16.68 8.61
C SER E 1004 12.72 15.51 9.26
N ILE E 1005 12.48 15.25 10.54
CA ILE E 1005 13.09 14.11 11.20
C ILE E 1005 12.50 12.81 10.68
N GLY E 1006 11.18 12.74 10.55
CA GLY E 1006 10.53 11.48 10.27
C GLY E 1006 10.35 11.15 8.80
N GLU E 1007 10.64 12.08 7.91
CA GLU E 1007 10.43 11.82 6.50
C GLU E 1007 11.53 10.92 5.95
N PRO E 1008 12.82 11.20 6.22
CA PRO E 1008 13.86 10.27 5.79
C PRO E 1008 13.99 9.06 6.70
N GLY E 1009 12.91 8.29 6.83
CA GLY E 1009 12.95 7.03 7.51
C GLY E 1009 13.23 5.98 6.46
N THR E 1010 12.23 5.17 6.11
CA THR E 1010 12.23 4.40 4.87
C THR E 1010 13.62 4.19 4.28
N GLN E 1011 14.31 5.28 3.93
CA GLN E 1011 15.70 5.22 3.46
C GLN E 1011 16.66 5.28 4.65
N LEU E 1012 16.38 4.45 5.65
CA LEU E 1012 17.20 4.35 6.87
C LEU E 1012 17.28 2.86 7.18
N THR E 1013 18.31 2.20 6.65
CA THR E 1013 18.39 0.75 6.75
C THR E 1013 18.66 0.34 8.19
N MET E 1014 17.91 -0.65 8.65
CA MET E 1014 18.25 -1.31 9.90
C MET E 1014 19.58 -2.05 9.73
N ARG E 1015 20.39 -2.03 10.79
CA ARG E 1015 21.76 -2.52 10.69
C ARG E 1015 21.97 -3.67 11.67
N THR E 1016 22.64 -4.72 11.21
CA THR E 1016 22.90 -5.91 12.01
C THR E 1016 23.62 -5.56 13.31
N ASP E 1025 24.38 -6.42 20.54
CA ASP E 1025 22.94 -6.24 20.59
C ASP E 1025 22.57 -4.76 20.53
N ILE E 1026 23.54 -3.92 20.18
CA ILE E 1026 23.32 -2.48 20.16
C ILE E 1026 22.53 -2.10 18.90
N THR E 1027 21.39 -1.46 19.11
CA THR E 1027 20.58 -0.98 17.99
C THR E 1027 21.35 0.10 17.23
N GLY E 1028 21.11 0.16 15.92
CA GLY E 1028 21.87 1.06 15.07
C GLY E 1028 21.10 1.71 13.94
N GLY E 1029 19.78 1.74 14.03
CA GLY E 1029 18.97 2.33 12.97
C GLY E 1029 17.70 2.98 13.46
N LEU E 1030 16.60 2.70 12.76
CA LEU E 1030 15.31 3.24 13.17
C LEU E 1030 14.95 2.82 14.59
N PRO E 1031 15.17 1.59 15.03
CA PRO E 1031 14.97 1.27 16.46
C PRO E 1031 15.82 2.14 17.37
N ARG E 1032 17.05 2.44 16.99
CA ARG E 1032 17.89 3.30 17.82
C ARG E 1032 17.31 4.69 17.93
N VAL E 1033 16.82 5.24 16.81
CA VAL E 1033 16.20 6.56 16.85
C VAL E 1033 14.95 6.53 17.72
N GLN E 1034 14.13 5.48 17.59
CA GLN E 1034 12.91 5.39 18.36
C GLN E 1034 13.19 5.30 19.84
N GLU E 1035 14.19 4.53 20.25
CA GLU E 1035 14.52 4.44 21.67
C GLU E 1035 15.23 5.69 22.18
N LEU E 1036 15.87 6.45 21.30
CA LEU E 1036 16.42 7.74 21.70
C LEU E 1036 15.31 8.74 22.00
N PHE E 1037 14.30 8.80 21.12
CA PHE E 1037 13.22 9.76 21.32
C PHE E 1037 12.26 9.32 22.41
N GLU E 1038 12.13 8.01 22.64
CA GLU E 1038 11.26 7.51 23.70
C GLU E 1038 11.95 7.50 25.05
N ALA E 1039 13.21 7.92 25.14
CA ALA E 1039 13.94 7.99 26.39
C ALA E 1039 13.88 6.66 27.14
N ARG E 1040 14.00 5.55 26.40
CA ARG E 1040 14.04 4.24 27.02
C ARG E 1040 15.45 3.96 27.52
N VAL E 1041 15.61 2.90 28.31
CA VAL E 1041 16.92 2.40 28.72
C VAL E 1041 17.53 1.69 27.53
N PRO E 1042 18.75 2.01 27.12
CA PRO E 1042 19.31 1.37 25.93
C PRO E 1042 19.43 -0.14 26.13
N ARG E 1043 19.33 -0.87 25.02
CA ARG E 1043 19.50 -2.32 25.09
C ARG E 1043 20.89 -2.69 25.59
N GLY E 1044 21.93 -2.15 24.97
CA GLY E 1044 23.29 -2.36 25.44
C GLY E 1044 23.75 -1.26 26.37
N LYS E 1045 23.15 -1.17 27.55
CA LYS E 1045 23.47 -0.09 28.47
C LYS E 1045 24.93 -0.18 28.92
N ALA E 1046 25.61 0.96 28.92
CA ALA E 1046 27.01 1.05 29.31
C ALA E 1046 27.15 2.08 30.42
N PRO E 1047 27.57 1.69 31.63
CA PRO E 1047 27.60 2.66 32.73
C PRO E 1047 28.61 3.77 32.50
N ILE E 1048 28.29 4.94 33.03
CA ILE E 1048 29.16 6.10 32.94
C ILE E 1048 29.71 6.41 34.33
N ALA E 1049 30.80 7.18 34.37
CA ALA E 1049 31.42 7.54 35.63
C ALA E 1049 30.55 8.55 36.37
N ASP E 1050 30.75 8.62 37.69
CA ASP E 1050 29.99 9.55 38.53
C ASP E 1050 30.89 10.63 39.12
N VAL E 1051 32.18 10.34 39.26
CA VAL E 1051 33.13 11.29 39.83
C VAL E 1051 34.51 10.95 39.30
N THR E 1052 35.35 11.98 39.17
CA THR E 1052 36.69 11.80 38.61
C THR E 1052 37.54 10.94 39.54
N GLY E 1053 38.73 10.61 39.07
CA GLY E 1053 39.67 9.79 39.81
C GLY E 1053 40.13 8.58 39.01
N ARG E 1054 40.91 7.76 39.69
CA ARG E 1054 41.39 6.52 39.08
C ARG E 1054 40.41 5.38 39.34
N VAL E 1055 40.50 4.35 38.50
CA VAL E 1055 39.53 3.26 38.52
C VAL E 1055 40.27 1.94 38.72
N ARG E 1056 39.75 1.13 39.65
CA ARG E 1056 40.28 -0.20 39.92
C ARG E 1056 39.33 -1.23 39.33
N LEU E 1057 39.88 -2.13 38.52
CA LEU E 1057 39.10 -3.13 37.79
C LEU E 1057 39.52 -4.52 38.20
N GLU E 1058 38.55 -5.34 38.59
CA GLU E 1058 38.75 -6.74 38.90
C GLU E 1058 38.08 -7.59 37.84
N ASP E 1059 38.87 -8.33 37.07
CA ASP E 1059 38.35 -9.14 35.97
C ASP E 1059 37.79 -10.43 36.57
N GLY E 1060 36.65 -10.32 37.23
CA GLY E 1060 36.03 -11.46 37.88
C GLY E 1060 35.63 -12.53 36.88
N GLU E 1061 34.94 -13.56 37.36
CA GLU E 1061 34.52 -14.68 36.52
C GLU E 1061 33.05 -14.51 36.17
N ARG E 1062 32.76 -14.49 34.87
CA ARG E 1062 31.41 -14.39 34.30
C ARG E 1062 30.88 -12.96 34.37
N PHE E 1063 31.63 -12.02 34.94
CA PHE E 1063 31.26 -10.61 34.90
C PHE E 1063 32.37 -9.73 35.43
N TYR E 1064 32.57 -8.55 34.83
CA TYR E 1064 33.58 -7.61 35.29
C TYR E 1064 33.15 -6.97 36.61
N LYS E 1065 34.01 -6.11 37.16
CA LYS E 1065 33.69 -5.39 38.39
C LYS E 1065 34.54 -4.15 38.42
N ILE E 1066 33.94 -2.99 38.23
CA ILE E 1066 34.64 -1.71 38.15
C ILE E 1066 34.24 -0.86 39.35
N THR E 1067 35.21 -0.19 39.95
CA THR E 1067 34.97 0.73 41.06
C THR E 1067 35.77 2.00 40.84
N ILE E 1068 35.13 3.13 41.07
CA ILE E 1068 35.76 4.43 40.87
C ILE E 1068 36.34 4.91 42.19
N VAL E 1069 37.59 5.38 42.14
CA VAL E 1069 38.26 5.94 43.32
C VAL E 1069 38.00 7.44 43.33
N PRO E 1070 37.28 7.98 44.30
CA PRO E 1070 36.95 9.41 44.29
C PRO E 1070 38.13 10.23 44.80
N ASP E 1071 38.54 11.22 43.99
CA ASP E 1071 39.59 12.12 44.44
C ASP E 1071 39.18 12.85 45.71
N ASP E 1072 37.90 13.21 45.82
CA ASP E 1072 37.42 13.82 47.06
C ASP E 1072 37.54 12.87 48.22
N GLY E 1073 37.21 11.59 48.01
CA GLY E 1073 37.39 10.56 49.02
C GLY E 1073 36.15 10.22 49.81
N GLY E 1074 35.00 10.82 49.51
CA GLY E 1074 33.81 10.58 50.31
C GLY E 1074 33.35 9.13 50.25
N GLU E 1075 32.86 8.69 49.08
CA GLU E 1075 32.33 7.35 48.90
C GLU E 1075 32.77 6.82 47.54
N GLU E 1076 32.89 5.49 47.46
CA GLU E 1076 33.27 4.81 46.24
C GLU E 1076 32.03 4.24 45.57
N VAL E 1077 31.94 4.42 44.25
CA VAL E 1077 30.82 3.91 43.46
C VAL E 1077 31.23 2.58 42.85
N VAL E 1078 30.36 1.57 42.97
CA VAL E 1078 30.67 0.21 42.55
C VAL E 1078 29.66 -0.21 41.49
N TYR E 1079 30.15 -0.83 40.42
CA TYR E 1079 29.33 -1.38 39.34
C TYR E 1079 29.62 -2.88 39.27
N ASP E 1080 28.66 -3.69 39.72
CA ASP E 1080 28.95 -5.09 40.00
C ASP E 1080 28.67 -6.00 38.81
N LYS E 1081 27.40 -6.07 38.37
CA LYS E 1081 27.02 -7.03 37.35
C LYS E 1081 27.20 -6.47 35.95
N ILE E 1082 28.43 -6.51 35.45
CA ILE E 1082 28.74 -6.08 34.09
C ILE E 1082 29.24 -7.29 33.32
N SER E 1083 28.50 -7.69 32.29
CA SER E 1083 28.82 -8.91 31.56
C SER E 1083 30.19 -8.80 30.90
N LYS E 1084 30.89 -9.94 30.87
CA LYS E 1084 32.16 -10.03 30.16
C LYS E 1084 31.99 -10.02 28.65
N ARG E 1085 30.75 -10.16 28.15
CA ARG E 1085 30.52 -10.15 26.71
C ARG E 1085 30.64 -8.75 26.12
N GLN E 1086 30.64 -7.71 26.94
CA GLN E 1086 30.80 -6.35 26.45
C GLN E 1086 32.28 -6.06 26.21
N ARG E 1087 32.61 -4.79 25.97
CA ARG E 1087 33.98 -4.36 25.79
C ARG E 1087 34.22 -3.12 26.64
N LEU E 1088 35.50 -2.85 26.91
CA LEU E 1088 35.86 -1.62 27.61
C LEU E 1088 36.06 -0.48 26.62
N ARG E 1089 35.76 0.73 27.06
CA ARG E 1089 35.80 1.88 26.19
C ARG E 1089 37.23 2.34 25.96
N VAL E 1090 37.48 2.85 24.76
CA VAL E 1090 38.77 3.41 24.38
C VAL E 1090 38.57 4.88 24.03
N PHE E 1091 39.36 5.74 24.65
CA PHE E 1091 39.27 7.19 24.46
C PHE E 1091 40.67 7.76 24.26
N LYS E 1092 40.79 8.75 23.38
CA LYS E 1092 42.07 9.30 22.96
C LYS E 1092 42.78 8.33 22.01
N ARG E 1099 43.68 4.26 23.65
CA ARG E 1099 44.05 3.18 24.57
C ARG E 1099 42.81 2.63 25.29
N VAL E 1100 42.68 1.31 25.30
CA VAL E 1100 41.59 0.68 26.04
C VAL E 1100 41.70 1.07 27.50
N LEU E 1101 40.55 1.10 28.18
CA LEU E 1101 40.51 1.45 29.60
C LEU E 1101 41.53 0.63 30.38
N SER E 1102 42.49 1.30 30.99
CA SER E 1102 43.54 0.62 31.74
C SER E 1102 43.38 0.89 33.23
N ASP E 1103 43.73 -0.11 34.04
CA ASP E 1103 43.61 0.02 35.48
C ASP E 1103 44.44 1.20 35.99
N GLY E 1104 43.83 1.98 36.89
CA GLY E 1104 44.45 3.17 37.41
C GLY E 1104 44.32 4.39 36.51
N ASP E 1105 43.71 4.25 35.34
CA ASP E 1105 43.53 5.38 34.44
C ASP E 1105 42.54 6.39 35.04
N HIS E 1106 42.78 7.66 34.74
CA HIS E 1106 41.93 8.75 35.24
C HIS E 1106 40.69 8.85 34.36
N VAL E 1107 39.55 9.07 34.99
CA VAL E 1107 38.27 9.21 34.29
C VAL E 1107 37.66 10.57 34.60
N GLU E 1108 36.82 11.05 33.69
CA GLU E 1108 36.16 12.34 33.87
C GLU E 1108 34.87 12.15 34.66
N VAL E 1109 34.12 13.23 34.87
CA VAL E 1109 32.90 13.16 35.65
C VAL E 1109 31.85 12.31 34.94
N GLY E 1110 31.81 12.40 33.61
CA GLY E 1110 30.83 11.66 32.83
C GLY E 1110 31.42 10.76 31.78
N GLN E 1111 32.60 10.20 32.06
CA GLN E 1111 33.25 9.31 31.11
C GLN E 1111 32.51 7.99 31.03
N GLN E 1112 32.31 7.51 29.80
CA GLN E 1112 31.64 6.23 29.60
C GLN E 1112 32.65 5.09 29.68
N LEU E 1113 32.40 4.14 30.57
CA LEU E 1113 33.35 3.06 30.85
C LEU E 1113 33.25 1.93 29.83
N MET E 1114 32.09 1.29 29.74
CA MET E 1114 31.90 0.17 28.82
C MET E 1114 31.60 0.72 27.43
N GLU E 1115 31.57 -0.17 26.44
CA GLU E 1115 31.30 0.21 25.06
C GLU E 1115 29.87 -0.14 24.74
N GLY E 1116 29.09 0.86 24.37
CA GLY E 1116 27.68 0.67 24.10
C GLY E 1116 26.99 2.03 24.12
N SER E 1117 25.75 2.03 24.64
CA SER E 1117 24.91 3.22 24.67
C SER E 1117 24.58 3.56 26.13
N ALA E 1118 24.96 4.75 26.56
CA ALA E 1118 24.60 5.23 27.88
C ALA E 1118 23.12 5.62 27.91
N ASP E 1119 22.47 5.37 29.05
CA ASP E 1119 21.06 5.71 29.12
C ASP E 1119 20.88 7.21 29.40
N PRO E 1120 19.97 7.90 28.69
CA PRO E 1120 19.93 9.36 28.81
C PRO E 1120 19.56 9.84 30.21
N HIS E 1121 18.93 8.98 31.01
CA HIS E 1121 18.45 9.41 32.32
C HIS E 1121 19.59 9.64 33.30
N GLU E 1122 20.60 8.77 33.27
CA GLU E 1122 21.70 8.92 34.22
C GLU E 1122 22.56 10.13 33.87
N VAL E 1123 22.85 10.33 32.59
CA VAL E 1123 23.63 11.50 32.18
C VAL E 1123 22.93 12.81 32.55
N LEU E 1124 21.60 12.82 32.60
CA LEU E 1124 20.89 14.01 33.06
C LEU E 1124 21.04 14.20 34.56
N ARG E 1125 21.04 13.09 35.31
CA ARG E 1125 21.15 13.19 36.76
C ARG E 1125 22.57 13.56 37.20
N VAL E 1126 23.56 13.28 36.37
CA VAL E 1126 24.96 13.48 36.73
C VAL E 1126 25.48 14.79 36.18
N GLN E 1127 25.25 15.05 34.88
CA GLN E 1127 25.91 16.13 34.17
C GLN E 1127 24.98 17.31 33.89
N GLY E 1128 23.69 17.18 34.18
CA GLY E 1128 22.76 18.26 34.02
C GLY E 1128 22.09 18.30 32.66
N PRO E 1129 21.22 19.29 32.45
CA PRO E 1129 20.38 19.31 31.24
C PRO E 1129 21.13 19.65 29.95
N ARG E 1130 22.09 20.56 30.01
CA ARG E 1130 22.85 20.89 28.81
C ARG E 1130 23.58 19.66 28.27
N GLU E 1131 24.16 18.86 29.15
CA GLU E 1131 24.91 17.70 28.71
C GLU E 1131 24.00 16.67 28.07
N VAL E 1132 22.81 16.44 28.62
CA VAL E 1132 21.90 15.48 27.99
C VAL E 1132 21.37 16.04 26.67
N GLN E 1133 21.18 17.35 26.55
CA GLN E 1133 20.80 17.91 25.26
C GLN E 1133 21.86 17.63 24.21
N ILE E 1134 23.13 17.88 24.55
CA ILE E 1134 24.22 17.57 23.64
C ILE E 1134 24.21 16.09 23.30
N HIS E 1135 24.05 15.24 24.31
CA HIS E 1135 24.06 13.80 24.11
C HIS E 1135 22.99 13.38 23.12
N LEU E 1136 21.75 13.83 23.31
CA LEU E 1136 20.66 13.41 22.45
C LEU E 1136 20.84 13.91 21.02
N VAL E 1137 21.19 15.19 20.85
CA VAL E 1137 21.34 15.71 19.50
C VAL E 1137 22.47 14.97 18.77
N ARG E 1138 23.61 14.79 19.44
CA ARG E 1138 24.72 14.09 18.82
C ARG E 1138 24.35 12.66 18.45
N GLU E 1139 23.65 11.96 19.36
CA GLU E 1139 23.31 10.57 19.10
C GLU E 1139 22.36 10.42 17.93
N VAL E 1140 21.36 11.28 17.80
CA VAL E 1140 20.44 11.18 16.66
C VAL E 1140 21.16 11.54 15.36
N GLN E 1141 21.91 12.65 15.36
CA GLN E 1141 22.65 13.02 14.17
C GLN E 1141 23.65 11.95 13.76
N GLU E 1142 24.18 11.18 14.71
CA GLU E 1142 25.14 10.14 14.34
C GLU E 1142 24.50 9.10 13.44
N VAL E 1143 23.32 8.61 13.81
CA VAL E 1143 22.60 7.67 12.95
C VAL E 1143 22.31 8.30 11.60
N TYR E 1144 21.75 9.50 11.60
CA TYR E 1144 21.35 10.08 10.32
C TYR E 1144 22.55 10.32 9.41
N ARG E 1145 23.67 10.78 9.96
CA ARG E 1145 24.89 10.92 9.17
C ARG E 1145 25.38 9.58 8.66
N ALA E 1146 25.37 8.54 9.51
CA ALA E 1146 25.79 7.22 9.07
C ALA E 1146 24.98 6.76 7.88
N GLN E 1147 23.72 7.18 7.78
CA GLN E 1147 22.92 6.87 6.60
C GLN E 1147 23.05 7.91 5.49
N GLY E 1148 23.91 8.91 5.65
CA GLY E 1148 24.11 9.92 4.62
C GLY E 1148 22.91 10.81 4.39
N VAL E 1149 22.26 11.25 5.46
CA VAL E 1149 21.09 12.12 5.41
C VAL E 1149 21.44 13.41 6.14
N SER E 1150 21.17 14.55 5.52
CA SER E 1150 21.51 15.84 6.10
C SER E 1150 20.26 16.45 6.74
N ILE E 1151 20.27 16.56 8.05
CA ILE E 1151 19.22 17.22 8.82
C ILE E 1151 19.88 18.30 9.67
N HIS E 1152 19.39 19.52 9.57
CA HIS E 1152 19.92 20.58 10.41
C HIS E 1152 19.59 20.28 11.87
N ASP E 1153 20.45 20.76 12.77
CA ASP E 1153 20.33 20.41 14.18
C ASP E 1153 19.14 21.09 14.86
N LYS E 1154 18.64 22.20 14.32
CA LYS E 1154 17.57 22.93 15.00
C LYS E 1154 16.29 22.13 15.09
N HIS E 1155 16.05 21.19 14.18
CA HIS E 1155 14.85 20.36 14.28
C HIS E 1155 14.95 19.39 15.46
N ILE E 1156 16.07 18.69 15.57
CA ILE E 1156 16.28 17.82 16.72
C ILE E 1156 16.26 18.64 17.99
N GLU E 1157 16.73 19.89 17.92
CA GLU E 1157 16.69 20.74 19.11
C GLU E 1157 15.27 21.11 19.49
N VAL E 1158 14.39 21.33 18.50
CA VAL E 1158 12.98 21.56 18.81
C VAL E 1158 12.41 20.35 19.55
N ILE E 1159 12.65 19.16 19.04
CA ILE E 1159 12.09 17.97 19.69
C ILE E 1159 12.67 17.80 21.11
N VAL E 1160 13.98 17.97 21.25
CA VAL E 1160 14.60 17.80 22.56
C VAL E 1160 14.09 18.86 23.54
N ARG E 1161 13.96 20.11 23.09
CA ARG E 1161 13.34 21.12 23.92
C ARG E 1161 11.98 20.66 24.42
N GLN E 1162 11.19 20.05 23.55
CA GLN E 1162 9.89 19.54 24.00
C GLN E 1162 10.04 18.39 24.98
N MET E 1163 11.18 17.69 24.97
CA MET E 1163 11.34 16.54 25.86
C MET E 1163 11.67 16.97 27.30
N LEU E 1164 12.15 18.20 27.50
CA LEU E 1164 12.65 18.64 28.81
C LEU E 1164 11.85 19.80 29.41
N ARG E 1165 10.52 19.77 29.34
CA ARG E 1165 9.73 20.92 29.79
C ARG E 1165 9.41 20.82 31.28
N ARG E 1166 9.20 19.61 31.79
CA ARG E 1166 8.67 19.44 33.13
C ARG E 1166 9.78 19.17 34.15
N VAL E 1167 9.39 19.22 35.42
CA VAL E 1167 10.24 18.85 36.54
C VAL E 1167 9.45 17.95 37.48
N THR E 1168 10.18 17.16 38.26
CA THR E 1168 9.58 16.22 39.21
C THR E 1168 9.62 16.80 40.61
N ILE E 1169 8.58 16.52 41.39
CA ILE E 1169 8.41 17.05 42.73
C ILE E 1169 8.93 16.01 43.71
N ILE E 1170 9.87 16.42 44.57
CA ILE E 1170 10.44 15.52 45.56
C ILE E 1170 9.98 15.95 46.95
N ASP E 1171 9.86 17.25 47.18
CA ASP E 1171 9.43 17.80 48.45
C ASP E 1171 8.27 18.76 48.20
N SER E 1172 7.10 18.42 48.73
CA SER E 1172 5.91 19.21 48.46
C SER E 1172 5.97 20.58 49.12
N GLY E 1173 6.57 20.65 50.31
CA GLY E 1173 6.54 21.91 51.04
C GLY E 1173 5.13 22.26 51.44
N SER E 1174 4.67 23.44 50.99
CA SER E 1174 3.30 23.88 51.24
C SER E 1174 2.48 24.00 49.97
N THR E 1175 3.12 24.02 48.81
CA THR E 1175 2.38 24.18 47.56
C THR E 1175 1.55 22.94 47.27
N GLU E 1176 0.51 23.13 46.45
CA GLU E 1176 -0.43 22.05 46.14
C GLU E 1176 0.12 21.13 45.05
N PHE E 1177 1.25 20.48 45.34
CA PHE E 1177 1.88 19.54 44.41
C PHE E 1177 2.11 18.23 45.15
N LEU E 1178 1.60 17.14 44.58
CA LEU E 1178 1.84 15.83 45.17
C LEU E 1178 3.26 15.36 44.85
N PRO E 1179 3.96 14.77 45.82
CA PRO E 1179 5.30 14.25 45.52
C PRO E 1179 5.27 13.22 44.40
N GLY E 1180 6.29 13.28 43.54
CA GLY E 1180 6.41 12.36 42.44
C GLY E 1180 5.69 12.77 41.18
N SER E 1181 4.78 13.75 41.26
CA SER E 1181 4.09 14.22 40.08
C SER E 1181 5.01 15.09 39.23
N LEU E 1182 4.69 15.15 37.94
CA LEU E 1182 5.45 15.94 36.98
C LEU E 1182 4.61 17.13 36.55
N ILE E 1183 5.15 18.33 36.74
CA ILE E 1183 4.41 19.56 36.45
C ILE E 1183 5.31 20.51 35.66
N ASP E 1184 4.68 21.34 34.85
CA ASP E 1184 5.41 22.21 33.95
C ASP E 1184 6.32 23.15 34.73
N ARG E 1185 7.49 23.40 34.16
CA ARG E 1185 8.50 24.16 34.90
C ARG E 1185 8.08 25.60 35.13
N ALA E 1186 7.41 26.21 34.14
CA ALA E 1186 6.97 27.59 34.32
C ALA E 1186 5.94 27.70 35.44
N GLU E 1187 5.00 26.75 35.48
CA GLU E 1187 4.08 26.66 36.60
C GLU E 1187 4.83 26.47 37.90
N PHE E 1188 5.92 25.68 37.87
CA PHE E 1188 6.71 25.47 39.08
C PHE E 1188 7.26 26.81 39.59
N GLU E 1189 7.86 27.60 38.70
CA GLU E 1189 8.40 28.89 39.11
C GLU E 1189 7.31 29.84 39.59
N ALA E 1190 6.19 29.90 38.87
CA ALA E 1190 5.13 30.82 39.27
C ALA E 1190 4.58 30.45 40.65
N GLU E 1191 4.35 29.16 40.88
CA GLU E 1191 3.82 28.74 42.17
C GLU E 1191 4.82 29.01 43.29
N ASN E 1192 6.11 28.73 43.06
CA ASN E 1192 7.09 29.01 44.10
C ASN E 1192 7.17 30.50 44.38
N ARG E 1193 7.05 31.34 43.35
CA ARG E 1193 7.01 32.78 43.56
C ARG E 1193 5.81 33.19 44.40
N ARG E 1194 4.64 32.60 44.12
CA ARG E 1194 3.46 32.92 44.91
C ARG E 1194 3.62 32.46 46.35
N VAL E 1195 4.42 31.40 46.57
CA VAL E 1195 4.56 30.85 47.91
C VAL E 1195 5.67 31.51 48.72
N VAL E 1196 6.67 32.14 48.09
CA VAL E 1196 7.69 32.83 48.87
C VAL E 1196 7.07 33.95 49.68
N ALA E 1197 6.06 34.63 49.11
CA ALA E 1197 5.22 35.51 49.91
C ALA E 1197 4.35 34.65 50.82
N GLU E 1198 3.75 35.28 51.83
CA GLU E 1198 2.94 34.56 52.81
C GLU E 1198 3.79 33.53 53.56
N GLY E 1199 5.06 33.86 53.76
CA GLY E 1199 5.99 32.97 54.42
C GLY E 1199 6.87 32.22 53.44
N GLY E 1200 7.90 31.58 53.98
CA GLY E 1200 8.89 30.91 53.17
C GLY E 1200 8.87 29.41 53.29
N GLU E 1201 8.58 28.71 52.20
CA GLU E 1201 8.57 27.25 52.16
C GLU E 1201 8.64 26.79 50.71
N PRO E 1202 9.79 26.90 50.05
CA PRO E 1202 9.89 26.53 48.65
C PRO E 1202 9.64 25.04 48.43
N ALA E 1203 9.14 24.72 47.25
CA ALA E 1203 8.99 23.34 46.83
C ALA E 1203 10.26 22.88 46.11
N ALA E 1204 10.71 21.66 46.41
CA ALA E 1204 11.93 21.13 45.83
C ALA E 1204 11.60 20.35 44.57
N GLY E 1205 12.26 20.70 43.47
CA GLY E 1205 12.01 20.07 42.18
C GLY E 1205 13.32 19.64 41.54
N ARG E 1206 13.22 18.68 40.61
CA ARG E 1206 14.38 18.14 39.93
C ARG E 1206 14.07 17.96 38.45
N PRO E 1207 15.02 18.24 37.55
CA PRO E 1207 14.76 18.01 36.13
C PRO E 1207 14.46 16.55 35.83
N VAL E 1208 13.55 16.35 34.88
CA VAL E 1208 13.19 15.01 34.43
C VAL E 1208 13.17 14.99 32.90
N LEU E 1209 13.35 13.80 32.34
CA LEU E 1209 13.38 13.59 30.89
C LEU E 1209 12.21 12.67 30.54
N MET E 1210 11.36 13.11 29.63
CA MET E 1210 10.18 12.37 29.23
C MET E 1210 10.27 11.96 27.76
N GLY E 1211 9.58 10.88 27.41
CA GLY E 1211 9.51 10.44 26.05
C GLY E 1211 8.52 11.24 25.23
N ILE E 1212 8.42 10.90 23.95
CA ILE E 1212 7.52 11.63 23.08
C ILE E 1212 6.07 11.18 23.21
N THR E 1213 5.81 10.05 23.88
CA THR E 1213 4.44 9.62 24.14
C THR E 1213 3.95 10.10 25.49
N LYS E 1214 4.78 9.95 26.53
CA LYS E 1214 4.37 10.42 27.86
C LYS E 1214 4.20 11.93 27.87
N ALA E 1215 5.13 12.65 27.26
CA ALA E 1215 5.02 14.11 27.19
C ALA E 1215 3.79 14.54 26.41
N SER E 1216 3.50 13.84 25.31
CA SER E 1216 2.36 14.22 24.49
C SER E 1216 1.03 13.82 25.11
N LEU E 1217 1.01 12.83 25.99
CA LEU E 1217 -0.20 12.48 26.73
C LEU E 1217 -0.39 13.31 27.98
N ALA E 1218 0.67 13.93 28.50
CA ALA E 1218 0.54 14.83 29.64
C ALA E 1218 0.14 16.24 29.23
N THR E 1219 -0.41 16.41 28.03
CA THR E 1219 -0.76 17.73 27.54
C THR E 1219 -1.93 18.30 28.33
N ASP E 1220 -2.11 19.62 28.22
CA ASP E 1220 -3.11 20.34 28.98
C ASP E 1220 -4.51 20.25 28.37
N SER E 1221 -4.64 19.71 27.17
CA SER E 1221 -5.93 19.58 26.49
C SER E 1221 -6.37 18.12 26.53
N TRP E 1222 -7.55 17.86 27.08
CA TRP E 1222 -8.04 16.49 27.09
C TRP E 1222 -8.53 16.06 25.72
N LEU E 1223 -8.92 17.01 24.86
CA LEU E 1223 -9.40 16.66 23.53
C LEU E 1223 -8.26 16.15 22.65
N SER E 1224 -7.13 16.87 22.65
CA SER E 1224 -5.98 16.44 21.87
C SER E 1224 -5.43 15.11 22.37
N ALA E 1225 -5.28 14.95 23.68
CA ALA E 1225 -4.80 13.70 24.23
C ALA E 1225 -5.77 12.55 23.97
N ALA E 1226 -7.08 12.80 24.03
CA ALA E 1226 -8.05 11.76 23.72
C ALA E 1226 -7.97 11.35 22.26
N SER E 1227 -7.72 12.30 21.36
CA SER E 1227 -7.57 11.98 19.95
C SER E 1227 -6.22 11.37 19.61
N PHE E 1228 -5.24 11.45 20.51
CA PHE E 1228 -3.93 10.87 20.21
C PHE E 1228 -3.89 9.37 20.48
N GLN E 1229 -4.08 8.97 21.74
CA GLN E 1229 -4.00 7.56 22.11
C GLN E 1229 -4.74 7.36 23.41
N GLU E 1230 -5.06 6.10 23.70
CA GLU E 1230 -5.72 5.72 24.95
C GLU E 1230 -6.93 6.62 25.23
N THR E 1231 -7.88 6.54 24.31
CA THR E 1231 -9.05 7.41 24.39
C THR E 1231 -9.85 7.15 25.66
N THR E 1232 -10.07 5.88 26.00
CA THR E 1232 -10.91 5.57 27.15
C THR E 1232 -10.29 6.04 28.46
N ARG E 1233 -8.98 5.81 28.63
CA ARG E 1233 -8.33 6.21 29.87
C ARG E 1233 -8.27 7.72 30.00
N VAL E 1234 -7.92 8.41 28.92
CA VAL E 1234 -7.89 9.87 28.94
C VAL E 1234 -9.27 10.42 29.26
N LEU E 1235 -10.30 9.87 28.63
CA LEU E 1235 -11.64 10.38 28.88
C LEU E 1235 -12.09 10.13 30.32
N THR E 1236 -11.84 8.93 30.86
CA THR E 1236 -12.29 8.66 32.22
C THR E 1236 -11.56 9.52 33.25
N ASP E 1237 -10.24 9.67 33.13
CA ASP E 1237 -9.57 10.51 34.11
C ASP E 1237 -9.87 11.99 33.92
N ALA E 1238 -10.09 12.46 32.68
CA ALA E 1238 -10.52 13.83 32.48
C ALA E 1238 -11.89 14.09 33.08
N ALA E 1239 -12.81 13.14 32.95
CA ALA E 1239 -14.11 13.28 33.57
C ALA E 1239 -14.00 13.31 35.09
N ILE E 1240 -13.17 12.45 35.66
CA ILE E 1240 -12.98 12.44 37.11
C ILE E 1240 -12.37 13.75 37.62
N ASN E 1241 -11.46 14.35 36.86
CA ASN E 1241 -10.85 15.62 37.27
C ASN E 1241 -11.68 16.84 36.85
N CYS E 1242 -12.72 16.65 36.03
CA CYS E 1242 -13.55 17.75 35.53
C CYS E 1242 -12.68 18.80 34.82
N ARG E 1243 -11.91 18.33 33.86
CA ARG E 1243 -10.99 19.18 33.12
C ARG E 1243 -11.74 20.08 32.15
N SER E 1244 -11.20 21.27 31.94
CA SER E 1244 -11.74 22.23 30.99
C SER E 1244 -10.69 22.52 29.94
N ASP E 1245 -11.10 22.55 28.68
CA ASP E 1245 -10.20 22.70 27.55
C ASP E 1245 -10.34 24.11 26.97
N LYS E 1246 -9.20 24.80 26.83
CA LYS E 1246 -9.19 26.20 26.40
C LYS E 1246 -9.14 26.36 24.89
N LEU E 1247 -8.92 25.28 24.13
CA LEU E 1247 -8.92 25.32 22.68
C LEU E 1247 -7.89 26.31 22.13
N ASN E 1248 -6.62 26.00 22.41
CA ASN E 1248 -5.51 26.88 22.02
C ASN E 1248 -4.52 26.23 21.07
N GLY E 1249 -4.70 24.95 20.73
CA GLY E 1249 -3.76 24.24 19.90
C GLY E 1249 -4.24 24.09 18.48
N LEU E 1250 -3.36 23.55 17.64
CA LEU E 1250 -3.71 23.31 16.24
C LEU E 1250 -4.74 22.19 16.10
N LYS E 1251 -4.51 21.07 16.78
CA LYS E 1251 -5.40 19.93 16.65
C LYS E 1251 -6.79 20.23 17.22
N GLU E 1252 -6.87 20.91 18.35
CA GLU E 1252 -8.14 21.23 18.97
C GLU E 1252 -8.97 22.18 18.11
N ASN E 1253 -8.35 23.12 17.41
CA ASN E 1253 -9.05 24.01 16.49
C ASN E 1253 -9.41 23.31 15.19
N VAL E 1254 -8.59 22.35 14.75
CA VAL E 1254 -8.97 21.55 13.60
C VAL E 1254 -10.21 20.73 13.90
N ILE E 1255 -10.29 20.13 15.09
CA ILE E 1255 -11.41 19.25 15.40
C ILE E 1255 -12.72 20.01 15.40
N ILE E 1256 -12.76 21.20 16.02
CA ILE E 1256 -14.00 21.95 16.15
C ILE E 1256 -14.32 22.81 14.93
N GLY E 1257 -13.40 22.89 13.96
CA GLY E 1257 -13.64 23.62 12.74
C GLY E 1257 -13.35 25.10 12.81
N LYS E 1258 -12.29 25.51 13.48
CA LYS E 1258 -11.91 26.90 13.62
C LYS E 1258 -10.51 27.11 13.04
N LEU E 1259 -10.19 28.38 12.79
CA LEU E 1259 -8.93 28.73 12.16
C LEU E 1259 -7.77 28.45 13.11
N ILE E 1260 -6.76 27.72 12.64
CA ILE E 1260 -5.65 27.33 13.50
C ILE E 1260 -4.86 28.57 13.90
N PRO E 1261 -4.29 28.62 15.10
CA PRO E 1261 -3.52 29.80 15.49
C PRO E 1261 -2.08 29.76 14.99
N ALA E 1262 -1.90 29.64 13.68
CA ALA E 1262 -0.57 29.61 13.09
C ALA E 1262 -0.65 30.17 11.68
N GLY E 1263 0.49 30.63 11.19
CA GLY E 1263 0.57 31.14 9.84
C GLY E 1263 -0.39 32.28 9.59
N THR E 1264 -1.35 32.06 8.69
CA THR E 1264 -2.28 33.09 8.25
C THR E 1264 -3.45 33.26 9.21
N GLY E 1265 -3.54 32.45 10.25
CA GLY E 1265 -4.67 32.47 11.14
C GLY E 1265 -4.47 33.24 12.43
N ILE E 1266 -3.30 33.87 12.61
CA ILE E 1266 -3.06 34.63 13.83
C ILE E 1266 -3.59 36.06 13.65
N ASN E 1267 -3.79 36.75 14.77
CA ASN E 1267 -4.40 38.07 14.74
C ASN E 1267 -3.57 39.10 14.01
N ARG E 1268 -2.25 39.01 14.04
CA ARG E 1268 -1.43 39.99 13.35
C ARG E 1268 -1.76 40.04 11.86
N TYR E 1269 -2.00 38.90 11.25
CA TYR E 1269 -2.30 38.82 9.82
C TYR E 1269 -3.76 38.63 9.51
N ARG E 1270 -4.52 38.00 10.39
CA ARG E 1270 -5.93 37.73 10.14
C ARG E 1270 -6.81 38.97 10.26
N ASN E 1271 -6.29 40.06 10.81
CA ASN E 1271 -7.05 41.29 11.03
C ASN E 1271 -6.42 42.46 10.29
N ILE E 1272 -5.80 42.20 9.15
CA ILE E 1272 -5.26 43.25 8.31
C ILE E 1272 -6.41 44.07 7.73
N ALA E 1273 -6.17 45.36 7.53
CA ALA E 1273 -7.14 46.27 6.94
C ALA E 1273 -6.54 46.86 5.67
N VAL E 1274 -7.24 46.69 4.55
CA VAL E 1274 -6.78 47.15 3.25
C VAL E 1274 -7.58 48.36 2.84
N GLN E 1275 -6.90 49.38 2.33
CA GLN E 1275 -7.52 50.64 1.94
C GLN E 1275 -6.76 51.23 0.78
N PRO E 1276 -7.46 51.76 -0.23
CA PRO E 1276 -6.76 52.46 -1.31
C PRO E 1276 -6.08 53.71 -0.81
N THR E 1277 -4.96 54.05 -1.45
CA THR E 1277 -4.25 55.29 -1.11
C THR E 1277 -5.04 56.49 -1.61
N GLU E 1278 -4.85 57.62 -0.94
CA GLU E 1278 -5.63 58.81 -1.26
C GLU E 1278 -5.35 59.29 -2.68
N GLU E 1279 -4.08 59.28 -3.10
CA GLU E 1279 -3.76 59.64 -4.48
C GLU E 1279 -4.46 58.71 -5.45
N ALA E 1280 -4.45 57.41 -5.16
CA ALA E 1280 -5.16 56.45 -6.00
C ALA E 1280 -6.66 56.70 -5.99
N ARG E 1281 -7.22 57.05 -4.83
CA ARG E 1281 -8.64 57.39 -4.79
C ARG E 1281 -8.95 58.56 -5.71
N ALA E 1282 -8.13 59.61 -5.65
CA ALA E 1282 -8.34 60.79 -6.48
C ALA E 1282 -8.23 60.43 -7.95
N ALA E 1283 -7.17 59.73 -8.33
CA ALA E 1283 -6.96 59.37 -9.73
C ALA E 1283 -8.09 58.49 -10.24
N ALA E 1284 -8.50 57.53 -9.43
CA ALA E 1284 -9.59 56.62 -9.80
C ALA E 1284 -9.37 56.03 -11.19
N GLY F 27 21.26 39.93 -14.08
CA GLY F 27 20.55 38.69 -14.36
C GLY F 27 19.04 38.87 -14.32
N GLY F 28 18.54 39.87 -15.03
CA GLY F 28 17.10 40.07 -15.09
C GLY F 28 16.39 38.81 -15.56
N TYR F 29 15.07 38.80 -15.41
CA TYR F 29 14.29 37.63 -15.77
C TYR F 29 13.56 37.84 -17.09
N ASP F 30 12.77 36.86 -17.50
CA ASP F 30 12.01 36.96 -18.74
C ASP F 30 10.56 37.30 -18.42
N THR F 31 9.73 37.46 -19.44
CA THR F 31 8.31 37.78 -19.23
C THR F 31 7.68 36.71 -18.35
N PRO F 32 7.30 37.02 -17.12
CA PRO F 32 6.63 35.99 -16.29
C PRO F 32 5.34 35.53 -16.94
N LEU F 33 5.06 34.24 -16.81
CA LEU F 33 3.99 33.59 -17.55
C LEU F 33 2.85 33.22 -16.62
N GLY F 34 1.64 33.62 -16.99
CA GLY F 34 0.42 33.17 -16.33
C GLY F 34 0.35 33.45 -14.85
N ILE F 35 0.22 32.40 -14.06
CA ILE F 35 0.00 32.49 -12.62
C ILE F 35 1.26 32.97 -11.93
N THR F 36 2.36 33.03 -12.66
CA THR F 36 3.65 33.41 -12.11
C THR F 36 3.91 34.91 -12.23
N ASN F 37 2.97 35.67 -12.77
CA ASN F 37 3.04 37.11 -12.94
C ASN F 37 2.01 37.79 -12.04
N PRO F 38 2.39 38.85 -11.30
CA PRO F 38 3.72 39.46 -11.16
C PRO F 38 4.67 38.65 -10.28
N PRO F 39 5.98 38.85 -10.43
CA PRO F 39 6.94 38.07 -9.65
C PRO F 39 6.73 38.26 -8.16
N ILE F 40 6.96 37.18 -7.41
CA ILE F 40 6.63 37.18 -5.98
C ILE F 40 7.61 38.02 -5.19
N ASP F 41 8.85 38.16 -5.65
CA ASP F 41 9.83 38.93 -4.91
C ASP F 41 9.42 40.39 -4.79
N GLU F 42 8.96 40.97 -5.91
CA GLU F 42 8.52 42.36 -5.89
C GLU F 42 7.30 42.53 -5.00
N LEU F 43 6.40 41.54 -4.99
CA LEU F 43 5.26 41.60 -4.08
C LEU F 43 5.71 41.56 -2.63
N LEU F 44 6.67 40.70 -2.31
CA LEU F 44 7.13 40.60 -0.92
C LEU F 44 7.87 41.85 -0.50
N ASP F 45 8.45 42.58 -1.46
CA ASP F 45 9.10 43.84 -1.10
C ASP F 45 8.12 44.83 -0.48
N ARG F 46 6.82 44.66 -0.74
CA ARG F 46 5.79 45.58 -0.25
C ARG F 46 5.34 45.29 1.17
N VAL F 47 5.40 44.03 1.61
CA VAL F 47 4.84 43.63 2.89
C VAL F 47 5.92 43.10 3.81
N SER F 48 5.54 42.76 5.04
CA SER F 48 6.50 42.23 6.01
C SER F 48 6.83 40.77 5.70
N SER F 49 5.81 39.91 5.63
CA SER F 49 5.98 38.50 5.30
C SER F 49 4.99 38.11 4.22
N LYS F 50 5.03 36.84 3.82
CA LYS F 50 4.07 36.34 2.85
C LYS F 50 2.71 36.07 3.48
N TYR F 51 2.65 35.79 4.78
CA TYR F 51 1.38 35.65 5.47
C TYR F 51 0.57 36.95 5.38
N ALA F 52 1.24 38.09 5.50
CA ALA F 52 0.58 39.37 5.34
C ALA F 52 0.10 39.55 3.90
N LEU F 53 0.91 39.13 2.93
CA LEU F 53 0.54 39.27 1.52
C LEU F 53 -0.72 38.49 1.20
N VAL F 54 -0.85 37.29 1.78
CA VAL F 54 -2.01 36.46 1.50
C VAL F 54 -3.30 37.20 1.86
N ILE F 55 -3.36 37.74 3.09
CA ILE F 55 -4.57 38.40 3.54
C ILE F 55 -4.76 39.74 2.82
N TYR F 56 -3.68 40.47 2.59
CA TYR F 56 -3.74 41.67 1.77
C TYR F 56 -4.50 41.41 0.47
N ALA F 57 -3.98 40.48 -0.34
CA ALA F 57 -4.58 40.21 -1.64
C ALA F 57 -5.98 39.63 -1.51
N ALA F 58 -6.21 38.76 -0.54
CA ALA F 58 -7.53 38.15 -0.41
C ALA F 58 -8.60 39.18 -0.09
N LYS F 59 -8.31 40.08 0.86
CA LYS F 59 -9.29 41.11 1.22
C LYS F 59 -9.50 42.08 0.06
N ARG F 60 -8.45 42.45 -0.66
CA ARG F 60 -8.66 43.33 -1.80
C ARG F 60 -9.51 42.64 -2.87
N ALA F 61 -9.29 41.34 -3.10
CA ALA F 61 -10.09 40.60 -4.07
C ALA F 61 -11.55 40.54 -3.65
N ARG F 62 -11.80 40.34 -2.36
CA ARG F 62 -13.18 40.37 -1.88
C ARG F 62 -13.82 41.74 -2.12
N GLN F 63 -13.07 42.82 -1.89
CA GLN F 63 -13.62 44.15 -2.17
C GLN F 63 -13.93 44.33 -3.65
N ILE F 64 -13.06 43.85 -4.52
CA ILE F 64 -13.33 43.98 -5.96
C ILE F 64 -14.57 43.21 -6.34
N ASN F 65 -14.72 41.99 -5.82
CA ASN F 65 -15.89 41.19 -6.16
C ASN F 65 -17.17 41.83 -5.64
N ASP F 66 -17.13 42.40 -4.43
CA ASP F 66 -18.29 43.12 -3.92
C ASP F 66 -18.62 44.33 -4.79
N TYR F 67 -17.60 45.05 -5.27
CA TYR F 67 -17.86 46.17 -6.16
C TYR F 67 -18.56 45.71 -7.43
N TYR F 68 -18.08 44.62 -8.03
CA TYR F 68 -18.72 44.12 -9.24
C TYR F 68 -20.15 43.66 -8.99
N ASN F 69 -20.42 43.03 -7.86
CA ASN F 69 -21.78 42.59 -7.54
C ASN F 69 -22.73 43.74 -7.27
N GLN F 70 -22.25 44.79 -6.62
CA GLN F 70 -23.06 45.95 -6.28
C GLN F 70 -23.05 47.03 -7.36
N LEU F 71 -22.29 46.83 -8.44
CA LEU F 71 -22.15 47.88 -9.44
C LEU F 71 -23.50 48.28 -10.02
N GLY F 72 -24.32 47.31 -10.44
CA GLY F 72 -25.63 47.63 -10.97
C GLY F 72 -26.57 48.16 -9.91
N GLU F 73 -26.34 47.79 -8.65
CA GLU F 73 -27.21 48.18 -7.55
C GLU F 73 -26.71 49.47 -6.90
N GLY F 74 -27.28 49.77 -5.74
CA GLY F 74 -26.99 51.05 -5.10
C GLY F 74 -25.52 51.21 -4.76
N ILE F 75 -25.05 52.46 -4.84
CA ILE F 75 -23.65 52.75 -4.62
C ILE F 75 -23.26 52.43 -3.19
N LEU F 76 -22.04 51.92 -3.02
CA LEU F 76 -21.46 51.69 -1.71
C LEU F 76 -19.99 52.09 -1.76
N GLU F 77 -19.35 52.14 -0.59
CA GLU F 77 -18.01 52.71 -0.50
C GLU F 77 -17.01 51.93 -1.35
N TYR F 78 -17.09 50.60 -1.35
CA TYR F 78 -16.10 49.79 -2.06
C TYR F 78 -15.86 50.29 -3.47
N VAL F 79 -14.61 50.60 -3.79
CA VAL F 79 -14.21 51.14 -5.08
C VAL F 79 -13.25 50.17 -5.74
N GLY F 80 -13.05 50.36 -7.05
CA GLY F 80 -12.10 49.56 -7.80
C GLY F 80 -12.74 48.94 -9.02
N PRO F 81 -11.94 48.31 -9.89
CA PRO F 81 -10.47 48.18 -9.84
C PRO F 81 -9.73 49.48 -10.09
N LEU F 82 -8.57 49.66 -9.45
CA LEU F 82 -7.76 50.85 -9.71
C LEU F 82 -6.87 50.69 -10.92
N VAL F 83 -6.61 49.45 -11.33
CA VAL F 83 -5.76 49.17 -12.48
C VAL F 83 -6.61 48.51 -13.56
N GLU F 84 -6.38 48.88 -14.81
CA GLU F 84 -7.23 48.42 -15.91
C GLU F 84 -7.22 46.89 -15.98
N PRO F 85 -8.38 46.24 -15.90
CA PRO F 85 -8.42 44.78 -15.96
C PRO F 85 -8.37 44.28 -17.40
N GLY F 86 -8.24 42.96 -17.53
CA GLY F 86 -8.29 42.30 -18.82
C GLY F 86 -9.72 41.94 -19.19
N LEU F 87 -9.84 41.26 -20.34
CA LEU F 87 -11.17 40.91 -20.84
C LEU F 87 -11.92 40.04 -19.84
N GLN F 88 -11.29 38.96 -19.40
CA GLN F 88 -11.80 38.14 -18.30
C GLN F 88 -10.64 37.90 -17.34
N GLU F 89 -10.60 38.68 -16.25
CA GLU F 89 -9.52 38.63 -15.29
C GLU F 89 -10.10 38.47 -13.90
N LYS F 90 -9.62 37.46 -13.17
CA LYS F 90 -10.17 37.18 -11.86
C LYS F 90 -9.77 38.26 -10.86
N PRO F 91 -10.63 38.55 -9.88
CA PRO F 91 -10.32 39.65 -8.95
C PRO F 91 -9.05 39.44 -8.16
N LEU F 92 -8.63 38.20 -7.90
CA LEU F 92 -7.39 37.99 -7.18
C LEU F 92 -6.18 38.45 -7.99
N SER F 93 -6.19 38.21 -9.30
CA SER F 93 -5.11 38.71 -10.15
C SER F 93 -5.09 40.23 -10.17
N ILE F 94 -6.26 40.86 -10.23
CA ILE F 94 -6.32 42.32 -10.19
C ILE F 94 -5.78 42.84 -8.87
N ALA F 95 -6.15 42.18 -7.76
CA ALA F 95 -5.66 42.61 -6.45
C ALA F 95 -4.14 42.53 -6.39
N LEU F 96 -3.58 41.41 -6.86
CA LEU F 96 -2.13 41.27 -6.84
C LEU F 96 -1.45 42.30 -7.73
N ARG F 97 -2.03 42.60 -8.89
CA ARG F 97 -1.41 43.56 -9.79
C ARG F 97 -1.54 44.99 -9.27
N GLU F 98 -2.55 45.26 -8.44
CA GLU F 98 -2.65 46.55 -7.77
C GLU F 98 -1.66 46.66 -6.62
N ILE F 99 -1.44 45.56 -5.89
CA ILE F 99 -0.50 45.57 -4.79
C ILE F 99 0.90 45.89 -5.31
N HIS F 100 1.18 45.48 -6.55
CA HIS F 100 2.48 45.70 -7.17
C HIS F 100 2.70 47.13 -7.60
N ALA F 101 1.68 47.77 -8.14
CA ALA F 101 1.77 49.15 -8.60
C ALA F 101 1.80 50.15 -7.46
N ASP F 102 1.63 49.69 -6.23
CA ASP F 102 1.69 50.54 -5.04
C ASP F 102 0.53 51.54 -5.03
N LEU F 103 -0.67 51.01 -5.26
CA LEU F 103 -1.90 51.78 -5.23
C LEU F 103 -2.75 51.51 -4.00
N LEU F 104 -2.25 50.73 -3.05
CA LEU F 104 -3.02 50.34 -1.87
C LEU F 104 -2.14 50.49 -0.63
N GLU F 105 -2.80 50.58 0.52
CA GLU F 105 -2.12 50.60 1.80
C GLU F 105 -2.81 49.63 2.75
N HIS F 106 -2.04 49.08 3.68
CA HIS F 106 -2.55 48.10 4.63
C HIS F 106 -1.98 48.37 6.01
N THR F 107 -2.71 47.89 7.03
CA THR F 107 -2.26 47.94 8.41
C THR F 107 -2.50 46.58 9.04
N GLU F 108 -1.59 46.18 9.92
CA GLU F 108 -1.67 44.88 10.57
C GLU F 108 -2.42 45.00 11.90
N GLY F 109 -2.66 43.86 12.52
CA GLY F 109 -3.38 43.82 13.79
C GLY F 109 -2.46 43.83 14.99
ZN ZN J . -51.19 14.64 15.62
ZN ZN K . 14.12 33.52 22.25
MG MG L . 6.05 4.20 -7.89
#